data_7JSO
#
_entry.id   7JSO
#
_cell.length_a   333.816
_cell.length_b   161.095
_cell.length_c   84.999
_cell.angle_alpha   90.000
_cell.angle_beta   90.010
_cell.angle_gamma   90.000
#
_symmetry.space_group_name_H-M   'C 1 2 1'
#
loop_
_entity.id
_entity.type
_entity.pdbx_description
1 polymer 'Aldehyde dehydrogenase family protein'
2 non-polymer '1,4-DIHYDRONICOTINAMIDE ADENINE DINUCLEOTIDE'
3 non-polymer '1H-INDOL-3-YLACETIC ACID'
#
_entity_poly.entity_id   1
_entity_poly.type   'polypeptide(L)'
_entity_poly.pdbx_seq_one_letter_code
;MTTLTRADWEQRAQNLKIEGRAFIQGEYTAAASGETFDCISPVDGRLLAKVASCDAADAQRAVESARSAFDSGAWSRLAP
AKRKATMIRFAGLLEQNAEELALLETLDMGKPISDSLGVDIPGGARALSWSGEAIDKLYDEVAATPHDQLGLVTREPVGV
VAAIVPWNFPLMMACWKLGPALSTGNSVVLKPSEKSPLTAIRIAQLAIEAGIPAGVLNVLPGYGHTVGKALALHMDVDTV
VFTGSTKIAKQLMIYAGESNMKRVWLEAGGKSPNIVFADAPDLQAAADSAASAIAFNQGEVATAGSRLLVERSIKDRFLP
MVIEALGTWKPGNPLDPATNVGALVDTQQMNTVLSYIAAGHTDGARLVAGGKQILQETGGTYVEPTIFDGVNNAMRIAQE
EIFGPVLSVLTFDTAEEAIQIANDTPYGLAAAVWTANLSKAHLTARALRAGSVWVNQYDGGDMTAPFGGFKQSGNGRDKS
LHAFDKYTELKSTWIKL
;
_entity_poly.pdbx_strand_id   A,B,C,D,E,F,G,H
#
loop_
_chem_comp.id
_chem_comp.type
_chem_comp.name
_chem_comp.formula
IAC non-polymer '1H-INDOL-3-YLACETIC ACID' 'C10 H9 N O2'
NAI non-polymer '1,4-DIHYDRONICOTINAMIDE ADENINE DINUCLEOTIDE' 'C21 H29 N7 O14 P2'
#
# COMPACT_ATOMS: atom_id res chain seq x y z
N THR A 3 19.73 14.49 50.04
CA THR A 3 20.36 14.73 48.74
C THR A 3 20.92 13.45 48.13
N LEU A 4 20.70 13.26 46.84
CA LEU A 4 21.27 12.11 46.16
C LEU A 4 22.77 12.28 45.95
N THR A 5 23.49 11.16 46.02
CA THR A 5 24.94 11.08 45.90
C THR A 5 25.34 10.87 44.45
N ARG A 6 26.65 11.00 44.19
CA ARG A 6 27.20 10.66 42.89
C ARG A 6 26.76 9.26 42.45
N ALA A 7 27.08 8.26 43.28
CA ALA A 7 26.63 6.89 43.03
C ALA A 7 25.15 6.84 42.70
N ASP A 8 24.33 7.63 43.41
CA ASP A 8 22.89 7.59 43.21
C ASP A 8 22.52 7.98 41.78
N TRP A 9 23.04 9.13 41.32
CA TRP A 9 22.73 9.59 39.97
C TRP A 9 23.30 8.64 38.92
N GLU A 10 24.50 8.09 39.18
CA GLU A 10 25.11 7.16 38.25
C GLU A 10 24.21 5.98 37.99
N GLN A 11 23.59 5.44 39.06
CA GLN A 11 22.62 4.37 38.92
C GLN A 11 21.34 4.87 38.26
N ARG A 12 20.84 6.02 38.69
CA ARG A 12 19.61 6.53 38.09
C ARG A 12 19.77 6.71 36.59
N ALA A 13 20.89 7.30 36.18
CA ALA A 13 21.15 7.47 34.75
C ALA A 13 21.14 6.13 34.04
N GLN A 14 21.80 5.13 34.64
CA GLN A 14 21.87 3.83 34.02
C GLN A 14 20.47 3.21 33.87
N ASN A 15 19.54 3.54 34.75
CA ASN A 15 18.23 2.89 34.77
C ASN A 15 17.15 3.70 34.08
N LEU A 16 17.47 4.90 33.60
CA LEU A 16 16.53 5.63 32.78
C LEU A 16 16.13 4.83 31.54
N LYS A 17 14.89 4.99 31.11
CA LYS A 17 14.44 4.58 29.79
C LYS A 17 13.99 5.84 29.07
N ILE A 18 14.53 6.08 27.88
CA ILE A 18 14.57 7.42 27.30
C ILE A 18 13.71 7.43 26.04
N GLU A 19 12.70 8.32 25.98
CA GLU A 19 11.93 8.45 24.73
C GLU A 19 12.71 9.30 23.76
N GLY A 20 12.70 8.88 22.48
CA GLY A 20 13.44 9.64 21.49
C GLY A 20 12.51 10.13 20.40
N ARG A 21 11.26 9.69 20.43
CA ARG A 21 10.32 9.95 19.35
C ARG A 21 9.88 11.41 19.34
N ALA A 22 9.32 11.81 18.20
CA ALA A 22 8.63 13.08 18.06
C ALA A 22 7.21 12.96 18.60
N PHE A 23 6.57 14.11 18.80
CA PHE A 23 5.25 14.13 19.41
C PHE A 23 4.32 15.03 18.59
N ILE A 24 3.31 14.42 17.95
CA ILE A 24 2.33 15.11 17.11
C ILE A 24 0.96 14.58 17.50
N GLN A 25 -0.04 15.47 17.58
CA GLN A 25 -1.43 15.07 17.76
C GLN A 25 -1.60 14.07 18.91
N GLY A 26 -1.01 14.42 20.05
CA GLY A 26 -1.21 13.64 21.26
C GLY A 26 -0.53 12.29 21.33
N GLU A 27 0.34 11.94 20.37
CA GLU A 27 1.02 10.65 20.42
C GLU A 27 2.49 10.77 20.04
N TYR A 28 3.30 9.89 20.61
CA TYR A 28 4.67 9.75 20.15
C TYR A 28 4.70 9.06 18.79
N THR A 29 5.69 9.42 17.97
CA THR A 29 5.70 8.99 16.58
C THR A 29 7.11 9.03 16.03
N ALA A 30 7.32 8.33 14.95
CA ALA A 30 8.59 8.46 14.25
C ALA A 30 8.50 9.58 13.24
N ALA A 31 9.67 9.97 12.73
CA ALA A 31 9.69 10.78 11.53
C ALA A 31 9.15 9.95 10.37
N ALA A 32 8.48 10.64 9.43
CA ALA A 32 7.91 9.98 8.26
C ALA A 32 8.94 9.06 7.60
N SER A 33 10.18 9.53 7.47
CA SER A 33 11.23 8.76 6.84
C SER A 33 11.59 7.52 7.66
N GLY A 34 11.47 7.60 8.97
CA GLY A 34 12.03 6.57 9.81
C GLY A 34 13.46 6.83 10.19
N GLU A 35 14.03 7.94 9.74
CA GLU A 35 15.42 8.25 10.08
C GLU A 35 15.52 8.68 11.54
N THR A 36 16.70 8.45 12.13
CA THR A 36 17.00 8.92 13.48
C THR A 36 18.42 9.44 13.50
N PHE A 37 18.78 10.10 14.59
CA PHE A 37 20.16 10.52 14.80
C PHE A 37 20.57 10.15 16.22
N ASP A 38 21.84 9.80 16.36
CA ASP A 38 22.35 9.35 17.65
C ASP A 38 22.47 10.53 18.62
N CYS A 39 21.83 10.41 19.79
CA CYS A 39 21.92 11.41 20.87
C CYS A 39 23.04 10.99 21.81
N ILE A 40 24.15 11.74 21.79
CA ILE A 40 25.38 11.31 22.43
C ILE A 40 25.68 12.23 23.62
N SER A 41 25.97 11.60 24.81
CA SER A 41 26.13 12.41 26.00
C SER A 41 27.56 12.90 26.12
N PRO A 42 27.76 14.21 26.29
CA PRO A 42 29.11 14.74 26.54
C PRO A 42 29.73 14.30 27.86
N VAL A 43 29.02 13.53 28.68
CA VAL A 43 29.56 13.11 29.96
C VAL A 43 30.64 12.06 29.76
N ASP A 44 30.41 11.11 28.83
CA ASP A 44 31.42 10.08 28.58
C ASP A 44 31.28 9.38 27.24
N GLY A 45 30.54 9.92 26.27
CA GLY A 45 30.27 9.24 25.00
C GLY A 45 29.08 8.31 25.02
N ARG A 46 28.45 8.10 26.19
CA ARG A 46 27.34 7.16 26.33
C ARG A 46 26.21 7.50 25.36
N LEU A 47 25.65 6.47 24.73
CA LEU A 47 24.56 6.66 23.77
C LEU A 47 23.23 6.67 24.51
N LEU A 48 22.61 7.85 24.60
CA LEU A 48 21.39 7.95 25.40
C LEU A 48 20.20 7.29 24.69
N ALA A 49 20.07 7.47 23.39
CA ALA A 49 18.86 7.05 22.66
C ALA A 49 19.02 7.41 21.18
N LYS A 50 18.13 6.85 20.36
CA LYS A 50 18.08 7.16 18.93
C LYS A 50 16.87 8.03 18.68
N VAL A 51 17.11 9.30 18.36
CA VAL A 51 16.09 10.34 18.34
C VAL A 51 15.59 10.55 16.92
N ALA A 52 14.26 10.63 16.78
CA ALA A 52 13.60 10.95 15.51
C ALA A 52 14.24 12.12 14.78
N SER A 53 14.55 11.91 13.51
CA SER A 53 15.15 12.93 12.64
C SER A 53 14.08 13.44 11.70
N CYS A 54 13.32 14.43 12.15
CA CYS A 54 12.18 14.92 11.37
C CYS A 54 12.64 15.86 10.26
N ASP A 55 11.79 15.98 9.24
CA ASP A 55 12.03 16.83 8.09
C ASP A 55 10.74 17.57 7.76
N ALA A 56 10.74 18.19 6.57
CA ALA A 56 9.61 19.02 6.17
C ALA A 56 8.30 18.25 6.22
N ALA A 57 8.32 16.96 5.85
CA ALA A 57 7.08 16.19 5.88
C ALA A 57 6.47 16.20 7.27
N ASP A 58 7.33 16.11 8.30
CA ASP A 58 6.86 16.11 9.67
C ASP A 58 6.40 17.50 10.11
N ALA A 59 7.10 18.55 9.67
CA ALA A 59 6.63 19.90 9.96
C ALA A 59 5.19 20.08 9.48
N GLN A 60 4.91 19.65 8.25
CA GLN A 60 3.58 19.80 7.68
C GLN A 60 2.54 19.01 8.47
N ARG A 61 2.91 17.80 8.92
CA ARG A 61 2.00 17.04 9.78
C ARG A 61 1.73 17.80 11.07
N ALA A 62 2.79 18.29 11.71
CA ALA A 62 2.65 18.96 12.99
C ALA A 62 1.86 20.26 12.82
N VAL A 63 2.21 21.07 11.81
CA VAL A 63 1.48 22.32 11.62
C VAL A 63 0.03 22.06 11.24
N GLU A 64 -0.24 21.01 10.46
CA GLU A 64 -1.64 20.65 10.22
C GLU A 64 -2.34 20.34 11.55
N SER A 65 -1.66 19.59 12.41
CA SER A 65 -2.18 19.28 13.74
C SER A 65 -2.47 20.55 14.54
N ALA A 66 -1.48 21.47 14.60
CA ALA A 66 -1.64 22.71 15.34
C ALA A 66 -2.86 23.48 14.85
N ARG A 67 -2.97 23.65 13.54
CA ARG A 67 -4.05 24.47 12.99
C ARG A 67 -5.40 23.89 13.38
N SER A 68 -5.55 22.56 13.30
CA SER A 68 -6.83 21.93 13.67
C SER A 68 -7.14 22.21 15.12
N ALA A 69 -6.19 21.92 16.01
CA ALA A 69 -6.35 22.20 17.43
C ALA A 69 -6.76 23.65 17.65
N PHE A 70 -6.00 24.58 17.08
CA PHE A 70 -6.32 25.99 17.28
C PHE A 70 -7.72 26.30 16.78
N ASP A 71 -8.07 25.83 15.58
CA ASP A 71 -9.36 26.21 15.04
C ASP A 71 -10.49 25.57 15.84
N SER A 72 -10.26 24.38 16.42
CA SER A 72 -11.31 23.71 17.18
C SER A 72 -11.70 24.49 18.41
N GLY A 73 -10.74 25.23 18.98
CA GLY A 73 -10.97 26.06 20.16
C GLY A 73 -10.82 25.35 21.49
N ALA A 74 -10.50 24.04 21.49
CA ALA A 74 -10.38 23.29 22.74
C ALA A 74 -9.44 23.96 23.73
N TRP A 75 -8.39 24.59 23.22
CA TRP A 75 -7.49 25.38 24.04
C TRP A 75 -7.64 26.88 23.78
N SER A 76 -7.61 27.28 22.51
CA SER A 76 -7.54 28.71 22.17
C SER A 76 -8.78 29.48 22.62
N ARG A 77 -9.94 28.84 22.72
CA ARG A 77 -11.10 29.53 23.29
C ARG A 77 -11.55 28.92 24.64
N LEU A 78 -10.66 28.20 25.33
CA LEU A 78 -10.97 27.77 26.70
C LEU A 78 -10.80 28.95 27.65
N ALA A 79 -11.67 29.03 28.66
CA ALA A 79 -11.72 30.21 29.52
C ALA A 79 -10.36 30.52 30.13
N PRO A 80 -9.99 31.82 30.24
CA PRO A 80 -8.68 32.19 30.80
C PRO A 80 -8.34 31.46 32.11
N ALA A 81 -9.22 31.59 33.11
CA ALA A 81 -9.01 30.93 34.40
C ALA A 81 -8.84 29.41 34.29
N LYS A 82 -9.46 28.77 33.30
CA LYS A 82 -9.20 27.35 33.15
C LYS A 82 -7.82 27.11 32.54
N ARG A 83 -7.42 27.90 31.53
CA ARG A 83 -6.05 27.76 31.02
C ARG A 83 -5.02 27.97 32.11
N LYS A 84 -5.29 28.94 33.00
CA LYS A 84 -4.40 29.24 34.11
C LYS A 84 -4.13 28.00 34.95
N ALA A 85 -5.21 27.33 35.37
CA ALA A 85 -5.07 26.13 36.19
C ALA A 85 -4.30 25.06 35.46
N THR A 86 -4.65 24.82 34.18
CA THR A 86 -3.91 23.86 33.38
C THR A 86 -2.44 24.25 33.36
N MET A 87 -2.17 25.53 33.02
CA MET A 87 -0.78 25.98 32.92
C MET A 87 -0.05 25.70 34.23
N ILE A 88 -0.75 25.82 35.38
CA ILE A 88 -0.05 25.67 36.65
C ILE A 88 0.20 24.21 36.96
N ARG A 89 -0.78 23.34 36.64
CA ARG A 89 -0.57 21.89 36.68
C ARG A 89 0.61 21.47 35.82
N PHE A 90 0.72 22.05 34.62
CA PHE A 90 1.85 21.77 33.73
C PHE A 90 3.16 22.01 34.47
N ALA A 91 3.31 23.21 35.05
CA ALA A 91 4.43 23.46 35.95
C ALA A 91 4.53 22.38 37.04
N GLY A 92 3.40 22.05 37.68
CA GLY A 92 3.43 21.05 38.72
C GLY A 92 4.05 19.73 38.27
N LEU A 93 3.77 19.34 37.01
CA LEU A 93 4.29 18.06 36.54
C LEU A 93 5.81 18.13 36.29
N LEU A 94 6.32 19.32 35.92
CA LEU A 94 7.76 19.48 35.82
C LEU A 94 8.42 19.29 37.18
N GLU A 95 7.88 19.95 38.22
CA GLU A 95 8.43 19.79 39.56
C GLU A 95 8.26 18.35 40.06
N GLN A 96 7.18 17.67 39.68
CA GLN A 96 6.98 16.27 40.10
C GLN A 96 8.06 15.36 39.51
N ASN A 97 8.36 15.50 38.22
CA ASN A 97 9.39 14.70 37.58
C ASN A 97 10.75 15.42 37.53
N ALA A 98 10.98 16.31 38.50
CA ALA A 98 12.19 17.14 38.50
C ALA A 98 13.48 16.30 38.44
N GLU A 99 13.52 15.19 39.17
CA GLU A 99 14.76 14.43 39.24
C GLU A 99 15.04 13.70 37.92
N GLU A 100 13.99 13.20 37.27
CA GLU A 100 14.21 12.65 35.93
C GLU A 100 14.58 13.74 34.94
N LEU A 101 13.75 14.78 34.82
CA LEU A 101 14.04 15.87 33.88
C LEU A 101 15.46 16.41 34.07
N ALA A 102 15.88 16.62 35.31
CA ALA A 102 17.22 17.18 35.49
C ALA A 102 18.26 16.18 35.00
N LEU A 103 18.09 14.90 35.35
CA LEU A 103 19.02 13.88 34.87
C LEU A 103 19.12 13.90 33.34
N LEU A 104 17.97 14.02 32.66
CA LEU A 104 17.98 14.13 31.20
C LEU A 104 18.77 15.36 30.73
N GLU A 105 18.49 16.54 31.32
CA GLU A 105 19.26 17.73 30.95
C GLU A 105 20.76 17.48 31.05
N THR A 106 21.20 17.04 32.23
CA THR A 106 22.63 16.87 32.46
C THR A 106 23.21 15.83 31.51
N LEU A 107 22.52 14.71 31.31
CA LEU A 107 23.04 13.69 30.42
C LEU A 107 23.08 14.18 28.97
N ASP A 108 22.09 14.97 28.53
CA ASP A 108 22.03 15.28 27.09
C ASP A 108 23.03 16.37 26.69
N MET A 109 23.19 17.42 27.49
CA MET A 109 24.06 18.51 27.08
C MET A 109 25.14 18.81 28.11
N GLY A 110 25.20 18.03 29.19
CA GLY A 110 26.41 17.92 29.96
C GLY A 110 26.63 18.94 31.04
N LYS A 111 25.56 19.60 31.52
CA LYS A 111 25.68 20.57 32.60
C LYS A 111 25.57 19.85 33.94
N PRO A 112 26.07 20.44 35.03
CA PRO A 112 26.04 19.75 36.32
C PRO A 112 24.63 19.45 36.79
N ILE A 113 24.45 18.26 37.37
CA ILE A 113 23.12 17.86 37.84
C ILE A 113 22.62 18.82 38.93
N SER A 114 23.52 19.33 39.76
CA SER A 114 23.06 20.30 40.76
C SER A 114 22.57 21.58 40.08
N ASP A 115 23.22 21.99 39.00
CA ASP A 115 22.67 23.06 38.15
C ASP A 115 21.27 22.69 37.69
N SER A 116 21.13 21.58 36.96
CA SER A 116 19.84 21.16 36.42
C SER A 116 18.75 21.10 37.49
N LEU A 117 19.05 20.44 38.60
CA LEU A 117 18.04 20.27 39.65
C LEU A 117 17.65 21.60 40.27
N GLY A 118 18.59 22.54 40.36
CA GLY A 118 18.37 23.74 41.14
C GLY A 118 18.11 25.01 40.37
N VAL A 119 18.38 25.01 39.06
CA VAL A 119 18.22 26.22 38.26
C VAL A 119 17.27 25.96 37.10
N ASP A 120 17.61 24.97 36.25
CA ASP A 120 16.86 24.73 35.02
C ASP A 120 15.41 24.32 35.31
N ILE A 121 15.21 23.19 36.00
CA ILE A 121 13.85 22.69 36.20
C ILE A 121 12.97 23.67 36.98
N PRO A 122 13.37 24.17 38.16
CA PRO A 122 12.55 25.22 38.78
C PRO A 122 12.39 26.43 37.89
N GLY A 123 13.43 26.78 37.13
CA GLY A 123 13.36 27.94 36.25
C GLY A 123 12.31 27.80 35.17
N GLY A 124 12.35 26.69 34.42
CA GLY A 124 11.34 26.45 33.40
C GLY A 124 9.96 26.24 33.99
N ALA A 125 9.89 25.57 35.14
CA ALA A 125 8.60 25.43 35.82
C ALA A 125 7.98 26.79 36.13
N ARG A 126 8.79 27.72 36.64
CA ARG A 126 8.22 29.01 37.03
C ARG A 126 7.75 29.80 35.81
N ALA A 127 8.50 29.71 34.70
CA ALA A 127 8.05 30.37 33.47
C ALA A 127 6.69 29.85 33.05
N LEU A 128 6.45 28.55 33.23
CA LEU A 128 5.12 28.01 32.94
C LEU A 128 4.08 28.50 33.94
N SER A 129 4.41 28.54 35.24
CA SER A 129 3.38 28.83 36.23
C SER A 129 3.09 30.33 36.32
N TRP A 130 4.15 31.14 36.37
CA TRP A 130 3.96 32.59 36.41
C TRP A 130 3.23 33.07 35.15
N SER A 131 3.50 32.46 34.00
CA SER A 131 2.76 32.84 32.81
C SER A 131 1.27 32.49 32.96
N GLY A 132 0.99 31.31 33.49
CA GLY A 132 -0.39 30.93 33.72
C GLY A 132 -1.05 31.80 34.76
N GLU A 133 -0.29 32.22 35.78
CA GLU A 133 -0.87 33.05 36.82
C GLU A 133 -1.36 34.39 36.27
N ALA A 134 -0.71 34.90 35.24
CA ALA A 134 -0.98 36.25 34.76
C ALA A 134 -2.10 36.33 33.73
N ILE A 135 -2.57 35.18 33.23
CA ILE A 135 -3.53 35.15 32.12
C ILE A 135 -4.75 36.02 32.43
N ASP A 136 -5.42 35.73 33.54
CA ASP A 136 -6.61 36.48 33.93
C ASP A 136 -6.29 37.77 34.68
N LYS A 137 -5.02 38.07 34.92
CA LYS A 137 -4.65 39.34 35.50
C LYS A 137 -4.43 40.41 34.45
N LEU A 138 -4.41 40.03 33.17
CA LEU A 138 -4.28 40.97 32.05
C LEU A 138 -5.60 41.67 31.73
N TYR A 139 -5.48 42.87 31.19
CA TYR A 139 -6.65 43.59 30.71
C TYR A 139 -6.33 44.24 29.36
N ASP A 140 -7.27 44.13 28.42
CA ASP A 140 -7.17 44.84 27.16
C ASP A 140 -7.81 46.23 27.35
N GLU A 141 -7.88 47.06 26.29
CA GLU A 141 -8.20 48.48 26.50
C GLU A 141 -9.56 48.93 25.93
N VAL A 142 -10.08 50.02 26.48
CA VAL A 142 -11.25 50.73 25.96
C VAL A 142 -10.86 52.18 25.70
N ALA A 143 -11.00 52.64 24.46
CA ALA A 143 -10.51 53.95 24.08
C ALA A 143 -11.50 55.06 24.44
N ALA A 144 -10.97 56.27 24.56
CA ALA A 144 -11.81 57.46 24.81
C ALA A 144 -12.46 57.85 23.50
N THR A 145 -13.71 57.55 23.35
CA THR A 145 -14.30 57.75 22.05
C THR A 145 -15.39 58.78 22.23
N PRO A 146 -16.05 59.24 21.17
CA PRO A 146 -17.28 60.00 21.35
C PRO A 146 -18.37 59.11 21.92
N HIS A 147 -19.45 59.74 22.39
CA HIS A 147 -20.47 58.98 23.10
C HIS A 147 -21.12 57.92 22.21
N ASP A 148 -21.23 58.17 20.91
CA ASP A 148 -21.87 57.20 20.01
C ASP A 148 -20.89 56.15 19.49
N GLN A 149 -19.76 55.95 20.15
CA GLN A 149 -18.81 54.92 19.76
C GLN A 149 -18.35 54.13 20.98
N LEU A 150 -18.03 52.86 20.71
CA LEU A 150 -17.37 51.96 21.64
C LEU A 150 -16.16 51.43 20.90
N GLY A 151 -14.97 51.74 21.39
CA GLY A 151 -13.75 51.31 20.75
C GLY A 151 -12.99 50.34 21.62
N LEU A 152 -12.99 49.08 21.22
CA LEU A 152 -12.28 48.05 21.94
C LEU A 152 -10.92 47.83 21.30
N VAL A 153 -9.92 47.60 22.13
CA VAL A 153 -8.57 47.29 21.69
C VAL A 153 -8.20 46.03 22.42
N THR A 154 -8.14 44.90 21.70
CA THR A 154 -8.03 43.60 22.34
C THR A 154 -6.88 42.82 21.74
N ARG A 155 -6.56 41.70 22.40
CA ARG A 155 -5.53 40.79 21.95
C ARG A 155 -6.11 39.41 21.71
N GLU A 156 -5.59 38.74 20.70
CA GLU A 156 -6.03 37.42 20.30
C GLU A 156 -4.78 36.63 19.97
N PRO A 157 -4.84 35.32 20.12
CA PRO A 157 -3.68 34.50 19.75
C PRO A 157 -3.46 34.55 18.24
N VAL A 158 -2.19 34.53 17.83
CA VAL A 158 -1.88 34.61 16.39
C VAL A 158 -2.34 33.34 15.67
N GLY A 159 -2.16 32.18 16.30
CA GLY A 159 -2.54 30.92 15.69
C GLY A 159 -1.59 29.78 16.04
N VAL A 160 -0.71 29.40 15.12
CA VAL A 160 0.26 28.37 15.40
C VAL A 160 1.64 29.02 15.43
N VAL A 161 2.36 28.77 16.52
CA VAL A 161 3.67 29.35 16.81
C VAL A 161 4.73 28.27 16.66
N ALA A 162 5.75 28.54 15.85
CA ALA A 162 6.94 27.70 15.77
C ALA A 162 7.98 28.23 16.75
N ALA A 163 8.42 27.37 17.67
CA ALA A 163 9.47 27.78 18.60
C ALA A 163 10.71 26.91 18.40
N ILE A 164 11.80 27.53 17.95
CA ILE A 164 13.08 26.85 17.78
C ILE A 164 14.04 27.37 18.84
N VAL A 165 14.49 26.47 19.71
CA VAL A 165 15.12 26.84 20.98
C VAL A 165 16.54 26.27 20.99
N PRO A 166 17.45 26.85 21.78
CA PRO A 166 18.86 26.41 21.72
C PRO A 166 19.18 25.21 22.63
N TRP A 167 20.45 24.89 22.81
CA TRP A 167 20.83 23.76 23.65
C TRP A 167 21.42 24.17 25.00
N ASN A 168 21.79 25.45 25.20
CA ASN A 168 22.46 25.83 26.45
C ASN A 168 21.54 25.67 27.67
N PHE A 169 20.22 25.82 27.50
CA PHE A 169 19.26 25.71 28.61
C PHE A 169 18.02 25.03 28.07
N PRO A 170 18.15 23.78 27.66
CA PRO A 170 17.08 23.14 26.86
C PRO A 170 15.68 23.24 27.44
N LEU A 171 15.48 22.92 28.72
CA LEU A 171 14.13 23.00 29.29
C LEU A 171 13.70 24.44 29.54
N MET A 172 14.54 25.21 30.23
CA MET A 172 14.11 26.52 30.65
C MET A 172 13.90 27.43 29.44
N MET A 173 14.82 27.43 28.49
CA MET A 173 14.66 28.27 27.30
C MET A 173 13.37 27.94 26.56
N ALA A 174 13.00 26.65 26.53
CA ALA A 174 11.74 26.28 25.92
C ALA A 174 10.55 26.82 26.72
N CYS A 175 10.58 26.69 28.05
CA CYS A 175 9.49 27.19 28.88
C CYS A 175 9.34 28.70 28.81
N TRP A 176 10.45 29.43 28.61
CA TRP A 176 10.33 30.86 28.39
C TRP A 176 9.41 31.17 27.21
N LYS A 177 9.35 30.27 26.23
CA LYS A 177 8.45 30.40 25.08
C LYS A 177 7.10 29.75 25.36
N LEU A 178 7.12 28.53 25.89
CA LEU A 178 5.86 27.82 26.09
C LEU A 178 4.93 28.58 27.02
N GLY A 179 5.49 29.17 28.08
CA GLY A 179 4.72 29.80 29.12
C GLY A 179 3.72 30.77 28.53
N PRO A 180 4.22 31.90 28.03
CA PRO A 180 3.30 32.88 27.41
C PRO A 180 2.62 32.36 26.16
N ALA A 181 3.34 31.63 25.28
CA ALA A 181 2.75 31.22 24.01
C ALA A 181 1.58 30.25 24.22
N LEU A 182 1.75 29.28 25.12
CA LEU A 182 0.62 28.42 25.44
C LEU A 182 -0.46 29.19 26.21
N SER A 183 -0.04 30.10 27.10
CA SER A 183 -1.01 30.80 27.93
C SER A 183 -1.91 31.71 27.12
N THR A 184 -1.34 32.37 26.11
CA THR A 184 -2.21 33.16 25.26
C THR A 184 -3.07 32.30 24.37
N GLY A 185 -2.97 30.98 24.46
CA GLY A 185 -3.88 30.11 23.73
C GLY A 185 -3.49 29.67 22.34
N ASN A 186 -2.30 30.03 21.86
CA ASN A 186 -1.75 29.55 20.59
C ASN A 186 -1.51 28.03 20.62
N SER A 187 -1.30 27.46 19.44
CA SER A 187 -0.71 26.12 19.34
C SER A 187 0.76 26.25 19.03
N VAL A 188 1.57 25.37 19.60
CA VAL A 188 3.02 25.46 19.43
C VAL A 188 3.55 24.16 18.84
N VAL A 189 4.48 24.32 17.89
CA VAL A 189 5.36 23.28 17.40
C VAL A 189 6.76 23.66 17.85
N LEU A 190 7.35 22.80 18.68
CA LEU A 190 8.57 23.11 19.42
C LEU A 190 9.71 22.28 18.85
N LYS A 191 10.70 22.96 18.27
CA LYS A 191 11.86 22.32 17.71
C LYS A 191 13.06 22.44 18.65
N PRO A 192 13.29 21.45 19.49
CA PRO A 192 14.48 21.49 20.36
C PRO A 192 15.76 21.38 19.55
N SER A 193 16.89 21.56 20.24
CA SER A 193 18.19 21.47 19.59
C SER A 193 18.51 20.03 19.26
N GLU A 194 19.11 19.81 18.09
CA GLU A 194 19.63 18.47 17.81
C GLU A 194 20.68 18.09 18.83
N LYS A 195 21.37 19.10 19.37
CA LYS A 195 22.31 18.85 20.45
C LYS A 195 21.62 18.55 21.78
N SER A 196 20.31 18.77 21.91
CA SER A 196 19.67 18.51 23.21
C SER A 196 18.15 18.35 23.11
N PRO A 197 17.66 17.27 22.49
CA PRO A 197 16.20 17.10 22.35
C PRO A 197 15.48 16.54 23.57
N LEU A 198 16.18 15.98 24.57
CA LEU A 198 15.55 14.99 25.43
C LEU A 198 14.42 15.59 26.27
N THR A 199 14.67 16.75 26.91
CA THR A 199 13.65 17.32 27.79
C THR A 199 12.40 17.73 27.02
N ALA A 200 12.56 18.38 25.85
CA ALA A 200 11.41 18.77 25.04
C ALA A 200 10.55 17.56 24.67
N ILE A 201 11.20 16.49 24.21
CA ILE A 201 10.50 15.24 23.90
C ILE A 201 9.69 14.77 25.09
N ARG A 202 10.28 14.90 26.28
CA ARG A 202 9.71 14.33 27.49
C ARG A 202 8.48 15.11 27.97
N ILE A 203 8.58 16.44 28.07
CA ILE A 203 7.47 17.20 28.61
C ILE A 203 6.25 17.18 27.70
N ALA A 204 6.40 16.71 26.46
CA ALA A 204 5.23 16.57 25.59
C ALA A 204 4.20 15.66 26.22
N GLN A 205 4.62 14.49 26.71
CA GLN A 205 3.68 13.66 27.43
C GLN A 205 3.11 14.45 28.58
N LEU A 206 4.00 15.10 29.33
CA LEU A 206 3.61 15.79 30.55
C LEU A 206 2.54 16.84 30.28
N ALA A 207 2.63 17.54 29.14
CA ALA A 207 1.59 18.53 28.84
C ALA A 207 0.24 17.86 28.60
N ILE A 208 0.22 16.75 27.84
CA ILE A 208 -1.04 16.02 27.64
C ILE A 208 -1.68 15.74 29.00
N GLU A 209 -0.87 15.26 29.93
CA GLU A 209 -1.32 14.86 31.25
C GLU A 209 -1.76 16.06 32.09
N ALA A 210 -1.14 17.22 31.87
CA ALA A 210 -1.64 18.39 32.57
C ALA A 210 -3.00 18.86 32.07
N GLY A 211 -3.52 18.28 30.99
CA GLY A 211 -4.73 18.74 30.37
C GLY A 211 -4.57 19.63 29.15
N ILE A 212 -3.40 19.65 28.56
CA ILE A 212 -3.23 20.33 27.26
C ILE A 212 -3.81 19.45 26.17
N PRO A 213 -4.74 19.94 25.35
CA PRO A 213 -5.32 19.10 24.29
C PRO A 213 -4.31 18.64 23.25
N ALA A 214 -4.63 17.49 22.64
CA ALA A 214 -3.78 16.95 21.58
C ALA A 214 -3.65 17.95 20.43
N GLY A 215 -2.44 18.08 19.91
CA GLY A 215 -2.20 19.02 18.84
C GLY A 215 -1.83 20.44 19.26
N VAL A 216 -2.09 20.82 20.53
CA VAL A 216 -1.77 22.16 21.00
C VAL A 216 -0.27 22.35 21.25
N LEU A 217 0.39 21.33 21.77
CA LEU A 217 1.85 21.35 21.84
C LEU A 217 2.38 20.10 21.16
N ASN A 218 3.02 20.28 19.99
CA ASN A 218 3.69 19.20 19.27
C ASN A 218 5.20 19.45 19.28
N VAL A 219 5.99 18.38 19.42
CA VAL A 219 7.44 18.48 19.48
C VAL A 219 8.09 17.74 18.30
N LEU A 220 9.01 18.40 17.60
CA LEU A 220 9.71 17.81 16.44
C LEU A 220 11.21 17.83 16.65
N PRO A 221 11.80 16.77 17.20
CA PRO A 221 13.27 16.70 17.24
C PRO A 221 13.86 16.62 15.83
N GLY A 222 15.09 17.10 15.69
CA GLY A 222 15.77 17.03 14.42
C GLY A 222 16.71 18.20 14.22
N TYR A 223 17.22 18.30 12.99
CA TYR A 223 18.27 19.25 12.62
C TYR A 223 17.72 20.62 12.25
N GLY A 224 18.49 21.66 12.59
CA GLY A 224 18.14 23.01 12.14
C GLY A 224 17.96 23.10 10.64
N HIS A 225 18.89 22.54 9.88
CA HIS A 225 18.78 22.73 8.44
C HIS A 225 17.76 21.79 7.80
N THR A 226 17.07 20.95 8.57
CA THR A 226 15.95 20.21 7.97
C THR A 226 14.61 20.69 8.52
N VAL A 227 14.16 20.15 9.66
CA VAL A 227 12.85 20.48 10.22
C VAL A 227 12.79 21.91 10.75
N GLY A 228 13.91 22.43 11.29
CA GLY A 228 13.90 23.81 11.75
C GLY A 228 13.67 24.80 10.62
N LYS A 229 14.43 24.66 9.53
CA LYS A 229 14.28 25.54 8.36
C LYS A 229 12.91 25.38 7.70
N ALA A 230 12.37 24.16 7.70
CA ALA A 230 11.03 23.96 7.15
C ALA A 230 9.99 24.72 7.94
N LEU A 231 10.05 24.66 9.28
CA LEU A 231 9.08 25.36 10.13
C LEU A 231 9.08 26.86 9.86
N ALA A 232 10.26 27.47 9.82
CA ALA A 232 10.26 28.90 9.53
C ALA A 232 9.90 29.22 8.08
N LEU A 233 9.93 28.23 7.18
CA LEU A 233 9.54 28.43 5.80
C LEU A 233 8.09 28.07 5.55
N HIS A 234 7.41 27.54 6.56
CA HIS A 234 6.05 27.05 6.40
C HIS A 234 5.05 28.19 6.29
N MET A 235 4.01 27.96 5.50
CA MET A 235 3.14 29.06 5.15
C MET A 235 1.87 29.11 5.96
N ASP A 236 1.67 28.13 6.83
CA ASP A 236 0.59 28.19 7.80
C ASP A 236 1.10 28.44 9.22
N VAL A 237 2.38 28.77 9.37
CA VAL A 237 2.92 29.14 10.67
C VAL A 237 2.92 30.66 10.75
N ASP A 238 2.12 31.19 11.70
CA ASP A 238 1.89 32.63 11.82
C ASP A 238 3.07 33.37 12.43
N THR A 239 3.67 32.80 13.48
CA THR A 239 4.75 33.43 14.20
C THR A 239 5.86 32.41 14.37
N VAL A 240 7.11 32.85 14.29
CA VAL A 240 8.27 32.04 14.68
C VAL A 240 9.00 32.76 15.80
N VAL A 241 9.36 32.03 16.86
CA VAL A 241 10.16 32.58 17.93
C VAL A 241 11.42 31.75 17.99
N PHE A 242 12.54 32.42 18.26
CA PHE A 242 13.83 31.75 18.13
C PHE A 242 14.81 32.30 19.14
N THR A 243 15.48 31.40 19.85
CA THR A 243 16.64 31.72 20.65
C THR A 243 17.82 30.94 20.10
N GLY A 244 18.93 31.64 19.85
CA GLY A 244 20.11 30.95 19.40
C GLY A 244 21.13 31.86 18.76
N SER A 245 21.75 31.40 17.68
CA SER A 245 22.87 32.14 17.12
C SER A 245 22.38 33.32 16.31
N THR A 246 23.14 34.41 16.38
CA THR A 246 22.87 35.55 15.53
C THR A 246 22.91 35.16 14.06
N LYS A 247 23.79 34.23 13.68
CA LYS A 247 23.89 33.93 12.25
C LYS A 247 22.63 33.20 11.76
N ILE A 248 22.05 32.35 12.58
CA ILE A 248 20.81 31.68 12.17
C ILE A 248 19.62 32.60 12.36
N ALA A 249 19.64 33.47 13.36
CA ALA A 249 18.52 34.38 13.55
C ALA A 249 18.31 35.24 12.31
N LYS A 250 19.40 35.75 11.73
CA LYS A 250 19.29 36.49 10.49
C LYS A 250 18.58 35.67 9.42
N GLN A 251 18.87 34.37 9.38
CA GLN A 251 18.31 33.51 8.35
C GLN A 251 16.78 33.44 8.46
N LEU A 252 16.26 33.37 9.68
CA LEU A 252 14.81 33.27 9.86
C LEU A 252 14.10 34.49 9.30
N MET A 253 14.71 35.66 9.44
CA MET A 253 14.10 36.85 8.86
C MET A 253 13.96 36.67 7.35
N ILE A 254 14.99 36.10 6.73
CA ILE A 254 14.99 35.86 5.29
C ILE A 254 13.90 34.86 4.91
N TYR A 255 13.83 33.71 5.60
CA TYR A 255 12.78 32.73 5.31
C TYR A 255 11.39 33.35 5.38
N ALA A 256 11.13 34.14 6.40
CA ALA A 256 9.82 34.77 6.56
C ALA A 256 9.49 35.64 5.35
N GLY A 257 10.44 36.50 4.96
CA GLY A 257 10.32 37.21 3.70
C GLY A 257 10.04 36.30 2.53
N GLU A 258 10.71 35.14 2.48
CA GLU A 258 10.49 34.22 1.38
C GLU A 258 9.17 33.49 1.50
N SER A 259 8.62 33.40 2.71
CA SER A 259 7.37 32.67 2.90
C SER A 259 6.17 33.59 2.94
N ASN A 260 5.57 33.68 4.13
CA ASN A 260 4.26 34.24 4.36
C ASN A 260 4.34 35.53 5.16
N MET A 261 5.53 36.13 5.22
CA MET A 261 5.70 37.38 5.97
C MET A 261 5.34 37.18 7.43
N LYS A 262 5.51 35.95 7.91
CA LYS A 262 5.20 35.62 9.30
C LYS A 262 6.00 36.49 10.29
N ARG A 263 5.54 36.53 11.53
CA ARG A 263 6.23 37.32 12.55
C ARG A 263 7.47 36.58 13.01
N VAL A 264 8.56 37.33 13.22
CA VAL A 264 9.86 36.76 13.59
C VAL A 264 10.43 37.47 14.82
N TRP A 265 10.37 36.80 15.96
CA TRP A 265 10.94 37.27 17.23
C TRP A 265 12.25 36.52 17.52
N LEU A 266 13.31 37.28 17.80
CA LEU A 266 14.66 36.75 17.88
C LEU A 266 15.28 37.01 19.25
N GLU A 267 15.85 35.95 19.83
CA GLU A 267 16.82 36.04 20.91
C GLU A 267 18.14 35.50 20.37
N ALA A 268 19.17 36.33 20.28
CA ALA A 268 20.39 35.91 19.61
C ALA A 268 21.64 35.96 20.48
N GLY A 269 22.72 36.48 19.91
CA GLY A 269 24.04 36.42 20.51
C GLY A 269 24.28 37.47 21.58
N GLY A 270 25.47 37.43 22.16
CA GLY A 270 25.79 38.32 23.27
C GLY A 270 27.26 38.49 23.54
N LYS A 271 27.66 39.71 23.91
CA LYS A 271 29.03 40.00 24.31
C LYS A 271 28.95 41.02 25.45
N SER A 272 28.24 40.62 26.50
CA SER A 272 27.77 41.55 27.53
C SER A 272 28.94 42.08 28.38
N PRO A 273 28.98 43.37 28.67
CA PRO A 273 30.08 43.93 29.48
C PRO A 273 29.78 44.02 30.96
N ASN A 274 30.83 43.77 31.77
CA ASN A 274 30.75 43.85 33.23
C ASN A 274 31.65 45.02 33.64
N ILE A 275 31.05 46.12 34.08
CA ILE A 275 31.75 47.38 34.30
C ILE A 275 31.94 47.56 35.79
N VAL A 276 33.21 47.54 36.24
CA VAL A 276 33.53 47.62 37.67
C VAL A 276 34.26 48.94 37.93
N PHE A 277 33.59 49.87 38.57
CA PHE A 277 34.23 51.12 38.95
C PHE A 277 34.98 50.96 40.27
N ALA A 278 35.99 51.82 40.47
CA ALA A 278 36.77 51.79 41.70
C ALA A 278 35.86 51.88 42.92
N ASP A 279 34.84 52.74 42.85
CA ASP A 279 34.00 53.03 43.99
C ASP A 279 32.88 52.01 44.17
N ALA A 280 32.98 50.85 43.54
CA ALA A 280 32.02 49.76 43.75
C ALA A 280 31.88 49.44 45.25
N PRO A 281 30.69 49.09 45.72
CA PRO A 281 30.51 48.86 47.16
C PRO A 281 31.33 47.69 47.73
N ASP A 282 31.21 46.48 47.18
CA ASP A 282 31.98 45.33 47.64
C ASP A 282 32.80 44.76 46.48
N LEU A 283 34.12 44.97 46.51
CA LEU A 283 34.95 44.40 45.46
C LEU A 283 34.90 42.88 45.48
N GLN A 284 34.91 42.30 46.68
CA GLN A 284 34.80 40.85 46.78
C GLN A 284 33.56 40.37 46.05
N ALA A 285 32.42 41.00 46.35
CA ALA A 285 31.17 40.65 45.69
C ALA A 285 31.26 40.81 44.18
N ALA A 286 31.86 41.91 43.72
CA ALA A 286 32.01 42.11 42.28
C ALA A 286 32.97 41.07 41.67
N ALA A 287 33.97 40.63 42.43
CA ALA A 287 34.93 39.66 41.90
C ALA A 287 34.34 38.25 41.84
N ASP A 288 33.66 37.81 42.90
CA ASP A 288 33.01 36.49 42.84
C ASP A 288 32.00 36.43 41.68
N SER A 289 31.29 37.53 41.45
CA SER A 289 30.24 37.54 40.44
C SER A 289 30.82 37.70 39.05
N ALA A 290 31.93 38.43 38.91
CA ALA A 290 32.66 38.42 37.65
C ALA A 290 33.08 37.00 37.28
N ALA A 291 33.57 36.24 38.27
CA ALA A 291 33.96 34.86 38.02
C ALA A 291 32.75 34.02 37.67
N SER A 292 31.70 34.12 38.48
CA SER A 292 30.47 33.40 38.19
C SER A 292 29.95 33.78 36.81
N ALA A 293 30.13 35.05 36.41
CA ALA A 293 29.54 35.57 35.17
C ALA A 293 30.08 34.88 33.93
N ILE A 294 31.29 34.31 34.00
CA ILE A 294 31.86 33.65 32.86
C ILE A 294 32.01 32.15 33.06
N ALA A 295 31.96 31.65 34.30
CA ALA A 295 32.15 30.22 34.56
C ALA A 295 30.85 29.46 34.57
N PHE A 296 29.80 30.01 35.19
CA PHE A 296 28.54 29.31 35.35
C PHE A 296 28.00 28.83 34.02
N ASN A 297 27.55 27.57 34.00
CA ASN A 297 27.09 26.89 32.80
C ASN A 297 28.17 26.88 31.72
N GLN A 298 29.42 26.69 32.12
CA GLN A 298 30.54 26.50 31.20
C GLN A 298 30.81 27.73 30.35
N GLY A 299 30.29 28.91 30.77
CA GLY A 299 30.31 30.11 29.94
C GLY A 299 29.42 30.06 28.72
N GLU A 300 28.67 28.96 28.53
CA GLU A 300 27.67 28.81 27.48
C GLU A 300 26.35 29.48 27.89
N VAL A 301 26.43 30.80 28.04
CA VAL A 301 25.33 31.65 28.47
C VAL A 301 25.36 32.87 27.56
N ALA A 302 24.20 33.27 27.02
CA ALA A 302 24.21 34.43 26.15
C ALA A 302 24.45 35.71 26.96
N THR A 303 23.94 35.78 28.19
CA THR A 303 24.18 36.92 29.06
C THR A 303 25.47 36.79 29.85
N ALA A 304 26.37 35.91 29.42
CA ALA A 304 27.64 35.76 30.12
C ALA A 304 28.42 37.06 30.06
N GLY A 305 29.12 37.36 31.16
CA GLY A 305 29.93 38.56 31.26
C GLY A 305 31.33 38.38 30.70
N SER A 306 31.44 38.19 29.39
CA SER A 306 32.71 37.85 28.75
C SER A 306 33.66 39.03 28.58
N ARG A 307 33.20 40.27 28.77
CA ARG A 307 34.05 41.45 28.73
C ARG A 307 33.97 42.12 30.09
N LEU A 308 35.05 42.00 30.87
CA LEU A 308 35.13 42.56 32.22
C LEU A 308 35.87 43.86 32.12
N LEU A 309 35.16 44.98 32.30
CA LEU A 309 35.72 46.31 32.14
C LEU A 309 36.01 46.90 33.51
N VAL A 310 37.29 47.15 33.78
CA VAL A 310 37.73 47.50 35.12
C VAL A 310 38.35 48.89 35.10
N GLU A 311 38.05 49.69 36.12
CA GLU A 311 38.73 50.96 36.28
C GLU A 311 40.17 50.67 36.63
N ARG A 312 41.10 51.22 35.83
CA ARG A 312 42.53 50.95 36.03
C ARG A 312 42.94 51.14 37.48
N SER A 313 42.41 52.20 38.11
CA SER A 313 42.76 52.51 39.49
C SER A 313 42.57 51.33 40.45
N ILE A 314 41.86 50.27 40.07
CA ILE A 314 41.77 49.08 40.92
C ILE A 314 42.20 47.80 40.20
N LYS A 315 42.65 47.88 38.95
CA LYS A 315 42.84 46.65 38.17
C LYS A 315 43.99 45.82 38.70
N ASP A 316 45.08 46.48 39.14
CA ASP A 316 46.20 45.75 39.75
C ASP A 316 45.73 45.02 41.02
N ARG A 317 44.75 45.57 41.73
CA ARG A 317 44.23 44.95 42.95
C ARG A 317 43.09 43.99 42.70
N PHE A 318 42.27 44.25 41.67
CA PHE A 318 41.02 43.53 41.48
C PHE A 318 41.26 42.21 40.78
N LEU A 319 42.16 42.20 39.79
CA LEU A 319 42.37 41.02 38.96
C LEU A 319 42.67 39.77 39.78
N PRO A 320 43.60 39.78 40.75
CA PRO A 320 43.83 38.56 41.54
C PRO A 320 42.60 38.05 42.24
N MET A 321 41.71 38.95 42.66
CA MET A 321 40.44 38.53 43.29
C MET A 321 39.55 37.81 42.31
N VAL A 322 39.53 38.27 41.05
CA VAL A 322 38.79 37.57 40.03
C VAL A 322 39.45 36.24 39.72
N ILE A 323 40.78 36.25 39.47
CA ILE A 323 41.50 35.00 39.22
C ILE A 323 41.25 34.01 40.35
N GLU A 324 41.51 34.41 41.59
CA GLU A 324 41.36 33.48 42.70
C GLU A 324 39.93 32.95 42.81
N ALA A 325 38.94 33.84 42.67
CA ALA A 325 37.55 33.39 42.64
C ALA A 325 37.34 32.31 41.58
N LEU A 326 37.86 32.55 40.35
CA LEU A 326 37.64 31.61 39.25
C LEU A 326 38.19 30.21 39.56
N GLY A 327 39.28 30.13 40.34
CA GLY A 327 39.80 28.84 40.79
C GLY A 327 38.77 27.95 41.49
N THR A 328 37.75 28.54 42.13
CA THR A 328 36.74 27.71 42.79
C THR A 328 35.78 27.08 41.81
N TRP A 329 35.78 27.52 40.56
CA TRP A 329 34.97 26.92 39.49
C TRP A 329 35.86 25.92 38.75
N LYS A 330 35.68 24.62 39.03
CA LYS A 330 36.56 23.53 38.55
C LYS A 330 35.73 22.45 37.85
N PRO A 331 36.02 22.12 36.59
CA PRO A 331 35.22 21.11 35.90
C PRO A 331 35.35 19.76 36.57
N GLY A 332 34.30 18.97 36.48
CA GLY A 332 34.32 17.63 37.04
C GLY A 332 33.15 16.83 36.52
N ASN A 333 32.91 15.70 37.17
CA ASN A 333 31.84 14.84 36.70
C ASN A 333 30.51 15.57 36.81
N PRO A 334 29.83 15.83 35.69
CA PRO A 334 28.51 16.50 35.77
C PRO A 334 27.47 15.71 36.56
N LEU A 335 27.67 14.42 36.81
CA LEU A 335 26.77 13.67 37.66
C LEU A 335 27.16 13.71 39.14
N ASP A 336 28.20 14.49 39.49
CA ASP A 336 28.59 14.71 40.88
C ASP A 336 27.88 15.95 41.43
N PRO A 337 27.11 15.84 42.52
CA PRO A 337 26.45 17.03 43.07
C PRO A 337 27.42 18.14 43.45
N ALA A 338 28.69 17.79 43.66
CA ALA A 338 29.75 18.76 43.98
C ALA A 338 30.22 19.54 42.77
N THR A 339 29.90 19.09 41.55
CA THR A 339 30.45 19.71 40.35
C THR A 339 29.75 21.02 40.04
N ASN A 340 30.52 22.09 39.90
CA ASN A 340 29.97 23.39 39.58
C ASN A 340 30.25 23.83 38.14
N VAL A 341 31.15 23.16 37.43
CA VAL A 341 31.42 23.37 36.02
C VAL A 341 31.35 22.02 35.32
N GLY A 342 30.55 21.93 34.26
CA GLY A 342 30.27 20.68 33.60
C GLY A 342 31.08 20.47 32.33
N ALA A 343 30.60 19.52 31.52
CA ALA A 343 31.16 19.31 30.19
C ALA A 343 30.67 20.39 29.22
N LEU A 344 31.50 20.63 28.20
CA LEU A 344 31.00 21.35 27.04
C LEU A 344 30.10 20.41 26.21
N VAL A 345 29.28 21.02 25.35
CA VAL A 345 28.14 20.29 24.82
C VAL A 345 28.54 19.18 23.83
N ASP A 346 29.63 19.35 23.09
CA ASP A 346 30.07 18.32 22.15
C ASP A 346 31.52 18.59 21.75
N THR A 347 32.06 17.72 20.90
CA THR A 347 33.41 17.95 20.39
C THR A 347 33.46 19.23 19.55
N GLN A 348 32.44 19.45 18.72
CA GLN A 348 32.37 20.66 17.90
C GLN A 348 32.48 21.91 18.75
N GLN A 349 31.74 21.97 19.86
CA GLN A 349 31.76 23.16 20.72
C GLN A 349 33.14 23.37 21.36
N MET A 350 33.74 22.29 21.84
CA MET A 350 35.05 22.36 22.50
C MET A 350 36.11 22.97 21.59
N ASN A 351 36.07 22.64 20.30
CA ASN A 351 37.11 23.10 19.38
C ASN A 351 36.93 24.55 18.96
N THR A 352 35.69 25.07 19.05
CA THR A 352 35.50 26.52 18.93
C THR A 352 36.13 27.26 20.12
N VAL A 353 35.87 26.78 21.35
CA VAL A 353 36.44 27.40 22.54
C VAL A 353 37.96 27.35 22.50
N LEU A 354 38.52 26.16 22.19
CA LEU A 354 39.97 26.00 22.11
C LEU A 354 40.58 26.87 21.02
N SER A 355 39.91 26.96 19.85
CA SER A 355 40.39 27.80 18.75
C SER A 355 40.39 29.29 19.11
N TYR A 356 39.43 29.74 19.94
CA TYR A 356 39.37 31.13 20.37
C TYR A 356 40.46 31.43 21.43
N ILE A 357 40.71 30.50 22.34
CA ILE A 357 41.85 30.65 23.25
C ILE A 357 43.15 30.81 22.47
N ALA A 358 43.29 30.05 21.39
CA ALA A 358 44.47 30.19 20.51
C ALA A 358 44.50 31.57 19.89
N ALA A 359 43.33 32.05 19.43
CA ALA A 359 43.19 33.40 18.90
C ALA A 359 43.60 34.46 19.91
N GLY A 360 43.30 34.23 21.19
CA GLY A 360 43.69 35.17 22.22
C GLY A 360 45.19 35.42 22.25
N HIS A 361 45.97 34.35 22.19
CA HIS A 361 47.43 34.49 22.13
C HIS A 361 47.85 35.20 20.84
N THR A 362 47.27 34.76 19.72
CA THR A 362 47.47 35.45 18.45
C THR A 362 47.10 36.93 18.55
N ASP A 363 45.94 37.23 19.15
CA ASP A 363 45.47 38.61 19.23
C ASP A 363 46.45 39.54 19.94
N GLY A 364 47.32 39.00 20.81
CA GLY A 364 48.22 39.79 21.63
C GLY A 364 47.87 39.83 23.11
N ALA A 365 46.92 39.01 23.54
CA ALA A 365 46.46 39.02 24.93
C ALA A 365 47.34 38.16 25.81
N ARG A 366 47.39 38.51 27.10
CA ARG A 366 48.17 37.79 28.11
C ARG A 366 47.27 36.82 28.86
N LEU A 367 47.58 35.53 28.80
CA LEU A 367 46.80 34.51 29.50
C LEU A 367 47.23 34.44 30.96
N VAL A 368 46.32 34.76 31.88
CA VAL A 368 46.64 34.80 33.31
C VAL A 368 45.94 33.69 34.09
N ALA A 369 45.16 32.84 33.44
CA ALA A 369 44.46 31.77 34.17
C ALA A 369 43.89 30.75 33.19
N GLY A 370 43.99 29.47 33.55
CA GLY A 370 43.39 28.40 32.76
C GLY A 370 44.07 28.24 31.41
N GLY A 371 43.26 28.08 30.37
CA GLY A 371 43.73 28.11 29.00
C GLY A 371 43.94 26.77 28.36
N LYS A 372 43.53 25.68 29.00
CA LYS A 372 43.79 24.35 28.49
C LYS A 372 42.50 23.55 28.43
N GLN A 373 42.53 22.51 27.61
CA GLN A 373 41.55 21.44 27.66
C GLN A 373 41.89 20.51 28.82
N ILE A 374 40.86 20.01 29.51
CA ILE A 374 41.05 19.22 30.72
C ILE A 374 40.33 17.89 30.57
N LEU A 375 40.65 16.98 31.50
CA LEU A 375 39.93 15.72 31.74
C LEU A 375 39.79 14.87 30.49
N GLN A 376 40.83 14.88 29.64
CA GLN A 376 40.75 14.10 28.40
C GLN A 376 40.44 12.63 28.68
N GLU A 377 40.89 12.11 29.83
CA GLU A 377 40.66 10.72 30.20
C GLU A 377 39.18 10.36 30.25
N THR A 378 38.31 11.32 30.53
CA THR A 378 36.90 11.05 30.80
C THR A 378 36.19 10.35 29.65
N GLY A 379 36.64 10.59 28.41
CA GLY A 379 35.79 10.36 27.26
C GLY A 379 34.81 11.48 27.02
N GLY A 380 35.19 12.71 27.38
CA GLY A 380 34.29 13.85 27.35
C GLY A 380 35.09 15.13 27.17
N THR A 381 34.36 16.24 27.04
CA THR A 381 34.91 17.48 26.53
C THR A 381 34.88 18.57 27.62
N TYR A 382 36.08 19.04 28.03
CA TYR A 382 36.18 19.98 29.14
C TYR A 382 37.29 21.01 28.93
N VAL A 383 37.01 22.27 29.23
CA VAL A 383 37.98 23.35 29.18
C VAL A 383 38.00 24.03 30.55
N GLU A 384 39.21 24.32 31.04
CA GLU A 384 39.32 25.08 32.28
C GLU A 384 38.80 26.49 32.05
N PRO A 385 38.10 27.06 33.03
CA PRO A 385 37.84 28.51 32.98
C PRO A 385 39.14 29.26 32.77
N THR A 386 39.11 30.18 31.80
CA THR A 386 40.29 30.78 31.17
C THR A 386 40.15 32.31 31.18
N ILE A 387 41.24 33.02 31.50
CA ILE A 387 41.23 34.47 31.56
C ILE A 387 42.35 35.05 30.70
N PHE A 388 42.01 36.07 29.93
CA PHE A 388 42.97 36.85 29.14
C PHE A 388 42.99 38.27 29.66
N ASP A 389 44.19 38.74 29.96
CA ASP A 389 44.42 40.09 30.45
C ASP A 389 44.98 40.96 29.34
N GLY A 390 44.76 42.26 29.44
CA GLY A 390 45.28 43.19 28.47
C GLY A 390 44.62 43.11 27.11
N VAL A 391 43.34 42.73 27.09
CA VAL A 391 42.56 42.67 25.87
C VAL A 391 42.17 44.08 25.43
N ASN A 392 42.31 44.33 24.15
CA ASN A 392 41.89 45.58 23.52
C ASN A 392 40.55 45.32 22.82
N ASN A 393 39.62 46.28 22.90
CA ASN A 393 38.25 45.99 22.49
C ASN A 393 38.15 45.60 21.02
N ALA A 394 39.08 46.06 20.18
CA ALA A 394 39.12 45.65 18.78
C ALA A 394 39.54 44.19 18.59
N MET A 395 40.07 43.54 19.63
CA MET A 395 40.58 42.18 19.49
C MET A 395 39.46 41.20 19.16
N ARG A 396 39.83 40.12 18.49
CA ARG A 396 38.87 39.10 18.11
C ARG A 396 38.15 38.51 19.33
N ILE A 397 38.91 38.19 20.40
CA ILE A 397 38.28 37.58 21.57
C ILE A 397 37.44 38.56 22.37
N ALA A 398 37.50 39.85 22.02
CA ALA A 398 36.63 40.87 22.58
C ALA A 398 35.37 41.09 21.76
N GLN A 399 35.49 41.01 20.44
CA GLN A 399 34.40 41.39 19.57
C GLN A 399 33.43 40.25 19.32
N GLU A 400 33.95 39.02 19.26
CA GLU A 400 33.17 37.83 18.92
C GLU A 400 32.81 37.03 20.17
N GLU A 401 31.61 36.43 20.15
CA GLU A 401 31.14 35.60 21.25
C GLU A 401 31.85 34.26 21.19
N ILE A 402 32.40 33.82 22.33
CA ILE A 402 33.13 32.55 22.36
C ILE A 402 32.25 31.39 22.83
N PHE A 403 31.27 31.67 23.68
CA PHE A 403 30.39 30.64 24.25
C PHE A 403 31.17 29.53 24.95
N GLY A 404 32.07 29.94 25.85
CA GLY A 404 32.71 29.06 26.78
C GLY A 404 33.26 29.88 27.92
N PRO A 405 33.90 29.24 28.91
CA PRO A 405 34.43 30.02 30.04
C PRO A 405 35.67 30.81 29.62
N VAL A 406 35.49 31.96 28.98
CA VAL A 406 36.63 32.75 28.54
C VAL A 406 36.36 34.22 28.84
N LEU A 407 37.13 34.77 29.76
CA LEU A 407 37.04 36.16 30.17
C LEU A 407 38.03 37.02 29.37
N SER A 408 37.58 38.16 28.87
CA SER A 408 38.49 39.19 28.35
C SER A 408 38.46 40.36 29.31
N VAL A 409 39.65 40.83 29.71
CA VAL A 409 39.77 41.86 30.73
C VAL A 409 40.32 43.12 30.08
N LEU A 410 39.50 44.18 30.08
CA LEU A 410 39.81 45.48 29.53
C LEU A 410 39.87 46.50 30.65
N THR A 411 40.50 47.66 30.40
CA THR A 411 40.58 48.71 31.41
C THR A 411 40.23 50.09 30.85
N PHE A 412 39.76 50.99 31.75
CA PHE A 412 39.24 52.30 31.36
C PHE A 412 39.55 53.37 32.41
N ASP A 413 39.72 54.60 31.93
CA ASP A 413 40.16 55.73 32.74
C ASP A 413 38.99 56.60 33.20
N THR A 414 37.92 56.68 32.41
CA THR A 414 36.77 57.54 32.70
C THR A 414 35.49 56.72 32.59
N ALA A 415 34.42 57.20 33.24
CA ALA A 415 33.15 56.53 33.04
C ALA A 415 32.69 56.63 31.59
N GLU A 416 33.08 57.71 30.90
CA GLU A 416 32.71 57.85 29.50
C GLU A 416 33.41 56.80 28.65
N GLU A 417 34.72 56.58 28.88
CA GLU A 417 35.41 55.49 28.20
C GLU A 417 34.71 54.15 28.43
N ALA A 418 34.27 53.90 29.67
CA ALA A 418 33.64 52.62 29.99
C ALA A 418 32.41 52.38 29.12
N ILE A 419 31.69 53.46 28.78
CA ILE A 419 30.49 53.31 27.99
C ILE A 419 30.83 53.12 26.51
N GLN A 420 31.72 53.98 25.98
CA GLN A 420 32.18 53.79 24.61
C GLN A 420 32.52 52.32 24.38
N ILE A 421 33.38 51.75 25.25
CA ILE A 421 33.83 50.37 25.07
C ILE A 421 32.68 49.40 25.22
N ALA A 422 31.80 49.66 26.19
CA ALA A 422 30.67 48.75 26.45
C ALA A 422 29.73 48.70 25.26
N ASN A 423 29.40 49.86 24.68
CA ASN A 423 28.47 49.90 23.56
C ASN A 423 29.14 49.62 22.23
N ASP A 424 30.46 49.41 22.21
CA ASP A 424 31.22 49.16 20.99
C ASP A 424 31.16 47.67 20.66
N THR A 425 29.97 47.24 20.27
CA THR A 425 29.70 45.86 19.86
C THR A 425 28.40 45.82 19.07
N PRO A 426 28.27 44.91 18.10
CA PRO A 426 26.96 44.70 17.47
C PRO A 426 25.89 44.16 18.40
N TYR A 427 26.22 43.86 19.66
CA TYR A 427 25.28 43.19 20.55
C TYR A 427 24.69 44.17 21.56
N GLY A 428 23.71 43.68 22.30
CA GLY A 428 23.06 44.47 23.34
C GLY A 428 22.15 43.64 24.23
N LEU A 429 22.58 42.44 24.60
CA LEU A 429 21.72 41.57 25.41
C LEU A 429 21.72 41.99 26.89
N ALA A 430 22.91 42.19 27.48
CA ALA A 430 23.02 42.52 28.90
C ALA A 430 24.25 43.39 29.11
N ALA A 431 24.41 43.84 30.36
CA ALA A 431 25.56 44.54 30.88
C ALA A 431 25.32 44.73 32.37
N ALA A 432 26.40 45.06 33.09
CA ALA A 432 26.30 45.35 34.52
C ALA A 432 27.21 46.50 34.90
N VAL A 433 26.90 47.11 36.03
CA VAL A 433 27.63 48.28 36.48
C VAL A 433 27.77 48.18 38.00
N TRP A 434 29.00 48.17 38.48
CA TRP A 434 29.30 48.16 39.90
C TRP A 434 29.77 49.55 40.33
N THR A 435 29.02 50.19 41.22
CA THR A 435 29.39 51.49 41.76
C THR A 435 28.41 51.83 42.87
N ALA A 436 28.89 52.53 43.88
CA ALA A 436 28.02 52.90 44.98
C ALA A 436 27.47 54.32 44.83
N ASN A 437 27.90 55.03 43.77
CA ASN A 437 27.40 56.37 43.51
C ASN A 437 26.00 56.32 42.91
N LEU A 438 25.08 57.06 43.51
CA LEU A 438 23.70 57.06 43.02
C LEU A 438 23.62 57.59 41.60
N SER A 439 24.27 58.73 41.35
CA SER A 439 24.26 59.34 40.03
C SER A 439 24.98 58.47 39.02
N LYS A 440 26.22 58.08 39.31
CA LYS A 440 26.98 57.27 38.37
C LYS A 440 26.21 55.98 38.01
N ALA A 441 25.48 55.41 38.97
CA ALA A 441 24.81 54.14 38.69
C ALA A 441 23.73 54.30 37.63
N HIS A 442 22.82 55.27 37.84
CA HIS A 442 21.64 55.41 36.99
C HIS A 442 22.00 56.01 35.63
N LEU A 443 22.89 57.00 35.62
CA LEU A 443 23.30 57.60 34.34
C LEU A 443 24.05 56.58 33.50
N THR A 444 24.93 55.81 34.12
CA THR A 444 25.61 54.78 33.35
C THR A 444 24.63 53.73 32.84
N ALA A 445 23.64 53.37 33.66
CA ALA A 445 22.66 52.39 33.22
C ALA A 445 21.93 52.87 31.96
N ARG A 446 21.58 54.16 31.90
CA ARG A 446 20.85 54.69 30.74
C ARG A 446 21.68 54.59 29.46
N ALA A 447 22.94 55.02 29.51
CA ALA A 447 23.75 55.00 28.29
C ALA A 447 24.12 53.59 27.81
N LEU A 448 23.82 52.54 28.55
CA LEU A 448 24.21 51.19 28.11
C LEU A 448 23.11 50.66 27.19
N ARG A 449 23.43 50.49 25.92
CA ARG A 449 22.47 49.95 24.97
C ARG A 449 22.41 48.45 25.10
N ALA A 450 21.79 48.03 26.22
CA ALA A 450 21.59 46.60 26.46
C ALA A 450 20.18 46.35 26.98
N GLY A 451 19.64 45.16 26.72
CA GLY A 451 18.29 44.87 27.19
C GLY A 451 18.20 44.70 28.69
N SER A 452 19.23 44.13 29.30
CA SER A 452 19.29 43.97 30.74
C SER A 452 20.51 44.69 31.28
N VAL A 453 20.30 45.57 32.26
CA VAL A 453 21.42 46.23 32.95
C VAL A 453 21.32 45.86 34.41
N TRP A 454 22.33 45.15 34.92
CA TRP A 454 22.38 44.75 36.32
C TRP A 454 23.31 45.71 37.05
N VAL A 455 22.88 46.19 38.21
CA VAL A 455 23.69 47.15 38.97
C VAL A 455 24.02 46.50 40.30
N ASN A 456 25.31 46.48 40.63
CA ASN A 456 25.81 45.90 41.89
C ASN A 456 25.34 44.45 42.08
N GLN A 457 25.34 43.70 40.99
CA GLN A 457 24.96 42.29 40.97
C GLN A 457 25.14 41.84 39.53
N TYR A 458 25.15 40.52 39.31
CA TYR A 458 25.12 39.96 37.97
C TYR A 458 24.02 38.91 37.89
N ASP A 459 23.62 38.62 36.65
CA ASP A 459 22.55 37.65 36.38
C ASP A 459 21.25 38.04 37.12
N GLY A 460 20.92 39.34 37.09
CA GLY A 460 19.77 39.83 37.83
C GLY A 460 18.42 39.51 37.18
N GLY A 461 17.35 39.79 37.93
CA GLY A 461 15.97 39.68 37.52
C GLY A 461 15.35 38.32 37.83
N ASP A 462 14.01 38.31 37.89
CA ASP A 462 13.22 37.07 38.00
C ASP A 462 12.20 37.03 36.87
N MET A 463 11.05 36.36 37.07
CA MET A 463 10.11 36.24 35.95
C MET A 463 9.48 37.57 35.62
N THR A 464 9.59 38.57 36.51
CA THR A 464 8.94 39.86 36.28
C THR A 464 9.76 40.78 35.41
N ALA A 465 11.00 40.40 35.07
CA ALA A 465 11.85 41.29 34.29
C ALA A 465 11.96 40.85 32.84
N PRO A 466 11.67 41.73 31.87
CA PRO A 466 11.85 41.37 30.46
C PRO A 466 13.30 41.07 30.13
N PHE A 467 13.49 40.25 29.10
CA PHE A 467 14.81 39.72 28.77
C PHE A 467 14.92 39.66 27.25
N GLY A 468 15.94 40.31 26.71
CA GLY A 468 16.12 40.35 25.27
C GLY A 468 17.14 41.40 24.93
N GLY A 469 17.53 41.41 23.65
CA GLY A 469 18.61 42.31 23.24
C GLY A 469 18.21 43.60 22.54
N PHE A 470 19.15 44.55 22.52
CA PHE A 470 19.18 45.63 21.54
C PHE A 470 19.91 45.10 20.31
N LYS A 471 19.87 45.87 19.21
CA LYS A 471 20.72 45.63 18.05
C LYS A 471 20.67 44.18 17.59
N GLN A 472 21.82 43.56 17.30
CA GLN A 472 21.75 42.22 16.71
C GLN A 472 21.65 41.12 17.73
N SER A 473 21.30 41.40 18.99
CA SER A 473 21.05 40.34 19.96
C SER A 473 19.60 39.88 19.95
N GLY A 474 18.68 40.62 19.34
CA GLY A 474 17.35 40.12 19.08
C GLY A 474 16.34 41.25 19.04
N ASN A 475 15.06 40.86 18.91
CA ASN A 475 13.91 41.74 19.06
C ASN A 475 12.88 41.04 19.93
N GLY A 476 12.11 41.83 20.68
CA GLY A 476 11.15 41.28 21.62
C GLY A 476 11.77 40.83 22.94
N ARG A 477 10.91 40.48 23.88
CA ARG A 477 11.39 40.15 25.20
C ARG A 477 10.73 38.87 25.67
N ASP A 478 11.52 38.03 26.33
CA ASP A 478 10.99 36.87 27.05
C ASP A 478 10.90 37.22 28.54
N LYS A 479 10.10 36.41 29.28
CA LYS A 479 9.71 36.67 30.66
C LYS A 479 8.79 37.89 30.76
N SER A 480 8.27 38.19 31.96
CA SER A 480 7.39 39.33 32.22
C SER A 480 6.08 39.29 31.43
N LEU A 481 5.30 40.37 31.52
CA LEU A 481 4.08 40.45 30.71
C LEU A 481 4.36 40.76 29.25
N HIS A 482 5.50 41.38 28.96
CA HIS A 482 5.78 41.77 27.58
C HIS A 482 5.98 40.56 26.67
N ALA A 483 6.44 39.42 27.22
CA ALA A 483 6.61 38.23 26.40
C ALA A 483 5.32 37.87 25.68
N PHE A 484 4.18 38.13 26.32
CA PHE A 484 2.87 37.81 25.74
C PHE A 484 2.62 38.54 24.43
N ASP A 485 3.24 39.70 24.23
CA ASP A 485 3.00 40.46 23.01
C ASP A 485 3.45 39.71 21.77
N LYS A 486 4.53 38.93 21.87
CA LYS A 486 4.94 38.21 20.67
C LYS A 486 4.03 37.03 20.34
N TYR A 487 2.98 36.77 21.10
CA TYR A 487 2.10 35.66 20.74
C TYR A 487 0.65 36.11 20.53
N THR A 488 0.41 37.42 20.48
CA THR A 488 -0.93 37.93 20.24
C THR A 488 -0.94 38.99 19.15
N GLU A 489 -2.15 39.28 18.69
CA GLU A 489 -2.43 40.27 17.66
C GLU A 489 -3.49 41.24 18.16
N LEU A 490 -3.25 42.53 17.95
CA LEU A 490 -4.17 43.58 18.37
C LEU A 490 -5.29 43.79 17.35
N LYS A 491 -6.50 44.03 17.86
CA LYS A 491 -7.66 44.28 17.03
C LYS A 491 -8.40 45.50 17.57
N SER A 492 -8.75 46.41 16.68
CA SER A 492 -9.55 47.56 17.05
C SER A 492 -10.97 47.26 16.58
N THR A 493 -11.89 47.11 17.53
CA THR A 493 -13.30 46.91 17.22
C THR A 493 -14.01 48.23 17.56
N TRP A 494 -14.30 49.00 16.54
CA TRP A 494 -14.97 50.27 16.73
C TRP A 494 -16.45 50.11 16.42
N ILE A 495 -17.31 50.31 17.41
CA ILE A 495 -18.74 50.03 17.28
C ILE A 495 -19.51 51.34 17.30
N LYS A 496 -20.20 51.63 16.20
CA LYS A 496 -21.10 52.78 16.13
C LYS A 496 -22.41 52.46 16.81
N LEU A 497 -22.86 53.38 17.65
CA LEU A 497 -24.12 53.21 18.39
C LEU A 497 -25.10 54.29 17.99
N THR B 3 20.89 -59.00 83.14
CA THR B 3 21.56 -58.71 81.87
C THR B 3 22.07 -59.99 81.24
N LEU B 4 21.92 -60.11 79.92
CA LEU B 4 22.46 -61.26 79.22
C LEU B 4 23.97 -61.11 79.08
N THR B 5 24.66 -62.24 79.15
CA THR B 5 26.11 -62.31 79.06
C THR B 5 26.53 -62.51 77.60
N ARG B 6 27.85 -62.45 77.36
CA ARG B 6 28.36 -62.75 76.02
C ARG B 6 27.96 -64.16 75.62
N ALA B 7 28.21 -65.14 76.51
CA ALA B 7 27.75 -66.51 76.31
C ALA B 7 26.28 -66.56 75.91
N ASP B 8 25.45 -65.79 76.60
CA ASP B 8 24.00 -65.86 76.36
C ASP B 8 23.68 -65.42 74.93
N TRP B 9 24.24 -64.31 74.49
CA TRP B 9 23.94 -63.82 73.15
C TRP B 9 24.54 -64.73 72.08
N GLU B 10 25.71 -65.31 72.36
CA GLU B 10 26.35 -66.21 71.41
C GLU B 10 25.46 -67.40 71.12
N GLN B 11 24.89 -68.00 72.17
CA GLN B 11 23.94 -69.10 72.00
C GLN B 11 22.66 -68.62 71.33
N ARG B 12 22.10 -67.50 71.81
CA ARG B 12 20.82 -67.06 71.26
C ARG B 12 20.93 -66.67 69.81
N ALA B 13 22.05 -66.09 69.41
CA ALA B 13 22.27 -65.87 67.99
C ALA B 13 22.27 -67.20 67.26
N GLN B 14 22.85 -68.22 67.88
CA GLN B 14 22.96 -69.50 67.22
C GLN B 14 21.59 -70.16 67.06
N ASN B 15 20.68 -69.93 67.99
CA ASN B 15 19.37 -70.57 67.96
C ASN B 15 18.34 -69.76 67.21
N LEU B 16 18.75 -68.66 66.58
CA LEU B 16 17.81 -67.88 65.80
C LEU B 16 17.35 -68.66 64.58
N LYS B 17 16.09 -68.51 64.24
CA LYS B 17 15.56 -68.87 62.93
C LYS B 17 15.15 -67.57 62.25
N ILE B 18 15.63 -67.37 61.02
CA ILE B 18 15.70 -66.04 60.44
C ILE B 18 14.87 -66.00 59.17
N GLU B 19 13.89 -65.10 59.13
CA GLU B 19 13.11 -64.89 57.92
C GLU B 19 13.90 -64.06 56.93
N GLY B 20 13.96 -64.52 55.69
CA GLY B 20 14.73 -63.80 54.69
C GLY B 20 13.89 -63.34 53.51
N ARG B 21 12.59 -63.65 53.55
CA ARG B 21 11.71 -63.41 52.43
C ARG B 21 11.14 -62.00 52.46
N ALA B 22 10.54 -61.61 51.33
CA ALA B 22 9.80 -60.36 51.18
C ALA B 22 8.41 -60.48 51.77
N PHE B 23 7.73 -59.35 51.90
CA PHE B 23 6.41 -59.31 52.51
C PHE B 23 5.50 -58.41 51.69
N ILE B 24 4.51 -59.02 51.04
CA ILE B 24 3.51 -58.33 50.22
C ILE B 24 2.14 -58.86 50.58
N GLN B 25 1.17 -57.96 50.76
CA GLN B 25 -0.24 -58.32 50.93
C GLN B 25 -0.44 -59.33 52.07
N GLY B 26 0.21 -59.05 53.19
CA GLY B 26 -0.03 -59.81 54.40
C GLY B 26 0.64 -61.16 54.48
N GLU B 27 1.49 -61.53 53.53
CA GLU B 27 2.19 -62.81 53.58
C GLU B 27 3.65 -62.63 53.20
N TYR B 28 4.50 -63.50 53.76
CA TYR B 28 5.87 -63.63 53.29
C TYR B 28 5.89 -64.37 51.95
N THR B 29 6.79 -63.92 51.06
CA THR B 29 6.82 -64.42 49.69
C THR B 29 8.25 -64.37 49.19
N ALA B 30 8.47 -64.93 48.02
CA ALA B 30 9.76 -64.84 47.39
C ALA B 30 9.72 -63.77 46.30
N ALA B 31 10.90 -63.44 45.79
CA ALA B 31 10.94 -62.62 44.60
C ALA B 31 10.38 -63.42 43.44
N ALA B 32 9.68 -62.73 42.54
CA ALA B 32 9.03 -63.40 41.41
C ALA B 32 9.99 -64.35 40.70
N SER B 33 11.27 -63.95 40.59
CA SER B 33 12.26 -64.80 39.97
C SER B 33 12.71 -65.94 40.88
N GLY B 34 12.53 -65.80 42.19
CA GLY B 34 13.08 -66.77 43.11
C GLY B 34 14.54 -66.57 43.43
N GLU B 35 15.14 -65.48 42.96
CA GLU B 35 16.53 -65.19 43.25
C GLU B 35 16.70 -64.76 44.71
N THR B 36 17.86 -65.06 45.28
CA THR B 36 18.20 -64.56 46.61
C THR B 36 19.62 -64.01 46.59
N PHE B 37 19.98 -63.33 47.67
CA PHE B 37 21.35 -62.89 47.89
C PHE B 37 21.78 -63.28 49.29
N ASP B 38 23.02 -63.72 49.42
CA ASP B 38 23.51 -64.16 50.72
C ASP B 38 23.60 -62.95 51.66
N CYS B 39 23.05 -63.11 52.87
CA CYS B 39 23.15 -62.08 53.91
C CYS B 39 24.24 -62.49 54.88
N ILE B 40 25.36 -61.77 54.83
CA ILE B 40 26.57 -62.14 55.54
C ILE B 40 26.78 -61.22 56.73
N SER B 41 27.16 -61.80 57.87
CA SER B 41 27.33 -61.04 59.10
C SER B 41 28.73 -60.46 59.19
N PRO B 42 28.86 -59.18 59.52
CA PRO B 42 30.20 -58.61 59.73
C PRO B 42 30.88 -59.08 61.01
N VAL B 43 30.21 -59.89 61.82
CA VAL B 43 30.75 -60.27 63.11
C VAL B 43 31.84 -61.32 62.94
N ASP B 44 31.60 -62.31 62.07
CA ASP B 44 32.62 -63.32 61.80
C ASP B 44 32.43 -63.98 60.44
N GLY B 45 31.63 -63.40 59.54
CA GLY B 45 31.37 -63.99 58.25
C GLY B 45 30.28 -65.04 58.23
N ARG B 46 29.64 -65.32 59.36
CA ARG B 46 28.57 -66.30 59.41
C ARG B 46 27.47 -65.94 58.41
N LEU B 47 26.88 -66.97 57.81
CA LEU B 47 25.80 -66.77 56.85
C LEU B 47 24.47 -66.78 57.59
N LEU B 48 23.80 -65.64 57.64
CA LEU B 48 22.58 -65.54 58.42
C LEU B 48 21.38 -66.17 57.70
N ALA B 49 21.24 -65.91 56.40
CA ALA B 49 20.08 -66.40 55.66
C ALA B 49 20.24 -66.00 54.20
N LYS B 50 19.42 -66.59 53.35
CA LYS B 50 19.30 -66.21 51.96
C LYS B 50 18.09 -65.30 51.80
N VAL B 51 18.33 -64.06 51.47
CA VAL B 51 17.31 -63.01 51.44
C VAL B 51 16.82 -62.81 50.02
N ALA B 52 15.51 -62.58 49.88
CA ALA B 52 14.91 -62.40 48.57
C ALA B 52 15.51 -61.23 47.81
N SER B 53 15.90 -61.48 46.57
CA SER B 53 16.46 -60.44 45.68
C SER B 53 15.34 -59.95 44.78
N CYS B 54 14.59 -58.96 45.25
CA CYS B 54 13.42 -58.49 44.50
C CYS B 54 13.84 -57.55 43.38
N ASP B 55 12.95 -57.41 42.40
CA ASP B 55 13.20 -56.59 41.23
C ASP B 55 11.93 -55.80 40.90
N ALA B 56 11.87 -55.31 39.66
CA ALA B 56 10.77 -54.45 39.28
C ALA B 56 9.45 -55.18 39.33
N ALA B 57 9.46 -56.48 39.00
CA ALA B 57 8.22 -57.25 39.05
C ALA B 57 7.66 -57.26 40.46
N ASP B 58 8.53 -57.45 41.43
CA ASP B 58 8.10 -57.42 42.82
C ASP B 58 7.69 -56.03 43.26
N ALA B 59 8.28 -54.97 42.68
CA ALA B 59 7.85 -53.62 43.01
C ALA B 59 6.41 -53.41 42.57
N GLN B 60 6.10 -53.79 41.33
CA GLN B 60 4.74 -53.64 40.81
C GLN B 60 3.72 -54.41 41.64
N ARG B 61 4.06 -55.64 42.07
CA ARG B 61 3.15 -56.38 42.93
C ARG B 61 2.89 -55.62 44.22
N ALA B 62 3.95 -55.12 44.86
CA ALA B 62 3.79 -54.43 46.13
C ALA B 62 3.02 -53.13 45.96
N VAL B 63 3.32 -52.37 44.90
CA VAL B 63 2.62 -51.11 44.70
C VAL B 63 1.17 -51.35 44.33
N GLU B 64 0.89 -52.40 43.58
CA GLU B 64 -0.49 -52.77 43.35
C GLU B 64 -1.19 -53.10 44.68
N SER B 65 -0.51 -53.85 45.55
CA SER B 65 -1.08 -54.15 46.86
C SER B 65 -1.34 -52.88 47.65
N ALA B 66 -0.36 -51.99 47.71
CA ALA B 66 -0.49 -50.75 48.47
C ALA B 66 -1.65 -49.91 47.96
N ARG B 67 -1.78 -49.80 46.63
CA ARG B 67 -2.84 -48.97 46.07
C ARG B 67 -4.20 -49.54 46.44
N SER B 68 -4.37 -50.85 46.32
CA SER B 68 -5.64 -51.47 46.70
C SER B 68 -5.95 -51.21 48.16
N ALA B 69 -4.95 -51.41 49.03
CA ALA B 69 -5.17 -51.22 50.45
C ALA B 69 -5.54 -49.78 50.76
N PHE B 70 -4.84 -48.82 50.15
CA PHE B 70 -5.16 -47.42 50.40
C PHE B 70 -6.57 -47.09 49.94
N ASP B 71 -6.92 -47.50 48.73
CA ASP B 71 -8.23 -47.15 48.18
C ASP B 71 -9.35 -47.84 48.96
N SER B 72 -9.09 -49.01 49.56
CA SER B 72 -10.14 -49.70 50.30
C SER B 72 -10.55 -48.92 51.54
N GLY B 73 -9.62 -48.14 52.08
CA GLY B 73 -9.84 -47.35 53.28
C GLY B 73 -9.66 -48.08 54.60
N ALA B 74 -9.35 -49.39 54.58
CA ALA B 74 -9.20 -50.14 55.82
C ALA B 74 -8.26 -49.46 56.81
N TRP B 75 -7.27 -48.74 56.31
CA TRP B 75 -6.37 -47.97 57.14
C TRP B 75 -6.45 -46.48 56.84
N SER B 76 -6.54 -46.09 55.56
CA SER B 76 -6.42 -44.67 55.24
C SER B 76 -7.62 -43.87 55.74
N ARG B 77 -8.80 -44.49 55.81
CA ARG B 77 -9.97 -43.83 56.38
C ARG B 77 -10.41 -44.46 57.69
N LEU B 78 -9.53 -45.24 58.34
CA LEU B 78 -9.77 -45.68 59.70
C LEU B 78 -9.66 -44.48 60.63
N ALA B 79 -10.49 -44.46 61.66
CA ALA B 79 -10.58 -43.33 62.60
C ALA B 79 -9.23 -42.98 63.19
N PRO B 80 -8.99 -41.69 63.45
CA PRO B 80 -7.65 -41.28 63.93
C PRO B 80 -7.26 -41.92 65.26
N ALA B 81 -8.18 -42.03 66.19
CA ALA B 81 -7.83 -42.57 67.50
C ALA B 81 -7.68 -44.09 67.46
N LYS B 82 -8.41 -44.77 66.57
CA LYS B 82 -8.13 -46.18 66.34
C LYS B 82 -6.76 -46.35 65.72
N ARG B 83 -6.45 -45.56 64.68
CA ARG B 83 -5.11 -45.58 64.10
C ARG B 83 -4.03 -45.38 65.15
N LYS B 84 -4.24 -44.43 66.07
CA LYS B 84 -3.25 -44.15 67.11
C LYS B 84 -2.99 -45.37 67.98
N ALA B 85 -4.03 -46.09 68.38
CA ALA B 85 -3.83 -47.24 69.24
C ALA B 85 -3.09 -48.35 68.52
N THR B 86 -3.43 -48.58 67.24
CA THR B 86 -2.70 -49.55 66.44
C THR B 86 -1.22 -49.19 66.40
N MET B 87 -0.91 -47.92 66.06
CA MET B 87 0.46 -47.44 66.05
C MET B 87 1.15 -47.72 67.38
N ILE B 88 0.45 -47.57 68.50
CA ILE B 88 1.11 -47.74 69.78
C ILE B 88 1.33 -49.21 70.09
N ARG B 89 0.42 -50.08 69.62
CA ARG B 89 0.60 -51.53 69.72
C ARG B 89 1.79 -51.98 68.88
N PHE B 90 1.91 -51.46 67.65
CA PHE B 90 3.08 -51.67 66.80
C PHE B 90 4.36 -51.37 67.56
N ALA B 91 4.41 -50.22 68.23
CA ALA B 91 5.56 -49.92 69.08
C ALA B 91 5.70 -50.97 70.18
N GLY B 92 4.59 -51.37 70.80
CA GLY B 92 4.67 -52.32 71.88
C GLY B 92 5.23 -53.65 71.45
N LEU B 93 4.96 -54.06 70.21
CA LEU B 93 5.47 -55.35 69.76
C LEU B 93 6.96 -55.28 69.48
N LEU B 94 7.46 -54.10 69.10
CA LEU B 94 8.90 -53.89 68.99
C LEU B 94 9.59 -54.03 70.33
N GLU B 95 9.00 -53.45 71.38
CA GLU B 95 9.57 -53.62 72.71
C GLU B 95 9.40 -55.04 73.21
N GLN B 96 8.40 -55.79 72.72
CA GLN B 96 8.18 -57.16 73.18
C GLN B 96 9.25 -58.11 72.65
N ASN B 97 9.58 -58.00 71.37
CA ASN B 97 10.65 -58.77 70.72
C ASN B 97 11.95 -57.99 70.65
N ALA B 98 12.24 -57.20 71.68
CA ALA B 98 13.40 -56.33 71.65
C ALA B 98 14.71 -57.12 71.60
N GLU B 99 14.79 -58.24 72.29
CA GLU B 99 16.05 -58.96 72.29
C GLU B 99 16.28 -59.71 70.98
N GLU B 100 15.22 -60.17 70.32
CA GLU B 100 15.43 -60.78 69.01
C GLU B 100 15.72 -59.72 67.95
N LEU B 101 15.00 -58.61 67.98
CA LEU B 101 15.24 -57.56 67.00
C LEU B 101 16.62 -56.96 67.16
N ALA B 102 17.07 -56.79 68.40
CA ALA B 102 18.40 -56.24 68.59
C ALA B 102 19.45 -57.21 68.07
N LEU B 103 19.33 -58.48 68.41
CA LEU B 103 20.30 -59.46 67.96
C LEU B 103 20.38 -59.52 66.44
N LEU B 104 19.24 -59.37 65.77
CA LEU B 104 19.24 -59.31 64.32
C LEU B 104 19.98 -58.08 63.81
N GLU B 105 19.69 -56.93 64.42
CA GLU B 105 20.40 -55.70 64.09
C GLU B 105 21.90 -55.87 64.21
N THR B 106 22.35 -56.31 65.38
CA THR B 106 23.77 -56.50 65.61
C THR B 106 24.36 -57.52 64.63
N LEU B 107 23.71 -58.66 64.48
CA LEU B 107 24.23 -59.69 63.58
C LEU B 107 24.23 -59.25 62.13
N ASP B 108 23.29 -58.40 61.71
CA ASP B 108 23.16 -58.12 60.28
C ASP B 108 24.15 -57.07 59.80
N MET B 109 24.32 -55.99 60.55
CA MET B 109 25.21 -54.91 60.14
C MET B 109 26.33 -54.64 61.11
N GLY B 110 26.33 -55.26 62.29
CA GLY B 110 27.53 -55.37 63.08
C GLY B 110 27.70 -54.40 64.22
N LYS B 111 26.67 -53.68 64.62
CA LYS B 111 26.85 -52.75 65.72
C LYS B 111 26.72 -53.49 67.05
N PRO B 112 27.25 -52.93 68.13
CA PRO B 112 27.26 -53.67 69.40
C PRO B 112 25.86 -53.98 69.88
N ILE B 113 25.69 -55.16 70.50
CA ILE B 113 24.36 -55.56 70.95
C ILE B 113 23.84 -54.59 72.02
N SER B 114 24.72 -54.11 72.90
CA SER B 114 24.24 -53.16 73.89
C SER B 114 23.80 -51.85 73.25
N ASP B 115 24.42 -51.47 72.12
CA ASP B 115 23.88 -50.37 71.32
C ASP B 115 22.46 -50.70 70.88
N SER B 116 22.31 -51.82 70.19
CA SER B 116 21.02 -52.17 69.59
C SER B 116 19.93 -52.28 70.64
N LEU B 117 20.21 -52.93 71.75
CA LEU B 117 19.14 -53.12 72.72
C LEU B 117 18.77 -51.81 73.42
N GLY B 118 19.72 -50.90 73.58
CA GLY B 118 19.51 -49.68 74.37
C GLY B 118 19.23 -48.43 73.58
N VAL B 119 19.53 -48.43 72.28
CA VAL B 119 19.42 -47.23 71.46
C VAL B 119 18.50 -47.49 70.27
N ASP B 120 18.82 -48.51 69.47
CA ASP B 120 18.15 -48.69 68.19
C ASP B 120 16.69 -49.14 68.36
N ILE B 121 16.48 -50.25 69.05
CA ILE B 121 15.13 -50.78 69.20
C ILE B 121 14.24 -49.83 70.00
N PRO B 122 14.67 -49.32 71.18
CA PRO B 122 13.84 -48.32 71.85
C PRO B 122 13.62 -47.07 71.02
N GLY B 123 14.62 -46.69 70.21
CA GLY B 123 14.50 -45.48 69.41
C GLY B 123 13.50 -45.62 68.27
N GLY B 124 13.51 -46.77 67.60
CA GLY B 124 12.52 -47.01 66.57
C GLY B 124 11.13 -47.21 67.14
N ALA B 125 11.03 -47.82 68.32
CA ALA B 125 9.75 -47.97 68.99
C ALA B 125 9.15 -46.61 69.32
N ARG B 126 9.98 -45.67 69.76
CA ARG B 126 9.45 -44.37 70.15
C ARG B 126 8.98 -43.58 68.93
N ALA B 127 9.64 -43.71 67.79
CA ALA B 127 9.16 -43.03 66.60
C ALA B 127 7.78 -43.53 66.22
N LEU B 128 7.54 -44.84 66.36
CA LEU B 128 6.21 -45.35 66.06
C LEU B 128 5.21 -44.92 67.12
N SER B 129 5.58 -44.98 68.41
CA SER B 129 4.63 -44.62 69.44
C SER B 129 4.34 -43.13 69.41
N TRP B 130 5.39 -42.30 69.47
CA TRP B 130 5.21 -40.85 69.52
C TRP B 130 4.41 -40.36 68.32
N SER B 131 4.67 -40.89 67.13
CA SER B 131 3.87 -40.46 65.98
C SER B 131 2.44 -40.94 66.10
N GLY B 132 2.26 -42.11 66.70
CA GLY B 132 0.91 -42.58 66.95
C GLY B 132 0.18 -41.66 67.91
N GLU B 133 0.85 -41.25 68.99
CA GLU B 133 0.22 -40.39 69.98
C GLU B 133 -0.14 -39.02 69.42
N ALA B 134 0.48 -38.60 68.32
CA ALA B 134 0.23 -37.26 67.78
C ALA B 134 -0.82 -37.24 66.69
N ILE B 135 -1.35 -38.39 66.27
CA ILE B 135 -2.31 -38.40 65.17
C ILE B 135 -3.49 -37.48 65.45
N ASP B 136 -4.16 -37.71 66.58
CA ASP B 136 -5.36 -36.96 66.98
C ASP B 136 -5.04 -35.68 67.74
N LYS B 137 -3.77 -35.37 67.99
CA LYS B 137 -3.40 -34.08 68.55
C LYS B 137 -3.19 -33.02 67.48
N LEU B 138 -3.13 -33.41 66.22
CA LEU B 138 -3.00 -32.47 65.11
C LEU B 138 -4.34 -31.83 64.75
N TYR B 139 -4.28 -30.59 64.29
CA TYR B 139 -5.47 -29.85 63.90
C TYR B 139 -5.21 -29.19 62.56
N ASP B 140 -6.16 -29.29 61.64
CA ASP B 140 -6.04 -28.58 60.38
C ASP B 140 -6.66 -27.19 60.56
N GLU B 141 -6.77 -26.37 59.52
CA GLU B 141 -7.11 -24.97 59.72
C GLU B 141 -8.42 -24.53 59.07
N VAL B 142 -8.96 -23.41 59.56
CA VAL B 142 -10.08 -22.69 58.95
C VAL B 142 -9.66 -21.26 58.70
N ALA B 143 -9.84 -20.78 57.48
CA ALA B 143 -9.30 -19.47 57.12
C ALA B 143 -10.27 -18.36 57.48
N ALA B 144 -9.72 -17.16 57.64
CA ALA B 144 -10.53 -15.97 57.87
C ALA B 144 -11.18 -15.53 56.56
N THR B 145 -12.45 -15.76 56.45
CA THR B 145 -13.10 -15.57 55.17
C THR B 145 -14.24 -14.58 55.36
N PRO B 146 -14.84 -14.09 54.28
CA PRO B 146 -16.13 -13.40 54.39
C PRO B 146 -17.18 -14.29 55.03
N HIS B 147 -18.31 -13.68 55.41
CA HIS B 147 -19.30 -14.45 56.15
C HIS B 147 -19.97 -15.51 55.28
N ASP B 148 -20.08 -15.26 53.96
CA ASP B 148 -20.70 -16.23 53.06
C ASP B 148 -19.73 -17.30 52.57
N GLN B 149 -18.57 -17.44 53.20
CA GLN B 149 -17.59 -18.47 52.84
C GLN B 149 -17.17 -19.27 54.07
N LEU B 150 -16.92 -20.56 53.82
CA LEU B 150 -16.24 -21.46 54.75
C LEU B 150 -15.03 -21.99 54.01
N GLY B 151 -13.85 -21.76 54.57
CA GLY B 151 -12.61 -22.11 53.90
C GLY B 151 -11.79 -23.04 54.76
N LEU B 152 -11.81 -24.33 54.42
CA LEU B 152 -11.04 -25.34 55.11
C LEU B 152 -9.69 -25.55 54.45
N VAL B 153 -8.68 -25.77 55.27
CA VAL B 153 -7.34 -26.09 54.83
C VAL B 153 -6.97 -27.37 55.56
N THR B 154 -7.10 -28.50 54.88
CA THR B 154 -6.95 -29.81 55.48
C THR B 154 -5.78 -30.55 54.86
N ARG B 155 -5.40 -31.65 55.53
CA ARG B 155 -4.36 -32.57 55.10
C ARG B 155 -4.92 -33.97 54.85
N GLU B 156 -4.41 -34.62 53.82
CA GLU B 156 -4.83 -35.96 53.45
C GLU B 156 -3.59 -36.76 53.13
N PRO B 157 -3.67 -38.08 53.20
CA PRO B 157 -2.51 -38.89 52.84
C PRO B 157 -2.28 -38.87 51.32
N VAL B 158 -1.00 -38.94 50.93
CA VAL B 158 -0.68 -38.88 49.50
C VAL B 158 -1.10 -40.15 48.79
N GLY B 159 -0.98 -41.30 49.45
CA GLY B 159 -1.34 -42.56 48.84
C GLY B 159 -0.33 -43.66 49.11
N VAL B 160 0.48 -43.97 48.10
CA VAL B 160 1.52 -44.99 48.21
C VAL B 160 2.86 -44.31 48.42
N VAL B 161 3.54 -44.66 49.50
CA VAL B 161 4.82 -44.06 49.87
C VAL B 161 5.91 -45.12 49.77
N ALA B 162 6.93 -44.85 48.95
CA ALA B 162 8.11 -45.71 48.86
C ALA B 162 9.16 -45.20 49.83
N ALA B 163 9.59 -46.04 50.75
CA ALA B 163 10.57 -45.64 51.74
C ALA B 163 11.83 -46.50 51.62
N ILE B 164 12.90 -45.90 51.08
CA ILE B 164 14.18 -46.56 50.91
C ILE B 164 15.13 -46.06 52.00
N VAL B 165 15.67 -46.99 52.78
CA VAL B 165 16.32 -46.62 54.04
C VAL B 165 17.73 -47.22 54.06
N PRO B 166 18.62 -46.65 54.87
CA PRO B 166 20.02 -47.10 54.84
C PRO B 166 20.32 -48.24 55.80
N TRP B 167 21.61 -48.51 56.01
CA TRP B 167 22.02 -49.63 56.85
C TRP B 167 22.64 -49.20 58.16
N ASN B 168 22.89 -47.91 58.40
CA ASN B 168 23.59 -47.52 59.63
C ASN B 168 22.70 -47.67 60.86
N PHE B 169 21.40 -47.45 60.71
CA PHE B 169 20.44 -47.66 61.79
C PHE B 169 19.21 -48.33 61.18
N PRO B 170 19.30 -49.63 60.88
CA PRO B 170 18.26 -50.25 60.04
C PRO B 170 16.84 -50.12 60.60
N LEU B 171 16.61 -50.49 61.86
CA LEU B 171 15.26 -50.40 62.41
C LEU B 171 14.85 -48.96 62.65
N MET B 172 15.65 -48.23 63.42
CA MET B 172 15.23 -46.89 63.81
C MET B 172 15.03 -46.00 62.60
N MET B 173 15.96 -46.07 61.64
CA MET B 173 15.83 -45.26 60.44
C MET B 173 14.54 -45.56 59.70
N ALA B 174 14.15 -46.84 59.64
CA ALA B 174 12.88 -47.20 59.04
C ALA B 174 11.73 -46.64 59.85
N CYS B 175 11.75 -46.82 61.17
CA CYS B 175 10.69 -46.30 62.03
C CYS B 175 10.55 -44.78 61.94
N TRP B 176 11.65 -44.05 61.76
CA TRP B 176 11.49 -42.62 61.54
C TRP B 176 10.63 -42.35 60.33
N LYS B 177 10.66 -43.24 59.33
CA LYS B 177 9.78 -43.05 58.19
C LYS B 177 8.42 -43.67 58.43
N LEU B 178 8.38 -44.83 59.08
CA LEU B 178 7.12 -45.54 59.21
C LEU B 178 6.18 -44.80 60.15
N GLY B 179 6.70 -44.23 61.23
CA GLY B 179 5.91 -43.56 62.22
C GLY B 179 4.95 -42.57 61.59
N PRO B 180 5.48 -41.47 61.06
CA PRO B 180 4.60 -40.51 60.38
C PRO B 180 3.87 -41.08 59.18
N ALA B 181 4.54 -41.85 58.32
CA ALA B 181 3.90 -42.24 57.08
C ALA B 181 2.77 -43.21 57.32
N LEU B 182 2.92 -44.13 58.27
CA LEU B 182 1.82 -45.02 58.60
C LEU B 182 0.73 -44.27 59.34
N SER B 183 1.13 -43.34 60.24
CA SER B 183 0.16 -42.61 61.05
C SER B 183 -0.71 -41.69 60.19
N THR B 184 -0.13 -40.99 59.23
CA THR B 184 -1.00 -40.17 58.42
C THR B 184 -1.92 -40.99 57.53
N GLY B 185 -1.74 -42.31 57.46
CA GLY B 185 -2.69 -43.17 56.77
C GLY B 185 -2.30 -43.69 55.39
N ASN B 186 -1.10 -43.40 54.91
CA ASN B 186 -0.63 -43.94 53.65
C ASN B 186 -0.36 -45.44 53.74
N SER B 187 -0.13 -46.03 52.58
CA SER B 187 0.47 -47.35 52.46
C SER B 187 1.95 -47.18 52.13
N VAL B 188 2.80 -48.04 52.71
CA VAL B 188 4.24 -47.93 52.52
C VAL B 188 4.79 -49.24 51.95
N VAL B 189 5.66 -49.09 50.95
CA VAL B 189 6.54 -50.14 50.45
C VAL B 189 7.94 -49.77 50.92
N LEU B 190 8.48 -50.57 51.83
CA LEU B 190 9.73 -50.27 52.52
C LEU B 190 10.86 -51.10 51.94
N LYS B 191 11.86 -50.43 51.37
CA LYS B 191 13.00 -51.07 50.75
C LYS B 191 14.21 -50.98 51.67
N PRO B 192 14.51 -51.98 52.48
CA PRO B 192 15.68 -51.90 53.34
C PRO B 192 16.98 -52.01 52.56
N SER B 193 18.08 -51.86 53.28
CA SER B 193 19.40 -51.98 52.66
C SER B 193 19.69 -53.43 52.34
N GLU B 194 20.37 -53.65 51.21
CA GLU B 194 20.89 -54.98 50.95
C GLU B 194 21.90 -55.36 52.01
N LYS B 195 22.52 -54.38 52.64
CA LYS B 195 23.48 -54.65 53.70
C LYS B 195 22.80 -54.90 55.04
N SER B 196 21.50 -54.66 55.16
CA SER B 196 20.80 -54.88 56.42
C SER B 196 19.29 -55.06 56.24
N PRO B 197 18.80 -56.22 55.76
CA PRO B 197 17.36 -56.35 55.55
C PRO B 197 16.60 -56.93 56.74
N LEU B 198 17.30 -57.55 57.68
CA LEU B 198 16.63 -58.50 58.56
C LEU B 198 15.57 -57.86 59.43
N THR B 199 15.88 -56.69 60.00
CA THR B 199 14.91 -56.02 60.86
C THR B 199 13.69 -55.54 60.08
N ALA B 200 13.89 -54.96 58.90
CA ALA B 200 12.75 -54.58 58.07
C ALA B 200 11.86 -55.77 57.76
N ILE B 201 12.47 -56.92 57.46
CA ILE B 201 11.71 -58.11 57.12
C ILE B 201 10.90 -58.59 58.32
N ARG B 202 11.49 -58.49 59.51
CA ARG B 202 10.88 -59.09 60.67
C ARG B 202 9.64 -58.31 61.13
N ILE B 203 9.74 -57.00 61.23
CA ILE B 203 8.61 -56.22 61.74
C ILE B 203 7.42 -56.23 60.81
N ALA B 204 7.56 -56.76 59.59
CA ALA B 204 6.40 -56.87 58.69
C ALA B 204 5.35 -57.79 59.29
N GLN B 205 5.77 -58.95 59.79
CA GLN B 205 4.77 -59.77 60.47
C GLN B 205 4.30 -59.07 61.72
N LEU B 206 5.22 -58.41 62.43
CA LEU B 206 4.82 -57.71 63.64
C LEU B 206 3.80 -56.62 63.37
N ALA B 207 3.82 -56.03 62.17
CA ALA B 207 2.82 -55.01 61.86
C ALA B 207 1.45 -55.62 61.66
N ILE B 208 1.39 -56.81 61.05
CA ILE B 208 0.11 -57.49 60.91
C ILE B 208 -0.49 -57.78 62.27
N GLU B 209 0.35 -58.19 63.23
CA GLU B 209 -0.12 -58.52 64.58
C GLU B 209 -0.71 -57.30 65.28
N ALA B 210 -0.12 -56.13 65.05
CA ALA B 210 -0.60 -54.95 65.72
C ALA B 210 -1.92 -54.45 65.17
N GLY B 211 -2.44 -55.05 64.11
CA GLY B 211 -3.65 -54.59 63.50
C GLY B 211 -3.48 -53.73 62.27
N ILE B 212 -2.31 -53.74 61.65
CA ILE B 212 -2.12 -53.04 60.39
C ILE B 212 -2.68 -53.90 59.26
N PRO B 213 -3.62 -53.42 58.46
CA PRO B 213 -4.19 -54.24 57.40
C PRO B 213 -3.14 -54.72 56.41
N ALA B 214 -3.44 -55.85 55.78
CA ALA B 214 -2.59 -56.39 54.73
C ALA B 214 -2.51 -55.41 53.55
N GLY B 215 -1.31 -55.25 53.01
CA GLY B 215 -1.09 -54.32 51.94
C GLY B 215 -0.68 -52.93 52.38
N VAL B 216 -0.87 -52.60 53.67
CA VAL B 216 -0.57 -51.26 54.16
C VAL B 216 0.91 -51.08 54.45
N LEU B 217 1.60 -52.14 54.85
CA LEU B 217 3.04 -52.11 54.97
C LEU B 217 3.61 -53.34 54.27
N ASN B 218 4.22 -53.13 53.11
CA ASN B 218 4.89 -54.20 52.36
C ASN B 218 6.39 -53.92 52.35
N VAL B 219 7.19 -54.99 52.49
CA VAL B 219 8.65 -54.88 52.62
C VAL B 219 9.30 -55.66 51.49
N LEU B 220 10.20 -55.00 50.75
CA LEU B 220 10.88 -55.61 49.60
C LEU B 220 12.39 -55.61 49.81
N PRO B 221 13.00 -56.68 50.32
CA PRO B 221 14.46 -56.72 50.37
C PRO B 221 15.06 -56.81 48.97
N GLY B 222 16.29 -56.34 48.83
CA GLY B 222 16.95 -56.38 47.54
C GLY B 222 17.91 -55.23 47.36
N TYR B 223 18.40 -55.10 46.12
CA TYR B 223 19.46 -54.15 45.77
C TYR B 223 18.87 -52.82 45.37
N GLY B 224 19.60 -51.75 45.71
CA GLY B 224 19.20 -50.42 45.27
C GLY B 224 19.06 -50.31 43.76
N HIS B 225 20.01 -50.84 43.02
CA HIS B 225 19.95 -50.66 41.57
C HIS B 225 18.96 -51.60 40.90
N THR B 226 18.21 -52.41 41.65
CA THR B 226 17.11 -53.19 41.08
C THR B 226 15.75 -52.74 41.61
N VAL B 227 15.34 -53.23 42.78
CA VAL B 227 14.01 -52.93 43.32
C VAL B 227 13.94 -51.51 43.88
N GLY B 228 15.04 -50.96 44.39
CA GLY B 228 15.00 -49.59 44.86
C GLY B 228 14.83 -48.59 43.72
N LYS B 229 15.59 -48.80 42.64
CA LYS B 229 15.47 -47.93 41.48
C LYS B 229 14.11 -48.08 40.79
N ALA B 230 13.55 -49.29 40.79
CA ALA B 230 12.23 -49.51 40.23
C ALA B 230 11.17 -48.74 41.01
N LEU B 231 11.25 -48.80 42.34
CA LEU B 231 10.29 -48.09 43.19
C LEU B 231 10.30 -46.59 42.93
N ALA B 232 11.48 -45.98 42.90
CA ALA B 232 11.52 -44.55 42.59
C ALA B 232 11.22 -44.24 41.12
N LEU B 233 11.20 -45.25 40.24
CA LEU B 233 10.80 -45.04 38.86
C LEU B 233 9.34 -45.38 38.60
N HIS B 234 8.63 -45.91 39.61
CA HIS B 234 7.27 -46.39 39.42
C HIS B 234 6.31 -45.22 39.25
N MET B 235 5.28 -45.46 38.42
CA MET B 235 4.36 -44.39 38.09
C MET B 235 3.18 -44.28 39.04
N ASP B 236 3.00 -45.21 39.98
CA ASP B 236 1.89 -45.14 40.91
C ASP B 236 2.36 -44.93 42.34
N VAL B 237 3.64 -44.66 42.53
CA VAL B 237 4.14 -44.29 43.85
C VAL B 237 4.09 -42.77 43.92
N ASP B 238 3.39 -42.23 44.93
CA ASP B 238 3.13 -40.80 44.91
C ASP B 238 4.24 -40.02 45.59
N THR B 239 4.84 -40.58 46.63
CA THR B 239 5.94 -39.95 47.34
C THR B 239 7.01 -41.01 47.56
N VAL B 240 8.28 -40.59 47.45
CA VAL B 240 9.43 -41.40 47.84
C VAL B 240 10.19 -40.66 48.94
N VAL B 241 10.60 -41.40 49.97
CA VAL B 241 11.40 -40.84 51.04
C VAL B 241 12.65 -41.66 51.14
N PHE B 242 13.78 -40.98 51.27
CA PHE B 242 15.07 -41.62 51.13
C PHE B 242 15.99 -41.11 52.22
N THR B 243 16.68 -42.03 52.89
CA THR B 243 17.81 -41.70 53.75
C THR B 243 18.99 -42.48 53.24
N GLY B 244 20.08 -41.78 52.95
CA GLY B 244 21.29 -42.47 52.52
C GLY B 244 22.34 -41.58 51.91
N SER B 245 22.99 -42.05 50.85
CA SER B 245 24.10 -41.30 50.29
C SER B 245 23.58 -40.07 49.57
N THR B 246 24.46 -39.08 49.43
CA THR B 246 24.14 -37.93 48.62
C THR B 246 24.16 -38.28 47.14
N LYS B 247 25.00 -39.23 46.75
CA LYS B 247 25.08 -39.53 45.32
C LYS B 247 23.80 -40.19 44.83
N ILE B 248 23.16 -41.00 45.68
CA ILE B 248 21.94 -41.69 45.28
C ILE B 248 20.73 -40.78 45.45
N ALA B 249 20.72 -39.98 46.51
CA ALA B 249 19.66 -39.00 46.68
C ALA B 249 19.48 -38.16 45.42
N LYS B 250 20.58 -37.76 44.78
CA LYS B 250 20.49 -37.02 43.53
C LYS B 250 19.79 -37.84 42.44
N GLN B 251 19.99 -39.16 42.41
CA GLN B 251 19.34 -39.98 41.38
C GLN B 251 17.83 -39.96 41.55
N LEU B 252 17.35 -40.00 42.81
CA LEU B 252 15.92 -40.08 43.06
C LEU B 252 15.20 -38.86 42.50
N MET B 253 15.83 -37.69 42.55
CA MET B 253 15.20 -36.54 41.93
C MET B 253 15.12 -36.72 40.43
N ILE B 254 16.16 -37.34 39.85
CA ILE B 254 16.19 -37.56 38.41
C ILE B 254 15.12 -38.56 38.00
N TYR B 255 15.03 -39.68 38.73
CA TYR B 255 14.01 -40.70 38.46
C TYR B 255 12.62 -40.10 38.53
N ALA B 256 12.35 -39.32 39.57
CA ALA B 256 11.05 -38.72 39.76
C ALA B 256 10.68 -37.85 38.57
N GLY B 257 11.60 -36.95 38.18
CA GLY B 257 11.45 -36.22 36.93
C GLY B 257 11.27 -37.12 35.71
N GLU B 258 11.98 -38.25 35.67
CA GLU B 258 11.90 -39.14 34.51
C GLU B 258 10.58 -39.88 34.46
N SER B 259 9.86 -39.95 35.58
CA SER B 259 8.66 -40.78 35.68
C SER B 259 7.48 -39.89 35.88
N ASN B 260 6.98 -39.75 37.12
CA ASN B 260 5.63 -39.23 37.37
C ASN B 260 5.63 -37.96 38.22
N MET B 261 6.79 -37.33 38.39
CA MET B 261 6.86 -36.07 39.12
C MET B 261 6.49 -36.27 40.58
N LYS B 262 6.67 -37.49 41.08
CA LYS B 262 6.37 -37.77 42.48
C LYS B 262 7.17 -36.86 43.42
N ARG B 263 6.75 -36.86 44.69
CA ARG B 263 7.45 -36.08 45.70
C ARG B 263 8.69 -36.83 46.15
N VAL B 264 9.76 -36.07 46.42
CA VAL B 264 11.06 -36.65 46.78
C VAL B 264 11.61 -35.95 48.02
N TRP B 265 11.61 -36.68 49.14
CA TRP B 265 12.15 -36.20 50.41
C TRP B 265 13.46 -36.93 50.70
N LEU B 266 14.54 -36.17 50.82
CA LEU B 266 15.88 -36.71 50.90
C LEU B 266 16.47 -36.48 52.28
N GLU B 267 17.17 -37.48 52.77
CA GLU B 267 18.07 -37.38 53.91
C GLU B 267 19.40 -37.94 53.41
N ALA B 268 20.44 -37.09 53.35
CA ALA B 268 21.67 -37.51 52.68
C ALA B 268 22.87 -37.46 53.61
N GLY B 269 23.96 -36.85 53.13
CA GLY B 269 25.26 -36.99 53.76
C GLY B 269 25.53 -35.90 54.77
N GLY B 270 26.65 -36.03 55.47
CA GLY B 270 26.99 -35.08 56.52
C GLY B 270 28.47 -34.86 56.64
N LYS B 271 28.85 -33.64 57.01
CA LYS B 271 30.21 -33.33 57.43
C LYS B 271 30.14 -32.34 58.58
N SER B 272 29.55 -32.78 59.69
CA SER B 272 29.05 -31.86 60.70
C SER B 272 30.20 -31.28 61.53
N PRO B 273 30.26 -29.96 61.71
CA PRO B 273 31.34 -29.35 62.49
C PRO B 273 31.05 -29.30 63.98
N ASN B 274 32.08 -29.55 64.76
CA ASN B 274 31.99 -29.55 66.21
C ASN B 274 32.87 -28.41 66.71
N ILE B 275 32.25 -27.28 67.04
CA ILE B 275 32.97 -26.04 67.34
C ILE B 275 33.13 -25.91 68.86
N VAL B 276 34.38 -25.90 69.33
CA VAL B 276 34.70 -25.81 70.77
C VAL B 276 35.47 -24.52 71.03
N PHE B 277 34.80 -23.51 71.56
CA PHE B 277 35.46 -22.29 71.99
C PHE B 277 36.18 -22.48 73.33
N ALA B 278 37.13 -21.59 73.60
CA ALA B 278 37.92 -21.70 74.81
C ALA B 278 37.06 -21.54 76.05
N ASP B 279 36.00 -20.71 75.97
CA ASP B 279 35.16 -20.41 77.11
C ASP B 279 34.04 -21.43 77.31
N ALA B 280 34.15 -22.59 76.68
CA ALA B 280 33.18 -23.66 76.87
C ALA B 280 33.08 -24.06 78.34
N PRO B 281 31.88 -24.36 78.86
CA PRO B 281 31.71 -24.52 80.31
C PRO B 281 32.47 -25.70 80.91
N ASP B 282 32.46 -26.86 80.27
CA ASP B 282 33.16 -28.04 80.76
C ASP B 282 34.02 -28.59 79.62
N LEU B 283 35.34 -28.45 79.72
CA LEU B 283 36.18 -29.00 78.68
C LEU B 283 36.08 -30.52 78.65
N GLN B 284 36.18 -31.15 79.82
CA GLN B 284 35.99 -32.59 79.91
C GLN B 284 34.74 -33.03 79.19
N ALA B 285 33.61 -32.39 79.52
CA ALA B 285 32.34 -32.74 78.87
C ALA B 285 32.44 -32.62 77.36
N ALA B 286 33.10 -31.57 76.86
CA ALA B 286 33.19 -31.42 75.42
C ALA B 286 34.16 -32.42 74.81
N ALA B 287 35.17 -32.83 75.58
CA ALA B 287 36.14 -33.79 75.04
C ALA B 287 35.53 -35.17 74.94
N ASP B 288 34.89 -35.65 76.03
CA ASP B 288 34.16 -36.92 75.99
C ASP B 288 33.16 -36.95 74.84
N SER B 289 32.39 -35.87 74.67
CA SER B 289 31.36 -35.87 73.65
C SER B 289 31.93 -35.73 72.26
N ALA B 290 33.15 -35.17 72.13
CA ALA B 290 33.79 -35.10 70.83
C ALA B 290 34.33 -36.46 70.42
N ALA B 291 34.87 -37.21 71.37
CA ALA B 291 35.19 -38.61 71.10
C ALA B 291 33.93 -39.39 70.76
N SER B 292 32.90 -39.30 71.61
CA SER B 292 31.65 -39.98 71.37
C SER B 292 31.06 -39.60 70.01
N ALA B 293 31.30 -38.37 69.53
CA ALA B 293 30.67 -37.92 68.29
C ALA B 293 31.29 -38.53 67.04
N ILE B 294 32.43 -39.19 67.14
CA ILE B 294 33.08 -39.77 65.98
C ILE B 294 33.27 -41.28 66.10
N ALA B 295 33.28 -41.83 67.32
CA ALA B 295 33.47 -43.26 67.52
C ALA B 295 32.18 -44.03 67.70
N PHE B 296 31.13 -43.40 68.23
CA PHE B 296 29.88 -44.11 68.44
C PHE B 296 29.35 -44.65 67.12
N ASN B 297 28.85 -45.88 67.15
CA ASN B 297 28.34 -46.57 65.97
C ASN B 297 29.36 -46.58 64.84
N GLN B 298 30.64 -46.74 65.22
CA GLN B 298 31.75 -46.94 64.29
C GLN B 298 32.01 -45.73 63.40
N GLY B 299 31.54 -44.54 63.81
CA GLY B 299 31.56 -43.37 62.95
C GLY B 299 30.60 -43.42 61.78
N GLU B 300 29.82 -44.49 61.66
CA GLU B 300 28.83 -44.67 60.60
C GLU B 300 27.52 -43.96 60.96
N VAL B 301 27.62 -42.64 61.12
CA VAL B 301 26.51 -41.78 61.50
C VAL B 301 26.54 -40.59 60.54
N ALA B 302 25.38 -40.15 60.07
CA ALA B 302 25.37 -38.99 59.19
C ALA B 302 25.63 -37.70 59.99
N THR B 303 25.19 -37.66 61.25
CA THR B 303 25.46 -36.52 62.11
C THR B 303 26.72 -36.70 62.94
N ALA B 304 27.69 -37.48 62.45
CA ALA B 304 28.95 -37.62 63.16
C ALA B 304 29.69 -36.30 63.15
N GLY B 305 30.34 -36.00 64.28
CA GLY B 305 31.16 -34.81 64.43
C GLY B 305 32.57 -35.05 63.91
N SER B 306 32.70 -35.15 62.59
CA SER B 306 33.93 -35.58 61.95
C SER B 306 34.91 -34.44 61.73
N ARG B 307 34.45 -33.19 61.83
CA ARG B 307 35.28 -31.99 61.80
C ARG B 307 35.20 -31.31 63.16
N LEU B 308 36.27 -31.43 63.94
CA LEU B 308 36.37 -30.86 65.29
C LEU B 308 37.11 -29.53 65.19
N LEU B 309 36.36 -28.43 65.20
CA LEU B 309 36.93 -27.09 65.14
C LEU B 309 37.22 -26.57 66.55
N VAL B 310 38.49 -26.29 66.84
CA VAL B 310 38.93 -25.92 68.20
C VAL B 310 39.56 -24.53 68.18
N GLU B 311 39.27 -23.73 69.22
CA GLU B 311 39.97 -22.46 69.39
C GLU B 311 41.40 -22.77 69.84
N ARG B 312 42.39 -22.22 69.12
CA ARG B 312 43.79 -22.53 69.41
C ARG B 312 44.15 -22.23 70.85
N SER B 313 43.54 -21.19 71.43
CA SER B 313 43.81 -20.85 72.83
C SER B 313 43.73 -22.06 73.77
N ILE B 314 42.92 -23.07 73.44
CA ILE B 314 42.79 -24.27 74.27
C ILE B 314 43.30 -25.52 73.58
N LYS B 315 43.78 -25.44 72.34
CA LYS B 315 43.99 -26.65 71.56
C LYS B 315 45.08 -27.54 72.15
N ASP B 316 46.25 -26.97 72.51
CA ASP B 316 47.29 -27.79 73.13
C ASP B 316 46.77 -28.51 74.38
N ARG B 317 45.79 -27.92 75.09
CA ARG B 317 45.28 -28.55 76.30
C ARG B 317 44.18 -29.55 75.97
N PHE B 318 43.35 -29.22 74.97
CA PHE B 318 42.12 -29.95 74.71
C PHE B 318 42.38 -31.26 73.99
N LEU B 319 43.25 -31.21 72.97
CA LEU B 319 43.49 -32.38 72.12
C LEU B 319 43.85 -33.63 72.91
N PRO B 320 44.76 -33.58 73.90
CA PRO B 320 45.01 -34.80 74.70
C PRO B 320 43.78 -35.30 75.43
N MET B 321 42.87 -34.41 75.81
CA MET B 321 41.65 -34.85 76.46
C MET B 321 40.74 -35.60 75.49
N VAL B 322 40.68 -35.12 74.24
CA VAL B 322 39.96 -35.84 73.20
C VAL B 322 40.65 -37.16 72.89
N ILE B 323 41.96 -37.13 72.61
CA ILE B 323 42.70 -38.36 72.34
C ILE B 323 42.49 -39.38 73.44
N GLU B 324 42.56 -38.94 74.70
CA GLU B 324 42.48 -39.90 75.79
C GLU B 324 41.07 -40.44 75.99
N ALA B 325 40.05 -39.59 75.78
CA ALA B 325 38.68 -40.09 75.80
C ALA B 325 38.45 -41.13 74.71
N LEU B 326 38.92 -40.86 73.50
CA LEU B 326 38.75 -41.81 72.41
C LEU B 326 39.41 -43.17 72.67
N GLY B 327 40.35 -43.25 73.62
CA GLY B 327 40.92 -44.54 73.93
C GLY B 327 40.00 -45.45 74.72
N THR B 328 38.92 -44.90 75.30
CA THR B 328 37.93 -45.72 75.96
C THR B 328 36.97 -46.38 74.98
N TRP B 329 37.01 -45.96 73.72
CA TRP B 329 36.20 -46.53 72.64
C TRP B 329 37.04 -47.55 71.86
N LYS B 330 36.95 -48.83 72.23
CA LYS B 330 37.78 -49.91 71.67
C LYS B 330 36.95 -50.97 70.96
N PRO B 331 37.23 -51.28 69.68
CA PRO B 331 36.45 -52.30 68.99
C PRO B 331 36.64 -53.67 69.64
N GLY B 332 35.59 -54.45 69.61
CA GLY B 332 35.60 -55.79 70.17
C GLY B 332 34.50 -56.62 69.56
N ASN B 333 34.19 -57.72 70.21
CA ASN B 333 33.11 -58.58 69.76
C ASN B 333 31.78 -57.86 69.90
N PRO B 334 31.03 -57.63 68.81
CA PRO B 334 29.75 -56.92 68.94
C PRO B 334 28.72 -57.71 69.72
N LEU B 335 28.94 -58.99 69.98
CA LEU B 335 28.03 -59.78 70.78
C LEU B 335 28.39 -59.78 72.27
N ASP B 336 29.39 -59.01 72.65
CA ASP B 336 29.76 -58.75 74.04
C ASP B 336 29.00 -57.51 74.54
N PRO B 337 28.31 -57.60 75.67
CA PRO B 337 27.64 -56.39 76.19
C PRO B 337 28.62 -55.28 76.53
N ALA B 338 29.88 -55.63 76.82
CA ALA B 338 30.92 -54.65 77.12
C ALA B 338 31.34 -53.84 75.90
N THR B 339 31.11 -54.35 74.70
CA THR B 339 31.61 -53.68 73.50
C THR B 339 30.88 -52.38 73.24
N ASN B 340 31.65 -51.31 73.03
CA ASN B 340 31.09 -50.02 72.67
C ASN B 340 31.39 -49.59 71.24
N VAL B 341 32.34 -50.23 70.58
CA VAL B 341 32.62 -50.02 69.16
C VAL B 341 32.56 -51.37 68.47
N GLY B 342 31.82 -51.45 67.36
CA GLY B 342 31.54 -52.70 66.71
C GLY B 342 32.32 -52.90 65.42
N ALA B 343 31.83 -53.83 64.61
CA ALA B 343 32.42 -54.08 63.31
C ALA B 343 31.94 -53.06 62.30
N LEU B 344 32.74 -52.84 61.27
CA LEU B 344 32.23 -52.11 60.13
C LEU B 344 31.33 -53.03 59.30
N VAL B 345 30.50 -52.41 58.43
CA VAL B 345 29.36 -53.14 57.89
C VAL B 345 29.77 -54.23 56.89
N ASP B 346 30.84 -54.03 56.14
CA ASP B 346 31.31 -55.09 55.26
C ASP B 346 32.76 -54.80 54.87
N THR B 347 33.33 -55.70 54.06
CA THR B 347 34.66 -55.42 53.51
C THR B 347 34.65 -54.15 52.65
N GLN B 348 33.60 -53.97 51.84
CA GLN B 348 33.50 -52.75 51.02
C GLN B 348 33.62 -51.49 51.87
N GLN B 349 32.91 -51.45 53.00
CA GLN B 349 32.94 -50.26 53.84
C GLN B 349 34.30 -50.07 54.49
N MET B 350 34.91 -51.14 54.98
CA MET B 350 36.22 -51.08 55.63
C MET B 350 37.28 -50.46 54.73
N ASN B 351 37.21 -50.75 53.43
CA ASN B 351 38.28 -50.31 52.55
C ASN B 351 38.09 -48.87 52.10
N THR B 352 36.86 -48.34 52.10
CA THR B 352 36.67 -46.89 51.98
C THR B 352 37.29 -46.17 53.17
N VAL B 353 37.01 -46.64 54.39
CA VAL B 353 37.58 -46.04 55.60
C VAL B 353 39.10 -46.09 55.57
N LEU B 354 39.66 -47.27 55.25
CA LEU B 354 41.12 -47.41 55.20
C LEU B 354 41.72 -46.57 54.08
N SER B 355 41.03 -46.45 52.93
CA SER B 355 41.52 -45.63 51.82
C SER B 355 41.57 -44.14 52.17
N TYR B 356 40.64 -43.67 53.01
CA TYR B 356 40.62 -42.27 53.46
C TYR B 356 41.66 -41.99 54.54
N ILE B 357 41.97 -42.95 55.41
CA ILE B 357 43.12 -42.79 56.30
C ILE B 357 44.40 -42.64 55.49
N ALA B 358 44.51 -43.40 54.38
CA ALA B 358 45.65 -43.26 53.50
C ALA B 358 45.68 -41.87 52.88
N ALA B 359 44.50 -41.34 52.50
CA ALA B 359 44.39 -39.98 51.97
C ALA B 359 44.74 -38.93 53.02
N GLY B 360 44.54 -39.25 54.30
CA GLY B 360 44.91 -38.31 55.35
C GLY B 360 46.40 -38.07 55.37
N HIS B 361 47.18 -39.15 55.37
CA HIS B 361 48.63 -39.02 55.29
C HIS B 361 49.05 -38.31 54.01
N THR B 362 48.43 -38.68 52.89
CA THR B 362 48.72 -38.06 51.61
C THR B 362 48.44 -36.56 51.65
N ASP B 363 47.27 -36.17 52.12
CA ASP B 363 46.91 -34.77 52.06
C ASP B 363 47.62 -33.90 53.12
N GLY B 364 48.49 -34.48 53.95
CA GLY B 364 49.37 -33.71 54.81
C GLY B 364 49.03 -33.65 56.30
N ALA B 365 48.04 -34.41 56.76
CA ALA B 365 47.62 -34.34 58.16
C ALA B 365 48.51 -35.24 59.03
N ARG B 366 48.64 -34.86 60.31
CA ARG B 366 49.40 -35.65 61.27
C ARG B 366 48.46 -36.63 61.99
N LEU B 367 48.73 -37.92 61.85
CA LEU B 367 47.94 -38.93 62.55
C LEU B 367 48.39 -39.00 64.01
N VAL B 368 47.50 -38.64 64.93
CA VAL B 368 47.84 -38.62 66.36
C VAL B 368 47.21 -39.75 67.14
N ALA B 369 46.31 -40.52 66.56
CA ALA B 369 45.65 -41.60 67.28
C ALA B 369 45.07 -42.61 66.29
N GLY B 370 45.32 -43.90 66.56
CA GLY B 370 44.66 -44.96 65.82
C GLY B 370 45.30 -45.21 64.48
N GLY B 371 44.48 -45.24 63.43
CA GLY B 371 44.96 -45.25 62.07
C GLY B 371 45.12 -46.61 61.43
N LYS B 372 44.78 -47.69 62.13
CA LYS B 372 45.02 -49.03 61.62
C LYS B 372 43.72 -49.82 61.56
N GLN B 373 43.77 -50.90 60.77
CA GLN B 373 42.79 -51.97 60.82
C GLN B 373 43.12 -52.90 61.98
N ILE B 374 42.08 -53.41 62.63
CA ILE B 374 42.28 -54.17 63.87
C ILE B 374 41.49 -55.47 63.80
N LEU B 375 41.86 -56.38 64.73
CA LEU B 375 41.15 -57.64 64.98
C LEU B 375 40.99 -58.47 63.70
N GLN B 376 42.04 -58.52 62.88
CA GLN B 376 41.93 -59.27 61.63
C GLN B 376 41.65 -60.74 61.89
N GLU B 377 42.09 -61.26 63.04
CA GLU B 377 41.91 -62.67 63.38
C GLU B 377 40.43 -63.05 63.43
N THR B 378 39.56 -62.12 63.83
CA THR B 378 38.13 -62.39 63.99
C THR B 378 37.49 -63.06 62.80
N GLY B 379 37.95 -62.73 61.58
CA GLY B 379 37.15 -62.92 60.40
C GLY B 379 36.27 -61.73 60.06
N GLY B 380 36.17 -60.76 60.96
CA GLY B 380 35.36 -59.58 60.76
C GLY B 380 36.16 -58.34 60.41
N THR B 381 35.46 -57.22 60.33
CA THR B 381 36.01 -55.98 59.76
C THR B 381 36.00 -54.87 60.82
N TYR B 382 37.19 -54.46 61.30
CA TYR B 382 37.30 -53.48 62.38
C TYR B 382 38.41 -52.45 62.15
N VAL B 383 38.10 -51.19 62.43
CA VAL B 383 39.07 -50.09 62.38
C VAL B 383 39.12 -49.43 63.74
N GLU B 384 40.33 -49.13 64.22
CA GLU B 384 40.48 -48.35 65.44
C GLU B 384 39.97 -46.94 65.21
N PRO B 385 39.33 -46.32 66.21
CA PRO B 385 39.01 -44.90 66.10
C PRO B 385 40.28 -44.09 65.90
N THR B 386 40.25 -43.18 64.94
CA THR B 386 41.42 -42.55 64.33
C THR B 386 41.30 -41.03 64.30
N ILE B 387 42.36 -40.33 64.74
CA ILE B 387 42.38 -38.87 64.75
C ILE B 387 43.48 -38.35 63.83
N PHE B 388 43.14 -37.30 63.07
CA PHE B 388 44.08 -36.55 62.24
C PHE B 388 44.16 -35.11 62.73
N ASP B 389 45.33 -34.73 63.24
CA ASP B 389 45.60 -33.38 63.68
C ASP B 389 46.13 -32.52 62.54
N GLY B 390 45.89 -31.21 62.64
CA GLY B 390 46.42 -30.29 61.67
C GLY B 390 45.72 -30.34 60.34
N VAL B 391 44.47 -30.74 60.34
CA VAL B 391 43.69 -30.81 59.11
C VAL B 391 43.36 -29.40 58.64
N ASN B 392 43.45 -29.19 57.34
CA ASN B 392 43.08 -27.96 56.68
C ASN B 392 41.74 -28.17 55.97
N ASN B 393 40.84 -27.20 56.07
CA ASN B 393 39.46 -27.46 55.63
C ASN B 393 39.38 -27.84 54.15
N ALA B 394 40.36 -27.44 53.34
CA ALA B 394 40.34 -27.82 51.94
C ALA B 394 40.77 -29.26 51.70
N MET B 395 41.36 -29.93 52.70
CA MET B 395 41.83 -31.30 52.53
C MET B 395 40.69 -32.24 52.17
N ARG B 396 41.05 -33.38 51.56
CA ARG B 396 40.05 -34.37 51.19
C ARG B 396 39.35 -34.96 52.42
N ILE B 397 40.12 -35.35 53.45
CA ILE B 397 39.52 -35.94 54.63
C ILE B 397 38.74 -34.92 55.45
N ALA B 398 38.70 -33.67 54.97
CA ALA B 398 37.87 -32.65 55.58
C ALA B 398 36.61 -32.34 54.79
N GLN B 399 36.68 -32.45 53.46
CA GLN B 399 35.55 -32.04 52.65
C GLN B 399 34.59 -33.20 52.39
N GLU B 400 35.14 -34.40 52.26
CA GLU B 400 34.41 -35.61 51.91
C GLU B 400 34.04 -36.41 53.16
N GLU B 401 32.83 -36.95 53.18
CA GLU B 401 32.36 -37.78 54.28
C GLU B 401 33.08 -39.12 54.26
N ILE B 402 33.65 -39.52 55.39
CA ILE B 402 34.34 -40.81 55.44
C ILE B 402 33.44 -41.95 55.92
N PHE B 403 32.48 -41.66 56.80
CA PHE B 403 31.59 -42.69 57.36
C PHE B 403 32.37 -43.81 58.04
N GLY B 404 33.33 -43.42 58.87
CA GLY B 404 33.99 -44.33 59.79
C GLY B 404 34.54 -43.54 60.96
N PRO B 405 35.21 -44.20 61.88
CA PRO B 405 35.70 -43.44 63.05
C PRO B 405 36.95 -42.63 62.71
N VAL B 406 36.79 -41.57 61.94
CA VAL B 406 37.92 -40.76 61.51
C VAL B 406 37.62 -39.30 61.81
N LEU B 407 38.38 -38.73 62.74
CA LEU B 407 38.23 -37.36 63.20
C LEU B 407 39.21 -36.42 62.48
N SER B 408 38.74 -35.28 62.01
CA SER B 408 39.63 -34.23 61.49
C SER B 408 39.59 -33.03 62.44
N VAL B 409 40.78 -32.60 62.89
CA VAL B 409 40.91 -31.56 63.92
C VAL B 409 41.47 -30.29 63.28
N LEU B 410 40.63 -29.27 63.16
CA LEU B 410 40.95 -27.94 62.64
C LEU B 410 41.04 -26.93 63.79
N THR B 411 41.62 -25.75 63.52
CA THR B 411 41.73 -24.67 64.51
C THR B 411 41.33 -23.32 63.93
N PHE B 412 40.81 -22.45 64.82
CA PHE B 412 40.34 -21.13 64.44
C PHE B 412 40.79 -20.11 65.49
N ASP B 413 40.85 -18.84 65.06
CA ASP B 413 41.27 -17.69 65.85
C ASP B 413 40.09 -16.81 66.28
N THR B 414 39.12 -16.61 65.40
CA THR B 414 37.95 -15.79 65.60
C THR B 414 36.72 -16.67 65.76
N ALA B 415 35.67 -16.14 66.34
CA ALA B 415 34.40 -16.84 66.19
C ALA B 415 33.90 -16.75 64.76
N GLU B 416 34.34 -15.74 64.02
CA GLU B 416 33.88 -15.62 62.64
C GLU B 416 34.59 -16.63 61.75
N GLU B 417 35.85 -16.96 62.04
CA GLU B 417 36.52 -18.00 61.27
C GLU B 417 35.86 -19.36 61.51
N ALA B 418 35.53 -19.65 62.77
CA ALA B 418 34.83 -20.88 63.13
C ALA B 418 33.57 -21.07 62.30
N ILE B 419 32.85 -19.98 62.05
CA ILE B 419 31.62 -20.07 61.27
C ILE B 419 31.93 -20.28 59.80
N GLN B 420 32.83 -19.47 59.24
CA GLN B 420 33.15 -19.61 57.84
C GLN B 420 33.61 -21.05 57.55
N ILE B 421 34.49 -21.59 58.40
CA ILE B 421 34.96 -22.97 58.22
C ILE B 421 33.81 -23.96 58.38
N ALA B 422 32.95 -23.74 59.37
CA ALA B 422 31.83 -24.66 59.60
C ALA B 422 30.89 -24.71 58.40
N ASN B 423 30.64 -23.56 57.77
CA ASN B 423 29.72 -23.53 56.63
C ASN B 423 30.43 -23.81 55.30
N ASP B 424 31.73 -24.06 55.31
CA ASP B 424 32.49 -24.30 54.09
C ASP B 424 32.43 -25.80 53.76
N THR B 425 31.27 -26.19 53.23
CA THR B 425 30.95 -27.57 52.87
C THR B 425 29.64 -27.62 52.09
N PRO B 426 29.46 -28.58 51.18
CA PRO B 426 28.14 -28.73 50.53
C PRO B 426 27.05 -29.23 51.47
N TYR B 427 27.43 -29.62 52.70
CA TYR B 427 26.51 -30.24 53.63
C TYR B 427 25.94 -29.24 54.63
N GLY B 428 24.96 -29.72 55.39
CA GLY B 428 24.28 -28.90 56.38
C GLY B 428 23.35 -29.73 57.23
N LEU B 429 23.84 -30.86 57.72
CA LEU B 429 22.97 -31.75 58.50
C LEU B 429 22.98 -31.39 59.98
N ALA B 430 24.17 -31.31 60.58
CA ALA B 430 24.32 -30.94 61.98
C ALA B 430 25.53 -30.03 62.16
N ALA B 431 25.71 -29.60 63.41
CA ALA B 431 26.83 -28.82 63.94
C ALA B 431 26.57 -28.66 65.43
N ALA B 432 27.65 -28.35 66.16
CA ALA B 432 27.57 -28.11 67.60
C ALA B 432 28.43 -26.92 68.00
N VAL B 433 28.12 -26.37 69.16
CA VAL B 433 28.79 -25.17 69.64
C VAL B 433 28.91 -25.27 71.15
N TRP B 434 30.14 -25.21 71.63
CA TRP B 434 30.48 -25.27 73.05
C TRP B 434 30.97 -23.88 73.46
N THR B 435 30.23 -23.21 74.34
CA THR B 435 30.59 -21.90 74.88
C THR B 435 29.62 -21.52 76.00
N ALA B 436 30.15 -20.93 77.06
CA ALA B 436 29.29 -20.49 78.16
C ALA B 436 28.69 -19.11 77.94
N ASN B 437 29.09 -18.42 76.87
CA ASN B 437 28.63 -17.07 76.62
C ASN B 437 27.23 -17.10 76.01
N LEU B 438 26.29 -16.37 76.63
CA LEU B 438 24.93 -16.34 76.11
C LEU B 438 24.89 -15.82 74.68
N SER B 439 25.67 -14.77 74.40
CA SER B 439 25.54 -14.10 73.10
C SER B 439 26.21 -14.92 72.00
N LYS B 440 27.43 -15.41 72.28
CA LYS B 440 28.13 -16.20 71.29
C LYS B 440 27.34 -17.46 70.94
N ALA B 441 26.81 -18.13 71.95
CA ALA B 441 25.98 -19.32 71.76
C ALA B 441 24.89 -19.10 70.72
N HIS B 442 23.94 -18.21 71.04
CA HIS B 442 22.78 -18.01 70.16
C HIS B 442 23.18 -17.40 68.82
N LEU B 443 24.17 -16.50 68.81
CA LEU B 443 24.48 -15.83 67.55
C LEU B 443 25.22 -16.80 66.63
N THR B 444 26.14 -17.58 67.19
CA THR B 444 26.81 -18.60 66.41
C THR B 444 25.82 -19.63 65.88
N ALA B 445 24.95 -20.14 66.76
CA ALA B 445 23.95 -21.11 66.33
C ALA B 445 23.17 -20.60 65.13
N ARG B 446 22.85 -19.30 65.11
CA ARG B 446 22.08 -18.73 64.01
C ARG B 446 22.81 -18.79 62.69
N ALA B 447 24.11 -18.45 62.69
CA ALA B 447 24.89 -18.41 61.46
C ALA B 447 25.27 -19.78 60.93
N LEU B 448 25.08 -20.85 61.70
CA LEU B 448 25.39 -22.20 61.23
C LEU B 448 24.28 -22.70 60.31
N ARG B 449 24.60 -22.92 59.04
CA ARG B 449 23.63 -23.48 58.10
C ARG B 449 23.61 -24.99 58.22
N ALA B 450 23.07 -25.44 59.38
CA ALA B 450 22.83 -26.85 59.63
C ALA B 450 21.38 -27.03 60.09
N GLY B 451 20.83 -28.23 59.88
CA GLY B 451 19.48 -28.48 60.34
C GLY B 451 19.39 -28.71 61.83
N SER B 452 20.46 -29.21 62.44
CA SER B 452 20.48 -29.41 63.89
C SER B 452 21.73 -28.73 64.45
N VAL B 453 21.53 -27.80 65.39
CA VAL B 453 22.63 -27.17 66.11
C VAL B 453 22.53 -27.57 67.56
N TRP B 454 23.55 -28.25 68.07
CA TRP B 454 23.56 -28.68 69.47
C TRP B 454 24.51 -27.75 70.21
N VAL B 455 24.08 -27.27 71.38
CA VAL B 455 24.83 -26.28 72.15
C VAL B 455 25.16 -26.92 73.48
N ASN B 456 26.45 -27.03 73.77
CA ASN B 456 26.96 -27.56 75.03
C ASN B 456 26.56 -29.02 75.24
N GLN B 457 26.51 -29.77 74.14
CA GLN B 457 26.13 -31.17 74.09
C GLN B 457 26.34 -31.62 72.66
N TYR B 458 26.46 -32.94 72.47
CA TYR B 458 26.38 -33.51 71.14
C TYR B 458 25.26 -34.53 71.04
N ASP B 459 24.80 -34.76 69.80
CA ASP B 459 23.74 -35.72 69.49
C ASP B 459 22.44 -35.37 70.24
N GLY B 460 22.10 -34.08 70.26
CA GLY B 460 20.95 -33.63 71.01
C GLY B 460 19.64 -33.89 70.29
N GLY B 461 18.56 -33.76 71.05
CA GLY B 461 17.20 -33.86 70.54
C GLY B 461 16.50 -35.14 71.00
N ASP B 462 15.18 -35.14 70.88
CA ASP B 462 14.37 -36.33 71.09
C ASP B 462 13.37 -36.37 69.94
N MET B 463 12.27 -37.08 70.12
CA MET B 463 11.31 -37.19 69.03
C MET B 463 10.64 -35.88 68.71
N THR B 464 10.74 -34.86 69.59
CA THR B 464 10.12 -33.56 69.37
C THR B 464 10.96 -32.64 68.50
N ALA B 465 12.21 -33.01 68.20
CA ALA B 465 13.09 -32.14 67.42
C ALA B 465 13.16 -32.59 65.95
N PRO B 466 12.83 -31.73 64.97
CA PRO B 466 13.03 -32.11 63.56
C PRO B 466 14.49 -32.39 63.24
N PHE B 467 14.70 -33.19 62.20
CA PHE B 467 16.03 -33.69 61.88
C PHE B 467 16.13 -33.75 60.37
N GLY B 468 17.18 -33.14 59.82
CA GLY B 468 17.26 -32.95 58.39
C GLY B 468 18.36 -31.99 58.06
N GLY B 469 18.60 -31.83 56.76
CA GLY B 469 19.77 -31.13 56.27
C GLY B 469 19.43 -29.84 55.55
N PHE B 470 20.38 -28.91 55.57
CA PHE B 470 20.43 -27.79 54.63
C PHE B 470 21.18 -28.28 53.39
N LYS B 471 21.01 -27.55 52.29
CA LYS B 471 21.87 -27.71 51.09
C LYS B 471 21.80 -29.17 50.66
N GLN B 472 22.94 -29.84 50.40
CA GLN B 472 22.94 -31.17 49.83
C GLN B 472 22.89 -32.27 50.86
N SER B 473 22.47 -31.98 52.09
CA SER B 473 22.23 -33.04 53.06
C SER B 473 20.77 -33.51 53.09
N GLY B 474 19.88 -32.87 52.34
CA GLY B 474 18.52 -33.33 52.18
C GLY B 474 17.49 -32.23 52.19
N ASN B 475 16.22 -32.57 51.96
CA ASN B 475 15.09 -31.68 52.19
C ASN B 475 14.07 -32.39 53.06
N GLY B 476 13.30 -31.62 53.80
CA GLY B 476 12.35 -32.20 54.75
C GLY B 476 13.02 -32.66 56.04
N ARG B 477 12.18 -32.89 57.03
CA ARG B 477 12.66 -33.24 58.36
C ARG B 477 11.97 -34.51 58.82
N ASP B 478 12.73 -35.33 59.54
CA ASP B 478 12.24 -36.51 60.21
C ASP B 478 12.13 -36.20 61.71
N LYS B 479 11.31 -36.99 62.42
CA LYS B 479 10.90 -36.73 63.79
C LYS B 479 9.97 -35.52 63.87
N SER B 480 9.47 -35.20 65.06
CA SER B 480 8.59 -34.06 65.34
C SER B 480 7.25 -34.10 64.59
N LEU B 481 6.47 -33.02 64.68
CA LEU B 481 5.25 -32.97 63.89
C LEU B 481 5.51 -32.59 62.44
N HIS B 482 6.70 -32.11 62.13
CA HIS B 482 6.95 -31.66 60.78
C HIS B 482 7.14 -32.83 59.83
N ALA B 483 7.68 -33.95 60.34
CA ALA B 483 7.82 -35.16 59.53
C ALA B 483 6.54 -35.48 58.80
N PHE B 484 5.39 -35.27 59.47
CA PHE B 484 4.10 -35.59 58.88
C PHE B 484 3.83 -34.84 57.58
N ASP B 485 4.46 -33.69 57.36
CA ASP B 485 4.15 -32.94 56.13
C ASP B 485 4.64 -33.68 54.90
N LYS B 486 5.71 -34.47 55.02
CA LYS B 486 6.16 -35.24 53.87
C LYS B 486 5.20 -36.34 53.46
N TYR B 487 4.17 -36.65 54.25
CA TYR B 487 3.28 -37.74 53.88
C TYR B 487 1.84 -37.28 53.67
N THR B 488 1.60 -35.97 53.66
CA THR B 488 0.26 -35.44 53.47
C THR B 488 0.22 -34.45 52.31
N GLU B 489 -1.00 -34.08 51.98
CA GLU B 489 -1.27 -33.16 50.90
C GLU B 489 -2.31 -32.15 51.37
N LEU B 490 -2.02 -30.86 51.17
CA LEU B 490 -2.95 -29.81 51.54
C LEU B 490 -4.07 -29.65 50.50
N LYS B 491 -5.28 -29.48 50.99
CA LYS B 491 -6.44 -29.15 50.17
C LYS B 491 -7.16 -27.96 50.77
N SER B 492 -7.50 -27.00 49.91
CA SER B 492 -8.33 -25.86 50.29
C SER B 492 -9.74 -26.15 49.80
N THR B 493 -10.67 -26.41 50.73
CA THR B 493 -12.07 -26.54 50.37
C THR B 493 -12.77 -25.21 50.70
N TRP B 494 -13.04 -24.40 49.68
CA TRP B 494 -13.74 -23.14 49.86
C TRP B 494 -15.21 -23.32 49.54
N ILE B 495 -16.07 -23.21 50.56
CA ILE B 495 -17.50 -23.47 50.41
C ILE B 495 -18.26 -22.15 50.41
N LYS B 496 -18.97 -21.87 49.32
CA LYS B 496 -19.84 -20.70 49.25
C LYS B 496 -21.19 -21.00 49.90
N LEU B 497 -21.60 -20.13 50.82
CA LEU B 497 -22.86 -20.25 51.54
C LEU B 497 -23.90 -19.22 51.09
N THR C 3 -14.26 80.15 1.09
CA THR C 3 -13.92 78.89 0.41
C THR C 3 -13.58 79.15 -1.08
N LEU C 4 -12.54 78.45 -1.52
CA LEU C 4 -11.93 78.68 -2.82
C LEU C 4 -12.69 77.96 -3.94
N THR C 5 -12.79 78.63 -5.07
CA THR C 5 -13.42 78.09 -6.27
C THR C 5 -12.43 77.22 -7.03
N ARG C 6 -12.92 76.59 -8.11
CA ARG C 6 -12.03 75.79 -8.95
C ARG C 6 -10.99 76.68 -9.62
N ALA C 7 -11.44 77.78 -10.22
CA ALA C 7 -10.51 78.71 -10.83
C ALA C 7 -9.45 79.18 -9.84
N ASP C 8 -9.87 79.47 -8.60
CA ASP C 8 -8.93 79.88 -7.56
C ASP C 8 -7.81 78.87 -7.38
N TRP C 9 -8.15 77.57 -7.38
CA TRP C 9 -7.12 76.56 -7.15
C TRP C 9 -6.20 76.42 -8.36
N GLU C 10 -6.74 76.60 -9.57
CA GLU C 10 -5.90 76.44 -10.76
C GLU C 10 -4.90 77.59 -10.88
N GLN C 11 -5.26 78.76 -10.37
CA GLN C 11 -4.32 79.87 -10.25
C GLN C 11 -3.22 79.55 -9.25
N ARG C 12 -3.58 78.96 -8.11
CA ARG C 12 -2.59 78.65 -7.10
C ARG C 12 -1.60 77.62 -7.64
N ALA C 13 -2.10 76.61 -8.34
CA ALA C 13 -1.23 75.59 -8.88
C ALA C 13 -0.25 76.18 -9.88
N GLN C 14 -0.68 77.20 -10.60
CA GLN C 14 0.23 77.88 -11.50
C GLN C 14 1.33 78.62 -10.73
N ASN C 15 0.99 79.19 -9.58
CA ASN C 15 1.87 80.11 -8.87
C ASN C 15 2.78 79.42 -7.86
N LEU C 16 2.75 78.10 -7.76
CA LEU C 16 3.63 77.42 -6.84
C LEU C 16 5.06 77.41 -7.36
N LYS C 17 6.00 77.77 -6.49
CA LYS C 17 7.37 77.28 -6.63
C LYS C 17 7.47 76.01 -5.79
N ILE C 18 7.93 74.94 -6.41
CA ILE C 18 7.89 73.60 -5.83
C ILE C 18 9.32 73.13 -5.60
N GLU C 19 9.64 72.81 -4.35
CA GLU C 19 10.93 72.23 -4.01
C GLU C 19 11.00 70.79 -4.50
N GLY C 20 12.12 70.42 -5.10
CA GLY C 20 12.30 69.05 -5.53
C GLY C 20 13.55 68.38 -4.99
N ARG C 21 14.31 69.11 -4.18
CA ARG C 21 15.58 68.65 -3.64
C ARG C 21 15.36 67.77 -2.41
N ALA C 22 16.38 66.97 -2.10
CA ALA C 22 16.39 66.24 -0.83
C ALA C 22 16.68 67.18 0.34
N PHE C 23 16.49 66.67 1.56
CA PHE C 23 16.78 67.41 2.79
C PHE C 23 17.65 66.54 3.68
N ILE C 24 18.88 67.00 3.96
CA ILE C 24 19.86 66.28 4.78
C ILE C 24 20.62 67.28 5.64
N GLN C 25 20.59 67.09 6.96
CA GLN C 25 21.33 67.90 7.93
C GLN C 25 20.89 69.37 7.85
N GLY C 26 19.58 69.56 8.00
CA GLY C 26 19.00 70.88 8.01
C GLY C 26 19.08 71.66 6.73
N GLU C 27 19.38 71.01 5.60
CA GLU C 27 19.54 71.74 4.34
C GLU C 27 18.97 70.93 3.18
N TYR C 28 18.42 71.64 2.20
CA TYR C 28 18.03 71.02 0.94
C TYR C 28 19.27 70.81 0.07
N THR C 29 19.31 69.68 -0.63
CA THR C 29 20.52 69.30 -1.31
C THR C 29 20.20 68.43 -2.49
N ALA C 30 21.00 68.55 -3.52
CA ALA C 30 20.88 67.64 -4.63
C ALA C 30 21.28 66.23 -4.19
N ALA C 31 20.94 65.28 -5.05
CA ALA C 31 21.49 63.94 -4.93
C ALA C 31 22.97 63.99 -5.29
N ALA C 32 23.76 63.14 -4.61
CA ALA C 32 25.19 63.17 -4.86
C ALA C 32 25.51 62.99 -6.34
N SER C 33 24.68 62.23 -7.08
CA SER C 33 24.90 62.07 -8.52
C SER C 33 24.53 63.32 -9.28
N GLY C 34 23.79 64.23 -8.66
CA GLY C 34 23.16 65.33 -9.36
C GLY C 34 21.97 64.93 -10.20
N GLU C 35 21.69 63.63 -10.28
CA GLU C 35 20.59 63.12 -11.10
C GLU C 35 19.26 63.56 -10.52
N THR C 36 18.24 63.66 -11.39
CA THR C 36 16.87 63.94 -10.98
C THR C 36 15.92 63.02 -11.72
N PHE C 37 14.69 62.95 -11.23
CA PHE C 37 13.60 62.31 -11.94
C PHE C 37 12.44 63.28 -12.07
N ASP C 38 11.62 63.07 -13.10
CA ASP C 38 10.53 63.99 -13.42
C ASP C 38 9.30 63.66 -12.59
N CYS C 39 8.74 64.68 -11.96
CA CYS C 39 7.51 64.56 -11.18
C CYS C 39 6.36 65.07 -12.03
N ILE C 40 5.51 64.16 -12.49
CA ILE C 40 4.45 64.46 -13.44
C ILE C 40 3.09 64.35 -12.73
N SER C 41 2.26 65.42 -12.87
CA SER C 41 0.94 65.40 -12.24
C SER C 41 0.00 64.45 -12.96
N PRO C 42 -0.76 63.63 -12.24
CA PRO C 42 -1.86 62.89 -12.88
C PRO C 42 -3.06 63.76 -13.27
N VAL C 43 -3.09 65.04 -12.88
CA VAL C 43 -4.27 65.88 -13.05
C VAL C 43 -4.43 66.15 -14.53
N ASP C 44 -3.48 66.90 -15.10
CA ASP C 44 -3.42 67.21 -16.52
C ASP C 44 -2.27 66.50 -17.24
N GLY C 45 -1.20 66.19 -16.52
CA GLY C 45 -0.02 65.61 -17.11
C GLY C 45 1.19 66.49 -17.09
N ARG C 46 1.13 67.62 -16.38
CA ARG C 46 2.19 68.61 -16.43
C ARG C 46 3.41 68.17 -15.61
N LEU C 47 4.51 68.91 -15.82
CA LEU C 47 5.76 68.73 -15.08
C LEU C 47 5.72 69.58 -13.81
N LEU C 48 5.66 68.93 -12.65
CA LEU C 48 5.57 69.68 -11.40
C LEU C 48 6.93 70.22 -10.98
N ALA C 49 7.94 69.34 -10.96
CA ALA C 49 9.31 69.73 -10.67
C ALA C 49 10.24 68.61 -11.10
N LYS C 50 11.54 68.91 -11.11
CA LYS C 50 12.58 67.92 -11.32
C LYS C 50 13.07 67.52 -9.93
N VAL C 51 12.80 66.28 -9.55
CA VAL C 51 12.99 65.80 -8.18
C VAL C 51 14.31 65.06 -8.06
N ALA C 52 15.05 65.33 -6.98
CA ALA C 52 16.31 64.66 -6.72
C ALA C 52 16.11 63.15 -6.66
N SER C 53 16.96 62.42 -7.40
CA SER C 53 16.92 60.96 -7.46
C SER C 53 18.05 60.42 -6.61
N CYS C 54 17.74 59.97 -5.41
CA CYS C 54 18.77 59.58 -4.47
C CYS C 54 19.21 58.11 -4.66
N ASP C 55 20.44 57.82 -4.23
CA ASP C 55 20.95 56.45 -4.21
C ASP C 55 21.62 56.18 -2.86
N ALA C 56 22.36 55.07 -2.82
CA ALA C 56 23.01 54.60 -1.60
C ALA C 56 23.91 55.67 -0.97
N ALA C 57 24.67 56.39 -1.79
CA ALA C 57 25.52 57.44 -1.25
C ALA C 57 24.70 58.48 -0.53
N ASP C 58 23.56 58.84 -1.11
CA ASP C 58 22.68 59.77 -0.42
C ASP C 58 22.10 59.13 0.85
N ALA C 59 21.85 57.82 0.82
CA ALA C 59 21.43 57.11 2.03
C ALA C 59 22.52 57.19 3.11
N GLN C 60 23.74 56.79 2.77
CA GLN C 60 24.85 56.84 3.71
C GLN C 60 25.03 58.24 4.31
N ARG C 61 24.95 59.30 3.50
CA ARG C 61 25.02 60.65 4.05
C ARG C 61 23.94 60.88 5.08
N ALA C 62 22.70 60.48 4.76
CA ALA C 62 21.58 60.76 5.64
C ALA C 62 21.67 59.96 6.94
N VAL C 63 22.10 58.70 6.86
CA VAL C 63 22.23 57.88 8.06
C VAL C 63 23.30 58.47 8.98
N GLU C 64 24.42 58.93 8.42
CA GLU C 64 25.42 59.59 9.25
C GLU C 64 24.85 60.83 9.91
N SER C 65 24.07 61.63 9.17
CA SER C 65 23.42 62.78 9.79
C SER C 65 22.46 62.34 10.91
N ALA C 66 21.75 61.24 10.68
CA ALA C 66 20.82 60.77 11.71
C ALA C 66 21.56 60.26 12.92
N ARG C 67 22.58 59.41 12.71
CA ARG C 67 23.35 58.88 13.82
C ARG C 67 24.00 60.00 14.62
N SER C 68 24.58 60.98 13.92
CA SER C 68 25.21 62.10 14.61
C SER C 68 24.20 62.87 15.45
N ALA C 69 23.08 63.25 14.86
CA ALA C 69 22.11 64.03 15.61
C ALA C 69 21.61 63.26 16.83
N PHE C 70 21.34 61.97 16.65
CA PHE C 70 20.84 61.17 17.76
C PHE C 70 21.85 61.11 18.90
N ASP C 71 23.11 60.77 18.57
CA ASP C 71 24.17 60.66 19.57
C ASP C 71 24.38 61.97 20.31
N SER C 72 24.20 63.11 19.64
CA SER C 72 24.36 64.39 20.32
C SER C 72 23.32 64.61 21.41
N GLY C 73 22.23 63.86 21.40
CA GLY C 73 21.19 64.04 22.39
C GLY C 73 20.35 65.30 22.24
N ALA C 74 20.58 66.12 21.20
CA ALA C 74 19.91 67.41 21.04
C ALA C 74 18.40 67.29 20.94
N TRP C 75 17.88 66.13 20.57
CA TRP C 75 16.47 65.80 20.52
C TRP C 75 16.15 64.55 21.33
N SER C 76 17.03 63.54 21.32
CA SER C 76 16.71 62.29 22.00
C SER C 76 16.80 62.40 23.52
N ARG C 77 17.56 63.35 24.05
CA ARG C 77 17.58 63.56 25.49
C ARG C 77 16.93 64.89 25.89
N LEU C 78 16.37 65.61 24.92
CA LEU C 78 15.62 66.81 25.22
C LEU C 78 14.37 66.44 26.03
N ALA C 79 14.03 67.31 26.98
CA ALA C 79 13.01 67.01 27.96
C ALA C 79 11.67 66.66 27.30
N PRO C 80 10.95 65.67 27.82
CA PRO C 80 9.70 65.25 27.18
C PRO C 80 8.65 66.35 27.10
N ALA C 81 8.60 67.30 28.04
CA ALA C 81 7.59 68.34 27.88
C ALA C 81 7.91 69.25 26.70
N LYS C 82 9.20 69.32 26.32
CA LYS C 82 9.69 70.16 25.23
C LYS C 82 9.53 69.48 23.89
N ARG C 83 9.75 68.15 23.84
CA ARG C 83 9.41 67.41 22.64
C ARG C 83 7.90 67.48 22.36
N LYS C 84 7.07 67.45 23.42
CA LYS C 84 5.65 67.67 23.22
C LYS C 84 5.42 69.02 22.54
N ALA C 85 5.94 70.09 23.15
CA ALA C 85 5.74 71.43 22.58
C ALA C 85 6.18 71.47 21.12
N THR C 86 7.36 70.94 20.84
CA THR C 86 7.88 71.02 19.47
C THR C 86 6.99 70.23 18.52
N MET C 87 6.60 69.02 18.91
CA MET C 87 5.73 68.21 18.05
C MET C 87 4.41 68.93 17.78
N ILE C 88 3.87 69.64 18.77
CA ILE C 88 2.59 70.30 18.57
C ILE C 88 2.76 71.50 17.65
N ARG C 89 3.88 72.21 17.77
CA ARG C 89 4.19 73.29 16.85
C ARG C 89 4.37 72.77 15.42
N PHE C 90 5.00 71.61 15.28
CA PHE C 90 5.16 70.98 13.99
C PHE C 90 3.81 70.69 13.35
N ALA C 91 2.84 70.24 14.15
CA ALA C 91 1.53 69.93 13.60
C ALA C 91 0.81 71.19 13.17
N GLY C 92 0.97 72.27 13.96
CA GLY C 92 0.32 73.53 13.64
C GLY C 92 0.90 74.20 12.41
N LEU C 93 2.13 73.86 12.03
CA LEU C 93 2.68 74.43 10.80
C LEU C 93 2.15 73.70 9.58
N LEU C 94 1.83 72.41 9.72
CA LEU C 94 1.03 71.75 8.70
C LEU C 94 -0.29 72.48 8.48
N GLU C 95 -0.96 72.84 9.57
CA GLU C 95 -2.26 73.51 9.44
C GLU C 95 -2.12 74.94 8.91
N GLN C 96 -1.01 75.62 9.26
CA GLN C 96 -0.78 76.99 8.77
C GLN C 96 -0.67 77.04 7.25
N ASN C 97 0.08 76.08 6.68
CA ASN C 97 0.26 75.97 5.23
C ASN C 97 -0.55 74.80 4.67
N ALA C 98 -1.76 74.58 5.21
CA ALA C 98 -2.56 73.48 4.73
C ALA C 98 -2.89 73.62 3.25
N GLU C 99 -3.18 74.83 2.79
CA GLU C 99 -3.61 74.99 1.41
C GLU C 99 -2.47 74.71 0.43
N GLU C 100 -1.26 75.18 0.73
CA GLU C 100 -0.10 74.75 -0.07
C GLU C 100 0.09 73.23 -0.02
N LEU C 101 0.02 72.64 1.18
CA LEU C 101 0.36 71.23 1.29
C LEU C 101 -0.72 70.35 0.67
N ALA C 102 -1.98 70.72 0.86
CA ALA C 102 -3.07 69.97 0.22
C ALA C 102 -2.93 70.03 -1.29
N LEU C 103 -2.67 71.23 -1.83
CA LEU C 103 -2.51 71.40 -3.27
C LEU C 103 -1.32 70.61 -3.83
N LEU C 104 -0.21 70.58 -3.10
CA LEU C 104 0.89 69.70 -3.52
C LEU C 104 0.43 68.25 -3.56
N GLU C 105 -0.33 67.82 -2.54
CA GLU C 105 -0.76 66.44 -2.50
C GLU C 105 -1.72 66.10 -3.66
N THR C 106 -2.61 67.02 -4.01
CA THR C 106 -3.51 66.79 -5.14
C THR C 106 -2.76 66.79 -6.47
N LEU C 107 -1.81 67.72 -6.66
CA LEU C 107 -1.10 67.73 -7.93
C LEU C 107 -0.20 66.52 -8.10
N ASP C 108 0.27 65.93 -7.01
CA ASP C 108 1.35 64.96 -7.09
C ASP C 108 0.84 63.54 -7.35
N MET C 109 -0.32 63.18 -6.77
CA MET C 109 -0.85 61.85 -6.95
C MET C 109 -2.32 61.81 -7.37
N GLY C 110 -2.99 62.96 -7.44
CA GLY C 110 -4.24 63.05 -8.15
C GLY C 110 -5.52 62.94 -7.35
N LYS C 111 -5.47 63.06 -6.02
CA LYS C 111 -6.70 62.96 -5.25
C LYS C 111 -7.44 64.30 -5.22
N PRO C 112 -8.74 64.27 -4.98
CA PRO C 112 -9.53 65.50 -5.01
C PRO C 112 -9.04 66.53 -3.99
N ILE C 113 -8.92 67.77 -4.45
CA ILE C 113 -8.40 68.82 -3.58
C ILE C 113 -9.19 68.88 -2.27
N SER C 114 -10.52 68.71 -2.34
CA SER C 114 -11.31 68.79 -1.11
C SER C 114 -11.04 67.63 -0.18
N ASP C 115 -10.61 66.47 -0.71
CA ASP C 115 -10.15 65.38 0.14
C ASP C 115 -8.86 65.77 0.84
N SER C 116 -7.89 66.26 0.05
CA SER C 116 -6.60 66.65 0.60
C SER C 116 -6.74 67.71 1.69
N LEU C 117 -7.46 68.78 1.39
CA LEU C 117 -7.65 69.85 2.35
C LEU C 117 -8.36 69.40 3.63
N GLY C 118 -9.25 68.40 3.54
CA GLY C 118 -10.13 68.12 4.66
C GLY C 118 -9.98 66.75 5.26
N VAL C 119 -9.16 65.91 4.65
CA VAL C 119 -8.88 64.59 5.20
C VAL C 119 -7.40 64.39 5.43
N ASP C 120 -6.58 64.60 4.38
CA ASP C 120 -5.16 64.29 4.44
C ASP C 120 -4.42 65.21 5.39
N ILE C 121 -4.44 66.52 5.11
CA ILE C 121 -3.62 67.44 5.87
C ILE C 121 -4.09 67.49 7.33
N PRO C 122 -5.39 67.66 7.61
CA PRO C 122 -5.84 67.52 9.01
C PRO C 122 -5.41 66.21 9.64
N GLY C 123 -5.42 65.12 8.87
CA GLY C 123 -5.12 63.83 9.44
C GLY C 123 -3.67 63.68 9.83
N GLY C 124 -2.76 64.23 9.03
CA GLY C 124 -1.35 64.12 9.34
C GLY C 124 -0.95 65.03 10.49
N ALA C 125 -1.51 66.24 10.52
CA ALA C 125 -1.30 67.10 11.67
C ALA C 125 -1.82 66.43 12.92
N ARG C 126 -2.99 65.81 12.82
CA ARG C 126 -3.56 65.11 13.96
C ARG C 126 -2.62 64.04 14.49
N ALA C 127 -2.02 63.22 13.60
CA ALA C 127 -1.08 62.18 14.04
C ALA C 127 0.13 62.79 14.73
N LEU C 128 0.58 63.97 14.28
CA LEU C 128 1.74 64.57 14.90
C LEU C 128 1.38 65.17 16.26
N SER C 129 0.32 65.97 16.32
CA SER C 129 0.00 66.68 17.56
C SER C 129 -0.47 65.72 18.62
N TRP C 130 -1.12 64.63 18.22
CA TRP C 130 -1.60 63.66 19.19
C TRP C 130 -0.43 62.92 19.82
N SER C 131 0.43 62.36 18.99
CA SER C 131 1.64 61.72 19.49
C SER C 131 2.47 62.68 20.34
N GLY C 132 2.42 63.98 20.02
CA GLY C 132 3.11 64.94 20.87
C GLY C 132 2.47 65.09 22.22
N GLU C 133 1.13 65.27 22.25
CA GLU C 133 0.40 65.33 23.51
C GLU C 133 0.67 64.12 24.41
N ALA C 134 1.12 62.99 23.84
CA ALA C 134 1.13 61.74 24.57
C ALA C 134 2.49 61.39 25.19
N ILE C 135 3.56 62.08 24.83
CA ILE C 135 4.89 61.70 25.33
C ILE C 135 4.92 61.72 26.85
N ASP C 136 4.52 62.83 27.46
CA ASP C 136 4.58 62.87 28.91
C ASP C 136 3.32 62.35 29.56
N LYS C 137 2.45 61.68 28.82
CA LYS C 137 1.35 60.95 29.44
C LYS C 137 1.68 59.47 29.58
N LEU C 138 2.84 59.06 29.05
CA LEU C 138 3.28 57.67 29.05
C LEU C 138 4.13 57.37 30.29
N TYR C 139 3.97 56.15 30.83
CA TYR C 139 4.70 55.73 32.02
C TYR C 139 5.33 54.37 31.81
N ASP C 140 6.61 54.25 32.14
CA ASP C 140 7.30 52.96 32.16
C ASP C 140 6.98 52.24 33.49
N GLU C 141 7.66 51.15 33.81
CA GLU C 141 7.20 50.31 34.91
C GLU C 141 8.28 50.03 35.97
N VAL C 142 7.83 49.81 37.20
CA VAL C 142 8.65 49.26 38.28
C VAL C 142 8.17 47.84 38.55
N ALA C 143 9.09 46.90 38.69
CA ALA C 143 8.61 45.56 38.98
C ALA C 143 8.30 45.38 40.46
N ALA C 144 7.52 44.33 40.75
CA ALA C 144 7.43 43.80 42.10
C ALA C 144 8.67 42.94 42.35
N THR C 145 9.58 43.46 43.15
CA THR C 145 10.86 42.85 43.45
C THR C 145 11.03 42.75 44.95
N PRO C 146 11.88 41.84 45.43
CA PRO C 146 12.28 41.82 46.85
C PRO C 146 12.78 43.15 47.35
N HIS C 147 12.80 43.32 48.67
CA HIS C 147 13.10 44.61 49.27
C HIS C 147 14.50 45.12 48.91
N ASP C 148 15.44 44.24 48.55
CA ASP C 148 16.80 44.64 48.20
C ASP C 148 17.00 44.86 46.70
N GLN C 149 15.94 44.79 45.91
CA GLN C 149 16.01 45.00 44.46
C GLN C 149 15.05 46.09 44.06
N LEU C 150 15.47 46.91 43.11
CA LEU C 150 14.57 47.82 42.41
C LEU C 150 14.71 47.54 40.93
N GLY C 151 13.61 47.09 40.30
CA GLY C 151 13.66 46.74 38.90
C GLY C 151 12.82 47.66 38.04
N LEU C 152 13.50 48.44 37.20
CA LEU C 152 12.86 49.32 36.23
C LEU C 152 12.74 48.63 34.87
N VAL C 153 11.57 48.75 34.25
CA VAL C 153 11.36 48.40 32.86
C VAL C 153 11.02 49.70 32.13
N THR C 154 12.00 50.24 31.42
CA THR C 154 11.84 51.49 30.70
C THR C 154 12.00 51.28 29.20
N ARG C 155 11.53 52.28 28.44
CA ARG C 155 11.63 52.33 26.99
C ARG C 155 12.57 53.44 26.59
N GLU C 156 13.38 53.18 25.57
CA GLU C 156 14.27 54.19 25.01
C GLU C 156 14.20 54.16 23.49
N PRO C 157 14.48 55.29 22.84
CA PRO C 157 14.46 55.32 21.37
C PRO C 157 15.43 54.31 20.77
N VAL C 158 15.00 53.64 19.69
CA VAL C 158 15.85 52.59 19.12
C VAL C 158 17.13 53.17 18.54
N GLY C 159 17.08 54.41 18.06
CA GLY C 159 18.22 55.03 17.39
C GLY C 159 17.90 55.74 16.09
N VAL C 160 18.16 55.08 14.98
CA VAL C 160 17.89 55.61 13.64
C VAL C 160 16.79 54.78 13.00
N VAL C 161 15.73 55.46 12.56
CA VAL C 161 14.55 54.84 11.95
C VAL C 161 14.50 55.22 10.47
N ALA C 162 14.37 54.22 9.60
CA ALA C 162 14.02 54.44 8.21
C ALA C 162 12.51 54.28 8.04
N ALA C 163 11.88 55.25 7.39
CA ALA C 163 10.44 55.24 7.16
C ALA C 163 10.20 55.35 5.66
N ILE C 164 9.80 54.24 5.04
CA ILE C 164 9.45 54.19 3.62
C ILE C 164 7.93 54.14 3.51
N VAL C 165 7.33 55.14 2.89
CA VAL C 165 5.89 55.34 2.90
C VAL C 165 5.38 55.25 1.47
N PRO C 166 4.07 55.05 1.29
CA PRO C 166 3.54 54.91 -0.08
C PRO C 166 2.95 56.19 -0.63
N TRP C 167 2.23 56.11 -1.74
CA TRP C 167 1.72 57.31 -2.42
C TRP C 167 0.22 57.55 -2.24
N ASN C 168 -0.54 56.62 -1.66
CA ASN C 168 -1.99 56.80 -1.61
C ASN C 168 -2.40 57.90 -0.65
N PHE C 169 -1.71 58.02 0.48
CA PHE C 169 -1.90 59.13 1.42
C PHE C 169 -0.50 59.59 1.80
N PRO C 170 0.15 60.36 0.93
CA PRO C 170 1.58 60.64 1.15
C PRO C 170 1.90 61.40 2.43
N LEU C 171 1.25 62.53 2.70
CA LEU C 171 1.53 63.23 3.95
C LEU C 171 0.97 62.47 5.14
N MET C 172 -0.25 61.96 5.02
CA MET C 172 -0.84 61.31 6.18
C MET C 172 -0.04 60.07 6.58
N MET C 173 0.25 59.18 5.61
CA MET C 173 1.01 57.98 5.95
C MET C 173 2.36 58.34 6.57
N ALA C 174 3.00 59.39 6.07
CA ALA C 174 4.32 59.73 6.59
C ALA C 174 4.21 60.32 7.99
N CYS C 175 3.18 61.14 8.24
CA CYS C 175 2.93 61.61 9.58
C CYS C 175 2.58 60.48 10.53
N TRP C 176 1.96 59.39 10.02
CA TRP C 176 1.66 58.26 10.90
C TRP C 176 2.95 57.59 11.37
N LYS C 177 3.98 57.62 10.53
CA LYS C 177 5.27 57.13 10.95
C LYS C 177 6.03 58.18 11.76
N LEU C 178 5.98 59.44 11.33
CA LEU C 178 6.79 60.48 11.97
C LEU C 178 6.29 60.82 13.38
N GLY C 179 4.98 60.81 13.60
CA GLY C 179 4.41 61.25 14.84
C GLY C 179 4.97 60.47 16.01
N PRO C 180 4.76 59.15 16.00
CA PRO C 180 5.38 58.33 17.06
C PRO C 180 6.90 58.26 16.96
N ALA C 181 7.48 58.14 15.77
CA ALA C 181 8.94 57.96 15.72
C ALA C 181 9.66 59.21 16.21
N LEU C 182 9.22 60.38 15.77
CA LEU C 182 9.86 61.60 16.20
C LEU C 182 9.61 61.85 17.68
N SER C 183 8.43 61.49 18.18
CA SER C 183 8.10 61.75 19.57
C SER C 183 9.04 61.01 20.53
N THR C 184 9.27 59.73 20.28
CA THR C 184 10.10 58.96 21.21
C THR C 184 11.56 59.34 21.15
N GLY C 185 11.95 60.35 20.37
CA GLY C 185 13.32 60.83 20.34
C GLY C 185 14.21 60.34 19.22
N ASN C 186 13.71 59.47 18.33
CA ASN C 186 14.57 58.91 17.29
C ASN C 186 14.88 59.96 16.21
N SER C 187 15.92 59.67 15.43
CA SER C 187 16.15 60.29 14.14
C SER C 187 15.43 59.47 13.07
N VAL C 188 14.87 60.14 12.07
CA VAL C 188 14.12 59.47 11.02
C VAL C 188 14.66 59.88 9.67
N VAL C 189 15.03 58.90 8.87
CA VAL C 189 15.27 59.11 7.45
C VAL C 189 14.02 58.65 6.72
N LEU C 190 13.43 59.54 5.93
CA LEU C 190 12.10 59.35 5.36
C LEU C 190 12.22 59.27 3.84
N LYS C 191 11.94 58.08 3.29
CA LYS C 191 11.92 57.81 1.86
C LYS C 191 10.47 57.81 1.37
N PRO C 192 9.98 58.90 0.80
CA PRO C 192 8.62 58.93 0.28
C PRO C 192 8.55 58.18 -1.03
N SER C 193 7.34 58.01 -1.55
CA SER C 193 7.18 57.36 -2.84
C SER C 193 7.75 58.22 -3.97
N GLU C 194 8.24 57.54 -5.02
CA GLU C 194 8.61 58.26 -6.24
C GLU C 194 7.39 58.85 -6.92
N LYS C 195 6.22 58.22 -6.75
CA LYS C 195 4.99 58.77 -7.27
C LYS C 195 4.53 60.01 -6.50
N SER C 196 4.94 60.17 -5.24
CA SER C 196 4.49 61.30 -4.42
C SER C 196 5.60 61.83 -3.52
N PRO C 197 6.58 62.52 -4.08
CA PRO C 197 7.65 63.09 -3.25
C PRO C 197 7.40 64.48 -2.68
N LEU C 198 6.34 65.18 -3.09
CA LEU C 198 6.35 66.63 -2.90
C LEU C 198 6.07 67.05 -1.46
N THR C 199 5.16 66.36 -0.75
CA THR C 199 4.79 66.80 0.60
C THR C 199 5.88 66.49 1.62
N ALA C 200 6.52 65.30 1.51
CA ALA C 200 7.61 64.98 2.43
C ALA C 200 8.77 65.97 2.25
N ILE C 201 9.02 66.39 1.02
CA ILE C 201 10.06 67.36 0.74
C ILE C 201 9.73 68.70 1.38
N ARG C 202 8.47 69.12 1.31
CA ARG C 202 8.17 70.43 1.83
C ARG C 202 8.23 70.44 3.34
N ILE C 203 7.82 69.34 3.99
CA ILE C 203 7.65 69.46 5.43
C ILE C 203 8.99 69.44 6.15
N ALA C 204 10.04 68.98 5.47
CA ALA C 204 11.36 68.99 6.10
C ALA C 204 11.75 70.38 6.57
N GLN C 205 11.49 71.42 5.77
CA GLN C 205 11.70 72.78 6.25
C GLN C 205 10.77 73.09 7.41
N LEU C 206 9.53 72.60 7.35
CA LEU C 206 8.54 72.90 8.39
C LEU C 206 8.95 72.31 9.74
N ALA C 207 9.51 71.11 9.73
CA ALA C 207 10.03 70.52 10.96
C ALA C 207 11.15 71.38 11.53
N ILE C 208 12.14 71.73 10.69
CA ILE C 208 13.23 72.58 11.16
C ILE C 208 12.67 73.85 11.78
N GLU C 209 11.67 74.45 11.14
CA GLU C 209 11.15 75.72 11.61
C GLU C 209 10.36 75.54 12.91
N ALA C 210 9.81 74.34 13.14
CA ALA C 210 9.08 74.10 14.37
C ALA C 210 10.00 73.85 15.56
N GLY C 211 11.29 73.63 15.32
CA GLY C 211 12.27 73.38 16.35
C GLY C 211 12.82 71.97 16.35
N ILE C 212 12.48 71.16 15.36
CA ILE C 212 13.16 69.88 15.20
C ILE C 212 14.60 70.16 14.85
N PRO C 213 15.56 69.59 15.56
CA PRO C 213 16.95 69.91 15.28
C PRO C 213 17.44 69.34 13.96
N ALA C 214 18.43 70.02 13.39
CA ALA C 214 18.99 69.60 12.12
C ALA C 214 19.45 68.16 12.21
N GLY C 215 19.24 67.40 11.14
CA GLY C 215 19.63 66.01 11.14
C GLY C 215 18.67 65.06 11.81
N VAL C 216 17.69 65.56 12.55
CA VAL C 216 16.77 64.62 13.18
C VAL C 216 15.74 64.10 12.17
N LEU C 217 15.39 64.89 11.16
CA LEU C 217 14.49 64.47 10.09
C LEU C 217 15.09 64.83 8.73
N ASN C 218 15.65 63.83 8.07
CA ASN C 218 16.11 63.96 6.69
C ASN C 218 15.15 63.23 5.75
N VAL C 219 15.01 63.77 4.53
CA VAL C 219 14.07 63.24 3.55
C VAL C 219 14.85 62.89 2.28
N LEU C 220 14.60 61.69 1.75
CA LEU C 220 15.37 61.17 0.63
C LEU C 220 14.40 60.71 -0.45
N PRO C 221 14.09 61.57 -1.41
CA PRO C 221 13.26 61.15 -2.54
C PRO C 221 14.08 60.34 -3.54
N GLY C 222 13.40 59.44 -4.24
CA GLY C 222 14.05 58.51 -5.13
C GLY C 222 13.35 57.17 -5.16
N TYR C 223 13.86 56.31 -6.03
CA TYR C 223 13.23 55.03 -6.34
C TYR C 223 13.42 53.99 -5.23
N GLY C 224 12.42 53.12 -5.06
CA GLY C 224 12.52 52.05 -4.09
C GLY C 224 13.73 51.16 -4.31
N HIS C 225 13.94 50.70 -5.55
CA HIS C 225 15.08 49.83 -5.79
C HIS C 225 16.43 50.58 -5.71
N THR C 226 16.42 51.88 -5.40
CA THR C 226 17.70 52.54 -5.17
C THR C 226 17.82 52.99 -3.72
N VAL C 227 17.44 54.24 -3.44
CA VAL C 227 17.65 54.80 -2.11
C VAL C 227 16.86 54.02 -1.06
N GLY C 228 15.76 53.37 -1.48
CA GLY C 228 14.95 52.65 -0.53
C GLY C 228 15.61 51.37 -0.09
N LYS C 229 15.93 50.52 -1.06
CA LYS C 229 16.77 49.34 -0.84
C LYS C 229 17.99 49.66 0.04
N ALA C 230 18.72 50.73 -0.30
CA ALA C 230 19.94 51.06 0.43
C ALA C 230 19.65 51.26 1.91
N LEU C 231 18.61 52.04 2.24
CA LEU C 231 18.21 52.21 3.64
C LEU C 231 17.89 50.87 4.28
N ALA C 232 16.95 50.13 3.70
CA ALA C 232 16.59 48.84 4.27
C ALA C 232 17.80 47.94 4.44
N LEU C 233 18.81 48.10 3.60
CA LEU C 233 20.03 47.30 3.66
C LEU C 233 21.13 47.93 4.49
N HIS C 234 20.96 49.15 5.00
CA HIS C 234 22.03 49.84 5.70
C HIS C 234 22.33 49.17 7.03
N MET C 235 23.58 49.24 7.41
CA MET C 235 24.08 48.58 8.60
C MET C 235 23.89 49.41 9.86
N ASP C 236 23.76 50.72 9.74
CA ASP C 236 23.57 51.61 10.88
C ASP C 236 22.12 52.06 11.04
N VAL C 237 21.19 51.46 10.30
CA VAL C 237 19.76 51.69 10.53
C VAL C 237 19.25 50.65 11.52
N ASP C 238 18.55 51.11 12.56
CA ASP C 238 18.12 50.21 13.63
C ASP C 238 16.77 49.60 13.34
N THR C 239 15.79 50.43 13.00
CA THR C 239 14.45 49.97 12.68
C THR C 239 14.03 50.54 11.32
N VAL C 240 13.35 49.72 10.52
CA VAL C 240 12.69 50.16 9.29
C VAL C 240 11.19 50.05 9.48
N VAL C 241 10.46 51.12 9.15
CA VAL C 241 9.00 51.05 9.11
C VAL C 241 8.56 51.30 7.68
N PHE C 242 7.42 50.71 7.31
CA PHE C 242 7.07 50.62 5.91
C PHE C 242 5.57 50.46 5.76
N THR C 243 5.05 51.03 4.69
CA THR C 243 3.69 50.83 4.25
C THR C 243 3.73 50.74 2.73
N GLY C 244 3.16 49.67 2.18
CA GLY C 244 3.15 49.50 0.73
C GLY C 244 2.71 48.12 0.33
N SER C 245 3.30 47.63 -0.77
CA SER C 245 2.91 46.34 -1.34
C SER C 245 3.39 45.19 -0.46
N THR C 246 2.50 44.23 -0.25
CA THR C 246 2.90 42.98 0.36
C THR C 246 4.14 42.39 -0.31
N LYS C 247 4.35 42.69 -1.59
CA LYS C 247 5.55 42.14 -2.22
C LYS C 247 6.82 42.81 -1.71
N ILE C 248 6.78 44.12 -1.51
CA ILE C 248 8.00 44.80 -1.09
C ILE C 248 8.23 44.60 0.39
N ALA C 249 7.16 44.65 1.19
CA ALA C 249 7.26 44.37 2.62
C ALA C 249 8.03 43.07 2.86
N LYS C 250 7.65 42.02 2.14
CA LYS C 250 8.38 40.76 2.26
C LYS C 250 9.85 40.90 1.90
N GLN C 251 10.14 41.65 0.83
CA GLN C 251 11.53 41.83 0.40
C GLN C 251 12.32 42.62 1.44
N LEU C 252 11.66 43.57 2.11
CA LEU C 252 12.30 44.28 3.22
C LEU C 252 12.77 43.33 4.30
N MET C 253 11.93 42.33 4.66
CA MET C 253 12.35 41.38 5.66
C MET C 253 13.65 40.70 5.26
N ILE C 254 13.72 40.23 4.00
CA ILE C 254 14.95 39.63 3.49
C ILE C 254 16.13 40.60 3.65
N TYR C 255 15.92 41.85 3.24
CA TYR C 255 16.97 42.85 3.38
C TYR C 255 17.49 42.90 4.82
N ALA C 256 16.58 42.98 5.78
CA ALA C 256 17.00 43.08 7.17
C ALA C 256 17.84 41.88 7.59
N GLY C 257 17.42 40.67 7.21
CA GLY C 257 18.22 39.50 7.53
C GLY C 257 19.50 39.39 6.72
N GLU C 258 19.52 40.00 5.54
CA GLU C 258 20.75 40.01 4.76
C GLU C 258 21.78 40.96 5.34
N SER C 259 21.35 41.87 6.22
CA SER C 259 22.23 42.95 6.65
C SER C 259 22.52 42.92 8.15
N ASN C 260 21.92 43.83 8.91
CA ASN C 260 22.22 44.08 10.32
C ASN C 260 21.16 43.55 11.26
N MET C 261 20.23 42.71 10.77
CA MET C 261 19.13 42.17 11.57
C MET C 261 18.30 43.27 12.23
N LYS C 262 18.10 44.37 11.49
CA LYS C 262 17.28 45.48 11.97
C LYS C 262 15.83 45.05 12.23
N ARG C 263 15.14 45.88 13.02
CA ARG C 263 13.71 45.71 13.19
C ARG C 263 12.97 46.09 11.93
N VAL C 264 11.97 45.29 11.59
CA VAL C 264 11.14 45.51 10.41
C VAL C 264 9.67 45.57 10.85
N TRP C 265 9.02 46.68 10.57
CA TRP C 265 7.59 46.83 10.83
C TRP C 265 6.87 47.11 9.53
N LEU C 266 5.91 46.26 9.17
CA LEU C 266 5.29 46.33 7.87
C LEU C 266 3.80 46.60 7.99
N GLU C 267 3.30 47.37 7.04
CA GLU C 267 1.86 47.62 6.84
C GLU C 267 1.62 47.38 5.35
N ALA C 268 1.18 46.18 4.98
CA ALA C 268 0.96 45.81 3.59
C ALA C 268 -0.54 45.89 3.24
N GLY C 269 -0.96 45.16 2.21
CA GLY C 269 -2.24 45.36 1.58
C GLY C 269 -3.42 44.79 2.35
N GLY C 270 -4.53 44.59 1.64
CA GLY C 270 -5.74 44.02 2.20
C GLY C 270 -6.85 43.72 1.23
N LYS C 271 -7.68 42.72 1.55
CA LYS C 271 -8.94 42.41 0.82
C LYS C 271 -10.05 42.40 1.85
N SER C 272 -10.50 43.59 2.24
CA SER C 272 -11.26 43.75 3.47
C SER C 272 -12.74 43.44 3.24
N PRO C 273 -13.30 42.46 3.91
CA PRO C 273 -14.73 42.16 3.74
C PRO C 273 -15.62 43.16 4.47
N ASN C 274 -16.69 43.55 3.79
CA ASN C 274 -17.73 44.43 4.33
C ASN C 274 -18.99 43.58 4.37
N ILE C 275 -19.46 43.23 5.58
CA ILE C 275 -20.48 42.18 5.80
C ILE C 275 -21.78 42.85 6.24
N VAL C 276 -22.77 42.86 5.35
CA VAL C 276 -24.07 43.43 5.66
C VAL C 276 -25.04 42.29 5.92
N PHE C 277 -25.61 42.27 7.11
CA PHE C 277 -26.57 41.27 7.55
C PHE C 277 -27.99 41.81 7.36
N ALA C 278 -28.93 40.89 7.21
CA ALA C 278 -30.32 41.30 6.99
C ALA C 278 -30.86 42.16 8.14
N ASP C 279 -30.33 42.03 9.36
CA ASP C 279 -30.84 42.86 10.44
C ASP C 279 -29.98 44.10 10.71
N ALA C 280 -29.24 44.57 9.70
CA ALA C 280 -28.52 45.84 9.81
C ALA C 280 -29.48 46.94 10.25
N PRO C 281 -29.08 47.80 11.19
CA PRO C 281 -30.03 48.79 11.70
C PRO C 281 -30.50 49.77 10.66
N ASP C 282 -29.58 50.33 9.87
CA ASP C 282 -29.92 51.29 8.83
C ASP C 282 -29.36 50.75 7.52
N LEU C 283 -30.27 50.27 6.67
CA LEU C 283 -29.84 49.70 5.39
C LEU C 283 -29.18 50.77 4.49
N GLN C 284 -29.80 51.96 4.41
CA GLN C 284 -29.27 53.04 3.59
C GLN C 284 -27.87 53.47 4.02
N ALA C 285 -27.65 53.57 5.34
CA ALA C 285 -26.31 53.86 5.84
C ALA C 285 -25.30 52.82 5.36
N ALA C 286 -25.67 51.53 5.41
CA ALA C 286 -24.73 50.49 4.98
C ALA C 286 -24.45 50.61 3.49
N ALA C 287 -25.47 50.92 2.70
CA ALA C 287 -25.29 51.08 1.26
C ALA C 287 -24.36 52.25 0.99
N ASP C 288 -24.68 53.43 1.53
CA ASP C 288 -23.81 54.59 1.43
C ASP C 288 -22.39 54.26 1.86
N SER C 289 -22.26 53.54 2.97
CA SER C 289 -20.92 53.21 3.46
C SER C 289 -20.24 52.20 2.55
N ALA C 290 -21.00 51.22 2.02
CA ALA C 290 -20.42 50.24 1.13
C ALA C 290 -19.90 50.89 -0.13
N ALA C 291 -20.61 51.89 -0.61
CA ALA C 291 -20.15 52.65 -1.78
C ALA C 291 -18.91 53.45 -1.42
N SER C 292 -19.02 54.30 -0.39
CA SER C 292 -17.89 55.06 0.09
C SER C 292 -16.67 54.18 0.39
N ALA C 293 -16.88 52.90 0.73
CA ALA C 293 -15.76 52.04 1.13
C ALA C 293 -14.87 51.69 -0.06
N ILE C 294 -15.44 51.63 -1.26
CA ILE C 294 -14.68 51.30 -2.46
C ILE C 294 -14.41 52.53 -3.30
N ALA C 295 -15.31 53.52 -3.29
CA ALA C 295 -15.16 54.70 -4.14
C ALA C 295 -14.19 55.73 -3.58
N PHE C 296 -14.11 55.85 -2.25
CA PHE C 296 -13.34 56.94 -1.65
C PHE C 296 -11.86 56.83 -2.00
N ASN C 297 -11.23 57.98 -2.30
CA ASN C 297 -9.86 58.03 -2.80
C ASN C 297 -9.62 57.05 -3.96
N GLN C 298 -10.61 56.98 -4.86
CA GLN C 298 -10.63 56.19 -6.09
C GLN C 298 -10.14 54.76 -5.87
N GLY C 299 -10.61 54.15 -4.78
CA GLY C 299 -10.26 52.78 -4.44
C GLY C 299 -8.81 52.53 -4.05
N GLU C 300 -7.93 53.53 -4.16
CA GLU C 300 -6.55 53.40 -3.74
C GLU C 300 -6.47 53.56 -2.22
N VAL C 301 -7.05 52.58 -1.52
CA VAL C 301 -7.07 52.53 -0.07
C VAL C 301 -6.81 51.09 0.33
N ALA C 302 -5.89 50.90 1.27
CA ALA C 302 -5.59 49.55 1.75
C ALA C 302 -6.79 48.90 2.43
N THR C 303 -7.55 49.69 3.20
CA THR C 303 -8.73 49.21 3.89
C THR C 303 -10.01 49.38 3.06
N ALA C 304 -9.87 49.58 1.75
CA ALA C 304 -11.04 49.67 0.88
C ALA C 304 -11.95 48.46 1.08
N GLY C 305 -13.25 48.74 1.23
CA GLY C 305 -14.25 47.69 1.30
C GLY C 305 -14.47 47.04 -0.05
N SER C 306 -13.56 46.15 -0.45
CA SER C 306 -13.53 45.65 -1.81
C SER C 306 -14.22 44.30 -2.00
N ARG C 307 -14.68 43.64 -0.92
CA ARG C 307 -15.57 42.49 -1.02
C ARG C 307 -16.81 42.78 -0.19
N LEU C 308 -17.93 43.02 -0.86
CA LEU C 308 -19.20 43.26 -0.18
C LEU C 308 -19.88 41.91 0.06
N LEU C 309 -20.12 41.58 1.32
CA LEU C 309 -20.66 40.28 1.72
C LEU C 309 -22.10 40.47 2.17
N VAL C 310 -23.05 40.03 1.36
CA VAL C 310 -24.45 40.30 1.63
C VAL C 310 -25.21 39.02 1.92
N GLU C 311 -26.16 39.10 2.84
CA GLU C 311 -27.06 38.00 3.12
C GLU C 311 -28.14 37.95 2.03
N ARG C 312 -28.45 36.75 1.53
CA ARG C 312 -29.35 36.62 0.38
C ARG C 312 -30.69 37.29 0.63
N SER C 313 -31.26 37.08 1.82
CA SER C 313 -32.58 37.62 2.13
C SER C 313 -32.72 39.08 1.76
N ILE C 314 -31.65 39.87 1.84
CA ILE C 314 -31.73 41.29 1.47
C ILE C 314 -30.95 41.61 0.22
N LYS C 315 -30.23 40.65 -0.35
CA LYS C 315 -29.32 40.98 -1.46
C LYS C 315 -30.05 41.65 -2.63
N ASP C 316 -31.24 41.17 -2.97
CA ASP C 316 -31.97 41.75 -4.10
C ASP C 316 -32.42 43.16 -3.78
N ARG C 317 -32.82 43.42 -2.52
CA ARG C 317 -33.19 44.78 -2.17
C ARG C 317 -31.95 45.66 -2.01
N PHE C 318 -30.82 45.08 -1.60
CA PHE C 318 -29.65 45.87 -1.20
C PHE C 318 -28.81 46.29 -2.39
N LEU C 319 -28.54 45.37 -3.31
CA LEU C 319 -27.59 45.66 -4.40
C LEU C 319 -27.98 46.87 -5.25
N PRO C 320 -29.25 47.11 -5.60
CA PRO C 320 -29.58 48.41 -6.23
C PRO C 320 -29.24 49.60 -5.36
N MET C 321 -29.52 49.51 -4.05
CA MET C 321 -29.21 50.60 -3.14
C MET C 321 -27.72 50.94 -3.16
N VAL C 322 -26.87 49.92 -3.20
CA VAL C 322 -25.44 50.17 -3.34
C VAL C 322 -25.14 50.83 -4.67
N ILE C 323 -25.74 50.30 -5.76
CA ILE C 323 -25.52 50.85 -7.11
C ILE C 323 -25.93 52.32 -7.16
N GLU C 324 -27.01 52.68 -6.48
CA GLU C 324 -27.46 54.06 -6.56
C GLU C 324 -26.54 54.96 -5.78
N ALA C 325 -26.06 54.49 -4.63
CA ALA C 325 -25.13 55.27 -3.85
C ALA C 325 -23.85 55.46 -4.62
N LEU C 326 -23.33 54.36 -5.20
CA LEU C 326 -22.07 54.41 -5.92
C LEU C 326 -22.11 55.37 -7.11
N GLY C 327 -23.30 55.69 -7.61
CA GLY C 327 -23.39 56.63 -8.72
C GLY C 327 -23.19 58.07 -8.33
N THR C 328 -23.42 58.42 -7.06
CA THR C 328 -23.10 59.76 -6.58
C THR C 328 -21.59 60.03 -6.57
N TRP C 329 -20.76 58.98 -6.67
CA TRP C 329 -19.29 59.06 -6.67
C TRP C 329 -18.81 59.13 -8.13
N LYS C 330 -18.60 60.35 -8.64
CA LYS C 330 -18.27 60.59 -10.06
C LYS C 330 -16.86 61.16 -10.25
N PRO C 331 -16.01 60.53 -11.05
CA PRO C 331 -14.69 61.10 -11.30
C PRO C 331 -14.78 62.50 -11.89
N GLY C 332 -13.80 63.31 -11.54
CA GLY C 332 -13.84 64.71 -11.92
C GLY C 332 -12.45 65.32 -11.86
N ASN C 333 -12.40 66.59 -12.23
CA ASN C 333 -11.20 67.40 -12.17
C ASN C 333 -10.75 67.50 -10.72
N PRO C 334 -9.62 66.89 -10.37
CA PRO C 334 -9.20 66.91 -8.96
C PRO C 334 -9.00 68.32 -8.41
N LEU C 335 -8.86 69.32 -9.27
CA LEU C 335 -8.81 70.68 -8.76
C LEU C 335 -10.19 71.28 -8.53
N ASP C 336 -11.24 70.56 -8.86
CA ASP C 336 -12.57 71.07 -8.58
C ASP C 336 -12.97 70.73 -7.15
N PRO C 337 -13.42 71.71 -6.37
CA PRO C 337 -13.81 71.40 -4.98
C PRO C 337 -15.04 70.52 -4.88
N ALA C 338 -15.85 70.40 -5.92
CA ALA C 338 -17.01 69.51 -5.85
C ALA C 338 -16.67 68.09 -6.24
N THR C 339 -15.55 67.89 -6.92
CA THR C 339 -15.11 66.55 -7.23
C THR C 339 -15.00 65.71 -5.96
N ASN C 340 -15.41 64.44 -6.04
CA ASN C 340 -15.11 63.49 -4.98
C ASN C 340 -14.41 62.23 -5.44
N VAL C 341 -14.22 62.01 -6.74
CA VAL C 341 -13.33 60.95 -7.23
C VAL C 341 -12.28 61.58 -8.13
N GLY C 342 -11.03 61.28 -7.87
CA GLY C 342 -9.95 61.93 -8.58
C GLY C 342 -9.35 61.03 -9.62
N ALA C 343 -8.08 61.30 -9.94
CA ALA C 343 -7.36 60.48 -10.89
C ALA C 343 -6.70 59.30 -10.20
N LEU C 344 -6.53 58.22 -10.94
CA LEU C 344 -5.55 57.23 -10.54
C LEU C 344 -4.16 57.82 -10.65
N VAL C 345 -3.25 57.34 -9.81
CA VAL C 345 -1.98 58.02 -9.61
C VAL C 345 -1.20 58.14 -10.93
N ASP C 346 -1.15 57.07 -11.73
CA ASP C 346 -0.44 57.11 -13.00
C ASP C 346 -1.11 56.15 -13.99
N THR C 347 -0.69 56.23 -15.26
CA THR C 347 -1.20 55.32 -16.28
C THR C 347 -0.98 53.85 -15.90
N GLN C 348 0.17 53.55 -15.28
CA GLN C 348 0.42 52.17 -14.84
C GLN C 348 -0.69 51.68 -13.91
N GLN C 349 -0.99 52.46 -12.85
CA GLN C 349 -2.10 52.10 -11.98
C GLN C 349 -3.40 51.91 -12.76
N MET C 350 -3.62 52.80 -13.74
CA MET C 350 -4.86 52.75 -14.52
C MET C 350 -5.00 51.45 -15.28
N ASN C 351 -3.89 50.94 -15.84
CA ASN C 351 -4.02 49.74 -16.66
C ASN C 351 -4.05 48.47 -15.82
N THR C 352 -3.45 48.45 -14.64
CA THR C 352 -3.68 47.34 -13.70
C THR C 352 -5.15 47.26 -13.34
N VAL C 353 -5.77 48.40 -13.04
CA VAL C 353 -7.19 48.41 -12.71
C VAL C 353 -8.00 47.84 -13.87
N LEU C 354 -7.75 48.34 -15.09
CA LEU C 354 -8.48 47.88 -16.28
C LEU C 354 -8.22 46.40 -16.58
N SER C 355 -7.02 45.90 -16.29
CA SER C 355 -6.77 44.48 -16.45
C SER C 355 -7.60 43.67 -15.47
N TYR C 356 -7.77 44.15 -14.25
CA TYR C 356 -8.56 43.39 -13.29
C TYR C 356 -10.03 43.38 -13.68
N ILE C 357 -10.55 44.52 -14.15
CA ILE C 357 -11.95 44.59 -14.59
C ILE C 357 -12.20 43.56 -15.67
N ALA C 358 -11.28 43.46 -16.64
CA ALA C 358 -11.38 42.41 -17.64
C ALA C 358 -11.42 41.05 -16.97
N ALA C 359 -10.48 40.79 -16.05
CA ALA C 359 -10.44 39.50 -15.36
C ALA C 359 -11.75 39.20 -14.64
N GLY C 360 -12.47 40.25 -14.19
CA GLY C 360 -13.80 40.05 -13.63
C GLY C 360 -14.74 39.32 -14.58
N HIS C 361 -14.83 39.82 -15.83
CA HIS C 361 -15.62 39.13 -16.85
C HIS C 361 -15.10 37.70 -17.08
N THR C 362 -13.78 37.55 -17.28
CA THR C 362 -13.20 36.24 -17.59
C THR C 362 -13.48 35.22 -16.49
N ASP C 363 -13.48 35.64 -15.22
CA ASP C 363 -13.71 34.72 -14.11
C ASP C 363 -15.15 34.25 -14.04
N GLY C 364 -16.08 34.95 -14.68
CA GLY C 364 -17.49 34.59 -14.66
C GLY C 364 -18.40 35.54 -13.90
N ALA C 365 -17.86 36.57 -13.25
CA ALA C 365 -18.72 37.54 -12.59
C ALA C 365 -19.53 38.34 -13.61
N ARG C 366 -20.42 39.17 -13.09
CA ARG C 366 -21.35 39.95 -13.91
C ARG C 366 -21.21 41.42 -13.55
N LEU C 367 -21.07 42.27 -14.56
CA LEU C 367 -20.91 43.70 -14.36
C LEU C 367 -22.26 44.37 -14.14
N VAL C 368 -22.34 45.27 -13.16
CA VAL C 368 -23.63 45.89 -12.84
C VAL C 368 -23.48 47.40 -12.75
N ALA C 369 -22.24 47.91 -12.70
CA ALA C 369 -21.99 49.35 -12.73
C ALA C 369 -20.55 49.62 -13.14
N GLY C 370 -20.36 50.66 -13.97
CA GLY C 370 -19.00 51.04 -14.36
C GLY C 370 -18.34 50.05 -15.30
N GLY C 371 -17.03 49.87 -15.14
CA GLY C 371 -16.25 49.01 -16.01
C GLY C 371 -15.38 49.71 -17.04
N LYS C 372 -15.48 51.04 -17.16
CA LYS C 372 -14.80 51.74 -18.24
C LYS C 372 -13.87 52.82 -17.70
N GLN C 373 -12.85 53.16 -18.49
CA GLN C 373 -12.10 54.40 -18.28
C GLN C 373 -12.82 55.54 -18.97
N ILE C 374 -12.86 56.69 -18.31
CA ILE C 374 -13.56 57.88 -18.80
C ILE C 374 -12.60 59.07 -18.78
N LEU C 375 -13.06 60.16 -19.40
CA LEU C 375 -12.40 61.47 -19.36
C LEU C 375 -10.97 61.44 -19.92
N GLN C 376 -10.71 60.58 -20.92
CA GLN C 376 -9.39 60.52 -21.52
C GLN C 376 -9.07 61.76 -22.34
N GLU C 377 -10.10 62.53 -22.72
CA GLU C 377 -9.88 63.78 -23.43
C GLU C 377 -9.00 64.73 -22.61
N THR C 378 -9.07 64.63 -21.29
CA THR C 378 -8.30 65.41 -20.32
C THR C 378 -6.80 65.13 -20.38
N GLY C 379 -6.38 63.99 -20.92
CA GLY C 379 -5.05 63.50 -20.67
C GLY C 379 -4.83 62.98 -19.27
N GLY C 380 -5.88 62.95 -18.44
CA GLY C 380 -5.81 62.31 -17.14
C GLY C 380 -6.22 60.86 -17.22
N THR C 381 -6.06 60.16 -16.10
CA THR C 381 -6.29 58.72 -16.03
C THR C 381 -7.37 58.45 -14.98
N TYR C 382 -8.62 58.23 -15.42
CA TYR C 382 -9.75 58.06 -14.51
C TYR C 382 -10.51 56.78 -14.85
N VAL C 383 -11.01 56.12 -13.80
CA VAL C 383 -11.84 54.93 -13.96
C VAL C 383 -13.10 55.12 -13.11
N GLU C 384 -14.26 54.94 -13.72
CA GLU C 384 -15.50 55.04 -12.96
C GLU C 384 -15.61 53.86 -11.99
N PRO C 385 -16.05 54.11 -10.78
CA PRO C 385 -16.29 53.02 -9.84
C PRO C 385 -17.13 51.93 -10.48
N THR C 386 -16.82 50.68 -10.12
CA THR C 386 -17.27 49.49 -10.81
C THR C 386 -17.70 48.45 -9.78
N ILE C 387 -18.84 47.79 -10.03
CA ILE C 387 -19.36 46.73 -9.17
C ILE C 387 -19.48 45.44 -9.98
N PHE C 388 -19.00 44.33 -9.40
CA PHE C 388 -19.22 43.01 -9.95
C PHE C 388 -20.11 42.21 -9.01
N ASP C 389 -20.98 41.40 -9.59
CA ASP C 389 -21.98 40.65 -8.84
C ASP C 389 -21.82 39.18 -9.20
N GLY C 390 -22.36 38.32 -8.36
CA GLY C 390 -22.15 36.89 -8.51
C GLY C 390 -20.70 36.50 -8.44
N VAL C 391 -19.90 37.23 -7.67
CA VAL C 391 -18.49 36.92 -7.43
C VAL C 391 -18.41 35.76 -6.44
N ASN C 392 -17.41 34.91 -6.61
CA ASN C 392 -17.18 33.79 -5.72
C ASN C 392 -15.79 33.96 -5.16
N ASN C 393 -15.62 33.67 -3.86
CA ASN C 393 -14.37 34.00 -3.21
C ASN C 393 -13.13 33.37 -3.86
N ALA C 394 -13.29 32.32 -4.70
CA ALA C 394 -12.11 31.75 -5.38
C ALA C 394 -11.65 32.56 -6.57
N MET C 395 -12.48 33.49 -7.07
CA MET C 395 -12.19 34.28 -8.27
C MET C 395 -11.07 35.29 -8.06
N ARG C 396 -10.43 35.67 -9.17
CA ARG C 396 -9.26 36.56 -9.10
C ARG C 396 -9.62 37.95 -8.54
N ILE C 397 -10.83 38.47 -8.79
CA ILE C 397 -11.14 39.78 -8.22
C ILE C 397 -11.60 39.72 -6.78
N ALA C 398 -11.74 38.52 -6.18
CA ALA C 398 -12.07 38.39 -4.76
C ALA C 398 -10.85 38.06 -3.89
N GLN C 399 -9.77 37.60 -4.50
CA GLN C 399 -8.54 37.17 -3.84
C GLN C 399 -7.42 38.20 -3.92
N GLU C 400 -7.25 38.84 -5.07
CA GLU C 400 -6.10 39.67 -5.38
C GLU C 400 -6.47 41.14 -5.17
N GLU C 401 -5.59 41.90 -4.51
CA GLU C 401 -5.90 43.29 -4.27
C GLU C 401 -5.83 44.05 -5.59
N ILE C 402 -6.90 44.81 -5.88
CA ILE C 402 -7.03 45.56 -7.13
C ILE C 402 -6.49 46.98 -6.98
N PHE C 403 -6.78 47.61 -5.84
CA PHE C 403 -6.36 48.99 -5.59
C PHE C 403 -6.97 49.94 -6.61
N GLY C 404 -8.25 49.72 -6.88
CA GLY C 404 -9.04 50.63 -7.68
C GLY C 404 -10.47 50.63 -7.17
N PRO C 405 -11.32 51.44 -7.75
CA PRO C 405 -12.73 51.52 -7.32
C PRO C 405 -13.56 50.34 -7.82
N VAL C 406 -13.11 49.12 -7.52
CA VAL C 406 -13.71 47.92 -8.07
C VAL C 406 -14.21 46.99 -6.95
N LEU C 407 -15.53 46.94 -6.79
CA LEU C 407 -16.21 46.14 -5.77
C LEU C 407 -16.54 44.73 -6.27
N SER C 408 -16.34 43.73 -5.42
CA SER C 408 -16.87 42.39 -5.64
C SER C 408 -18.01 42.15 -4.67
N VAL C 409 -19.07 41.46 -5.13
CA VAL C 409 -20.21 41.18 -4.27
C VAL C 409 -20.47 39.67 -4.19
N LEU C 410 -20.48 39.14 -2.98
CA LEU C 410 -20.69 37.73 -2.73
C LEU C 410 -21.92 37.55 -1.83
N THR C 411 -22.33 36.29 -1.64
CA THR C 411 -23.51 36.00 -0.83
C THR C 411 -23.23 34.97 0.24
N PHE C 412 -24.13 34.94 1.23
CA PHE C 412 -24.06 33.95 2.29
C PHE C 412 -25.45 33.84 2.91
N ASP C 413 -25.62 32.78 3.70
CA ASP C 413 -26.89 32.45 4.32
C ASP C 413 -26.81 32.36 5.84
N THR C 414 -25.63 32.04 6.39
CA THR C 414 -25.42 31.97 7.83
C THR C 414 -24.21 32.80 8.21
N ALA C 415 -24.14 33.19 9.48
CA ALA C 415 -22.97 33.91 9.97
C ALA C 415 -21.71 33.04 9.92
N GLU C 416 -21.85 31.73 10.16
CA GLU C 416 -20.69 30.86 10.04
C GLU C 416 -20.10 30.96 8.63
N GLU C 417 -20.96 31.02 7.61
CA GLU C 417 -20.48 31.15 6.23
C GLU C 417 -19.78 32.49 6.01
N ALA C 418 -20.41 33.58 6.46
CA ALA C 418 -19.84 34.91 6.24
C ALA C 418 -18.45 35.00 6.82
N ILE C 419 -18.29 34.59 8.09
CA ILE C 419 -16.98 34.52 8.74
C ILE C 419 -15.98 33.77 7.88
N GLN C 420 -16.36 32.56 7.42
CA GLN C 420 -15.43 31.72 6.68
C GLN C 420 -14.93 32.41 5.41
N ILE C 421 -15.81 33.13 4.71
CA ILE C 421 -15.46 33.82 3.47
C ILE C 421 -14.62 35.05 3.74
N ALA C 422 -15.00 35.83 4.76
CA ALA C 422 -14.20 36.99 5.20
C ALA C 422 -12.76 36.60 5.57
N ASN C 423 -12.55 35.45 6.19
CA ASN C 423 -11.21 35.05 6.59
C ASN C 423 -10.49 34.21 5.53
N ASP C 424 -11.14 33.98 4.39
CA ASP C 424 -10.60 33.16 3.30
C ASP C 424 -9.75 34.04 2.38
N THR C 425 -8.63 34.49 2.94
CA THR C 425 -7.77 35.49 2.34
C THR C 425 -6.45 35.43 3.07
N PRO C 426 -5.34 35.77 2.42
CA PRO C 426 -4.08 35.91 3.15
C PRO C 426 -3.98 37.22 3.91
N TYR C 427 -4.99 38.09 3.85
CA TYR C 427 -4.89 39.41 4.46
C TYR C 427 -5.65 39.48 5.78
N GLY C 428 -5.58 40.65 6.40
CA GLY C 428 -6.25 40.87 7.66
C GLY C 428 -6.11 42.29 8.16
N LEU C 429 -6.37 43.25 7.28
CA LEU C 429 -6.21 44.66 7.59
C LEU C 429 -7.46 45.26 8.23
N ALA C 430 -8.62 45.03 7.63
CA ALA C 430 -9.87 45.56 8.17
C ALA C 430 -11.00 44.62 7.78
N ALA C 431 -12.19 44.96 8.27
CA ALA C 431 -13.40 44.19 8.04
C ALA C 431 -14.55 44.95 8.71
N ALA C 432 -15.75 44.74 8.18
CA ALA C 432 -16.90 45.42 8.76
C ALA C 432 -18.05 44.44 8.94
N VAL C 433 -18.83 44.67 10.00
CA VAL C 433 -20.03 43.91 10.33
C VAL C 433 -21.16 44.92 10.50
N TRP C 434 -22.28 44.66 9.83
CA TRP C 434 -23.51 45.44 9.97
C TRP C 434 -24.61 44.52 10.48
N THR C 435 -25.07 44.75 11.72
CA THR C 435 -26.14 44.02 12.38
C THR C 435 -26.58 44.81 13.59
N ALA C 436 -27.86 44.70 13.91
CA ALA C 436 -28.39 45.29 15.14
C ALA C 436 -28.39 44.30 16.31
N ASN C 437 -28.07 43.03 16.05
CA ASN C 437 -28.07 42.01 17.09
C ASN C 437 -26.77 42.07 17.89
N LEU C 438 -26.93 42.22 19.21
CA LEU C 438 -25.79 42.39 20.10
C LEU C 438 -24.82 41.21 20.00
N SER C 439 -25.34 39.99 20.20
CA SER C 439 -24.46 38.83 20.21
C SER C 439 -23.78 38.65 18.86
N LYS C 440 -24.57 38.68 17.77
CA LYS C 440 -23.98 38.51 16.44
C LYS C 440 -22.92 39.57 16.18
N ALA C 441 -23.16 40.81 16.64
CA ALA C 441 -22.20 41.88 16.43
C ALA C 441 -20.86 41.54 17.08
N HIS C 442 -20.87 41.25 18.38
CA HIS C 442 -19.60 40.98 19.08
C HIS C 442 -19.00 39.64 18.64
N LEU C 443 -19.82 38.61 18.50
CA LEU C 443 -19.24 37.30 18.19
C LEU C 443 -18.60 37.32 16.81
N THR C 444 -19.16 38.11 15.90
CA THR C 444 -18.59 38.13 14.57
C THR C 444 -17.29 38.94 14.53
N ALA C 445 -17.25 40.05 15.29
CA ALA C 445 -16.01 40.79 15.45
C ALA C 445 -14.89 39.91 16.00
N ARG C 446 -15.19 39.08 17.01
CA ARG C 446 -14.17 38.16 17.54
C ARG C 446 -13.64 37.22 16.46
N ALA C 447 -14.52 36.64 15.63
CA ALA C 447 -14.06 35.62 14.69
C ALA C 447 -13.31 36.19 13.49
N LEU C 448 -13.39 37.51 13.26
CA LEU C 448 -12.79 38.11 12.08
C LEU C 448 -11.29 38.33 12.32
N ARG C 449 -10.44 37.69 11.50
CA ARG C 449 -8.99 37.83 11.61
C ARG C 449 -8.55 39.10 10.86
N ALA C 450 -8.90 40.24 11.46
CA ALA C 450 -8.53 41.52 10.91
C ALA C 450 -8.12 42.45 12.06
N GLY C 451 -7.10 43.26 11.78
CA GLY C 451 -6.65 44.26 12.75
C GLY C 451 -7.69 45.30 13.10
N SER C 452 -8.52 45.69 12.16
CA SER C 452 -9.58 46.68 12.41
C SER C 452 -10.91 46.06 12.04
N VAL C 453 -11.90 46.14 12.93
CA VAL C 453 -13.24 45.63 12.67
C VAL C 453 -14.23 46.74 12.99
N TRP C 454 -14.89 47.25 11.98
CA TRP C 454 -15.88 48.29 12.20
C TRP C 454 -17.26 47.65 12.29
N VAL C 455 -18.10 48.17 13.16
CA VAL C 455 -19.44 47.66 13.37
C VAL C 455 -20.42 48.81 13.16
N ASN C 456 -21.33 48.65 12.19
CA ASN C 456 -22.39 49.61 11.85
C ASN C 456 -21.82 50.94 11.38
N GLN C 457 -20.64 50.86 10.79
CA GLN C 457 -19.93 52.00 10.23
C GLN C 457 -18.80 51.40 9.42
N TYR C 458 -18.18 52.23 8.59
CA TYR C 458 -16.95 51.84 7.92
C TYR C 458 -15.93 52.94 8.11
N ASP C 459 -14.66 52.58 7.90
CA ASP C 459 -13.49 53.45 8.09
C ASP C 459 -13.57 54.24 9.40
N GLY C 460 -13.80 53.47 10.48
CA GLY C 460 -13.93 54.05 11.79
C GLY C 460 -12.60 54.21 12.49
N GLY C 461 -12.68 54.74 13.69
CA GLY C 461 -11.46 54.95 14.43
C GLY C 461 -10.95 56.37 14.30
N ASP C 462 -10.21 56.81 15.33
CA ASP C 462 -9.46 58.05 15.31
C ASP C 462 -8.06 57.73 15.77
N MET C 463 -7.34 58.74 16.28
CA MET C 463 -5.94 58.52 16.69
C MET C 463 -5.82 57.55 17.85
N THR C 464 -6.91 57.28 18.60
CA THR C 464 -6.86 56.34 19.71
C THR C 464 -6.87 54.88 19.26
N ALA C 465 -7.33 54.59 18.04
CA ALA C 465 -7.44 53.21 17.55
C ALA C 465 -6.15 52.76 16.87
N PRO C 466 -5.51 51.68 17.32
CA PRO C 466 -4.39 51.13 16.53
C PRO C 466 -4.89 50.67 15.17
N PHE C 467 -3.93 50.49 14.26
CA PHE C 467 -4.22 50.25 12.86
C PHE C 467 -3.08 49.44 12.27
N GLY C 468 -3.41 48.25 11.76
CA GLY C 468 -2.42 47.37 11.18
C GLY C 468 -3.06 46.03 10.92
N GLY C 469 -2.27 45.14 10.32
CA GLY C 469 -2.86 43.92 9.82
C GLY C 469 -2.54 42.62 10.53
N PHE C 470 -3.36 41.58 10.26
CA PHE C 470 -3.07 40.18 10.55
C PHE C 470 -2.42 39.54 9.34
N LYS C 471 -1.72 38.43 9.59
CA LYS C 471 -1.25 37.61 8.47
C LYS C 471 -0.34 38.45 7.55
N GLN C 472 -0.43 38.24 6.23
CA GLN C 472 0.35 38.94 5.22
C GLN C 472 -0.01 40.43 5.12
N SER C 473 -0.90 40.94 5.96
CA SER C 473 -1.32 42.34 5.92
C SER C 473 -0.43 43.27 6.74
N GLY C 474 0.43 42.73 7.60
CA GLY C 474 1.47 43.50 8.25
C GLY C 474 1.77 42.94 9.62
N ASN C 475 2.69 43.62 10.31
CA ASN C 475 3.06 43.41 11.72
C ASN C 475 3.12 44.77 12.40
N GLY C 476 2.65 44.85 13.63
CA GLY C 476 2.66 46.12 14.31
C GLY C 476 1.40 46.92 14.04
N ARG C 477 1.34 48.09 14.67
CA ARG C 477 0.13 48.89 14.54
C ARG C 477 0.53 50.36 14.53
N ASP C 478 -0.01 51.11 13.57
CA ASP C 478 0.22 52.54 13.50
C ASP C 478 -0.90 53.22 14.27
N LYS C 479 -0.70 54.50 14.60
CA LYS C 479 -1.67 55.25 15.39
C LYS C 479 -1.80 54.68 16.80
N SER C 480 -2.39 55.46 17.72
CA SER C 480 -2.54 55.05 19.12
C SER C 480 -1.23 55.02 19.89
N LEU C 481 -1.32 54.72 21.19
CA LEU C 481 -0.13 54.53 22.01
C LEU C 481 0.69 53.32 21.58
N HIS C 482 0.08 52.32 20.95
CA HIS C 482 0.87 51.15 20.60
C HIS C 482 1.86 51.45 19.47
N ALA C 483 1.62 52.49 18.67
CA ALA C 483 2.52 52.74 17.55
C ALA C 483 3.92 53.06 18.05
N PHE C 484 4.00 53.60 19.27
CA PHE C 484 5.26 53.98 19.91
C PHE C 484 6.18 52.78 20.10
N ASP C 485 5.60 51.59 20.30
CA ASP C 485 6.42 50.41 20.59
C ASP C 485 7.35 50.04 19.44
N LYS C 486 7.03 50.41 18.20
CA LYS C 486 7.94 50.10 17.10
C LYS C 486 9.19 50.97 17.11
N TYR C 487 9.22 52.00 17.94
CA TYR C 487 10.30 52.98 17.91
C TYR C 487 11.10 53.01 19.20
N THR C 488 10.80 52.11 20.13
CA THR C 488 11.42 52.07 21.44
C THR C 488 11.98 50.69 21.71
N GLU C 489 12.79 50.62 22.75
CA GLU C 489 13.36 49.35 23.18
C GLU C 489 13.23 49.24 24.69
N LEU C 490 12.81 48.06 25.13
CA LEU C 490 12.62 47.82 26.55
C LEU C 490 13.95 47.48 27.20
N LYS C 491 14.18 48.03 28.37
CA LYS C 491 15.38 47.71 29.13
C LYS C 491 14.99 47.34 30.55
N SER C 492 15.60 46.28 31.07
CA SER C 492 15.38 45.86 32.45
C SER C 492 16.61 46.25 33.28
N THR C 493 16.47 47.33 34.08
CA THR C 493 17.50 47.78 35.01
C THR C 493 17.22 47.20 36.40
N TRP C 494 17.99 46.19 36.80
CA TRP C 494 17.82 45.54 38.08
C TRP C 494 18.97 45.91 39.00
N ILE C 495 18.64 46.47 40.16
CA ILE C 495 19.59 47.12 41.04
C ILE C 495 19.57 46.46 42.42
N LYS C 496 20.73 45.97 42.87
CA LYS C 496 20.86 45.49 44.24
C LYS C 496 21.17 46.62 45.21
N LEU C 497 20.50 46.57 46.36
CA LEU C 497 20.50 47.63 47.32
C LEU C 497 21.08 47.11 48.63
N THR D 3 -13.09 6.67 34.23
CA THR D 3 -12.74 5.42 33.54
C THR D 3 -12.42 5.65 32.04
N LEU D 4 -11.30 5.05 31.63
CA LEU D 4 -10.72 5.25 30.31
C LEU D 4 -11.50 4.55 29.20
N THR D 5 -11.60 5.23 28.06
CA THR D 5 -12.21 4.71 26.84
C THR D 5 -11.22 3.85 26.09
N ARG D 6 -11.71 3.22 25.01
CA ARG D 6 -10.84 2.40 24.15
C ARG D 6 -9.77 3.26 23.50
N ALA D 7 -10.19 4.34 22.83
CA ALA D 7 -9.25 5.28 22.25
C ALA D 7 -8.20 5.73 23.27
N ASP D 8 -8.66 6.06 24.49
CA ASP D 8 -7.76 6.45 25.56
C ASP D 8 -6.63 5.43 25.74
N TRP D 9 -6.95 4.13 25.67
CA TRP D 9 -5.91 3.13 25.92
C TRP D 9 -4.97 3.01 24.73
N GLU D 10 -5.51 3.10 23.50
CA GLU D 10 -4.67 3.00 22.31
C GLU D 10 -3.66 4.15 22.24
N GLN D 11 -4.07 5.33 22.71
CA GLN D 11 -3.14 6.45 22.84
C GLN D 11 -2.02 6.12 23.83
N ARG D 12 -2.38 5.60 25.00
CA ARG D 12 -1.36 5.30 26.00
C ARG D 12 -0.41 4.24 25.47
N ALA D 13 -0.96 3.23 24.80
CA ALA D 13 -0.13 2.18 24.21
C ALA D 13 0.86 2.79 23.25
N GLN D 14 0.39 3.73 22.44
CA GLN D 14 1.28 4.45 21.55
C GLN D 14 2.40 5.15 22.32
N ASN D 15 2.09 5.68 23.50
CA ASN D 15 3.00 6.61 24.16
C ASN D 15 3.92 5.94 25.18
N LEU D 16 3.83 4.63 25.35
CA LEU D 16 4.73 3.96 26.29
C LEU D 16 6.16 3.96 25.77
N LYS D 17 7.10 4.29 26.66
CA LYS D 17 8.49 3.85 26.51
C LYS D 17 8.64 2.59 27.35
N ILE D 18 9.08 1.50 26.71
CA ILE D 18 9.05 0.15 27.29
C ILE D 18 10.50 -0.30 27.55
N GLU D 19 10.85 -0.53 28.82
CA GLU D 19 12.16 -1.10 29.13
C GLU D 19 12.21 -2.52 28.60
N GLY D 20 13.37 -2.91 28.06
CA GLY D 20 13.50 -4.28 27.59
C GLY D 20 14.71 -4.99 28.15
N ARG D 21 15.44 -4.30 29.03
CA ARG D 21 16.72 -4.78 29.52
C ARG D 21 16.51 -5.71 30.72
N ALA D 22 17.56 -6.48 31.02
CA ALA D 22 17.58 -7.22 32.27
C ALA D 22 17.85 -6.26 33.45
N PHE D 23 17.79 -6.80 34.67
CA PHE D 23 18.03 -6.04 35.89
C PHE D 23 18.91 -6.87 36.83
N ILE D 24 20.13 -6.40 37.09
CA ILE D 24 21.09 -7.11 37.94
C ILE D 24 21.84 -6.09 38.80
N GLN D 25 21.86 -6.33 40.11
CA GLN D 25 22.54 -5.51 41.12
C GLN D 25 22.07 -4.04 41.03
N GLY D 26 20.76 -3.87 41.14
CA GLY D 26 20.20 -2.54 41.13
C GLY D 26 20.29 -1.77 39.84
N GLU D 27 20.58 -2.43 38.70
CA GLU D 27 20.75 -1.70 37.44
C GLU D 27 20.25 -2.50 36.24
N TYR D 28 19.57 -1.82 35.33
CA TYR D 28 19.23 -2.45 34.05
C TYR D 28 20.48 -2.66 33.21
N THR D 29 20.55 -3.80 32.54
CA THR D 29 21.77 -4.15 31.83
C THR D 29 21.41 -4.97 30.61
N ALA D 30 22.29 -4.93 29.63
CA ALA D 30 22.10 -5.84 28.52
C ALA D 30 22.53 -7.24 28.93
N ALA D 31 22.14 -8.19 28.09
CA ALA D 31 22.72 -9.53 28.16
C ALA D 31 24.20 -9.45 27.83
N ALA D 32 25.01 -10.20 28.57
CA ALA D 32 26.44 -10.18 28.32
C ALA D 32 26.76 -10.45 26.85
N SER D 33 25.88 -11.16 26.13
CA SER D 33 26.14 -11.36 24.72
C SER D 33 25.70 -10.17 23.87
N GLY D 34 25.01 -9.21 24.47
CA GLY D 34 24.40 -8.13 23.72
C GLY D 34 23.22 -8.55 22.90
N GLU D 35 22.91 -9.85 22.83
CA GLU D 35 21.81 -10.33 22.02
C GLU D 35 20.48 -9.84 22.60
N THR D 36 19.46 -9.78 21.73
CA THR D 36 18.09 -9.49 22.17
C THR D 36 17.12 -10.41 21.42
N PHE D 37 15.87 -10.40 21.88
CA PHE D 37 14.80 -11.04 21.15
C PHE D 37 13.62 -10.09 21.04
N ASP D 38 12.85 -10.25 19.95
CA ASP D 38 11.73 -9.37 19.67
C ASP D 38 10.52 -9.74 20.53
N CYS D 39 9.95 -8.75 21.18
CA CYS D 39 8.73 -8.92 21.96
C CYS D 39 7.56 -8.39 21.13
N ILE D 40 6.72 -9.29 20.65
CA ILE D 40 5.64 -8.96 19.71
C ILE D 40 4.29 -9.07 20.41
N SER D 41 3.46 -8.02 20.28
CA SER D 41 2.16 -8.05 20.92
C SER D 41 1.19 -8.92 20.12
N PRO D 42 0.56 -9.93 20.72
CA PRO D 42 -0.50 -10.66 20.01
C PRO D 42 -1.76 -9.83 19.74
N VAL D 43 -1.82 -8.57 20.20
CA VAL D 43 -3.02 -7.74 20.03
C VAL D 43 -3.24 -7.47 18.55
N ASP D 44 -2.25 -6.82 17.92
CA ASP D 44 -2.24 -6.51 16.50
C ASP D 44 -1.05 -7.11 15.77
N GLY D 45 0.11 -7.22 16.43
CA GLY D 45 1.29 -7.82 15.84
C GLY D 45 2.50 -6.92 15.98
N ARG D 46 2.35 -5.80 16.67
CA ARG D 46 3.40 -4.79 16.69
C ARG D 46 4.63 -5.22 17.49
N LEU D 47 5.73 -4.51 17.25
CA LEU D 47 6.96 -4.70 18.00
C LEU D 47 6.94 -3.84 19.27
N LEU D 48 6.86 -4.49 20.43
CA LEU D 48 6.76 -3.74 21.67
C LEU D 48 8.11 -3.17 22.07
N ALA D 49 9.14 -4.01 22.05
CA ALA D 49 10.51 -3.63 22.39
C ALA D 49 11.43 -4.77 21.99
N LYS D 50 12.74 -4.50 22.03
CA LYS D 50 13.76 -5.52 21.85
C LYS D 50 14.22 -5.90 23.25
N VAL D 51 13.98 -7.16 23.63
CA VAL D 51 14.16 -7.61 25.00
C VAL D 51 15.49 -8.34 25.14
N ALA D 52 16.21 -8.02 26.22
CA ALA D 52 17.45 -8.71 26.53
C ALA D 52 17.20 -10.21 26.54
N SER D 53 18.11 -10.94 25.90
CA SER D 53 18.03 -12.38 25.76
C SER D 53 19.18 -12.98 26.55
N CYS D 54 18.92 -13.28 27.82
CA CYS D 54 19.98 -13.72 28.71
C CYS D 54 20.39 -15.18 28.48
N ASP D 55 21.50 -15.54 29.12
CA ASP D 55 22.06 -16.89 29.02
C ASP D 55 22.80 -17.20 30.31
N ALA D 56 23.51 -18.34 30.30
CA ALA D 56 24.18 -18.84 31.49
C ALA D 56 25.09 -17.79 32.13
N ALA D 57 25.81 -17.02 31.30
CA ALA D 57 26.71 -16.02 31.85
C ALA D 57 25.92 -14.95 32.57
N ASP D 58 24.81 -14.53 31.96
CA ASP D 58 23.90 -13.64 32.66
C ASP D 58 23.37 -14.29 33.94
N ALA D 59 23.09 -15.60 33.90
CA ALA D 59 22.66 -16.31 35.10
C ALA D 59 23.74 -16.24 36.18
N GLN D 60 24.97 -16.60 35.84
CA GLN D 60 26.02 -16.58 36.85
C GLN D 60 26.22 -15.17 37.43
N ARG D 61 26.06 -14.13 36.62
CA ARG D 61 26.21 -12.78 37.17
C ARG D 61 25.14 -12.53 38.22
N ALA D 62 23.88 -12.84 37.86
CA ALA D 62 22.76 -12.59 38.75
C ALA D 62 22.85 -13.42 40.03
N VAL D 63 23.29 -14.68 39.92
CA VAL D 63 23.43 -15.52 41.11
C VAL D 63 24.43 -14.91 42.07
N GLU D 64 25.58 -14.45 41.56
CA GLU D 64 26.58 -13.83 42.44
C GLU D 64 26.02 -12.56 43.06
N SER D 65 25.29 -11.76 42.28
CA SER D 65 24.57 -10.64 42.88
C SER D 65 23.68 -11.12 44.01
N ALA D 66 22.86 -12.14 43.74
CA ALA D 66 21.97 -12.69 44.76
C ALA D 66 22.76 -13.16 45.97
N ARG D 67 23.77 -14.00 45.74
CA ARG D 67 24.53 -14.55 46.85
C ARG D 67 25.16 -13.43 47.67
N SER D 68 25.68 -12.43 46.99
CA SER D 68 26.33 -11.30 47.66
C SER D 68 25.35 -10.55 48.56
N ALA D 69 24.23 -10.09 47.99
CA ALA D 69 23.25 -9.34 48.76
C ALA D 69 22.81 -10.14 49.97
N PHE D 70 22.46 -11.41 49.77
CA PHE D 70 22.02 -12.26 50.88
C PHE D 70 23.05 -12.31 51.99
N ASP D 71 24.31 -12.62 51.64
CA ASP D 71 25.35 -12.78 52.66
C ASP D 71 25.58 -11.49 53.43
N SER D 72 25.37 -10.34 52.77
CA SER D 72 25.56 -9.04 53.43
C SER D 72 24.54 -8.79 54.53
N GLY D 73 23.47 -9.57 54.59
CA GLY D 73 22.41 -9.35 55.54
C GLY D 73 21.57 -8.09 55.31
N ALA D 74 21.82 -7.35 54.22
CA ALA D 74 21.15 -6.07 54.02
C ALA D 74 19.64 -6.19 53.96
N TRP D 75 19.11 -7.36 53.62
CA TRP D 75 17.67 -7.60 53.57
C TRP D 75 17.33 -8.83 54.39
N SER D 76 18.20 -9.84 54.35
CA SER D 76 17.88 -11.10 55.01
C SER D 76 17.99 -10.99 56.53
N ARG D 77 18.74 -10.04 57.06
CA ARG D 77 18.76 -9.85 58.51
C ARG D 77 18.13 -8.52 58.92
N LEU D 78 17.56 -7.80 57.97
CA LEU D 78 16.81 -6.60 58.30
C LEU D 78 15.56 -7.01 59.08
N ALA D 79 15.21 -6.18 60.07
CA ALA D 79 14.22 -6.57 61.06
C ALA D 79 12.86 -6.84 60.42
N PRO D 80 12.11 -7.83 60.94
CA PRO D 80 10.82 -8.21 60.34
C PRO D 80 9.82 -7.07 60.19
N ALA D 81 9.81 -6.10 61.10
CA ALA D 81 8.82 -5.03 60.94
C ALA D 81 9.16 -4.15 59.73
N LYS D 82 10.46 -4.06 59.40
CA LYS D 82 10.93 -3.23 58.29
C LYS D 82 10.69 -3.92 56.96
N ARG D 83 10.92 -5.23 56.90
CA ARG D 83 10.55 -5.99 55.72
C ARG D 83 9.04 -5.89 55.47
N LYS D 84 8.23 -6.02 56.53
CA LYS D 84 6.80 -5.76 56.37
C LYS D 84 6.59 -4.41 55.71
N ALA D 85 7.17 -3.36 56.31
CA ALA D 85 6.99 -2.00 55.80
C ALA D 85 7.38 -1.94 54.33
N THR D 86 8.58 -2.41 54.00
CA THR D 86 9.07 -2.33 52.63
C THR D 86 8.15 -3.10 51.69
N MET D 87 7.77 -4.33 52.07
CA MET D 87 6.94 -5.16 51.21
C MET D 87 5.63 -4.48 50.91
N ILE D 88 5.10 -3.72 51.88
CA ILE D 88 3.80 -3.11 51.66
C ILE D 88 3.95 -1.91 50.74
N ARG D 89 5.08 -1.20 50.85
CA ARG D 89 5.40 -0.13 49.90
C ARG D 89 5.53 -0.68 48.49
N PHE D 90 6.22 -1.81 48.34
CA PHE D 90 6.36 -2.47 47.05
C PHE D 90 4.99 -2.75 46.43
N ALA D 91 4.04 -3.22 47.24
CA ALA D 91 2.71 -3.48 46.69
C ALA D 91 2.06 -2.18 46.23
N GLY D 92 2.26 -1.10 46.99
CA GLY D 92 1.64 0.17 46.66
C GLY D 92 2.19 0.77 45.38
N LEU D 93 3.48 0.57 45.12
CA LEU D 93 4.02 1.06 43.88
C LEU D 93 3.39 0.35 42.68
N LEU D 94 2.97 -0.91 42.86
CA LEU D 94 2.21 -1.58 41.82
C LEU D 94 0.87 -0.88 41.60
N GLU D 95 0.18 -0.53 42.69
CA GLU D 95 -1.12 0.12 42.60
C GLU D 95 -1.00 1.54 42.04
N GLN D 96 0.07 2.27 42.42
CA GLN D 96 0.33 3.59 41.88
C GLN D 96 0.48 3.55 40.36
N ASN D 97 1.27 2.59 39.87
CA ASN D 97 1.53 2.43 38.45
C ASN D 97 0.61 1.41 37.79
N ALA D 98 -0.54 1.12 38.42
CA ALA D 98 -1.40 0.07 37.91
C ALA D 98 -1.71 0.23 36.43
N GLU D 99 -1.94 1.46 35.96
CA GLU D 99 -2.40 1.58 34.58
C GLU D 99 -1.27 1.30 33.60
N GLU D 100 -0.04 1.76 33.89
CA GLU D 100 1.11 1.36 33.07
C GLU D 100 1.30 -0.18 33.07
N LEU D 101 1.31 -0.79 34.26
CA LEU D 101 1.59 -2.23 34.35
C LEU D 101 0.49 -3.07 33.71
N ALA D 102 -0.78 -2.70 33.90
CA ALA D 102 -1.84 -3.46 33.25
C ALA D 102 -1.70 -3.36 31.74
N LEU D 103 -1.44 -2.14 31.25
CA LEU D 103 -1.26 -1.93 29.82
C LEU D 103 -0.11 -2.77 29.26
N LEU D 104 1.03 -2.83 29.98
CA LEU D 104 2.10 -3.73 29.58
C LEU D 104 1.62 -5.18 29.57
N GLU D 105 0.88 -5.58 30.63
CA GLU D 105 0.34 -6.94 30.68
C GLU D 105 -0.55 -7.26 29.47
N THR D 106 -1.45 -6.34 29.10
CA THR D 106 -2.32 -6.61 27.96
C THR D 106 -1.56 -6.59 26.64
N LEU D 107 -0.58 -5.69 26.49
CA LEU D 107 0.15 -5.68 25.23
C LEU D 107 1.04 -6.90 25.10
N ASP D 108 1.51 -7.45 26.21
CA ASP D 108 2.56 -8.45 26.11
C ASP D 108 2.00 -9.85 25.79
N MET D 109 0.84 -10.21 26.37
CA MET D 109 0.32 -11.56 26.17
C MET D 109 -1.15 -11.61 25.78
N GLY D 110 -1.79 -10.46 25.59
CA GLY D 110 -3.07 -10.40 24.90
C GLY D 110 -4.30 -10.48 25.76
N LYS D 111 -4.17 -10.36 27.10
CA LYS D 111 -5.36 -10.48 27.91
C LYS D 111 -6.12 -9.14 27.93
N PRO D 112 -7.44 -9.18 28.13
CA PRO D 112 -8.22 -7.95 28.05
C PRO D 112 -7.78 -6.94 29.10
N ILE D 113 -7.69 -5.68 28.69
CA ILE D 113 -7.17 -4.62 29.55
C ILE D 113 -7.98 -4.55 30.84
N SER D 114 -9.31 -4.65 30.76
CA SER D 114 -10.14 -4.62 31.96
C SER D 114 -9.82 -5.76 32.92
N ASP D 115 -9.42 -6.93 32.40
CA ASP D 115 -8.94 -8.02 33.23
C ASP D 115 -7.64 -7.65 33.92
N SER D 116 -6.69 -7.13 33.14
CA SER D 116 -5.39 -6.76 33.69
C SER D 116 -5.52 -5.75 34.80
N LEU D 117 -6.23 -4.65 34.53
CA LEU D 117 -6.45 -3.62 35.52
C LEU D 117 -7.17 -4.14 36.75
N GLY D 118 -8.15 -5.04 36.57
CA GLY D 118 -9.05 -5.35 37.66
C GLY D 118 -8.79 -6.67 38.36
N VAL D 119 -7.90 -7.47 37.79
CA VAL D 119 -7.64 -8.77 38.40
C VAL D 119 -6.16 -8.97 38.62
N ASP D 120 -5.37 -8.85 37.54
CA ASP D 120 -3.94 -9.14 37.61
C ASP D 120 -3.22 -8.22 38.58
N ILE D 121 -3.25 -6.92 38.30
CA ILE D 121 -2.39 -5.97 39.01
C ILE D 121 -2.88 -5.90 40.47
N PRO D 122 -4.17 -5.72 40.72
CA PRO D 122 -4.66 -5.90 42.11
C PRO D 122 -4.20 -7.21 42.73
N GLY D 123 -4.30 -8.30 41.96
CA GLY D 123 -3.96 -9.61 42.50
C GLY D 123 -2.50 -9.72 42.91
N GLY D 124 -1.60 -9.17 42.10
CA GLY D 124 -0.18 -9.25 42.44
C GLY D 124 0.18 -8.36 43.62
N ALA D 125 -0.40 -7.17 43.67
CA ALA D 125 -0.19 -6.31 44.82
C ALA D 125 -0.70 -6.99 46.09
N ARG D 126 -1.86 -7.66 45.98
CA ARG D 126 -2.42 -8.35 47.12
C ARG D 126 -1.45 -9.40 47.65
N ALA D 127 -0.84 -10.19 46.75
CA ALA D 127 0.10 -11.24 47.18
C ALA D 127 1.34 -10.66 47.85
N LEU D 128 1.79 -9.48 47.41
CA LEU D 128 2.93 -8.84 48.06
C LEU D 128 2.53 -8.22 49.41
N SER D 129 1.45 -7.43 49.43
CA SER D 129 1.08 -6.71 50.65
C SER D 129 0.69 -7.68 51.74
N TRP D 130 0.00 -8.76 51.37
CA TRP D 130 -0.46 -9.73 52.35
C TRP D 130 0.73 -10.49 52.94
N SER D 131 1.59 -11.03 52.09
CA SER D 131 2.79 -11.69 52.60
C SER D 131 3.61 -10.74 53.46
N GLY D 132 3.56 -9.46 53.16
CA GLY D 132 4.28 -8.49 53.97
C GLY D 132 3.63 -8.31 55.33
N GLU D 133 2.31 -8.13 55.35
CA GLU D 133 1.57 -8.06 56.62
C GLU D 133 1.87 -9.24 57.54
N ALA D 134 2.24 -10.39 56.98
CA ALA D 134 2.25 -11.63 57.74
C ALA D 134 3.60 -11.95 58.39
N ILE D 135 4.69 -11.32 57.96
CA ILE D 135 6.01 -11.69 58.46
C ILE D 135 6.07 -11.69 59.98
N ASP D 136 5.66 -10.60 60.62
CA ASP D 136 5.76 -10.57 62.09
C ASP D 136 4.52 -11.13 62.76
N LYS D 137 3.59 -11.68 61.99
CA LYS D 137 2.51 -12.46 62.58
C LYS D 137 2.86 -13.94 62.69
N LEU D 138 4.01 -14.35 62.15
CA LEU D 138 4.49 -15.72 62.20
C LEU D 138 5.29 -15.98 63.47
N TYR D 139 5.11 -17.17 64.05
CA TYR D 139 5.86 -17.58 65.23
C TYR D 139 6.46 -18.95 65.00
N ASP D 140 7.77 -19.09 65.27
CA ASP D 140 8.43 -20.39 65.29
C ASP D 140 8.11 -21.13 66.59
N GLU D 141 8.91 -22.13 67.01
CA GLU D 141 8.43 -23.04 68.05
C GLU D 141 9.50 -23.38 69.10
N VAL D 142 9.02 -23.73 70.29
CA VAL D 142 9.86 -24.21 71.39
C VAL D 142 9.34 -25.61 71.75
N ALA D 143 10.23 -26.59 71.77
CA ALA D 143 9.78 -27.94 72.03
C ALA D 143 9.54 -28.15 73.52
N ALA D 144 8.72 -29.15 73.82
CA ALA D 144 8.59 -29.61 75.20
C ALA D 144 9.81 -30.46 75.51
N THR D 145 10.68 -29.95 76.37
CA THR D 145 11.97 -30.58 76.67
C THR D 145 12.12 -30.67 78.16
N PRO D 146 13.03 -31.54 78.63
CA PRO D 146 13.38 -31.55 80.05
C PRO D 146 13.88 -30.19 80.52
N HIS D 147 14.03 -30.07 81.85
CA HIS D 147 14.37 -28.79 82.44
C HIS D 147 15.76 -28.31 82.02
N ASP D 148 16.70 -29.23 81.75
CA ASP D 148 18.06 -28.85 81.37
C ASP D 148 18.24 -28.59 79.89
N GLN D 149 17.17 -28.62 79.10
CA GLN D 149 17.27 -28.42 77.66
C GLN D 149 16.31 -27.33 77.23
N LEU D 150 16.72 -26.56 76.23
CA LEU D 150 15.85 -25.62 75.54
C LEU D 150 15.93 -25.92 74.06
N GLY D 151 14.80 -26.27 73.46
CA GLY D 151 14.80 -26.68 72.07
C GLY D 151 14.00 -25.76 71.19
N LEU D 152 14.69 -25.01 70.34
CA LEU D 152 14.02 -24.11 69.40
C LEU D 152 13.93 -24.74 68.02
N VAL D 153 12.78 -24.58 67.40
CA VAL D 153 12.55 -25.00 66.03
C VAL D 153 12.24 -23.73 65.25
N THR D 154 13.23 -23.19 64.57
CA THR D 154 13.05 -21.94 63.85
C THR D 154 13.20 -22.15 62.35
N ARG D 155 12.62 -21.22 61.59
CA ARG D 155 12.74 -21.17 60.14
C ARG D 155 13.68 -20.03 59.75
N GLU D 156 14.45 -20.26 58.70
CA GLU D 156 15.46 -19.37 58.17
C GLU D 156 15.30 -19.28 56.67
N PRO D 157 15.61 -18.14 56.05
CA PRO D 157 15.59 -18.06 54.59
C PRO D 157 16.55 -19.09 53.99
N VAL D 158 16.16 -19.65 52.84
CA VAL D 158 16.98 -20.71 52.26
C VAL D 158 18.29 -20.15 51.74
N GLY D 159 18.24 -18.94 51.16
CA GLY D 159 19.39 -18.31 50.52
C GLY D 159 19.05 -17.65 49.20
N VAL D 160 19.39 -18.31 48.09
CA VAL D 160 19.13 -17.80 46.75
C VAL D 160 18.02 -18.64 46.12
N VAL D 161 17.00 -17.97 45.60
CA VAL D 161 15.78 -18.56 45.06
C VAL D 161 15.68 -18.17 43.60
N ALA D 162 15.60 -19.17 42.71
CA ALA D 162 15.25 -18.95 41.32
C ALA D 162 13.76 -19.14 41.12
N ALA D 163 13.13 -18.19 40.45
CA ALA D 163 11.69 -18.21 40.25
C ALA D 163 11.41 -18.09 38.75
N ILE D 164 11.05 -19.20 38.12
CA ILE D 164 10.68 -19.25 36.71
C ILE D 164 9.16 -19.30 36.63
N VAL D 165 8.56 -18.30 35.99
CA VAL D 165 7.10 -18.12 36.00
C VAL D 165 6.55 -18.16 34.59
N PRO D 166 5.23 -18.33 34.42
CA PRO D 166 4.68 -18.46 33.06
C PRO D 166 4.08 -17.16 32.55
N TRP D 167 3.36 -17.24 31.44
CA TRP D 167 2.83 -16.05 30.79
C TRP D 167 1.33 -15.87 30.95
N ASN D 168 0.59 -16.86 31.48
CA ASN D 168 -0.86 -16.69 31.53
C ASN D 168 -1.28 -15.58 32.51
N PHE D 169 -0.55 -15.42 33.62
CA PHE D 169 -0.75 -14.30 34.54
C PHE D 169 0.65 -13.83 34.89
N PRO D 170 1.28 -13.06 34.00
CA PRO D 170 2.72 -12.78 34.18
C PRO D 170 3.07 -12.05 35.48
N LEU D 171 2.43 -10.91 35.77
CA LEU D 171 2.75 -10.19 36.99
C LEU D 171 2.22 -10.94 38.20
N MET D 172 0.97 -11.38 38.15
CA MET D 172 0.36 -12.02 39.30
C MET D 172 1.15 -13.26 39.72
N MET D 173 1.49 -14.14 38.77
CA MET D 173 2.22 -15.35 39.15
C MET D 173 3.55 -15.01 39.78
N ALA D 174 4.21 -13.97 39.26
CA ALA D 174 5.50 -13.59 39.84
C ALA D 174 5.33 -13.05 41.26
N CYS D 175 4.24 -12.33 41.51
CA CYS D 175 3.99 -11.83 42.85
C CYS D 175 3.66 -12.94 43.82
N TRP D 176 2.98 -14.00 43.36
CA TRP D 176 2.74 -15.17 44.21
C TRP D 176 4.06 -15.82 44.63
N LYS D 177 5.07 -15.77 43.76
CA LYS D 177 6.39 -16.24 44.15
C LYS D 177 7.14 -15.19 44.96
N LEU D 178 7.07 -13.92 44.56
CA LEU D 178 7.93 -12.92 45.16
C LEU D 178 7.49 -12.54 46.56
N GLY D 179 6.16 -12.53 46.81
CA GLY D 179 5.60 -12.15 48.09
C GLY D 179 6.24 -12.92 49.23
N PRO D 180 6.00 -14.23 49.25
CA PRO D 180 6.63 -15.06 50.29
C PRO D 180 8.14 -15.18 50.15
N ALA D 181 8.68 -15.26 48.93
CA ALA D 181 10.13 -15.46 48.82
C ALA D 181 10.89 -14.25 49.34
N LEU D 182 10.48 -13.06 48.90
CA LEU D 182 11.10 -11.83 49.37
C LEU D 182 10.85 -11.61 50.85
N SER D 183 9.60 -11.80 51.31
CA SER D 183 9.25 -11.60 52.72
C SER D 183 10.18 -12.37 53.66
N THR D 184 10.47 -13.63 53.36
CA THR D 184 11.33 -14.39 54.29
C THR D 184 12.80 -14.03 54.17
N GLY D 185 13.19 -13.05 53.36
CA GLY D 185 14.54 -12.55 53.34
C GLY D 185 15.46 -13.11 52.26
N ASN D 186 14.95 -13.93 51.35
CA ASN D 186 15.83 -14.48 50.33
C ASN D 186 16.11 -13.45 49.26
N SER D 187 17.19 -13.67 48.51
CA SER D 187 17.36 -13.06 47.19
C SER D 187 16.62 -13.92 46.17
N VAL D 188 16.05 -13.28 45.15
CA VAL D 188 15.31 -13.98 44.12
C VAL D 188 15.85 -13.53 42.77
N VAL D 189 16.39 -14.48 42.01
CA VAL D 189 16.57 -14.28 40.57
C VAL D 189 15.28 -14.72 39.89
N LEU D 190 14.66 -13.82 39.11
CA LEU D 190 13.33 -14.06 38.55
C LEU D 190 13.43 -14.15 37.03
N LYS D 191 13.12 -15.33 36.49
CA LYS D 191 13.05 -15.58 35.06
C LYS D 191 11.59 -15.54 34.59
N PRO D 192 11.13 -14.47 33.96
CA PRO D 192 9.78 -14.45 33.41
C PRO D 192 9.72 -15.20 32.09
N SER D 193 8.50 -15.35 31.59
CA SER D 193 8.32 -16.02 30.31
C SER D 193 8.94 -15.21 29.17
N GLU D 194 9.45 -15.92 28.17
CA GLU D 194 9.77 -15.30 26.89
C GLU D 194 8.54 -14.65 26.27
N LYS D 195 7.36 -15.24 26.45
CA LYS D 195 6.13 -14.67 25.91
C LYS D 195 5.69 -13.41 26.65
N SER D 196 6.18 -13.18 27.87
CA SER D 196 5.70 -12.08 28.71
C SER D 196 6.81 -11.55 29.61
N PRO D 197 7.77 -10.82 29.04
CA PRO D 197 8.85 -10.26 29.88
C PRO D 197 8.60 -8.87 30.45
N LEU D 198 7.58 -8.14 30.01
CA LEU D 198 7.59 -6.70 30.23
C LEU D 198 7.32 -6.32 31.70
N THR D 199 6.33 -6.95 32.33
CA THR D 199 5.99 -6.61 33.71
C THR D 199 7.11 -6.95 34.69
N ALA D 200 7.73 -8.14 34.57
CA ALA D 200 8.83 -8.47 35.48
C ALA D 200 10.00 -7.51 35.31
N ILE D 201 10.21 -7.02 34.08
CA ILE D 201 11.27 -6.06 33.82
C ILE D 201 10.94 -4.74 34.47
N ARG D 202 9.70 -4.27 34.31
CA ARG D 202 9.34 -2.98 34.87
C ARG D 202 9.42 -3.00 36.39
N ILE D 203 8.97 -4.08 37.03
CA ILE D 203 8.80 -3.97 38.48
C ILE D 203 10.12 -3.98 39.20
N ALA D 204 11.20 -4.42 38.52
CA ALA D 204 12.50 -4.47 39.19
C ALA D 204 12.92 -3.10 39.67
N GLN D 205 12.65 -2.05 38.88
CA GLN D 205 12.83 -0.68 39.33
C GLN D 205 11.98 -0.42 40.57
N LEU D 206 10.67 -0.70 40.46
CA LEU D 206 9.72 -0.48 41.55
C LEU D 206 10.19 -1.11 42.87
N ALA D 207 10.74 -2.31 42.80
CA ALA D 207 11.25 -2.94 44.02
C ALA D 207 12.36 -2.08 44.62
N ILE D 208 13.33 -1.68 43.78
CA ILE D 208 14.43 -0.84 44.26
C ILE D 208 13.88 0.45 44.84
N GLU D 209 12.89 1.04 44.15
CA GLU D 209 12.26 2.27 44.62
C GLU D 209 11.57 2.06 45.96
N ALA D 210 11.02 0.87 46.18
CA ALA D 210 10.32 0.64 47.44
C ALA D 210 11.26 0.41 48.61
N GLY D 211 12.56 0.20 48.34
CA GLY D 211 13.51 -0.08 49.39
C GLY D 211 14.04 -1.49 49.40
N ILE D 212 13.62 -2.32 48.45
CA ILE D 212 14.33 -3.59 48.27
C ILE D 212 15.78 -3.28 47.93
N PRO D 213 16.74 -3.84 48.63
CA PRO D 213 18.15 -3.54 48.32
C PRO D 213 18.59 -4.07 46.96
N ALA D 214 19.64 -3.43 46.45
CA ALA D 214 20.25 -3.84 45.20
C ALA D 214 20.72 -5.29 45.31
N GLY D 215 20.48 -6.06 44.25
CA GLY D 215 20.90 -7.45 44.22
C GLY D 215 19.95 -8.41 44.91
N VAL D 216 18.96 -7.93 45.65
CA VAL D 216 17.98 -8.84 46.23
C VAL D 216 17.02 -9.35 45.17
N LEU D 217 16.58 -8.50 44.24
CA LEU D 217 15.66 -8.94 43.17
C LEU D 217 16.27 -8.56 41.82
N ASN D 218 16.87 -9.55 41.17
CA ASN D 218 17.34 -9.44 39.79
C ASN D 218 16.39 -10.17 38.86
N VAL D 219 16.21 -9.63 37.65
CA VAL D 219 15.28 -10.17 36.66
C VAL D 219 16.08 -10.53 35.41
N LEU D 220 15.86 -11.74 34.89
CA LEU D 220 16.60 -12.25 33.74
C LEU D 220 15.59 -12.66 32.67
N PRO D 221 15.22 -11.76 31.77
CA PRO D 221 14.40 -12.17 30.62
C PRO D 221 15.24 -13.01 29.66
N GLY D 222 14.55 -13.78 28.82
CA GLY D 222 15.23 -14.79 27.99
C GLY D 222 14.57 -16.16 27.94
N TYR D 223 15.09 -17.05 27.10
CA TYR D 223 14.41 -18.30 26.82
C TYR D 223 14.59 -19.32 27.96
N GLY D 224 13.63 -20.25 28.04
CA GLY D 224 13.72 -21.31 29.03
C GLY D 224 14.93 -22.19 28.84
N HIS D 225 15.16 -22.66 27.60
CA HIS D 225 16.29 -23.56 27.35
C HIS D 225 17.66 -22.84 27.41
N THR D 226 17.69 -21.53 27.66
CA THR D 226 18.96 -20.84 27.85
C THR D 226 19.05 -20.39 29.29
N VAL D 227 18.53 -19.21 29.63
CA VAL D 227 18.81 -18.66 30.95
C VAL D 227 18.07 -19.45 32.01
N GLY D 228 16.93 -20.05 31.65
CA GLY D 228 16.09 -20.76 32.60
C GLY D 228 16.81 -22.01 33.05
N LYS D 229 17.06 -22.88 32.06
CA LYS D 229 17.86 -24.08 32.29
C LYS D 229 19.08 -23.79 33.16
N ALA D 230 19.79 -22.69 32.88
CA ALA D 230 21.06 -22.43 33.57
C ALA D 230 20.83 -22.18 35.06
N LEU D 231 19.77 -21.42 35.39
CA LEU D 231 19.36 -21.23 36.78
C LEU D 231 19.03 -22.56 37.44
N ALA D 232 18.08 -23.29 36.87
CA ALA D 232 17.74 -24.61 37.43
C ALA D 232 18.98 -25.47 37.59
N LEU D 233 19.94 -25.34 36.69
CA LEU D 233 21.18 -26.12 36.73
C LEU D 233 22.26 -25.50 37.59
N HIS D 234 22.07 -24.29 38.10
CA HIS D 234 23.12 -23.60 38.84
C HIS D 234 23.43 -24.27 40.16
N MET D 235 24.70 -24.24 40.52
CA MET D 235 25.18 -24.89 41.72
C MET D 235 25.05 -24.05 42.97
N ASP D 236 24.70 -22.77 42.85
CA ASP D 236 24.63 -21.87 43.99
C ASP D 236 23.20 -21.33 44.18
N VAL D 237 22.25 -21.82 43.38
CA VAL D 237 20.83 -21.65 43.66
C VAL D 237 20.40 -22.72 44.66
N ASP D 238 19.67 -22.31 45.71
CA ASP D 238 19.26 -23.19 46.80
C ASP D 238 17.88 -23.79 46.58
N THR D 239 16.92 -22.98 46.15
CA THR D 239 15.59 -23.43 45.83
C THR D 239 15.21 -22.86 44.46
N VAL D 240 14.57 -23.69 43.64
CA VAL D 240 13.90 -23.23 42.43
C VAL D 240 12.40 -23.36 42.64
N VAL D 241 11.66 -22.36 42.18
CA VAL D 241 10.20 -22.41 42.19
C VAL D 241 9.73 -22.10 40.78
N PHE D 242 8.63 -22.73 40.40
CA PHE D 242 8.26 -22.83 39.00
C PHE D 242 6.76 -22.92 38.87
N THR D 243 6.26 -22.40 37.77
CA THR D 243 4.88 -22.57 37.36
C THR D 243 4.90 -22.66 35.84
N GLY D 244 4.32 -23.74 35.30
CA GLY D 244 4.31 -23.91 33.86
C GLY D 244 3.87 -25.30 33.46
N SER D 245 4.45 -25.78 32.35
CA SER D 245 4.08 -27.08 31.78
C SER D 245 4.54 -28.23 32.67
N THR D 246 3.67 -29.22 32.79
CA THR D 246 4.04 -30.45 33.47
C THR D 246 5.32 -31.03 32.87
N LYS D 247 5.56 -30.78 31.57
CA LYS D 247 6.77 -31.34 30.95
C LYS D 247 8.03 -30.65 31.46
N ILE D 248 7.98 -29.34 31.62
CA ILE D 248 9.19 -28.65 32.03
C ILE D 248 9.44 -28.85 33.51
N ALA D 249 8.37 -28.82 34.31
CA ALA D 249 8.48 -29.08 35.74
C ALA D 249 9.21 -30.40 35.97
N LYS D 250 8.76 -31.47 35.28
CA LYS D 250 9.51 -32.73 35.31
C LYS D 250 10.98 -32.51 34.97
N GLN D 251 11.27 -31.72 33.93
CA GLN D 251 12.65 -31.46 33.50
C GLN D 251 13.46 -30.78 34.60
N LEU D 252 12.86 -29.80 35.30
CA LEU D 252 13.58 -29.12 36.38
C LEU D 252 13.93 -30.05 37.53
N MET D 253 13.09 -31.02 37.83
CA MET D 253 13.47 -32.01 38.83
C MET D 253 14.75 -32.71 38.41
N ILE D 254 14.83 -33.12 37.14
CA ILE D 254 16.05 -33.74 36.63
C ILE D 254 17.23 -32.78 36.79
N TYR D 255 17.03 -31.53 36.36
CA TYR D 255 18.09 -30.52 36.50
C TYR D 255 18.61 -30.48 37.93
N ALA D 256 17.71 -30.45 38.90
CA ALA D 256 18.13 -30.33 40.29
C ALA D 256 18.97 -31.51 40.73
N GLY D 257 18.62 -32.72 40.28
CA GLY D 257 19.41 -33.88 40.64
C GLY D 257 20.69 -34.01 39.84
N GLU D 258 20.75 -33.40 38.66
CA GLU D 258 21.98 -33.37 37.88
C GLU D 258 23.02 -32.44 38.49
N SER D 259 22.61 -31.49 39.34
CA SER D 259 23.51 -30.45 39.83
C SER D 259 23.64 -30.53 41.23
N ASN D 260 23.03 -29.62 42.06
CA ASN D 260 23.34 -29.37 43.47
C ASN D 260 22.28 -29.88 44.44
N MET D 261 21.33 -30.69 43.95
CA MET D 261 20.23 -31.23 44.76
C MET D 261 19.39 -30.11 45.37
N LYS D 262 19.24 -29.03 44.62
CA LYS D 262 18.46 -27.91 45.11
C LYS D 262 16.99 -28.30 45.33
N ARG D 263 16.32 -27.53 46.18
CA ARG D 263 14.89 -27.69 46.38
C ARG D 263 14.13 -27.30 45.14
N VAL D 264 13.15 -28.12 44.77
CA VAL D 264 12.33 -27.88 43.57
C VAL D 264 10.86 -27.84 43.97
N TRP D 265 10.19 -26.73 43.66
CA TRP D 265 8.77 -26.60 43.94
C TRP D 265 8.05 -26.32 42.62
N LEU D 266 7.13 -27.19 42.25
CA LEU D 266 6.48 -27.10 40.95
C LEU D 266 5.00 -26.85 41.11
N GLU D 267 4.48 -26.06 40.18
CA GLU D 267 3.05 -25.81 39.98
C GLU D 267 2.82 -26.03 38.49
N ALA D 268 2.47 -27.26 38.11
CA ALA D 268 2.26 -27.65 36.72
C ALA D 268 0.76 -27.57 36.35
N GLY D 269 0.38 -28.22 35.26
CA GLY D 269 -0.93 -28.02 34.66
C GLY D 269 -2.07 -28.66 35.43
N GLY D 270 -3.23 -28.73 34.76
CA GLY D 270 -4.39 -29.37 35.35
C GLY D 270 -5.48 -29.60 34.33
N LYS D 271 -6.33 -30.60 34.63
CA LYS D 271 -7.56 -30.85 33.87
C LYS D 271 -8.68 -31.01 34.88
N SER D 272 -9.28 -29.87 35.29
CA SER D 272 -10.06 -29.75 36.52
C SER D 272 -11.54 -30.06 36.29
N PRO D 273 -12.13 -30.96 37.06
CA PRO D 273 -13.57 -31.25 36.91
C PRO D 273 -14.45 -30.22 37.61
N ASN D 274 -15.54 -29.88 36.94
CA ASN D 274 -16.58 -29.00 37.47
C ASN D 274 -17.86 -29.84 37.53
N ILE D 275 -18.23 -30.29 38.74
CA ILE D 275 -19.26 -31.31 38.92
C ILE D 275 -20.57 -30.63 39.34
N VAL D 276 -21.56 -30.63 38.46
CA VAL D 276 -22.87 -30.07 38.75
C VAL D 276 -23.84 -31.20 39.01
N PHE D 277 -24.40 -31.21 40.21
CA PHE D 277 -25.38 -32.18 40.66
C PHE D 277 -26.80 -31.64 40.48
N ALA D 278 -27.75 -32.56 40.36
CA ALA D 278 -29.12 -32.13 40.13
C ALA D 278 -29.64 -31.27 41.27
N ASP D 279 -29.18 -31.46 42.50
CA ASP D 279 -29.68 -30.62 43.58
C ASP D 279 -28.82 -29.40 43.83
N ALA D 280 -28.12 -28.89 42.82
CA ALA D 280 -27.38 -27.62 42.99
C ALA D 280 -28.34 -26.52 43.42
N PRO D 281 -27.93 -25.67 44.36
CA PRO D 281 -28.86 -24.62 44.82
C PRO D 281 -29.27 -23.64 43.73
N ASP D 282 -28.33 -23.09 42.99
CA ASP D 282 -28.65 -22.09 41.96
C ASP D 282 -28.13 -22.62 40.63
N LEU D 283 -29.04 -23.20 39.84
CA LEU D 283 -28.65 -23.73 38.54
C LEU D 283 -28.04 -22.65 37.65
N GLN D 284 -28.66 -21.47 37.57
CA GLN D 284 -28.15 -20.40 36.72
C GLN D 284 -26.77 -19.93 37.16
N ALA D 285 -26.52 -19.88 38.47
CA ALA D 285 -25.19 -19.54 38.95
C ALA D 285 -24.16 -20.55 38.46
N ALA D 286 -24.50 -21.85 38.52
CA ALA D 286 -23.56 -22.89 38.11
C ALA D 286 -23.25 -22.79 36.62
N ALA D 287 -24.28 -22.61 35.80
CA ALA D 287 -24.07 -22.38 34.37
C ALA D 287 -23.12 -21.22 34.14
N ASP D 288 -23.43 -20.07 34.76
CA ASP D 288 -22.61 -18.88 34.59
C ASP D 288 -21.17 -19.14 35.01
N SER D 289 -20.97 -19.86 36.12
CA SER D 289 -19.62 -20.20 36.52
C SER D 289 -19.00 -21.23 35.59
N ALA D 290 -19.79 -22.23 35.17
CA ALA D 290 -19.31 -23.19 34.20
C ALA D 290 -18.73 -22.50 32.98
N ALA D 291 -19.45 -21.50 32.47
CA ALA D 291 -18.96 -20.75 31.32
C ALA D 291 -17.75 -19.91 31.70
N SER D 292 -17.86 -19.15 32.79
CA SER D 292 -16.75 -18.35 33.26
C SER D 292 -15.51 -19.21 33.54
N ALA D 293 -15.69 -20.49 33.88
CA ALA D 293 -14.55 -21.35 34.25
C ALA D 293 -13.70 -21.72 33.04
N ILE D 294 -14.27 -21.74 31.84
CA ILE D 294 -13.53 -22.08 30.64
C ILE D 294 -13.21 -20.86 29.78
N ALA D 295 -14.10 -19.85 29.74
CA ALA D 295 -13.89 -18.68 28.88
C ALA D 295 -12.94 -17.65 29.47
N PHE D 296 -12.90 -17.52 30.80
CA PHE D 296 -12.15 -16.43 31.42
C PHE D 296 -10.66 -16.55 31.11
N ASN D 297 -10.04 -15.40 30.79
CA ASN D 297 -8.66 -15.34 30.28
C ASN D 297 -8.41 -16.35 29.16
N GLN D 298 -9.39 -16.43 28.23
CA GLN D 298 -9.38 -17.25 27.00
C GLN D 298 -8.92 -18.69 27.26
N GLY D 299 -9.40 -19.28 28.35
CA GLY D 299 -9.07 -20.64 28.72
C GLY D 299 -7.61 -20.89 29.08
N GLU D 300 -6.72 -19.90 28.91
CA GLU D 300 -5.33 -20.01 29.32
C GLU D 300 -5.21 -19.90 30.84
N VAL D 301 -5.84 -20.87 31.53
CA VAL D 301 -5.86 -20.90 32.98
C VAL D 301 -5.61 -22.33 33.43
N ALA D 302 -4.66 -22.51 34.34
CA ALA D 302 -4.37 -23.83 34.89
C ALA D 302 -5.60 -24.46 35.54
N THR D 303 -6.39 -23.67 36.26
CA THR D 303 -7.56 -24.16 36.98
C THR D 303 -8.83 -24.00 36.18
N ALA D 304 -8.72 -23.73 34.88
CA ALA D 304 -9.89 -23.68 34.00
C ALA D 304 -10.77 -24.92 34.20
N GLY D 305 -12.08 -24.68 34.29
CA GLY D 305 -13.04 -25.77 34.37
C GLY D 305 -13.25 -26.39 33.00
N SER D 306 -12.28 -27.22 32.56
CA SER D 306 -12.31 -27.79 31.23
C SER D 306 -13.11 -29.09 31.12
N ARG D 307 -13.40 -29.77 32.24
CA ARG D 307 -14.26 -30.96 32.21
C ARG D 307 -15.54 -30.68 33.00
N LEU D 308 -16.64 -30.44 32.29
CA LEU D 308 -17.92 -30.21 32.95
C LEU D 308 -18.61 -31.54 33.15
N LEU D 309 -18.90 -31.88 34.41
CA LEU D 309 -19.47 -33.17 34.80
C LEU D 309 -20.89 -32.93 35.31
N VAL D 310 -21.87 -33.39 34.56
CA VAL D 310 -23.27 -33.05 34.83
C VAL D 310 -24.07 -34.31 35.09
N GLU D 311 -24.86 -34.31 36.16
CA GLU D 311 -25.82 -35.38 36.38
C GLU D 311 -26.88 -35.36 35.28
N ARG D 312 -27.22 -36.55 34.75
CA ARG D 312 -27.97 -36.57 33.48
C ARG D 312 -29.41 -36.09 33.65
N SER D 313 -29.99 -36.29 34.83
CA SER D 313 -31.34 -35.81 35.13
C SER D 313 -31.49 -34.34 34.79
N ILE D 314 -30.42 -33.57 34.90
CA ILE D 314 -30.48 -32.16 34.55
C ILE D 314 -29.66 -31.83 33.30
N LYS D 315 -29.03 -32.81 32.65
CA LYS D 315 -28.11 -32.45 31.56
C LYS D 315 -28.83 -31.79 30.40
N ASP D 316 -30.00 -32.30 30.03
CA ASP D 316 -30.73 -31.71 28.91
C ASP D 316 -31.21 -30.31 29.22
N ARG D 317 -31.53 -30.04 30.49
CA ARG D 317 -31.92 -28.68 30.85
C ARG D 317 -30.70 -27.78 31.04
N PHE D 318 -29.59 -28.34 31.51
CA PHE D 318 -28.47 -27.53 31.95
C PHE D 318 -27.57 -27.12 30.79
N LEU D 319 -27.37 -28.02 29.81
CA LEU D 319 -26.42 -27.74 28.73
C LEU D 319 -26.78 -26.52 27.89
N PRO D 320 -28.06 -26.26 27.55
CA PRO D 320 -28.35 -24.97 26.88
C PRO D 320 -28.08 -23.76 27.77
N MET D 321 -28.34 -23.84 29.08
CA MET D 321 -27.97 -22.75 29.98
C MET D 321 -26.48 -22.43 29.91
N VAL D 322 -25.64 -23.45 29.94
CA VAL D 322 -24.20 -23.25 29.78
C VAL D 322 -23.91 -22.62 28.42
N ILE D 323 -24.53 -23.13 27.35
CA ILE D 323 -24.31 -22.59 26.01
C ILE D 323 -24.68 -21.12 25.95
N GLU D 324 -25.81 -20.74 26.56
CA GLU D 324 -26.26 -19.36 26.52
C GLU D 324 -25.34 -18.46 27.33
N ALA D 325 -24.99 -18.91 28.54
CA ALA D 325 -24.02 -18.17 29.34
C ALA D 325 -22.74 -17.98 28.56
N LEU D 326 -22.25 -19.06 27.92
CA LEU D 326 -20.96 -18.99 27.27
C LEU D 326 -20.97 -17.99 26.11
N GLY D 327 -22.14 -17.75 25.49
CA GLY D 327 -22.23 -16.82 24.38
C GLY D 327 -21.98 -15.36 24.75
N THR D 328 -22.18 -15.02 26.03
CA THR D 328 -21.87 -13.68 26.50
C THR D 328 -20.37 -13.39 26.52
N TRP D 329 -19.54 -14.43 26.31
CA TRP D 329 -18.08 -14.34 26.34
C TRP D 329 -17.59 -14.29 24.89
N LYS D 330 -17.32 -13.06 24.40
CA LYS D 330 -16.99 -12.81 23.00
C LYS D 330 -15.58 -12.26 22.85
N PRO D 331 -14.73 -12.87 22.03
CA PRO D 331 -13.39 -12.30 21.80
C PRO D 331 -13.48 -10.91 21.21
N GLY D 332 -12.57 -10.05 21.64
CA GLY D 332 -12.61 -8.69 21.17
C GLY D 332 -11.24 -8.06 21.25
N ASN D 333 -11.21 -6.78 20.88
CA ASN D 333 -10.01 -5.96 20.98
C ASN D 333 -9.57 -5.91 22.43
N PRO D 334 -8.44 -6.52 22.78
CA PRO D 334 -7.99 -6.50 24.19
C PRO D 334 -7.84 -5.08 24.73
N LEU D 335 -7.64 -4.09 23.87
CA LEU D 335 -7.59 -2.72 24.35
C LEU D 335 -8.98 -2.13 24.62
N ASP D 336 -10.04 -2.80 24.22
CA ASP D 336 -11.38 -2.31 24.47
C ASP D 336 -11.81 -2.69 25.88
N PRO D 337 -12.25 -1.74 26.70
CA PRO D 337 -12.60 -2.09 28.09
C PRO D 337 -13.82 -2.97 28.19
N ALA D 338 -14.68 -3.01 27.17
CA ALA D 338 -15.85 -3.91 27.27
C ALA D 338 -15.49 -5.34 26.88
N THR D 339 -14.40 -5.53 26.16
CA THR D 339 -13.90 -6.86 25.85
C THR D 339 -13.76 -7.69 27.12
N ASN D 340 -14.22 -8.96 27.08
CA ASN D 340 -13.93 -9.91 28.14
C ASN D 340 -13.21 -11.17 27.71
N VAL D 341 -13.04 -11.42 26.40
CA VAL D 341 -12.16 -12.47 25.90
C VAL D 341 -11.09 -11.85 25.01
N GLY D 342 -9.83 -12.16 25.30
CA GLY D 342 -8.73 -11.51 24.62
C GLY D 342 -8.14 -12.36 23.52
N ALA D 343 -6.88 -12.11 23.23
CA ALA D 343 -6.14 -12.89 22.25
C ALA D 343 -5.48 -14.09 22.92
N LEU D 344 -5.28 -15.15 22.14
CA LEU D 344 -4.32 -16.16 22.57
C LEU D 344 -2.91 -15.58 22.44
N VAL D 345 -2.03 -16.05 23.32
CA VAL D 345 -0.74 -15.37 23.51
C VAL D 345 0.06 -15.28 22.20
N ASP D 346 0.05 -16.33 21.38
CA ASP D 346 0.82 -16.33 20.13
C ASP D 346 0.17 -17.27 19.11
N THR D 347 0.66 -17.22 17.87
CA THR D 347 0.10 -18.08 16.82
C THR D 347 0.27 -19.56 17.16
N GLN D 348 1.40 -19.93 17.77
CA GLN D 348 1.60 -21.33 18.15
C GLN D 348 0.52 -21.80 19.12
N GLN D 349 0.25 -21.00 20.16
CA GLN D 349 -0.86 -21.33 21.06
C GLN D 349 -2.14 -21.52 20.27
N MET D 350 -2.39 -20.64 19.30
CA MET D 350 -3.65 -20.67 18.56
C MET D 350 -3.79 -21.98 17.76
N ASN D 351 -2.68 -22.48 17.21
CA ASN D 351 -2.79 -23.70 16.41
C ASN D 351 -2.86 -24.93 17.30
N THR D 352 -2.24 -24.91 18.48
CA THR D 352 -2.43 -26.01 19.42
C THR D 352 -3.89 -26.15 19.80
N VAL D 353 -4.55 -25.03 20.08
CA VAL D 353 -5.97 -25.05 20.41
C VAL D 353 -6.77 -25.64 19.28
N LEU D 354 -6.56 -25.11 18.05
CA LEU D 354 -7.30 -25.56 16.88
C LEU D 354 -7.08 -27.05 16.61
N SER D 355 -5.86 -27.54 16.84
CA SER D 355 -5.60 -28.95 16.68
C SER D 355 -6.46 -29.78 17.65
N TYR D 356 -6.60 -29.30 18.89
CA TYR D 356 -7.42 -30.01 19.87
C TYR D 356 -8.89 -30.02 19.46
N ILE D 357 -9.42 -28.88 19.01
CA ILE D 357 -10.80 -28.84 18.53
C ILE D 357 -10.99 -29.88 17.44
N ALA D 358 -10.03 -30.00 16.52
CA ALA D 358 -10.16 -31.02 15.48
C ALA D 358 -10.16 -32.41 16.10
N ALA D 359 -9.25 -32.65 17.06
CA ALA D 359 -9.25 -33.93 17.78
C ALA D 359 -10.58 -34.18 18.50
N GLY D 360 -11.28 -33.13 18.93
CA GLY D 360 -12.62 -33.32 19.47
C GLY D 360 -13.56 -34.02 18.50
N HIS D 361 -13.56 -33.58 17.23
CA HIS D 361 -14.36 -34.26 16.21
C HIS D 361 -13.89 -35.70 16.00
N THR D 362 -12.58 -35.90 15.81
CA THR D 362 -12.03 -37.22 15.55
C THR D 362 -12.31 -38.20 16.68
N ASP D 363 -12.29 -37.74 17.93
CA ASP D 363 -12.51 -38.61 19.10
C ASP D 363 -13.94 -39.13 19.18
N GLY D 364 -14.89 -38.51 18.49
CA GLY D 364 -16.27 -38.92 18.52
C GLY D 364 -17.22 -37.93 19.17
N ALA D 365 -16.70 -36.94 19.90
CA ALA D 365 -17.54 -35.95 20.57
C ALA D 365 -18.34 -35.14 19.55
N ARG D 366 -19.13 -34.19 20.05
CA ARG D 366 -20.07 -33.45 19.22
C ARG D 366 -19.95 -31.97 19.56
N LEU D 367 -19.87 -31.13 18.53
CA LEU D 367 -19.73 -29.68 18.71
C LEU D 367 -21.09 -29.04 18.96
N VAL D 368 -21.20 -28.23 20.00
CA VAL D 368 -22.45 -27.54 20.28
C VAL D 368 -22.30 -26.03 20.35
N ALA D 369 -21.06 -25.51 20.36
CA ALA D 369 -20.80 -24.07 20.35
C ALA D 369 -19.34 -23.75 19.97
N GLY D 370 -19.13 -22.79 19.07
CA GLY D 370 -17.79 -22.38 18.72
C GLY D 370 -17.07 -23.34 17.78
N GLY D 371 -15.77 -23.54 18.01
CA GLY D 371 -14.96 -24.40 17.19
C GLY D 371 -14.15 -23.73 16.09
N LYS D 372 -14.26 -22.41 15.93
CA LYS D 372 -13.60 -21.71 14.84
C LYS D 372 -12.66 -20.64 15.40
N GLN D 373 -11.69 -20.23 14.59
CA GLN D 373 -10.96 -18.99 14.85
C GLN D 373 -11.68 -17.83 14.17
N ILE D 374 -11.67 -16.67 14.82
CA ILE D 374 -12.35 -15.48 14.34
C ILE D 374 -11.39 -14.31 14.36
N LEU D 375 -11.82 -13.21 13.72
CA LEU D 375 -11.14 -11.91 13.76
C LEU D 375 -9.72 -11.97 13.20
N GLN D 376 -9.53 -12.73 12.11
CA GLN D 376 -8.21 -12.84 11.52
C GLN D 376 -7.83 -11.59 10.75
N GLU D 377 -8.81 -10.76 10.38
CA GLU D 377 -8.54 -9.50 9.69
C GLU D 377 -7.62 -8.60 10.52
N THR D 378 -7.69 -8.67 11.85
CA THR D 378 -6.86 -7.81 12.68
C THR D 378 -5.39 -8.23 12.68
N GLY D 379 -5.08 -9.45 12.21
CA GLY D 379 -3.76 -10.01 12.43
C GLY D 379 -3.52 -10.45 13.86
N GLY D 380 -4.56 -10.56 14.68
CA GLY D 380 -4.46 -11.18 15.97
C GLY D 380 -4.92 -12.63 15.89
N THR D 381 -4.80 -13.32 17.03
CA THR D 381 -5.03 -14.76 17.12
C THR D 381 -6.15 -15.00 18.14
N TYR D 382 -7.37 -15.29 17.66
CA TYR D 382 -8.53 -15.39 18.52
C TYR D 382 -9.33 -16.66 18.21
N VAL D 383 -9.79 -17.35 19.27
CA VAL D 383 -10.66 -18.51 19.12
C VAL D 383 -11.91 -18.31 19.95
N GLU D 384 -13.08 -18.48 19.32
CA GLU D 384 -14.34 -18.41 20.06
C GLU D 384 -14.43 -19.57 21.04
N PRO D 385 -14.85 -19.30 22.28
CA PRO D 385 -15.02 -20.38 23.26
C PRO D 385 -15.91 -21.48 22.71
N THR D 386 -15.57 -22.72 23.05
CA THR D 386 -16.07 -23.91 22.36
C THR D 386 -16.51 -24.98 23.36
N ILE D 387 -17.63 -25.66 23.06
CA ILE D 387 -18.14 -26.74 23.90
C ILE D 387 -18.31 -28.01 23.07
N PHE D 388 -17.75 -29.11 23.57
CA PHE D 388 -17.97 -30.46 23.05
C PHE D 388 -18.82 -31.23 24.05
N ASP D 389 -19.80 -31.95 23.53
CA ASP D 389 -20.79 -32.67 24.31
C ASP D 389 -20.63 -34.16 24.00
N GLY D 390 -21.13 -35.01 24.90
CA GLY D 390 -20.94 -36.43 24.69
C GLY D 390 -19.50 -36.86 24.74
N VAL D 391 -18.68 -36.14 25.50
CA VAL D 391 -17.30 -36.51 25.76
C VAL D 391 -17.27 -37.65 26.76
N ASN D 392 -16.33 -38.57 26.59
CA ASN D 392 -16.08 -39.59 27.60
C ASN D 392 -14.63 -39.46 28.04
N ASN D 393 -14.38 -39.81 29.30
CA ASN D 393 -13.12 -39.42 29.93
C ASN D 393 -11.90 -40.03 29.25
N ALA D 394 -12.06 -41.05 28.40
CA ALA D 394 -10.91 -41.66 27.74
C ALA D 394 -10.42 -40.88 26.52
N MET D 395 -11.25 -39.97 25.98
CA MET D 395 -10.95 -39.18 24.78
C MET D 395 -9.81 -38.16 25.00
N ARG D 396 -9.24 -37.73 23.88
CA ARG D 396 -8.06 -36.86 23.96
C ARG D 396 -8.39 -35.48 24.52
N ILE D 397 -9.60 -34.95 24.28
CA ILE D 397 -9.90 -33.62 24.83
C ILE D 397 -10.34 -33.65 26.29
N ALA D 398 -10.64 -34.84 26.86
CA ALA D 398 -10.94 -35.00 28.29
C ALA D 398 -9.72 -35.33 29.14
N GLN D 399 -8.64 -35.80 28.53
CA GLN D 399 -7.44 -36.26 29.22
C GLN D 399 -6.32 -35.23 29.21
N GLU D 400 -6.09 -34.59 28.06
CA GLU D 400 -4.94 -33.75 27.83
C GLU D 400 -5.32 -32.28 28.02
N GLU D 401 -4.38 -31.49 28.56
CA GLU D 401 -4.68 -30.09 28.82
C GLU D 401 -4.63 -29.31 27.52
N ILE D 402 -5.72 -28.57 27.24
CA ILE D 402 -5.87 -27.82 25.99
C ILE D 402 -5.31 -26.41 26.11
N PHE D 403 -5.46 -25.79 27.28
CA PHE D 403 -5.04 -24.41 27.50
C PHE D 403 -5.65 -23.48 26.46
N GLY D 404 -6.93 -23.67 26.23
CA GLY D 404 -7.75 -22.77 25.46
C GLY D 404 -9.17 -22.83 25.98
N PRO D 405 -10.03 -22.00 25.44
CA PRO D 405 -11.43 -21.98 25.93
C PRO D 405 -12.27 -23.12 25.34
N VAL D 406 -11.83 -24.36 25.57
CA VAL D 406 -12.48 -25.54 25.00
C VAL D 406 -12.95 -26.44 26.13
N LEU D 407 -14.27 -26.60 26.24
CA LEU D 407 -14.95 -27.34 27.29
C LEU D 407 -15.40 -28.72 26.82
N SER D 408 -15.17 -29.73 27.67
CA SER D 408 -15.73 -31.07 27.49
C SER D 408 -16.86 -31.28 28.48
N VAL D 409 -17.96 -31.90 28.03
CA VAL D 409 -19.11 -32.15 28.89
C VAL D 409 -19.35 -33.64 29.01
N LEU D 410 -19.31 -34.15 30.24
CA LEU D 410 -19.42 -35.57 30.51
C LEU D 410 -20.68 -35.79 31.34
N THR D 411 -21.11 -37.05 31.48
CA THR D 411 -22.30 -37.35 32.26
C THR D 411 -22.03 -38.41 33.32
N PHE D 412 -22.93 -38.47 34.31
CA PHE D 412 -22.84 -39.45 35.38
C PHE D 412 -24.23 -39.59 36.00
N ASP D 413 -24.39 -40.64 36.82
CA ASP D 413 -25.66 -40.97 37.45
C ASP D 413 -25.61 -40.99 38.97
N THR D 414 -24.45 -41.31 39.56
CA THR D 414 -24.28 -41.41 41.00
C THR D 414 -23.08 -40.56 41.40
N ALA D 415 -22.98 -40.26 42.69
CA ALA D 415 -21.83 -39.48 43.11
C ALA D 415 -20.56 -40.30 43.05
N GLU D 416 -20.65 -41.61 43.25
CA GLU D 416 -19.47 -42.45 43.15
C GLU D 416 -18.90 -42.40 41.74
N GLU D 417 -19.77 -42.48 40.73
CA GLU D 417 -19.32 -42.32 39.35
C GLU D 417 -18.62 -40.98 39.13
N ALA D 418 -19.24 -39.90 39.61
CA ALA D 418 -18.68 -38.57 39.36
C ALA D 418 -17.31 -38.43 39.97
N ILE D 419 -17.12 -38.95 41.20
CA ILE D 419 -15.81 -38.93 41.85
C ILE D 419 -14.80 -39.70 41.01
N GLN D 420 -15.17 -40.90 40.55
CA GLN D 420 -14.28 -41.72 39.75
C GLN D 420 -13.82 -40.98 38.49
N ILE D 421 -14.73 -40.29 37.81
CA ILE D 421 -14.37 -39.60 36.57
C ILE D 421 -13.48 -38.39 36.86
N ALA D 422 -13.77 -37.67 37.94
CA ALA D 422 -12.98 -36.49 38.30
C ALA D 422 -11.55 -36.86 38.71
N ASN D 423 -11.35 -38.02 39.34
CA ASN D 423 -10.01 -38.42 39.73
C ASN D 423 -9.30 -39.26 38.66
N ASP D 424 -9.97 -39.55 37.55
CA ASP D 424 -9.41 -40.29 36.41
C ASP D 424 -8.58 -39.36 35.52
N THR D 425 -7.48 -38.89 36.09
CA THR D 425 -6.62 -37.88 35.50
C THR D 425 -5.29 -37.97 36.21
N PRO D 426 -4.18 -37.67 35.54
CA PRO D 426 -2.91 -37.53 36.25
C PRO D 426 -2.79 -36.23 37.02
N TYR D 427 -3.79 -35.34 36.93
CA TYR D 427 -3.73 -34.04 37.55
C TYR D 427 -4.51 -33.97 38.87
N GLY D 428 -4.42 -32.81 39.50
CA GLY D 428 -5.08 -32.56 40.77
C GLY D 428 -4.90 -31.14 41.27
N LEU D 429 -5.21 -30.18 40.40
CA LEU D 429 -5.00 -28.77 40.69
C LEU D 429 -6.23 -28.15 41.36
N ALA D 430 -7.39 -28.34 40.74
CA ALA D 430 -8.63 -27.85 41.28
C ALA D 430 -9.76 -28.79 40.89
N ALA D 431 -10.95 -28.50 41.43
CA ALA D 431 -12.18 -29.24 41.15
C ALA D 431 -13.31 -28.47 41.81
N ALA D 432 -14.53 -28.71 41.33
CA ALA D 432 -15.68 -28.01 41.88
C ALA D 432 -16.87 -28.96 42.04
N VAL D 433 -17.59 -28.79 43.15
CA VAL D 433 -18.82 -29.51 43.47
C VAL D 433 -19.95 -28.49 43.64
N TRP D 434 -21.07 -28.73 42.95
CA TRP D 434 -22.31 -27.94 43.10
C TRP D 434 -23.43 -28.84 43.64
N THR D 435 -23.74 -28.71 44.92
CA THR D 435 -24.86 -29.42 45.52
C THR D 435 -25.37 -28.62 46.71
N ALA D 436 -26.67 -28.74 46.97
CA ALA D 436 -27.25 -28.20 48.20
C ALA D 436 -27.19 -29.17 49.37
N ASN D 437 -26.87 -30.44 49.10
CA ASN D 437 -26.83 -31.45 50.17
C ASN D 437 -25.56 -31.32 50.98
N LEU D 438 -25.73 -31.27 52.31
CA LEU D 438 -24.59 -31.05 53.20
C LEU D 438 -23.60 -32.20 53.11
N SER D 439 -24.08 -33.42 53.42
CA SER D 439 -23.24 -34.60 53.36
C SER D 439 -22.60 -34.76 51.99
N LYS D 440 -23.42 -34.79 50.94
CA LYS D 440 -22.86 -34.94 49.60
C LYS D 440 -21.80 -33.87 49.33
N ALA D 441 -22.00 -32.64 49.83
CA ALA D 441 -21.03 -31.58 49.54
C ALA D 441 -19.70 -31.87 50.23
N HIS D 442 -19.73 -32.18 51.53
CA HIS D 442 -18.47 -32.41 52.24
C HIS D 442 -17.83 -33.73 51.81
N LEU D 443 -18.63 -34.80 51.73
CA LEU D 443 -18.08 -36.10 51.40
C LEU D 443 -17.42 -36.06 50.03
N THR D 444 -18.01 -35.35 49.07
CA THR D 444 -17.42 -35.30 47.75
C THR D 444 -16.14 -34.47 47.72
N ALA D 445 -16.02 -33.44 48.55
CA ALA D 445 -14.76 -32.70 48.61
C ALA D 445 -13.65 -33.54 49.20
N ARG D 446 -13.96 -34.45 50.12
CA ARG D 446 -12.93 -35.35 50.64
C ARG D 446 -12.37 -36.26 49.55
N ALA D 447 -13.26 -36.87 48.76
CA ALA D 447 -12.85 -37.87 47.77
C ALA D 447 -12.11 -37.27 46.57
N LEU D 448 -12.10 -35.95 46.40
CA LEU D 448 -11.53 -35.33 45.22
C LEU D 448 -10.04 -35.11 45.41
N ARG D 449 -9.23 -35.74 44.55
CA ARG D 449 -7.77 -35.64 44.63
C ARG D 449 -7.33 -34.34 43.94
N ALA D 450 -7.71 -33.23 44.55
CA ALA D 450 -7.37 -31.91 44.02
C ALA D 450 -6.96 -31.01 45.17
N GLY D 451 -6.01 -30.12 44.89
CA GLY D 451 -5.50 -29.21 45.90
C GLY D 451 -6.47 -28.12 46.29
N SER D 452 -7.36 -27.74 45.37
CA SER D 452 -8.38 -26.72 45.64
C SER D 452 -9.72 -27.29 45.19
N VAL D 453 -10.67 -27.39 46.12
CA VAL D 453 -12.02 -27.83 45.82
C VAL D 453 -12.98 -26.69 46.14
N TRP D 454 -13.66 -26.20 45.12
CA TRP D 454 -14.63 -25.13 45.31
C TRP D 454 -16.02 -25.76 45.36
N VAL D 455 -16.85 -25.26 46.26
CA VAL D 455 -18.20 -25.78 46.46
C VAL D 455 -19.19 -24.65 46.19
N ASN D 456 -20.13 -24.88 45.26
CA ASN D 456 -21.19 -23.93 44.90
C ASN D 456 -20.62 -22.59 44.41
N GLN D 457 -19.39 -22.65 43.90
CA GLN D 457 -18.72 -21.51 43.31
C GLN D 457 -17.55 -22.07 42.54
N TYR D 458 -17.01 -21.26 41.65
CA TYR D 458 -15.79 -21.62 40.95
C TYR D 458 -14.75 -20.53 41.19
N ASP D 459 -13.48 -20.90 40.95
CA ASP D 459 -12.32 -20.00 41.10
C ASP D 459 -12.30 -19.28 42.46
N GLY D 460 -12.69 -20.00 43.51
CA GLY D 460 -12.80 -19.42 44.83
C GLY D 460 -11.45 -19.22 45.47
N GLY D 461 -11.49 -18.82 46.73
CA GLY D 461 -10.24 -18.58 47.45
C GLY D 461 -9.74 -17.14 47.33
N ASP D 462 -9.04 -16.70 48.36
CA ASP D 462 -8.36 -15.42 48.40
C ASP D 462 -6.93 -15.72 48.87
N MET D 463 -6.23 -14.70 49.36
CA MET D 463 -4.85 -14.90 49.77
C MET D 463 -4.69 -15.84 50.94
N THR D 464 -5.77 -16.21 51.66
CA THR D 464 -5.67 -17.12 52.79
C THR D 464 -5.72 -18.59 52.36
N ALA D 465 -6.23 -18.89 51.18
CA ALA D 465 -6.30 -20.26 50.67
C ALA D 465 -4.99 -20.66 50.00
N PRO D 466 -4.32 -21.73 50.44
CA PRO D 466 -3.19 -22.25 49.66
C PRO D 466 -3.68 -22.76 48.30
N PHE D 467 -2.73 -22.86 47.38
CA PHE D 467 -3.02 -23.13 45.97
C PHE D 467 -1.88 -23.94 45.37
N GLY D 468 -2.22 -25.06 44.77
CA GLY D 468 -1.22 -25.99 44.29
C GLY D 468 -1.88 -27.32 43.99
N GLY D 469 -1.05 -28.28 43.62
CA GLY D 469 -1.61 -29.47 43.01
C GLY D 469 -1.35 -30.76 43.75
N PHE D 470 -2.14 -31.79 43.42
CA PHE D 470 -1.89 -33.19 43.71
C PHE D 470 -1.23 -33.82 42.50
N LYS D 471 -0.54 -34.94 42.72
CA LYS D 471 -0.13 -35.78 41.59
C LYS D 471 0.84 -34.98 40.69
N GLN D 472 0.70 -35.10 39.37
CA GLN D 472 1.50 -34.37 38.39
C GLN D 472 1.07 -32.92 38.22
N SER D 473 0.24 -32.38 39.13
CA SER D 473 -0.14 -30.97 39.07
C SER D 473 0.76 -30.07 39.89
N GLY D 474 1.64 -30.65 40.71
CA GLY D 474 2.72 -29.94 41.35
C GLY D 474 2.94 -30.40 42.78
N ASN D 475 3.94 -29.83 43.44
CA ASN D 475 4.21 -29.99 44.87
C ASN D 475 4.34 -28.62 45.48
N GLY D 476 3.95 -28.51 46.75
CA GLY D 476 3.89 -27.23 47.42
C GLY D 476 2.61 -26.46 47.14
N ARG D 477 2.43 -25.38 47.89
CA ARG D 477 1.25 -24.54 47.70
C ARG D 477 1.68 -23.08 47.70
N ASP D 478 1.18 -22.31 46.73
CA ASP D 478 1.39 -20.88 46.70
C ASP D 478 0.27 -20.18 47.46
N LYS D 479 0.47 -18.89 47.75
CA LYS D 479 -0.49 -18.12 48.55
C LYS D 479 -0.60 -18.68 49.96
N SER D 480 -1.29 -17.97 50.85
CA SER D 480 -1.47 -18.40 52.23
C SER D 480 -0.17 -18.35 53.03
N LEU D 481 -0.26 -18.63 54.33
CA LEU D 481 0.91 -18.78 55.20
C LEU D 481 1.75 -20.00 54.83
N HIS D 482 1.23 -20.92 54.04
CA HIS D 482 1.97 -22.14 53.76
C HIS D 482 3.03 -21.94 52.68
N ALA D 483 2.79 -20.98 51.77
CA ALA D 483 3.74 -20.71 50.70
C ALA D 483 5.11 -20.36 51.23
N PHE D 484 5.18 -19.84 52.46
CA PHE D 484 6.45 -19.44 53.07
C PHE D 484 7.36 -20.64 53.26
N ASP D 485 6.79 -21.84 53.41
CA ASP D 485 7.59 -23.03 53.69
C ASP D 485 8.52 -23.39 52.52
N LYS D 486 8.09 -23.11 51.28
CA LYS D 486 8.97 -23.26 50.11
C LYS D 486 10.28 -22.47 50.23
N TYR D 487 10.33 -21.46 51.09
CA TYR D 487 11.43 -20.50 51.05
C TYR D 487 12.22 -20.47 52.33
N THR D 488 11.92 -21.37 53.28
CA THR D 488 12.55 -21.38 54.59
C THR D 488 13.05 -22.77 54.91
N GLU D 489 13.91 -22.86 55.91
CA GLU D 489 14.52 -24.12 56.28
C GLU D 489 14.37 -24.28 57.79
N LEU D 490 13.92 -25.45 58.23
CA LEU D 490 13.78 -25.65 59.67
C LEU D 490 15.14 -25.90 60.30
N LYS D 491 15.33 -25.38 61.51
CA LYS D 491 16.53 -25.71 62.27
C LYS D 491 16.14 -26.07 63.69
N SER D 492 16.82 -27.05 64.25
CA SER D 492 16.55 -27.46 65.62
C SER D 492 17.76 -27.10 66.46
N THR D 493 17.62 -26.07 67.29
CA THR D 493 18.69 -25.63 68.19
C THR D 493 18.42 -26.22 69.58
N TRP D 494 19.20 -27.21 69.96
CA TRP D 494 19.02 -27.89 71.23
C TRP D 494 20.18 -27.49 72.14
N ILE D 495 19.84 -26.97 73.32
CA ILE D 495 20.79 -26.26 74.19
C ILE D 495 20.77 -26.91 75.58
N LYS D 496 21.94 -27.37 76.03
CA LYS D 496 22.10 -27.89 77.37
C LYS D 496 22.38 -26.75 78.36
N LEU D 497 21.68 -26.78 79.48
CA LEU D 497 21.72 -25.75 80.49
C LEU D 497 22.23 -26.37 81.78
N THR E 3 3.84 49.97 -56.27
CA THR E 3 3.53 49.67 -54.86
C THR E 3 3.29 50.95 -54.05
N LEU E 4 2.36 50.87 -53.11
CA LEU E 4 2.04 52.00 -52.26
C LEU E 4 3.11 52.19 -51.19
N THR E 5 3.40 53.45 -50.88
CA THR E 5 4.45 53.87 -49.97
C THR E 5 3.90 53.99 -48.55
N ARG E 6 4.79 54.26 -47.58
CA ARG E 6 4.34 54.52 -46.22
C ARG E 6 3.35 55.67 -46.21
N ALA E 7 3.69 56.76 -46.89
CA ALA E 7 2.80 57.90 -47.04
C ALA E 7 1.47 57.51 -47.66
N ASP E 8 1.49 56.62 -48.65
CA ASP E 8 0.27 56.24 -49.35
C ASP E 8 -0.72 55.59 -48.40
N TRP E 9 -0.27 54.61 -47.61
CA TRP E 9 -1.17 53.98 -46.65
C TRP E 9 -1.59 54.95 -45.55
N GLU E 10 -0.71 55.89 -45.20
CA GLU E 10 -1.05 56.85 -44.17
C GLU E 10 -2.24 57.70 -44.59
N GLN E 11 -2.25 58.13 -45.86
CA GLN E 11 -3.39 58.82 -46.46
C GLN E 11 -4.60 57.90 -46.59
N ARG E 12 -4.42 56.70 -47.15
CA ARG E 12 -5.56 55.80 -47.32
C ARG E 12 -6.23 55.49 -45.98
N ALA E 13 -5.44 55.31 -44.93
CA ALA E 13 -6.03 55.05 -43.61
C ALA E 13 -6.86 56.24 -43.16
N GLN E 14 -6.40 57.45 -43.45
CA GLN E 14 -7.11 58.64 -43.02
C GLN E 14 -8.44 58.78 -43.75
N ASN E 15 -8.50 58.32 -45.01
CA ASN E 15 -9.66 58.51 -45.87
C ASN E 15 -10.65 57.37 -45.76
N LEU E 16 -10.27 56.27 -45.12
CA LEU E 16 -11.24 55.22 -44.90
C LEU E 16 -12.48 55.76 -44.19
N LYS E 17 -13.61 55.16 -44.50
CA LYS E 17 -14.88 55.44 -43.84
C LYS E 17 -15.29 54.06 -43.32
N ILE E 18 -15.47 53.93 -42.01
CA ILE E 18 -15.40 52.62 -41.36
C ILE E 18 -16.78 52.22 -40.85
N GLU E 19 -17.28 51.08 -41.31
CA GLU E 19 -18.55 50.54 -40.85
C GLU E 19 -18.36 49.82 -39.51
N GLY E 20 -19.23 50.10 -38.54
CA GLY E 20 -19.06 49.52 -37.22
C GLY E 20 -20.22 48.66 -36.79
N ARG E 21 -21.29 48.65 -37.59
CA ARG E 21 -22.53 48.01 -37.19
C ARG E 21 -22.45 46.50 -37.32
N ALA E 22 -23.38 45.83 -36.64
CA ALA E 22 -23.68 44.44 -36.85
C ALA E 22 -24.38 44.23 -38.19
N PHE E 23 -24.54 42.96 -38.57
CA PHE E 23 -25.20 42.62 -39.83
C PHE E 23 -26.07 41.38 -39.65
N ILE E 24 -27.38 41.57 -39.81
CA ILE E 24 -28.41 40.56 -39.60
C ILE E 24 -29.40 40.71 -40.75
N GLN E 25 -29.81 39.59 -41.34
CA GLN E 25 -30.87 39.58 -42.37
C GLN E 25 -30.58 40.58 -43.51
N GLY E 26 -29.33 40.63 -43.94
CA GLY E 26 -29.00 41.36 -45.14
C GLY E 26 -28.85 42.86 -44.98
N GLU E 27 -28.93 43.38 -43.75
CA GLU E 27 -28.84 44.81 -43.48
C GLU E 27 -27.92 45.10 -42.29
N TYR E 28 -27.22 46.24 -42.34
CA TYR E 28 -26.43 46.69 -41.20
C TYR E 28 -27.37 47.27 -40.14
N THR E 29 -27.08 46.99 -38.88
CA THR E 29 -28.00 47.34 -37.80
C THR E 29 -27.23 47.60 -36.54
N ALA E 30 -27.83 48.39 -35.67
CA ALA E 30 -27.27 48.57 -34.34
C ALA E 30 -27.71 47.43 -33.43
N ALA E 31 -26.96 47.25 -32.35
CA ALA E 31 -27.41 46.34 -31.31
C ALA E 31 -28.75 46.82 -30.74
N ALA E 32 -29.53 45.86 -30.24
CA ALA E 32 -30.85 46.20 -29.69
C ALA E 32 -30.74 47.28 -28.62
N SER E 33 -29.67 47.21 -27.80
CA SER E 33 -29.41 48.20 -26.77
C SER E 33 -29.14 49.58 -27.35
N GLY E 34 -28.40 49.62 -28.45
CA GLY E 34 -27.82 50.86 -28.89
C GLY E 34 -26.41 51.08 -28.38
N GLU E 35 -25.92 50.19 -27.52
CA GLU E 35 -24.58 50.34 -26.96
C GLU E 35 -23.52 50.05 -28.00
N THR E 36 -22.39 50.75 -27.88
CA THR E 36 -21.23 50.49 -28.71
C THR E 36 -20.00 50.41 -27.83
N PHE E 37 -18.90 49.97 -28.43
CA PHE E 37 -17.60 49.98 -27.78
C PHE E 37 -16.58 50.59 -28.71
N ASP E 38 -15.61 51.28 -28.12
CA ASP E 38 -14.58 51.94 -28.91
C ASP E 38 -13.63 50.89 -29.48
N CYS E 39 -13.39 50.96 -30.79
CA CYS E 39 -12.43 50.10 -31.47
C CYS E 39 -11.16 50.92 -31.66
N ILE E 40 -10.13 50.58 -30.90
CA ILE E 40 -8.92 51.39 -30.77
C ILE E 40 -7.76 50.68 -31.49
N SER E 41 -7.04 51.45 -32.35
CA SER E 41 -5.95 50.92 -33.17
C SER E 41 -4.65 50.87 -32.38
N PRO E 42 -4.01 49.70 -32.28
CA PRO E 42 -2.66 49.63 -31.67
C PRO E 42 -1.57 50.39 -32.42
N VAL E 43 -1.86 51.03 -33.55
CA VAL E 43 -0.78 51.73 -34.26
C VAL E 43 -0.39 52.99 -33.50
N ASP E 44 -1.38 53.78 -33.09
CA ASP E 44 -1.08 55.00 -32.36
C ASP E 44 -2.22 55.44 -31.44
N GLY E 45 -3.10 54.53 -31.03
CA GLY E 45 -4.25 54.82 -30.20
C GLY E 45 -5.40 55.51 -30.89
N ARG E 46 -5.31 55.76 -32.21
CA ARG E 46 -6.38 56.39 -32.98
C ARG E 46 -7.71 55.64 -32.87
N LEU E 47 -8.81 56.41 -32.88
CA LEU E 47 -10.16 55.86 -32.84
C LEU E 47 -10.62 55.51 -34.25
N LEU E 48 -10.87 54.22 -34.50
CA LEU E 48 -11.27 53.81 -35.84
C LEU E 48 -12.78 53.96 -36.08
N ALA E 49 -13.60 53.55 -35.12
CA ALA E 49 -15.05 53.60 -35.24
C ALA E 49 -15.67 53.11 -33.94
N LYS E 50 -16.95 53.42 -33.77
CA LYS E 50 -17.74 52.92 -32.65
C LYS E 50 -18.53 51.70 -33.13
N VAL E 51 -18.21 50.54 -32.56
CA VAL E 51 -18.68 49.25 -33.04
C VAL E 51 -19.82 48.78 -32.16
N ALA E 52 -20.87 48.24 -32.80
CA ALA E 52 -22.05 47.75 -32.09
C ALA E 52 -21.70 46.68 -31.07
N SER E 53 -22.10 46.92 -29.81
CA SER E 53 -21.85 45.97 -28.72
C SER E 53 -23.11 45.12 -28.55
N CYS E 54 -23.07 43.91 -29.11
CA CYS E 54 -24.24 43.05 -29.16
C CYS E 54 -24.34 42.21 -27.91
N ASP E 55 -25.56 41.79 -27.59
CA ASP E 55 -25.82 40.96 -26.42
C ASP E 55 -26.74 39.84 -26.86
N ALA E 56 -27.45 39.25 -25.89
CA ALA E 56 -28.21 38.04 -26.18
C ALA E 56 -29.39 38.35 -27.08
N ALA E 57 -29.98 39.54 -26.95
CA ALA E 57 -31.12 39.87 -27.79
C ALA E 57 -30.73 39.87 -29.26
N ASP E 58 -29.48 40.22 -29.55
CA ASP E 58 -29.01 40.16 -30.92
C ASP E 58 -28.62 38.74 -31.34
N ALA E 59 -28.14 37.92 -30.40
CA ALA E 59 -27.97 36.50 -30.70
C ALA E 59 -29.28 35.87 -31.16
N GLN E 60 -30.39 36.17 -30.47
CA GLN E 60 -31.68 35.60 -30.85
C GLN E 60 -32.12 36.08 -32.23
N ARG E 61 -31.99 37.38 -32.51
CA ARG E 61 -32.37 37.88 -33.83
C ARG E 61 -31.52 37.21 -34.91
N ALA E 62 -30.22 37.10 -34.65
CA ALA E 62 -29.36 36.56 -35.69
C ALA E 62 -29.66 35.08 -35.93
N VAL E 63 -29.88 34.31 -34.85
CA VAL E 63 -30.18 32.89 -35.02
C VAL E 63 -31.55 32.69 -35.70
N GLU E 64 -32.55 33.47 -35.29
CA GLU E 64 -33.86 33.41 -35.94
C GLU E 64 -33.72 33.66 -37.44
N SER E 65 -32.88 34.64 -37.82
CA SER E 65 -32.60 34.87 -39.23
C SER E 65 -31.98 33.66 -39.90
N ALA E 66 -30.86 33.17 -39.33
CA ALA E 66 -30.16 32.01 -39.89
C ALA E 66 -31.11 30.86 -40.12
N ARG E 67 -31.84 30.47 -39.08
CA ARG E 67 -32.75 29.33 -39.19
C ARG E 67 -33.77 29.58 -40.30
N SER E 68 -34.31 30.80 -40.36
CA SER E 68 -35.22 31.16 -41.44
C SER E 68 -34.58 30.92 -42.79
N ALA E 69 -33.38 31.46 -42.99
CA ALA E 69 -32.68 31.30 -44.26
C ALA E 69 -32.46 29.83 -44.58
N PHE E 70 -31.93 29.06 -43.62
CA PHE E 70 -31.67 27.65 -43.84
C PHE E 70 -32.95 26.93 -44.23
N ASP E 71 -34.03 27.17 -43.48
CA ASP E 71 -35.26 26.43 -43.72
C ASP E 71 -35.84 26.72 -45.10
N SER E 72 -35.70 27.96 -45.59
CA SER E 72 -36.23 28.26 -46.92
C SER E 72 -35.47 27.53 -48.01
N GLY E 73 -34.19 27.26 -47.77
CA GLY E 73 -33.35 26.56 -48.73
C GLY E 73 -32.73 27.40 -49.82
N ALA E 74 -32.90 28.74 -49.81
CA ALA E 74 -32.25 29.59 -50.81
C ALA E 74 -30.75 29.34 -50.91
N TRP E 75 -30.15 28.83 -49.84
CA TRP E 75 -28.75 28.43 -49.87
C TRP E 75 -28.61 26.95 -49.57
N SER E 76 -29.32 26.43 -48.55
CA SER E 76 -29.05 25.05 -48.11
C SER E 76 -29.41 24.03 -49.18
N ARG E 77 -30.36 24.34 -50.08
CA ARG E 77 -30.70 23.45 -51.19
C ARG E 77 -30.36 24.04 -52.55
N LEU E 78 -29.62 25.14 -52.61
CA LEU E 78 -29.10 25.60 -53.90
C LEU E 78 -28.07 24.59 -54.40
N ALA E 79 -28.07 24.34 -55.71
CA ALA E 79 -27.29 23.25 -56.28
C ALA E 79 -25.78 23.41 -56.07
N PRO E 80 -25.05 22.31 -55.88
CA PRO E 80 -23.61 22.41 -55.57
C PRO E 80 -22.84 23.32 -56.50
N ALA E 81 -23.07 23.24 -57.82
CA ALA E 81 -22.26 24.06 -58.72
C ALA E 81 -22.60 25.55 -58.61
N LYS E 82 -23.85 25.88 -58.27
CA LYS E 82 -24.17 27.28 -58.06
C LYS E 82 -23.51 27.79 -56.77
N ARG E 83 -23.52 26.99 -55.70
CA ARG E 83 -22.81 27.38 -54.48
C ARG E 83 -21.33 27.56 -54.76
N LYS E 84 -20.76 26.65 -55.56
CA LYS E 84 -19.38 26.78 -56.02
C LYS E 84 -19.09 28.16 -56.59
N ALA E 85 -19.90 28.60 -57.56
CA ALA E 85 -19.63 29.87 -58.22
C ALA E 85 -19.80 31.04 -57.26
N THR E 86 -20.84 30.96 -56.42
CA THR E 86 -21.06 32.01 -55.45
C THR E 86 -19.86 32.12 -54.53
N MET E 87 -19.40 30.99 -53.97
CA MET E 87 -18.24 31.01 -53.10
C MET E 87 -17.01 31.56 -53.83
N ILE E 88 -16.86 31.24 -55.11
CA ILE E 88 -15.66 31.74 -55.79
C ILE E 88 -15.78 33.23 -56.07
N ARG E 89 -17.01 33.72 -56.33
CA ARG E 89 -17.25 35.17 -56.45
C ARG E 89 -17.05 35.87 -55.10
N PHE E 90 -17.40 35.21 -54.00
CA PHE E 90 -17.07 35.71 -52.66
C PHE E 90 -15.58 35.94 -52.53
N ALA E 91 -14.78 34.91 -52.81
CA ALA E 91 -13.33 35.08 -52.77
C ALA E 91 -12.89 36.18 -53.74
N GLY E 92 -13.47 36.22 -54.94
CA GLY E 92 -13.14 37.28 -55.86
C GLY E 92 -13.35 38.66 -55.26
N LEU E 93 -14.33 38.80 -54.35
CA LEU E 93 -14.61 40.12 -53.81
C LEU E 93 -13.61 40.51 -52.72
N LEU E 94 -13.13 39.54 -51.94
CA LEU E 94 -12.00 39.78 -51.05
C LEU E 94 -10.81 40.30 -51.83
N GLU E 95 -10.41 39.60 -52.90
CA GLU E 95 -9.25 40.05 -53.65
C GLU E 95 -9.46 41.42 -54.30
N GLN E 96 -10.70 41.75 -54.69
CA GLN E 96 -10.97 43.02 -55.36
C GLN E 96 -10.87 44.19 -54.39
N ASN E 97 -11.35 44.00 -53.16
CA ASN E 97 -11.25 44.97 -52.08
C ASN E 97 -10.05 44.71 -51.17
N ALA E 98 -8.99 44.12 -51.73
CA ALA E 98 -7.86 43.63 -50.94
C ALA E 98 -7.15 44.75 -50.21
N GLU E 99 -7.01 45.93 -50.84
CA GLU E 99 -6.29 47.01 -50.19
C GLU E 99 -7.06 47.61 -49.03
N GLU E 100 -8.37 47.75 -49.17
CA GLU E 100 -9.12 48.26 -48.03
C GLU E 100 -9.18 47.22 -46.90
N LEU E 101 -9.50 45.97 -47.22
CA LEU E 101 -9.56 44.94 -46.19
C LEU E 101 -8.20 44.76 -45.51
N ALA E 102 -7.11 44.85 -46.28
CA ALA E 102 -5.80 44.76 -45.66
C ALA E 102 -5.60 45.91 -44.68
N LEU E 103 -5.84 47.15 -45.14
CA LEU E 103 -5.70 48.31 -44.26
C LEU E 103 -6.54 48.16 -42.99
N LEU E 104 -7.79 47.72 -43.11
CA LEU E 104 -8.61 47.47 -41.93
C LEU E 104 -7.92 46.50 -40.98
N GLU E 105 -7.34 45.42 -41.50
CA GLU E 105 -6.69 44.43 -40.64
C GLU E 105 -5.54 45.07 -39.85
N THR E 106 -4.66 45.78 -40.55
CA THR E 106 -3.52 46.40 -39.89
C THR E 106 -3.94 47.41 -38.83
N LEU E 107 -4.87 48.30 -39.18
CA LEU E 107 -5.32 49.30 -38.20
C LEU E 107 -6.03 48.68 -37.01
N ASP E 108 -6.74 47.57 -37.19
CA ASP E 108 -7.56 47.04 -36.10
C ASP E 108 -6.76 46.25 -35.08
N MET E 109 -5.78 45.44 -35.53
CA MET E 109 -5.04 44.61 -34.59
C MET E 109 -3.53 44.74 -34.74
N GLY E 110 -3.04 45.53 -35.68
CA GLY E 110 -1.67 46.01 -35.62
C GLY E 110 -0.63 45.23 -36.38
N LYS E 111 -1.02 44.35 -37.33
CA LYS E 111 0.02 43.63 -38.04
C LYS E 111 0.51 44.45 -39.23
N PRO E 112 1.71 44.15 -39.72
CA PRO E 112 2.26 44.96 -40.82
C PRO E 112 1.35 44.89 -42.04
N ILE E 113 1.17 46.05 -42.69
CA ILE E 113 0.32 46.12 -43.87
C ILE E 113 0.83 45.18 -44.95
N SER E 114 2.15 45.05 -45.10
CA SER E 114 2.68 44.12 -46.10
C SER E 114 2.34 42.68 -45.76
N ASP E 115 2.15 42.37 -44.47
CA ASP E 115 1.66 41.06 -44.06
C ASP E 115 0.23 40.87 -44.53
N SER E 116 -0.67 41.76 -44.10
CA SER E 116 -2.09 41.61 -44.39
C SER E 116 -2.34 41.48 -45.88
N LEU E 117 -1.70 42.35 -46.65
CA LEU E 117 -1.87 42.36 -48.09
C LEU E 117 -1.34 41.08 -48.74
N GLY E 118 -0.35 40.42 -48.13
CA GLY E 118 0.32 39.34 -48.78
C GLY E 118 0.08 37.96 -48.21
N VAL E 119 -0.35 37.91 -46.96
CA VAL E 119 -0.62 36.65 -46.25
C VAL E 119 -2.10 36.53 -45.92
N ASP E 120 -2.65 37.50 -45.19
CA ASP E 120 -4.00 37.37 -44.63
C ASP E 120 -5.09 37.38 -45.68
N ILE E 121 -5.22 38.50 -46.40
CA ILE E 121 -6.31 38.64 -47.36
C ILE E 121 -6.23 37.56 -48.44
N PRO E 122 -5.11 37.37 -49.15
CA PRO E 122 -5.03 36.23 -50.06
C PRO E 122 -5.28 34.89 -49.40
N GLY E 123 -4.90 34.72 -48.13
CA GLY E 123 -5.16 33.47 -47.45
C GLY E 123 -6.63 33.27 -47.12
N GLY E 124 -7.34 34.33 -46.75
CA GLY E 124 -8.77 34.21 -46.51
C GLY E 124 -9.54 33.96 -47.79
N ALA E 125 -9.15 34.65 -48.87
CA ALA E 125 -9.74 34.39 -50.17
C ALA E 125 -9.57 32.93 -50.56
N ARG E 126 -8.34 32.43 -50.48
CA ARG E 126 -8.06 31.06 -50.88
C ARG E 126 -8.93 30.06 -50.12
N ALA E 127 -9.21 30.32 -48.84
CA ALA E 127 -10.04 29.38 -48.10
C ALA E 127 -11.48 29.39 -48.59
N LEU E 128 -11.97 30.52 -49.08
CA LEU E 128 -13.32 30.51 -49.65
C LEU E 128 -13.34 29.89 -51.04
N SER E 129 -12.38 30.25 -51.91
CA SER E 129 -12.40 29.71 -53.27
C SER E 129 -12.06 28.21 -53.29
N TRP E 130 -11.05 27.78 -52.54
CA TRP E 130 -10.75 26.35 -52.49
C TRP E 130 -11.93 25.56 -51.94
N SER E 131 -12.59 26.05 -50.87
CA SER E 131 -13.73 25.32 -50.31
C SER E 131 -14.92 25.35 -51.27
N GLY E 132 -15.14 26.47 -51.95
CA GLY E 132 -16.13 26.49 -52.99
C GLY E 132 -15.80 25.48 -54.08
N GLU E 133 -14.54 25.47 -54.52
CA GLU E 133 -14.13 24.59 -55.62
C GLU E 133 -14.39 23.12 -55.34
N ALA E 134 -14.42 22.71 -54.07
CA ALA E 134 -14.47 21.31 -53.71
C ALA E 134 -15.87 20.78 -53.52
N ILE E 135 -16.89 21.63 -53.64
CA ILE E 135 -18.24 21.20 -53.28
C ILE E 135 -18.70 20.06 -54.19
N ASP E 136 -18.67 20.29 -55.50
CA ASP E 136 -19.06 19.23 -56.43
C ASP E 136 -17.93 18.24 -56.72
N LYS E 137 -16.81 18.30 -56.01
CA LYS E 137 -15.84 17.20 -56.04
C LYS E 137 -16.01 16.24 -54.85
N LEU E 138 -16.97 16.49 -53.98
CA LEU E 138 -17.22 15.63 -52.82
C LEU E 138 -18.28 14.56 -53.17
N TYR E 139 -18.00 13.31 -52.80
CA TYR E 139 -18.93 12.20 -53.03
C TYR E 139 -19.24 11.50 -51.72
N ASP E 140 -20.53 11.26 -51.48
CA ASP E 140 -20.98 10.46 -50.36
C ASP E 140 -20.88 8.98 -50.77
N GLU E 141 -21.48 8.05 -50.01
CA GLU E 141 -21.18 6.64 -50.21
C GLU E 141 -22.40 5.79 -50.52
N VAL E 142 -22.19 4.69 -51.23
CA VAL E 142 -23.15 3.60 -51.33
C VAL E 142 -22.54 2.37 -50.67
N ALA E 143 -23.27 1.77 -49.74
CA ALA E 143 -22.72 0.64 -49.01
C ALA E 143 -22.93 -0.67 -49.78
N ALA E 144 -22.05 -1.62 -49.48
CA ALA E 144 -22.15 -2.98 -50.02
C ALA E 144 -23.29 -3.72 -49.33
N THR E 145 -24.42 -3.80 -49.97
CA THR E 145 -25.55 -4.34 -49.23
C THR E 145 -26.03 -5.60 -49.93
N PRO E 146 -27.02 -6.30 -49.37
CA PRO E 146 -27.72 -7.34 -50.12
C PRO E 146 -28.44 -6.77 -51.34
N HIS E 147 -28.97 -7.70 -52.14
CA HIS E 147 -29.52 -7.30 -53.43
C HIS E 147 -30.79 -6.48 -53.24
N ASP E 148 -31.62 -6.85 -52.25
CA ASP E 148 -32.88 -6.16 -52.00
C ASP E 148 -32.69 -4.89 -51.14
N GLN E 149 -31.45 -4.45 -50.92
CA GLN E 149 -31.19 -3.24 -50.15
C GLN E 149 -30.41 -2.22 -50.98
N LEU E 150 -30.67 -0.96 -50.70
CA LEU E 150 -29.87 0.17 -51.17
C LEU E 150 -29.59 0.99 -49.93
N GLY E 151 -28.32 1.09 -49.57
CA GLY E 151 -27.94 1.78 -48.35
C GLY E 151 -27.10 2.98 -48.70
N LEU E 152 -27.67 4.17 -48.65
CA LEU E 152 -26.93 5.40 -48.88
C LEU E 152 -26.35 5.92 -47.58
N VAL E 153 -25.20 6.59 -47.69
CA VAL E 153 -24.56 7.28 -46.57
C VAL E 153 -24.24 8.68 -47.08
N THR E 154 -25.08 9.66 -46.69
CA THR E 154 -24.99 11.01 -47.22
C THR E 154 -24.69 12.01 -46.12
N ARG E 155 -24.44 13.24 -46.57
CA ARG E 155 -24.08 14.36 -45.71
C ARG E 155 -25.05 15.50 -45.96
N GLU E 156 -25.38 16.23 -44.90
CA GLU E 156 -26.32 17.33 -44.95
C GLU E 156 -25.81 18.39 -44.00
N PRO E 157 -26.09 19.66 -44.28
CA PRO E 157 -25.65 20.72 -43.37
C PRO E 157 -26.36 20.62 -42.01
N VAL E 158 -25.63 20.93 -40.94
CA VAL E 158 -26.17 20.78 -39.58
C VAL E 158 -27.37 21.71 -39.39
N GLY E 159 -27.22 22.97 -39.78
CA GLY E 159 -28.29 23.95 -39.77
C GLY E 159 -27.73 25.33 -39.54
N VAL E 160 -27.76 25.78 -38.29
CA VAL E 160 -27.23 27.09 -37.90
C VAL E 160 -25.88 26.89 -37.23
N VAL E 161 -24.82 27.48 -37.79
CA VAL E 161 -23.47 27.35 -37.27
C VAL E 161 -23.03 28.66 -36.63
N ALA E 162 -22.70 28.61 -35.34
CA ALA E 162 -22.09 29.75 -34.63
C ALA E 162 -20.57 29.68 -34.76
N ALA E 163 -19.95 30.74 -35.27
CA ALA E 163 -18.50 30.75 -35.37
C ALA E 163 -17.92 31.94 -34.60
N ILE E 164 -17.15 31.64 -33.56
CA ILE E 164 -16.47 32.64 -32.75
C ILE E 164 -14.97 32.59 -33.06
N VAL E 165 -14.43 33.69 -33.56
CA VAL E 165 -13.08 33.70 -34.13
C VAL E 165 -12.20 34.66 -33.33
N PRO E 166 -10.89 34.47 -33.36
CA PRO E 166 -10.00 35.32 -32.55
C PRO E 166 -9.46 36.52 -33.32
N TRP E 167 -8.50 37.24 -32.73
CA TRP E 167 -8.00 38.49 -33.29
C TRP E 167 -6.62 38.38 -33.96
N ASN E 168 -5.91 37.25 -33.86
CA ASN E 168 -4.56 37.17 -34.40
C ASN E 168 -4.55 37.16 -35.92
N PHE E 169 -5.54 36.49 -36.54
CA PHE E 169 -5.70 36.47 -38.00
C PHE E 169 -7.17 36.69 -38.30
N PRO E 170 -7.64 37.93 -38.12
CA PRO E 170 -9.10 38.15 -38.05
C PRO E 170 -9.87 37.70 -39.27
N LEU E 171 -9.37 38.00 -40.49
CA LEU E 171 -10.06 37.61 -41.71
C LEU E 171 -9.82 36.14 -42.05
N MET E 172 -8.56 35.71 -42.07
CA MET E 172 -8.28 34.36 -42.49
C MET E 172 -8.89 33.34 -41.53
N MET E 173 -8.77 33.59 -40.21
CA MET E 173 -9.44 32.71 -39.25
C MET E 173 -10.92 32.59 -39.55
N ALA E 174 -11.56 33.71 -39.89
CA ALA E 174 -12.97 33.65 -40.24
C ALA E 174 -13.18 32.84 -41.51
N CYS E 175 -12.39 33.13 -42.56
CA CYS E 175 -12.55 32.39 -43.82
C CYS E 175 -12.27 30.91 -43.67
N TRP E 176 -11.32 30.52 -42.80
CA TRP E 176 -11.11 29.11 -42.54
C TRP E 176 -12.38 28.42 -42.05
N LYS E 177 -13.32 29.17 -41.47
CA LYS E 177 -14.60 28.63 -41.02
C LYS E 177 -15.72 28.91 -42.01
N LEU E 178 -15.75 30.13 -42.56
CA LEU E 178 -16.81 30.47 -43.49
C LEU E 178 -16.75 29.58 -44.72
N GLY E 179 -15.55 29.38 -45.27
CA GLY E 179 -15.38 28.59 -46.46
C GLY E 179 -16.11 27.26 -46.40
N PRO E 180 -15.66 26.36 -45.52
CA PRO E 180 -16.33 25.06 -45.42
C PRO E 180 -17.78 25.18 -44.99
N ALA E 181 -18.04 25.92 -43.89
CA ALA E 181 -19.37 25.94 -43.31
C ALA E 181 -20.39 26.52 -44.28
N LEU E 182 -20.05 27.63 -44.94
CA LEU E 182 -20.94 28.17 -45.95
C LEU E 182 -21.11 27.20 -47.12
N SER E 183 -19.99 26.59 -47.56
CA SER E 183 -20.04 25.70 -48.73
C SER E 183 -20.92 24.50 -48.47
N THR E 184 -20.83 23.91 -47.29
CA THR E 184 -21.73 22.81 -47.02
C THR E 184 -23.18 23.25 -46.97
N GLY E 185 -23.45 24.55 -47.02
CA GLY E 185 -24.83 25.04 -47.08
C GLY E 185 -25.46 25.51 -45.78
N ASN E 186 -24.71 25.59 -44.69
CA ASN E 186 -25.23 26.10 -43.43
C ASN E 186 -25.45 27.61 -43.48
N SER E 187 -26.26 28.09 -42.55
CA SER E 187 -26.25 29.50 -42.19
C SER E 187 -25.28 29.72 -41.03
N VAL E 188 -24.53 30.84 -41.09
CA VAL E 188 -23.48 31.13 -40.11
C VAL E 188 -23.79 32.46 -39.40
N VAL E 189 -23.60 32.44 -38.08
CA VAL E 189 -23.56 33.64 -37.24
C VAL E 189 -22.12 33.78 -36.78
N LEU E 190 -21.43 34.80 -37.28
CA LEU E 190 -19.99 34.97 -37.10
C LEU E 190 -19.76 36.05 -36.05
N LYS E 191 -19.01 35.69 -35.01
CA LYS E 191 -18.68 36.57 -33.90
C LYS E 191 -17.20 36.90 -33.95
N PRO E 192 -16.79 38.00 -34.56
CA PRO E 192 -15.39 38.41 -34.50
C PRO E 192 -14.97 38.77 -33.08
N SER E 193 -13.67 38.96 -32.92
CA SER E 193 -13.13 39.37 -31.64
C SER E 193 -13.45 40.83 -31.38
N GLU E 194 -13.73 41.16 -30.12
CA GLU E 194 -13.82 42.57 -29.77
C GLU E 194 -12.52 43.28 -30.07
N LYS E 195 -11.40 42.55 -29.98
CA LYS E 195 -10.09 43.09 -30.36
C LYS E 195 -10.00 43.37 -31.86
N SER E 196 -10.83 42.75 -32.70
CA SER E 196 -10.67 42.92 -34.14
C SER E 196 -11.95 42.67 -34.94
N PRO E 197 -12.99 43.51 -34.77
CA PRO E 197 -14.25 43.25 -35.49
C PRO E 197 -14.30 43.72 -36.94
N LEU E 198 -13.43 44.64 -37.35
CA LEU E 198 -13.69 45.46 -38.53
C LEU E 198 -13.80 44.65 -39.83
N THR E 199 -12.94 43.63 -40.00
CA THR E 199 -12.97 42.84 -41.24
C THR E 199 -14.21 41.96 -41.33
N ALA E 200 -14.58 41.29 -40.22
CA ALA E 200 -15.84 40.53 -40.23
C ALA E 200 -17.02 41.43 -40.57
N ILE E 201 -17.08 42.62 -39.95
CA ILE E 201 -18.14 43.58 -40.26
C ILE E 201 -18.18 43.89 -41.75
N ARG E 202 -17.02 44.04 -42.37
CA ARG E 202 -16.98 44.59 -43.72
C ARG E 202 -17.30 43.53 -44.78
N ILE E 203 -16.88 42.28 -44.60
CA ILE E 203 -17.18 41.30 -45.65
C ILE E 203 -18.64 40.86 -45.64
N ALA E 204 -19.38 41.11 -44.55
CA ALA E 204 -20.82 40.84 -44.54
C ALA E 204 -21.50 41.49 -45.73
N GLN E 205 -21.20 42.77 -46.01
CA GLN E 205 -21.75 43.34 -47.24
C GLN E 205 -21.26 42.56 -48.44
N LEU E 206 -19.95 42.26 -48.47
CA LEU E 206 -19.34 41.59 -49.61
C LEU E 206 -19.96 40.23 -49.90
N ALA E 207 -20.43 39.52 -48.87
CA ALA E 207 -21.11 38.26 -49.12
C ALA E 207 -22.45 38.48 -49.82
N ILE E 208 -23.24 39.44 -49.34
CA ILE E 208 -24.51 39.76 -49.99
C ILE E 208 -24.28 39.99 -51.47
N GLU E 209 -23.21 40.72 -51.79
CA GLU E 209 -22.93 41.14 -53.16
C GLU E 209 -22.46 39.99 -54.02
N ALA E 210 -21.85 38.97 -53.44
CA ALA E 210 -21.46 37.80 -54.22
C ALA E 210 -22.63 36.87 -54.43
N GLY E 211 -23.77 37.15 -53.81
CA GLY E 211 -24.94 36.34 -53.98
C GLY E 211 -25.30 35.45 -52.82
N ILE E 212 -24.65 35.61 -51.67
CA ILE E 212 -25.10 34.90 -50.48
C ILE E 212 -26.43 35.49 -50.04
N PRO E 213 -27.51 34.70 -49.98
CA PRO E 213 -28.80 35.25 -49.52
C PRO E 213 -28.73 35.92 -48.14
N ALA E 214 -29.63 36.89 -47.95
CA ALA E 214 -29.82 37.50 -46.64
C ALA E 214 -30.14 36.45 -45.57
N GLY E 215 -29.59 36.65 -44.36
CA GLY E 215 -29.78 35.71 -43.28
C GLY E 215 -28.78 34.56 -43.23
N VAL E 216 -28.02 34.31 -44.31
CA VAL E 216 -27.14 33.14 -44.38
C VAL E 216 -25.79 33.41 -43.73
N LEU E 217 -25.29 34.64 -43.84
CA LEU E 217 -24.13 35.05 -43.07
C LEU E 217 -24.48 36.32 -42.31
N ASN E 218 -24.65 36.19 -40.99
CA ASN E 218 -24.84 37.33 -40.09
C ASN E 218 -23.62 37.50 -39.19
N VAL E 219 -23.22 38.76 -38.97
CA VAL E 219 -22.04 39.10 -38.17
C VAL E 219 -22.45 39.91 -36.95
N LEU E 220 -22.02 39.49 -35.76
CA LEU E 220 -22.35 40.16 -34.49
C LEU E 220 -21.07 40.60 -33.78
N PRO E 221 -20.63 41.84 -33.97
CA PRO E 221 -19.48 42.33 -33.19
C PRO E 221 -19.88 42.50 -31.72
N GLY E 222 -18.93 42.29 -30.83
CA GLY E 222 -19.24 42.38 -29.43
C GLY E 222 -18.29 41.59 -28.56
N TYR E 223 -18.56 41.65 -27.25
CA TYR E 223 -17.70 41.03 -26.24
C TYR E 223 -17.95 39.53 -26.17
N GLY E 224 -16.88 38.77 -25.94
CA GLY E 224 -17.02 37.33 -25.72
C GLY E 224 -17.98 37.01 -24.59
N HIS E 225 -17.85 37.68 -23.46
CA HIS E 225 -18.70 37.25 -22.36
C HIS E 225 -20.13 37.70 -22.51
N THR E 226 -20.48 38.42 -23.58
CA THR E 226 -21.87 38.80 -23.79
C THR E 226 -22.41 38.00 -24.98
N VAL E 227 -22.33 38.52 -26.20
CA VAL E 227 -22.96 37.89 -27.35
C VAL E 227 -22.30 36.55 -27.67
N GLY E 228 -20.98 36.47 -27.57
CA GLY E 228 -20.32 35.19 -27.81
C GLY E 228 -20.83 34.09 -26.91
N LYS E 229 -20.91 34.37 -25.60
CA LYS E 229 -21.42 33.41 -24.63
C LYS E 229 -22.88 33.05 -24.92
N ALA E 230 -23.66 34.04 -25.38
CA ALA E 230 -25.06 33.78 -25.70
C ALA E 230 -25.18 32.80 -26.86
N LEU E 231 -24.35 32.97 -27.91
CA LEU E 231 -24.40 32.05 -29.05
C LEU E 231 -24.07 30.62 -28.63
N ALA E 232 -22.97 30.43 -27.89
CA ALA E 232 -22.69 29.08 -27.46
C ALA E 232 -23.73 28.54 -26.47
N LEU E 233 -24.57 29.39 -25.89
CA LEU E 233 -25.62 28.92 -24.99
C LEU E 233 -26.97 28.79 -25.67
N HIS E 234 -27.06 29.13 -26.96
CA HIS E 234 -28.36 29.22 -27.61
C HIS E 234 -28.95 27.84 -27.84
N MET E 235 -30.27 27.75 -27.67
CA MET E 235 -30.95 26.48 -27.88
C MET E 235 -31.08 26.11 -29.36
N ASP E 236 -30.95 27.08 -30.28
CA ASP E 236 -31.19 26.78 -31.69
C ASP E 236 -29.93 26.78 -32.54
N VAL E 237 -28.76 26.81 -31.93
CA VAL E 237 -27.53 26.67 -32.69
C VAL E 237 -27.17 25.20 -32.67
N ASP E 238 -26.90 24.64 -33.86
CA ASP E 238 -26.63 23.20 -33.97
C ASP E 238 -25.17 22.88 -33.74
N THR E 239 -24.29 23.75 -34.22
CA THR E 239 -22.86 23.54 -34.10
C THR E 239 -22.24 24.88 -33.75
N VAL E 240 -21.24 24.85 -32.84
CA VAL E 240 -20.36 25.98 -32.60
C VAL E 240 -18.94 25.59 -32.99
N VAL E 241 -18.26 26.47 -33.71
CA VAL E 241 -16.86 26.29 -34.02
C VAL E 241 -16.12 27.49 -33.48
N PHE E 242 -14.93 27.24 -32.94
CA PHE E 242 -14.24 28.24 -32.13
C PHE E 242 -12.75 28.10 -32.35
N THR E 243 -12.08 29.23 -32.57
CA THR E 243 -10.63 29.33 -32.52
C THR E 243 -10.27 30.34 -31.45
N GLY E 244 -9.47 29.92 -30.47
CA GLY E 244 -9.00 30.85 -29.46
C GLY E 244 -8.34 30.15 -28.29
N SER E 245 -8.57 30.70 -27.10
CA SER E 245 -7.81 30.28 -25.94
C SER E 245 -8.36 28.98 -25.36
N THR E 246 -7.43 28.16 -24.88
CA THR E 246 -7.80 26.91 -24.23
C THR E 246 -8.79 27.16 -23.10
N LYS E 247 -8.55 28.21 -22.31
CA LYS E 247 -9.36 28.41 -21.10
C LYS E 247 -10.82 28.65 -21.47
N ILE E 248 -11.07 29.47 -22.49
CA ILE E 248 -12.42 29.74 -22.97
C ILE E 248 -12.97 28.55 -23.76
N ALA E 249 -12.11 27.92 -24.57
CA ALA E 249 -12.55 26.76 -25.36
C ALA E 249 -13.16 25.68 -24.47
N LYS E 250 -12.60 25.44 -23.27
CA LYS E 250 -13.26 24.52 -22.36
C LYS E 250 -14.66 25.01 -22.00
N GLN E 251 -14.81 26.34 -21.89
CA GLN E 251 -16.07 26.89 -21.42
C GLN E 251 -17.18 26.59 -22.42
N LEU E 252 -16.83 26.61 -23.71
CA LEU E 252 -17.78 26.28 -24.77
C LEU E 252 -18.29 24.86 -24.64
N MET E 253 -17.45 23.94 -24.16
CA MET E 253 -17.94 22.59 -23.94
C MET E 253 -18.98 22.60 -22.84
N ILE E 254 -18.69 23.31 -21.75
CA ILE E 254 -19.61 23.41 -20.63
C ILE E 254 -20.94 24.02 -21.08
N TYR E 255 -20.86 25.14 -21.80
CA TYR E 255 -22.08 25.78 -22.31
C TYR E 255 -22.93 24.79 -23.10
N ALA E 256 -22.31 24.03 -23.99
CA ALA E 256 -23.06 23.07 -24.78
C ALA E 256 -23.81 22.07 -23.91
N GLY E 257 -23.10 21.44 -22.97
CA GLY E 257 -23.76 20.57 -22.01
C GLY E 257 -24.88 21.26 -21.26
N GLU E 258 -24.74 22.56 -21.01
CA GLU E 258 -25.74 23.30 -20.26
C GLU E 258 -26.96 23.62 -21.11
N SER E 259 -26.88 23.49 -22.43
CA SER E 259 -28.00 23.90 -23.27
C SER E 259 -28.54 22.72 -24.07
N ASN E 260 -28.20 22.69 -25.36
CA ASN E 260 -28.87 21.85 -26.33
C ASN E 260 -27.96 20.75 -26.83
N MET E 261 -26.80 20.57 -26.19
CA MET E 261 -25.88 19.49 -26.51
C MET E 261 -25.26 19.66 -27.87
N LYS E 262 -25.31 20.89 -28.40
CA LYS E 262 -24.54 21.38 -29.54
C LYS E 262 -23.31 20.54 -29.93
N ARG E 263 -22.98 20.47 -31.21
CA ARG E 263 -21.63 20.07 -31.57
C ARG E 263 -20.68 21.23 -31.31
N VAL E 264 -19.50 20.92 -30.74
CA VAL E 264 -18.48 21.90 -30.34
C VAL E 264 -17.13 21.50 -30.95
N TRP E 265 -16.58 22.38 -31.79
CA TRP E 265 -15.31 22.14 -32.48
C TRP E 265 -14.31 23.23 -32.07
N LEU E 266 -13.16 22.81 -31.54
CA LEU E 266 -12.22 23.71 -30.87
C LEU E 266 -10.86 23.80 -31.56
N GLU E 267 -10.30 25.00 -31.58
CA GLU E 267 -8.92 25.28 -31.91
C GLU E 267 -8.38 26.09 -30.73
N ALA E 268 -7.49 25.49 -29.94
CA ALA E 268 -7.03 26.13 -28.72
C ALA E 268 -5.59 26.58 -28.88
N GLY E 269 -4.85 26.61 -27.77
CA GLY E 269 -3.51 27.16 -27.78
C GLY E 269 -2.47 26.18 -28.31
N GLY E 270 -1.21 26.60 -28.21
CA GLY E 270 -0.11 25.78 -28.65
C GLY E 270 1.22 26.18 -28.06
N LYS E 271 1.99 25.18 -27.62
CA LYS E 271 3.39 25.40 -27.25
C LYS E 271 4.23 24.46 -28.11
N SER E 272 4.34 24.80 -29.41
CA SER E 272 4.81 23.87 -30.44
C SER E 272 6.33 23.78 -30.43
N PRO E 273 6.89 22.56 -30.41
CA PRO E 273 8.35 22.40 -30.45
C PRO E 273 8.93 22.42 -31.86
N ASN E 274 10.06 23.12 -31.99
CA ASN E 274 10.83 23.18 -33.23
C ASN E 274 12.12 22.42 -32.91
N ILE E 275 12.21 21.19 -33.41
CA ILE E 275 13.27 20.25 -33.05
C ILE E 275 14.35 20.28 -34.12
N VAL E 276 15.56 20.71 -33.76
CA VAL E 276 16.64 20.87 -34.72
C VAL E 276 17.75 19.87 -34.40
N PHE E 277 17.90 18.87 -35.26
CA PHE E 277 18.98 17.90 -35.13
C PHE E 277 20.27 18.39 -35.78
N ALA E 278 21.39 17.82 -35.31
CA ALA E 278 22.69 18.25 -35.82
C ALA E 278 22.86 17.93 -37.29
N ASP E 279 22.16 16.90 -37.79
CA ASP E 279 22.35 16.49 -39.18
C ASP E 279 21.31 17.10 -40.12
N ALA E 280 20.64 18.16 -39.69
CA ALA E 280 19.70 18.87 -40.54
C ALA E 280 20.39 19.44 -41.79
N PRO E 281 19.73 19.40 -42.96
CA PRO E 281 20.47 19.62 -44.23
C PRO E 281 21.09 20.99 -44.35
N ASP E 282 20.32 22.05 -44.08
CA ASP E 282 20.85 23.41 -44.10
C ASP E 282 20.61 24.06 -42.73
N LEU E 283 21.69 24.35 -42.03
CA LEU E 283 21.55 24.96 -40.72
C LEU E 283 21.09 26.41 -40.84
N GLN E 284 21.55 27.12 -41.88
CA GLN E 284 21.06 28.47 -42.11
C GLN E 284 19.53 28.46 -42.24
N ALA E 285 19.03 27.60 -43.12
CA ALA E 285 17.59 27.49 -43.32
C ALA E 285 16.85 27.19 -42.02
N ALA E 286 17.46 26.40 -41.14
CA ALA E 286 16.77 26.10 -39.89
C ALA E 286 16.74 27.32 -38.96
N ALA E 287 17.79 28.14 -38.99
CA ALA E 287 17.86 29.32 -38.13
C ALA E 287 16.93 30.42 -38.62
N ASP E 288 17.05 30.82 -39.89
CA ASP E 288 16.09 31.73 -40.53
C ASP E 288 14.66 31.41 -40.16
N SER E 289 14.32 30.13 -40.07
CA SER E 289 12.94 29.73 -39.84
C SER E 289 12.61 29.78 -38.36
N ALA E 290 13.54 29.34 -37.51
CA ALA E 290 13.31 29.45 -36.07
C ALA E 290 13.17 30.91 -35.66
N ALA E 291 13.88 31.81 -36.33
CA ALA E 291 13.59 33.23 -36.14
C ALA E 291 12.18 33.52 -36.60
N SER E 292 11.88 33.18 -37.86
CA SER E 292 10.56 33.42 -38.40
C SER E 292 9.47 32.71 -37.59
N ALA E 293 9.77 31.52 -37.05
CA ALA E 293 8.72 30.75 -36.35
C ALA E 293 8.29 31.39 -35.05
N ILE E 294 8.99 32.42 -34.59
CA ILE E 294 8.66 33.05 -33.33
C ILE E 294 8.38 34.54 -33.46
N ALA E 295 8.85 35.19 -34.54
CA ALA E 295 8.70 36.62 -34.72
C ALA E 295 7.61 37.02 -35.69
N PHE E 296 7.30 36.17 -36.67
CA PHE E 296 6.29 36.52 -37.66
C PHE E 296 4.95 36.77 -37.00
N ASN E 297 4.28 37.83 -37.46
CA ASN E 297 3.04 38.28 -36.84
C ASN E 297 3.17 38.41 -35.33
N GLN E 298 4.29 38.99 -34.88
CA GLN E 298 4.52 39.37 -33.49
C GLN E 298 4.56 38.18 -32.52
N GLY E 299 4.79 36.95 -33.02
CA GLY E 299 4.61 35.78 -32.18
C GLY E 299 3.20 35.54 -31.68
N GLU E 300 2.22 36.31 -32.20
CA GLU E 300 0.79 36.10 -31.96
C GLU E 300 0.25 35.08 -32.97
N VAL E 301 0.79 33.87 -32.86
CA VAL E 301 0.46 32.77 -33.75
C VAL E 301 0.30 31.55 -32.85
N ALA E 302 -0.79 30.80 -33.04
CA ALA E 302 -0.97 29.62 -32.19
C ALA E 302 -0.04 28.48 -32.57
N THR E 303 0.47 28.47 -33.81
CA THR E 303 1.51 27.53 -34.21
C THR E 303 2.91 28.14 -34.17
N ALA E 304 3.11 29.19 -33.38
CA ALA E 304 4.45 29.72 -33.22
C ALA E 304 5.37 28.66 -32.63
N GLY E 305 6.61 28.64 -33.11
CA GLY E 305 7.64 27.76 -32.59
C GLY E 305 8.30 28.28 -31.35
N SER E 306 7.60 28.23 -30.20
CA SER E 306 8.03 28.93 -29.00
C SER E 306 9.00 28.13 -28.14
N ARG E 307 9.22 26.85 -28.48
CA ARG E 307 10.18 25.97 -27.81
C ARG E 307 11.09 25.43 -28.91
N LEU E 308 12.33 25.90 -28.94
CA LEU E 308 13.35 25.48 -29.90
C LEU E 308 14.19 24.40 -29.25
N LEU E 309 13.97 23.15 -29.62
CA LEU E 309 14.74 22.05 -29.08
C LEU E 309 15.94 21.78 -29.99
N VAL E 310 17.15 22.03 -29.46
CA VAL E 310 18.38 21.89 -30.26
C VAL E 310 19.20 20.71 -29.77
N GLU E 311 19.83 20.00 -30.70
CA GLU E 311 20.82 18.98 -30.34
C GLU E 311 22.06 19.69 -29.80
N ARG E 312 22.58 19.24 -28.67
CA ARG E 312 23.64 19.98 -28.00
C ARG E 312 24.86 20.16 -28.92
N SER E 313 25.17 19.14 -29.74
CA SER E 313 26.32 19.20 -30.65
C SER E 313 26.37 20.49 -31.44
N ILE E 314 25.23 21.04 -31.85
CA ILE E 314 25.21 22.24 -32.68
C ILE E 314 24.83 23.50 -31.92
N LYS E 315 24.44 23.40 -30.65
CA LYS E 315 23.89 24.56 -29.94
C LYS E 315 24.85 25.74 -30.00
N ASP E 316 26.12 25.51 -29.66
CA ASP E 316 27.06 26.64 -29.61
C ASP E 316 27.28 27.24 -31.00
N ARG E 317 27.14 26.47 -32.07
CA ARG E 317 27.22 27.05 -33.42
C ARG E 317 25.88 27.59 -33.86
N PHE E 318 24.79 26.97 -33.39
CA PHE E 318 23.49 27.25 -33.97
C PHE E 318 22.89 28.49 -33.35
N LEU E 319 22.90 28.57 -32.02
CA LEU E 319 22.23 29.68 -31.33
C LEU E 319 22.64 31.04 -31.88
N PRO E 320 23.93 31.33 -32.10
CA PRO E 320 24.26 32.63 -32.71
C PRO E 320 23.59 32.84 -34.05
N MET E 321 23.38 31.76 -34.83
CA MET E 321 22.71 31.93 -36.12
C MET E 321 21.25 32.28 -35.94
N VAL E 322 20.61 31.72 -34.91
CA VAL E 322 19.24 32.12 -34.57
C VAL E 322 19.21 33.59 -34.17
N ILE E 323 19.99 33.95 -33.13
CA ILE E 323 20.02 35.34 -32.66
C ILE E 323 20.22 36.31 -33.82
N GLU E 324 21.20 36.06 -34.67
CA GLU E 324 21.46 36.95 -35.80
C GLU E 324 20.26 37.04 -36.73
N ALA E 325 19.59 35.93 -36.99
CA ALA E 325 18.43 35.97 -37.88
C ALA E 325 17.28 36.75 -37.26
N LEU E 326 16.99 36.48 -35.98
CA LEU E 326 15.97 37.23 -35.25
C LEU E 326 16.25 38.74 -35.24
N GLY E 327 17.51 39.15 -35.34
CA GLY E 327 17.80 40.56 -35.38
C GLY E 327 17.29 41.26 -36.62
N THR E 328 17.00 40.51 -37.70
CA THR E 328 16.44 41.15 -38.90
C THR E 328 14.95 41.37 -38.78
N TRP E 329 14.32 40.79 -37.75
CA TRP E 329 12.89 40.97 -37.47
C TRP E 329 12.73 42.12 -36.49
N LYS E 330 12.60 43.35 -37.02
CA LYS E 330 12.59 44.58 -36.21
C LYS E 330 11.22 45.24 -36.24
N PRO E 331 10.62 45.55 -35.06
CA PRO E 331 9.33 46.24 -35.06
C PRO E 331 9.44 47.65 -35.61
N GLY E 332 8.33 48.13 -36.17
CA GLY E 332 8.26 49.44 -36.79
C GLY E 332 6.81 49.86 -37.00
N ASN E 333 6.64 50.94 -37.76
CA ASN E 333 5.30 51.43 -38.08
C ASN E 333 4.57 50.41 -38.94
N PRO E 334 3.42 49.89 -38.50
CA PRO E 334 2.73 48.86 -39.30
C PRO E 334 2.14 49.39 -40.61
N LEU E 335 2.06 50.70 -40.83
CA LEU E 335 1.67 51.19 -42.14
C LEU E 335 2.85 51.36 -43.08
N ASP E 336 4.06 51.01 -42.64
CA ASP E 336 5.23 50.95 -43.51
C ASP E 336 5.28 49.61 -44.22
N PRO E 337 5.42 49.59 -45.55
CA PRO E 337 5.60 48.31 -46.23
C PRO E 337 6.90 47.63 -45.86
N ALA E 338 7.92 48.40 -45.43
CA ALA E 338 9.18 47.83 -44.99
C ALA E 338 9.04 47.01 -43.70
N THR E 339 8.09 47.37 -42.85
CA THR E 339 7.95 46.74 -41.54
C THR E 339 7.65 45.26 -41.66
N ASN E 340 8.38 44.43 -40.92
CA ASN E 340 8.13 42.99 -40.86
C ASN E 340 7.63 42.52 -39.51
N VAL E 341 7.66 43.37 -38.47
CA VAL E 341 7.12 43.06 -37.15
C VAL E 341 6.27 44.23 -36.68
N GLY E 342 5.09 43.94 -36.15
CA GLY E 342 4.09 44.95 -35.90
C GLY E 342 3.80 45.18 -34.43
N ALA E 343 2.79 46.03 -34.19
CA ALA E 343 2.32 46.29 -32.84
C ALA E 343 1.60 45.07 -32.29
N LEU E 344 1.72 44.89 -30.98
CA LEU E 344 0.88 43.90 -30.33
C LEU E 344 -0.55 44.45 -30.24
N VAL E 345 -1.50 43.54 -30.00
CA VAL E 345 -2.90 43.85 -30.31
C VAL E 345 -3.46 44.94 -29.40
N ASP E 346 -3.09 44.97 -28.12
CA ASP E 346 -3.54 46.03 -27.23
C ASP E 346 -2.63 46.06 -26.00
N THR E 347 -2.89 47.02 -25.10
CA THR E 347 -2.03 47.15 -23.92
C THR E 347 -2.12 45.88 -23.04
N GLN E 348 -3.30 45.28 -22.94
CA GLN E 348 -3.45 44.02 -22.21
C GLN E 348 -2.48 42.97 -22.72
N GLN E 349 -2.42 42.80 -24.05
CA GLN E 349 -1.57 41.75 -24.61
C GLN E 349 -0.11 42.00 -24.34
N MET E 350 0.33 43.26 -24.52
CA MET E 350 1.73 43.64 -24.31
C MET E 350 2.17 43.50 -22.84
N ASN E 351 1.27 43.76 -21.88
CA ASN E 351 1.63 43.56 -20.47
C ASN E 351 1.66 42.08 -20.10
N THR E 352 0.92 41.23 -20.81
CA THR E 352 1.05 39.78 -20.63
C THR E 352 2.40 39.27 -21.14
N VAL E 353 2.82 39.70 -22.33
CA VAL E 353 4.14 39.34 -22.82
C VAL E 353 5.22 39.87 -21.88
N LEU E 354 5.10 41.12 -21.45
CA LEU E 354 6.11 41.72 -20.56
C LEU E 354 6.18 40.97 -19.22
N SER E 355 5.04 40.52 -18.68
CA SER E 355 5.06 39.74 -17.44
C SER E 355 5.71 38.36 -17.63
N TYR E 356 5.65 37.78 -18.84
CA TYR E 356 6.24 36.47 -19.11
C TYR E 356 7.77 36.56 -19.31
N ILE E 357 8.25 37.61 -19.98
CA ILE E 357 9.68 37.92 -19.96
C ILE E 357 10.17 38.07 -18.52
N ALA E 358 9.39 38.77 -17.69
CA ALA E 358 9.71 38.87 -16.27
C ALA E 358 9.75 37.49 -15.63
N ALA E 359 8.76 36.65 -15.95
CA ALA E 359 8.73 35.27 -15.46
C ALA E 359 9.97 34.50 -15.91
N GLY E 360 10.49 34.80 -17.09
CA GLY E 360 11.65 34.10 -17.60
C GLY E 360 12.88 34.31 -16.74
N HIS E 361 13.16 35.57 -16.38
CA HIS E 361 14.27 35.86 -15.49
C HIS E 361 14.08 35.17 -14.15
N THR E 362 12.89 35.32 -13.56
CA THR E 362 12.59 34.68 -12.28
C THR E 362 12.81 33.18 -12.33
N ASP E 363 12.26 32.52 -13.34
CA ASP E 363 12.35 31.06 -13.39
C ASP E 363 13.78 30.56 -13.60
N GLY E 364 14.75 31.44 -13.90
CA GLY E 364 16.14 31.05 -14.02
C GLY E 364 16.71 31.04 -15.44
N ALA E 365 15.94 31.48 -16.43
CA ALA E 365 16.43 31.51 -17.79
C ALA E 365 17.35 32.71 -18.01
N ARG E 366 18.20 32.61 -19.03
CA ARG E 366 19.18 33.64 -19.37
C ARG E 366 18.77 34.30 -20.69
N LEU E 367 18.57 35.63 -20.66
CA LEU E 367 18.09 36.40 -21.81
C LEU E 367 19.23 36.74 -22.77
N VAL E 368 19.19 36.18 -23.97
CA VAL E 368 20.30 36.33 -24.92
C VAL E 368 20.01 37.31 -26.06
N ALA E 369 18.78 37.82 -26.17
CA ALA E 369 18.41 38.75 -27.24
C ALA E 369 17.06 39.37 -26.93
N GLY E 370 16.91 40.66 -27.28
CA GLY E 370 15.67 41.41 -27.06
C GLY E 370 15.36 41.61 -25.58
N GLY E 371 14.08 41.59 -25.24
CA GLY E 371 13.64 41.52 -23.86
C GLY E 371 12.94 42.75 -23.31
N LYS E 372 12.76 43.79 -24.12
CA LYS E 372 12.22 45.06 -23.66
C LYS E 372 11.04 45.49 -24.52
N GLN E 373 10.13 46.26 -23.93
CA GLN E 373 9.20 47.04 -24.72
C GLN E 373 9.97 48.18 -25.42
N ILE E 374 9.60 48.48 -26.66
CA ILE E 374 10.21 49.59 -27.39
C ILE E 374 9.13 50.44 -28.03
N LEU E 375 9.59 51.51 -28.69
CA LEU E 375 8.77 52.43 -29.47
C LEU E 375 7.65 53.05 -28.63
N GLN E 376 7.89 53.29 -27.34
CA GLN E 376 6.83 53.86 -26.50
C GLN E 376 6.38 55.21 -27.02
N GLU E 377 7.28 55.98 -27.63
CA GLU E 377 6.96 57.31 -28.15
C GLU E 377 5.80 57.28 -29.15
N THR E 378 5.54 56.13 -29.77
CA THR E 378 4.54 56.06 -30.83
C THR E 378 3.11 56.26 -30.29
N GLY E 379 2.88 56.00 -29.01
CA GLY E 379 1.55 55.78 -28.53
C GLY E 379 1.03 54.39 -28.82
N GLY E 380 1.94 53.45 -29.15
CA GLY E 380 1.57 52.08 -29.45
C GLY E 380 2.40 51.10 -28.63
N THR E 381 2.11 49.82 -28.83
CA THR E 381 2.66 48.77 -27.98
C THR E 381 3.53 47.82 -28.81
N TYR E 382 4.85 47.87 -28.58
CA TYR E 382 5.82 47.05 -29.31
C TYR E 382 6.77 46.36 -28.34
N VAL E 383 7.13 45.11 -28.66
CA VAL E 383 8.10 44.34 -27.90
C VAL E 383 9.19 43.88 -28.86
N GLU E 384 10.44 43.96 -28.42
CA GLU E 384 11.51 43.35 -29.19
C GLU E 384 11.32 41.84 -29.22
N PRO E 385 11.60 41.19 -30.35
CA PRO E 385 11.69 39.73 -30.34
C PRO E 385 12.78 39.30 -29.37
N THR E 386 12.46 38.31 -28.54
CA THR E 386 13.14 38.01 -27.29
C THR E 386 13.47 36.52 -27.20
N ILE E 387 14.74 36.19 -26.91
CA ILE E 387 15.19 34.81 -26.73
C ILE E 387 15.68 34.60 -25.29
N PHE E 388 15.32 33.45 -24.73
CA PHE E 388 15.88 32.93 -23.48
C PHE E 388 16.61 31.63 -23.76
N ASP E 389 17.89 31.59 -23.38
CA ASP E 389 18.70 30.38 -23.44
C ASP E 389 18.59 29.61 -22.12
N GLY E 390 19.01 28.35 -22.18
CA GLY E 390 19.09 27.52 -20.97
C GLY E 390 17.76 27.31 -20.31
N VAL E 391 16.69 27.21 -21.10
CA VAL E 391 15.35 26.99 -20.56
C VAL E 391 15.15 25.49 -20.29
N ASN E 392 14.51 25.19 -19.18
CA ASN E 392 14.13 23.83 -18.86
C ASN E 392 12.63 23.66 -19.13
N ASN E 393 12.25 22.50 -19.67
CA ASN E 393 10.85 22.30 -20.01
C ASN E 393 9.93 22.38 -18.79
N ALA E 394 10.47 22.32 -17.57
CA ALA E 394 9.64 22.54 -16.37
C ALA E 394 9.28 24.00 -16.18
N MET E 395 10.05 24.95 -16.77
CA MET E 395 9.90 26.38 -16.49
C MET E 395 8.55 26.91 -16.98
N ARG E 396 8.14 28.04 -16.38
CA ARG E 396 6.88 28.68 -16.75
C ARG E 396 6.90 29.08 -18.22
N ILE E 397 7.97 29.74 -18.68
CA ILE E 397 8.01 30.18 -20.06
C ILE E 397 8.17 29.04 -21.05
N ALA E 398 8.43 27.82 -20.59
CA ALA E 398 8.39 26.65 -21.47
C ALA E 398 7.00 26.01 -21.50
N GLN E 399 6.32 25.99 -20.36
CA GLN E 399 5.07 25.24 -20.26
C GLN E 399 3.88 26.05 -20.78
N GLU E 400 3.87 27.36 -20.55
CA GLU E 400 2.73 28.22 -20.81
C GLU E 400 2.89 28.98 -22.12
N GLU E 401 1.77 29.19 -22.81
CA GLU E 401 1.77 29.89 -24.09
C GLU E 401 1.89 31.39 -23.86
N ILE E 402 2.94 32.00 -24.40
CA ILE E 402 3.19 33.43 -24.16
C ILE E 402 2.43 34.31 -25.15
N PHE E 403 2.29 33.86 -26.40
CA PHE E 403 1.62 34.61 -27.46
C PHE E 403 2.26 35.97 -27.70
N GLY E 404 3.58 35.97 -27.81
CA GLY E 404 4.34 37.11 -28.28
C GLY E 404 5.69 36.60 -28.75
N PRO E 405 6.56 37.50 -29.21
CA PRO E 405 7.84 37.03 -29.80
C PRO E 405 8.85 36.60 -28.75
N VAL E 406 8.61 35.44 -28.13
CA VAL E 406 9.44 34.98 -27.02
C VAL E 406 9.83 33.52 -27.27
N LEU E 407 11.09 33.31 -27.62
CA LEU E 407 11.64 31.99 -27.87
C LEU E 407 12.19 31.39 -26.57
N SER E 408 11.95 30.09 -26.37
CA SER E 408 12.56 29.35 -25.28
C SER E 408 13.46 28.28 -25.88
N VAL E 409 14.75 28.31 -25.54
CA VAL E 409 15.74 27.43 -26.16
C VAL E 409 16.10 26.30 -25.19
N LEU E 410 15.95 25.07 -25.67
CA LEU E 410 16.18 23.84 -24.92
C LEU E 410 17.22 22.97 -25.64
N THR E 411 17.76 21.96 -24.94
CA THR E 411 18.72 21.05 -25.58
C THR E 411 18.50 19.60 -25.14
N PHE E 412 18.90 18.68 -26.04
CA PHE E 412 18.71 17.24 -25.89
C PHE E 412 19.93 16.49 -26.46
N ASP E 413 20.16 15.29 -25.91
CA ASP E 413 21.29 14.41 -26.20
C ASP E 413 20.94 13.31 -27.20
N THR E 414 19.73 12.77 -27.10
CA THR E 414 19.23 11.66 -27.90
C THR E 414 17.98 12.07 -28.65
N ALA E 415 17.70 11.37 -29.75
CA ALA E 415 16.43 11.63 -30.42
C ALA E 415 15.25 11.22 -29.55
N GLU E 416 15.40 10.18 -28.74
CA GLU E 416 14.31 9.80 -27.84
C GLU E 416 14.01 10.90 -26.84
N GLU E 417 15.05 11.62 -26.39
CA GLU E 417 14.83 12.71 -25.43
C GLU E 417 14.08 13.87 -26.08
N ALA E 418 14.46 14.23 -27.31
CA ALA E 418 13.80 15.34 -27.99
C ALA E 418 12.30 15.08 -28.08
N ILE E 419 11.93 13.82 -28.30
CA ILE E 419 10.52 13.46 -28.39
C ILE E 419 9.83 13.65 -27.06
N GLN E 420 10.42 13.09 -25.99
CA GLN E 420 9.79 13.18 -24.68
C GLN E 420 9.56 14.64 -24.28
N ILE E 421 10.59 15.48 -24.45
CA ILE E 421 10.45 16.91 -24.18
C ILE E 421 9.32 17.52 -25.00
N ALA E 422 9.29 17.22 -26.30
CA ALA E 422 8.32 17.83 -27.21
C ALA E 422 6.88 17.41 -26.88
N ASN E 423 6.69 16.16 -26.50
CA ASN E 423 5.35 15.72 -26.14
C ASN E 423 5.01 16.05 -24.70
N ASP E 424 5.96 16.63 -23.95
CA ASP E 424 5.69 17.04 -22.57
C ASP E 424 5.04 18.43 -22.56
N THR E 425 3.74 18.43 -22.79
CA THR E 425 2.90 19.63 -22.79
C THR E 425 1.45 19.18 -22.88
N PRO E 426 0.52 19.89 -22.26
CA PRO E 426 -0.90 19.60 -22.49
C PRO E 426 -1.35 19.84 -23.94
N TYR E 427 -0.47 20.42 -24.77
CA TYR E 427 -0.82 20.85 -26.12
C TYR E 427 -0.37 19.84 -27.17
N GLY E 428 -0.71 20.16 -28.42
CA GLY E 428 -0.27 19.40 -29.59
C GLY E 428 -0.78 19.96 -30.90
N LEU E 429 -0.48 21.23 -31.18
CA LEU E 429 -1.01 21.82 -32.41
C LEU E 429 -0.07 21.60 -33.57
N ALA E 430 1.23 21.73 -33.33
CA ALA E 430 2.24 21.63 -34.35
C ALA E 430 3.56 21.19 -33.72
N ALA E 431 4.57 21.06 -34.56
CA ALA E 431 5.95 20.73 -34.23
C ALA E 431 6.67 20.68 -35.57
N ALA E 432 7.99 20.67 -35.51
CA ALA E 432 8.83 20.56 -36.69
C ALA E 432 10.03 19.67 -36.37
N VAL E 433 10.57 19.04 -37.40
CA VAL E 433 11.76 18.21 -37.27
C VAL E 433 12.70 18.57 -38.40
N TRP E 434 13.91 19.03 -38.06
CA TRP E 434 14.96 19.31 -39.03
C TRP E 434 15.99 18.17 -38.95
N THR E 435 16.10 17.40 -40.03
CA THR E 435 17.05 16.28 -40.10
C THR E 435 17.12 15.80 -41.54
N ALA E 436 18.31 15.44 -42.00
CA ALA E 436 18.41 14.89 -43.35
C ALA E 436 18.24 13.37 -43.39
N ASN E 437 18.10 12.71 -42.25
CA ASN E 437 18.04 11.25 -42.22
C ASN E 437 16.63 10.76 -42.55
N LEU E 438 16.52 9.89 -43.55
CA LEU E 438 15.22 9.37 -43.92
C LEU E 438 14.55 8.69 -42.74
N SER E 439 15.32 7.91 -41.98
CA SER E 439 14.69 7.13 -40.93
C SER E 439 14.31 8.01 -39.74
N LYS E 440 15.18 8.96 -39.37
CA LYS E 440 14.92 9.81 -38.21
C LYS E 440 13.70 10.71 -38.46
N ALA E 441 13.63 11.31 -39.66
CA ALA E 441 12.53 12.20 -40.00
C ALA E 441 11.17 11.52 -39.84
N HIS E 442 10.96 10.42 -40.56
CA HIS E 442 9.64 9.79 -40.54
C HIS E 442 9.32 9.20 -39.18
N LEU E 443 10.30 8.58 -38.52
CA LEU E 443 10.02 7.94 -37.23
C LEU E 443 9.80 8.98 -36.15
N THR E 444 10.61 10.04 -36.14
CA THR E 444 10.34 11.14 -35.21
C THR E 444 8.96 11.74 -35.46
N ALA E 445 8.66 12.09 -36.71
CA ALA E 445 7.36 12.69 -37.03
C ALA E 445 6.18 11.88 -36.47
N ARG E 446 6.20 10.54 -36.63
CA ARG E 446 5.12 9.73 -36.07
C ARG E 446 5.03 9.94 -34.57
N ALA E 447 6.17 9.97 -33.88
CA ALA E 447 6.12 9.97 -32.42
C ALA E 447 5.56 11.27 -31.87
N LEU E 448 5.70 12.38 -32.59
CA LEU E 448 5.19 13.67 -32.13
C LEU E 448 3.66 13.66 -32.12
N ARG E 449 3.07 13.86 -30.93
CA ARG E 449 1.61 13.99 -30.81
C ARG E 449 1.24 15.43 -31.08
N ALA E 450 1.29 15.78 -32.38
CA ALA E 450 0.94 17.12 -32.87
C ALA E 450 0.09 17.03 -34.11
N GLY E 451 -0.92 17.89 -34.22
CA GLY E 451 -1.75 17.88 -35.43
C GLY E 451 -0.96 18.18 -36.69
N SER E 452 0.06 19.02 -36.59
CA SER E 452 0.85 19.34 -37.77
C SER E 452 2.32 19.11 -37.45
N VAL E 453 3.01 18.45 -38.37
CA VAL E 453 4.44 18.20 -38.25
C VAL E 453 5.09 18.69 -39.54
N TRP E 454 5.96 19.68 -39.42
CA TRP E 454 6.66 20.20 -40.60
C TRP E 454 8.08 19.68 -40.54
N VAL E 455 8.58 19.16 -41.66
CA VAL E 455 9.90 18.55 -41.71
C VAL E 455 10.76 19.37 -42.63
N ASN E 456 11.91 19.80 -42.13
CA ASN E 456 12.87 20.62 -42.88
C ASN E 456 12.19 21.88 -43.41
N GLN E 457 11.34 22.47 -42.59
CA GLN E 457 10.59 23.67 -42.91
C GLN E 457 9.70 23.96 -41.71
N TYR E 458 9.30 25.23 -41.56
CA TYR E 458 8.31 25.62 -40.57
C TYR E 458 7.12 26.27 -41.27
N ASP E 459 5.97 26.24 -40.58
CA ASP E 459 4.72 26.83 -41.07
C ASP E 459 4.29 26.22 -42.40
N GLY E 460 4.46 24.89 -42.52
CA GLY E 460 4.18 24.24 -43.77
C GLY E 460 2.69 24.01 -44.04
N GLY E 461 2.44 23.48 -45.24
CA GLY E 461 1.12 23.11 -45.70
C GLY E 461 0.48 24.20 -46.54
N ASP E 462 -0.75 23.93 -46.98
CA ASP E 462 -1.56 24.86 -47.75
C ASP E 462 -3.02 24.44 -47.54
N MET E 463 -3.91 24.82 -48.45
CA MET E 463 -5.32 24.54 -48.21
C MET E 463 -5.61 23.04 -48.22
N THR E 464 -4.75 22.22 -48.84
CA THR E 464 -4.98 20.78 -48.89
C THR E 464 -4.66 20.08 -47.56
N ALA E 465 -3.94 20.76 -46.61
CA ALA E 465 -3.50 20.15 -45.34
C ALA E 465 -4.45 20.44 -44.19
N PRO E 466 -4.97 19.42 -43.49
CA PRO E 466 -5.76 19.67 -42.27
C PRO E 466 -4.92 20.38 -41.21
N PHE E 467 -5.61 20.97 -40.26
CA PHE E 467 -4.94 21.84 -39.32
C PHE E 467 -5.76 21.83 -38.05
N GLY E 468 -5.12 21.49 -36.94
CA GLY E 468 -5.82 21.38 -35.68
C GLY E 468 -4.94 20.66 -34.70
N GLY E 469 -5.43 20.57 -33.48
CA GLY E 469 -4.59 20.05 -32.42
C GLY E 469 -4.93 18.66 -31.92
N PHE E 470 -3.93 18.02 -31.32
CA PHE E 470 -4.10 16.92 -30.38
C PHE E 470 -4.39 17.52 -29.00
N LYS E 471 -4.95 16.69 -28.12
CA LYS E 471 -4.99 17.01 -26.68
C LYS E 471 -5.73 18.34 -26.50
N GLN E 472 -5.27 19.21 -25.59
CA GLN E 472 -6.00 20.42 -25.27
C GLN E 472 -5.77 21.54 -26.27
N SER E 473 -5.22 21.25 -27.44
CA SER E 473 -5.10 22.25 -28.50
C SER E 473 -6.32 22.30 -29.43
N GLY E 474 -7.27 21.37 -29.25
CA GLY E 474 -8.49 21.34 -30.04
C GLY E 474 -8.94 19.95 -30.48
N ASN E 475 -10.11 19.90 -31.13
CA ASN E 475 -10.62 18.74 -31.85
C ASN E 475 -11.10 19.20 -33.22
N GLY E 476 -11.14 18.28 -34.18
CA GLY E 476 -11.51 18.62 -35.54
C GLY E 476 -10.39 19.36 -36.26
N ARG E 477 -10.63 19.69 -37.52
CA ARG E 477 -9.56 20.29 -38.32
C ARG E 477 -10.11 21.35 -39.25
N ASP E 478 -9.33 22.42 -39.44
CA ASP E 478 -9.58 23.47 -40.40
C ASP E 478 -8.74 23.22 -41.65
N LYS E 479 -9.17 23.80 -42.78
CA LYS E 479 -8.57 23.60 -44.11
C LYS E 479 -8.85 22.18 -44.62
N SER E 480 -8.46 21.89 -45.88
CA SER E 480 -8.68 20.57 -46.48
C SER E 480 -10.14 20.12 -46.59
N LEU E 481 -10.39 18.92 -47.14
CA LEU E 481 -11.76 18.43 -47.17
C LEU E 481 -12.27 18.11 -45.79
N HIS E 482 -11.38 17.73 -44.87
CA HIS E 482 -11.80 17.30 -43.55
C HIS E 482 -12.54 18.40 -42.79
N ALA E 483 -12.21 19.67 -43.07
CA ALA E 483 -12.91 20.79 -42.47
C ALA E 483 -14.41 20.61 -42.59
N PHE E 484 -14.86 20.18 -43.78
CA PHE E 484 -16.29 20.06 -44.07
C PHE E 484 -17.05 19.25 -43.02
N ASP E 485 -16.41 18.23 -42.44
CA ASP E 485 -17.15 17.34 -41.54
C ASP E 485 -17.67 18.06 -40.29
N LYS E 486 -17.00 19.13 -39.87
CA LYS E 486 -17.49 19.89 -38.72
C LYS E 486 -18.86 20.51 -38.97
N TYR E 487 -19.22 20.76 -40.23
CA TYR E 487 -20.45 21.49 -40.51
C TYR E 487 -21.51 20.61 -41.17
N THR E 488 -21.46 19.31 -40.91
CA THR E 488 -22.21 18.35 -41.69
C THR E 488 -22.54 17.11 -40.87
N GLU E 489 -23.72 16.56 -41.13
CA GLU E 489 -24.20 15.39 -40.41
C GLU E 489 -24.42 14.21 -41.34
N LEU E 490 -24.09 13.02 -40.85
CA LEU E 490 -24.23 11.78 -41.62
C LEU E 490 -25.62 11.18 -41.49
N LYS E 491 -26.14 10.64 -42.59
CA LYS E 491 -27.44 9.97 -42.61
C LYS E 491 -27.33 8.66 -43.35
N SER E 492 -27.81 7.61 -42.73
CA SER E 492 -27.91 6.28 -43.33
C SER E 492 -29.33 6.10 -43.83
N THR E 493 -29.53 6.18 -45.15
CA THR E 493 -30.84 5.86 -45.75
C THR E 493 -30.78 4.43 -46.29
N TRP E 494 -31.41 3.50 -45.59
CA TRP E 494 -31.43 2.10 -46.02
C TRP E 494 -32.78 1.81 -46.66
N ILE E 495 -32.80 1.60 -47.98
CA ILE E 495 -34.06 1.36 -48.68
C ILE E 495 -34.21 -0.14 -48.93
N LYS E 496 -35.32 -0.71 -48.45
CA LYS E 496 -35.66 -2.09 -48.83
C LYS E 496 -36.42 -2.11 -50.16
N LEU E 497 -36.03 -3.05 -51.03
CA LEU E 497 -36.58 -3.17 -52.38
C LEU E 497 -37.30 -4.50 -52.57
N THR F 3 4.85 -23.58 -23.18
CA THR F 3 4.69 -23.83 -21.73
C THR F 3 4.44 -22.53 -20.95
N LEU F 4 3.50 -22.57 -20.02
CA LEU F 4 3.20 -21.41 -19.21
C LEU F 4 4.29 -21.22 -18.15
N THR F 5 4.60 -19.97 -17.86
CA THR F 5 5.63 -19.56 -16.91
C THR F 5 5.05 -19.45 -15.50
N ARG F 6 5.95 -19.28 -14.51
CA ARG F 6 5.51 -18.97 -13.14
C ARG F 6 4.52 -17.83 -13.14
N ALA F 7 4.90 -16.73 -13.80
CA ALA F 7 4.02 -15.56 -13.91
C ALA F 7 2.70 -15.93 -14.57
N ASP F 8 2.71 -16.83 -15.55
CA ASP F 8 1.48 -17.21 -16.24
C ASP F 8 0.47 -17.81 -15.28
N TRP F 9 0.91 -18.81 -14.49
CA TRP F 9 0.02 -19.45 -13.52
C TRP F 9 -0.42 -18.46 -12.44
N GLU F 10 0.50 -17.57 -12.03
CA GLU F 10 0.16 -16.60 -11.00
C GLU F 10 -1.03 -15.76 -11.42
N GLN F 11 -1.09 -15.36 -12.70
CA GLN F 11 -2.23 -14.63 -13.24
C GLN F 11 -3.44 -15.54 -13.47
N ARG F 12 -3.23 -16.78 -13.89
CA ARG F 12 -4.41 -17.63 -14.10
C ARG F 12 -5.09 -17.93 -12.78
N ALA F 13 -4.30 -18.21 -11.74
CA ALA F 13 -4.87 -18.34 -10.41
C ALA F 13 -5.74 -17.13 -10.06
N GLN F 14 -5.21 -15.93 -10.31
CA GLN F 14 -5.90 -14.72 -9.89
C GLN F 14 -7.23 -14.57 -10.62
N ASN F 15 -7.29 -15.02 -11.87
CA ASN F 15 -8.47 -14.86 -12.70
C ASN F 15 -9.41 -16.04 -12.61
N LEU F 16 -9.01 -17.12 -11.95
CA LEU F 16 -9.94 -18.21 -11.72
C LEU F 16 -11.21 -17.69 -11.05
N LYS F 17 -12.31 -18.32 -11.42
CA LYS F 17 -13.61 -18.04 -10.85
C LYS F 17 -14.10 -19.37 -10.30
N ILE F 18 -14.10 -19.52 -8.99
CA ILE F 18 -14.11 -20.83 -8.35
C ILE F 18 -15.52 -21.15 -7.86
N GLU F 19 -16.01 -22.36 -8.19
CA GLU F 19 -17.32 -22.79 -7.71
C GLU F 19 -17.16 -23.56 -6.39
N GLY F 20 -18.03 -23.28 -5.41
CA GLY F 20 -17.88 -23.91 -4.12
C GLY F 20 -19.07 -24.78 -3.73
N ARG F 21 -20.13 -24.74 -4.54
CA ARG F 21 -21.38 -25.38 -4.13
C ARG F 21 -21.27 -26.89 -4.21
N ALA F 22 -22.19 -27.55 -3.52
CA ALA F 22 -22.46 -28.97 -3.70
C ALA F 22 -23.18 -29.19 -5.03
N PHE F 23 -23.38 -30.46 -5.39
CA PHE F 23 -24.01 -30.78 -6.68
C PHE F 23 -24.88 -32.03 -6.54
N ILE F 24 -26.19 -31.83 -6.66
CA ILE F 24 -27.22 -32.85 -6.49
C ILE F 24 -28.18 -32.71 -7.66
N GLN F 25 -28.62 -33.84 -8.22
CA GLN F 25 -29.68 -33.84 -9.24
C GLN F 25 -29.42 -32.82 -10.37
N GLY F 26 -28.18 -32.73 -10.81
CA GLY F 26 -27.90 -32.01 -12.03
C GLY F 26 -27.69 -30.52 -11.87
N GLU F 27 -27.72 -29.99 -10.64
CA GLU F 27 -27.57 -28.57 -10.40
C GLU F 27 -26.63 -28.31 -9.21
N TYR F 28 -25.91 -27.20 -9.27
CA TYR F 28 -25.19 -26.72 -8.10
C TYR F 28 -26.22 -26.19 -7.08
N THR F 29 -25.91 -26.38 -5.81
CA THR F 29 -26.85 -26.09 -4.73
C THR F 29 -26.06 -25.79 -3.49
N ALA F 30 -26.71 -25.13 -2.55
CA ALA F 30 -26.07 -24.96 -1.25
C ALA F 30 -26.50 -26.07 -0.32
N ALA F 31 -25.77 -26.19 0.78
CA ALA F 31 -26.19 -27.08 1.85
C ALA F 31 -27.53 -26.61 2.40
N ALA F 32 -28.36 -27.57 2.84
CA ALA F 32 -29.66 -27.23 3.38
C ALA F 32 -29.55 -26.17 4.49
N SER F 33 -28.50 -26.29 5.32
CA SER F 33 -28.22 -25.27 6.32
C SER F 33 -27.93 -23.90 5.70
N GLY F 34 -27.25 -23.87 4.56
CA GLY F 34 -26.64 -22.64 4.12
C GLY F 34 -25.25 -22.41 4.67
N GLU F 35 -24.77 -23.29 5.55
CA GLU F 35 -23.44 -23.12 6.12
C GLU F 35 -22.36 -23.40 5.08
N THR F 36 -21.21 -22.75 5.25
CA THR F 36 -20.07 -22.96 4.38
C THR F 36 -18.81 -22.98 5.24
N PHE F 37 -17.74 -23.49 4.66
CA PHE F 37 -16.44 -23.45 5.29
C PHE F 37 -15.43 -22.81 4.34
N ASP F 38 -14.42 -22.20 4.94
CA ASP F 38 -13.39 -21.50 4.18
C ASP F 38 -12.41 -22.51 3.58
N CYS F 39 -12.25 -22.47 2.26
CA CYS F 39 -11.24 -23.25 1.55
C CYS F 39 -9.96 -22.42 1.44
N ILE F 40 -8.94 -22.79 2.20
CA ILE F 40 -7.73 -22.00 2.34
C ILE F 40 -6.58 -22.72 1.67
N SER F 41 -5.81 -21.97 0.82
CA SER F 41 -4.75 -22.52 -0.01
C SER F 41 -3.44 -22.58 0.76
N PRO F 42 -2.78 -23.74 0.82
CA PRO F 42 -1.47 -23.83 1.48
C PRO F 42 -0.36 -23.05 0.79
N VAL F 43 -0.63 -22.42 -0.36
CA VAL F 43 0.42 -21.69 -1.08
C VAL F 43 0.78 -20.43 -0.33
N ASP F 44 -0.22 -19.61 0.02
CA ASP F 44 0.08 -18.39 0.77
C ASP F 44 -1.05 -17.96 1.72
N GLY F 45 -1.94 -18.87 2.10
CA GLY F 45 -3.10 -18.56 2.93
C GLY F 45 -4.23 -17.85 2.21
N ARG F 46 -4.15 -17.73 0.88
CA ARG F 46 -5.19 -17.09 0.09
C ARG F 46 -6.53 -17.81 0.22
N LEU F 47 -7.61 -17.03 0.27
CA LEU F 47 -8.97 -17.59 0.30
C LEU F 47 -9.44 -17.90 -1.11
N LEU F 48 -9.66 -19.19 -1.41
CA LEU F 48 -10.06 -19.59 -2.76
C LEU F 48 -11.57 -19.45 -3.02
N ALA F 49 -12.39 -19.81 -2.03
CA ALA F 49 -13.84 -19.86 -2.19
C ALA F 49 -14.47 -20.28 -0.87
N LYS F 50 -15.79 -20.10 -0.78
CA LYS F 50 -16.56 -20.54 0.38
C LYS F 50 -17.35 -21.76 -0.06
N VAL F 51 -16.99 -22.92 0.49
CA VAL F 51 -17.47 -24.21 0.03
C VAL F 51 -18.64 -24.65 0.92
N ALA F 52 -19.67 -25.19 0.29
CA ALA F 52 -20.83 -25.69 0.99
C ALA F 52 -20.47 -26.74 2.03
N SER F 53 -20.82 -26.47 3.29
CA SER F 53 -20.64 -27.43 4.40
C SER F 53 -21.89 -28.28 4.57
N CYS F 54 -21.92 -29.45 3.92
CA CYS F 54 -23.08 -30.32 3.92
C CYS F 54 -23.17 -31.14 5.20
N ASP F 55 -24.35 -31.67 5.45
CA ASP F 55 -24.63 -32.48 6.63
C ASP F 55 -25.62 -33.55 6.20
N ALA F 56 -26.22 -34.20 7.19
CA ALA F 56 -27.00 -35.39 6.93
C ALA F 56 -28.18 -35.09 6.01
N ALA F 57 -28.80 -33.91 6.18
CA ALA F 57 -29.93 -33.56 5.34
C ALA F 57 -29.56 -33.62 3.86
N ASP F 58 -28.36 -33.16 3.54
CA ASP F 58 -27.86 -33.24 2.18
C ASP F 58 -27.51 -34.68 1.78
N ALA F 59 -26.94 -35.47 2.69
CA ALA F 59 -26.75 -36.88 2.40
C ALA F 59 -28.06 -37.52 1.94
N GLN F 60 -29.15 -37.26 2.66
CA GLN F 60 -30.44 -37.83 2.28
C GLN F 60 -30.90 -37.34 0.91
N ARG F 61 -30.69 -36.06 0.60
CA ARG F 61 -31.09 -35.56 -0.71
C ARG F 61 -30.30 -36.25 -1.81
N ALA F 62 -28.98 -36.33 -1.62
CA ALA F 62 -28.12 -36.90 -2.64
C ALA F 62 -28.44 -38.36 -2.88
N VAL F 63 -28.59 -39.13 -1.82
CA VAL F 63 -28.90 -40.55 -1.98
C VAL F 63 -30.27 -40.74 -2.61
N GLU F 64 -31.25 -39.92 -2.21
CA GLU F 64 -32.59 -40.01 -2.80
C GLU F 64 -32.53 -39.76 -4.29
N SER F 65 -31.78 -38.73 -4.69
CA SER F 65 -31.47 -38.47 -6.09
C SER F 65 -30.82 -39.69 -6.76
N ALA F 66 -29.68 -40.14 -6.21
CA ALA F 66 -29.00 -41.33 -6.73
C ALA F 66 -29.97 -42.48 -6.94
N ARG F 67 -30.73 -42.83 -5.89
CA ARG F 67 -31.60 -44.00 -5.96
C ARG F 67 -32.60 -43.87 -7.09
N SER F 68 -33.25 -42.70 -7.20
CA SER F 68 -34.24 -42.51 -8.27
C SER F 68 -33.58 -42.59 -9.64
N ALA F 69 -32.38 -42.00 -9.77
CA ALA F 69 -31.62 -42.09 -11.02
C ALA F 69 -31.30 -43.54 -11.38
N PHE F 70 -30.72 -44.29 -10.43
CA PHE F 70 -30.44 -45.69 -10.68
C PHE F 70 -31.72 -46.45 -11.04
N ASP F 71 -32.82 -46.18 -10.32
CA ASP F 71 -34.04 -46.96 -10.57
C ASP F 71 -34.63 -46.67 -11.93
N SER F 72 -34.50 -45.45 -12.44
CA SER F 72 -35.04 -45.14 -13.77
C SER F 72 -34.30 -45.88 -14.87
N GLY F 73 -33.03 -46.21 -14.65
CA GLY F 73 -32.23 -46.89 -15.64
C GLY F 73 -31.59 -46.03 -16.71
N ALA F 74 -31.70 -44.70 -16.62
CA ALA F 74 -31.07 -43.82 -17.60
C ALA F 74 -29.58 -44.10 -17.73
N TRP F 75 -28.94 -44.54 -16.66
CA TRP F 75 -27.55 -44.96 -16.72
C TRP F 75 -27.40 -46.45 -16.46
N SER F 76 -28.06 -46.97 -15.43
CA SER F 76 -27.84 -48.37 -15.02
C SER F 76 -28.25 -49.37 -16.09
N ARG F 77 -29.20 -49.02 -16.96
CA ARG F 77 -29.56 -49.94 -18.04
C ARG F 77 -29.24 -49.39 -19.42
N LEU F 78 -28.44 -48.31 -19.50
CA LEU F 78 -27.95 -47.85 -20.79
C LEU F 78 -26.88 -48.84 -21.30
N ALA F 79 -26.87 -49.08 -22.61
CA ALA F 79 -26.10 -50.17 -23.18
C ALA F 79 -24.60 -50.00 -22.92
N PRO F 80 -23.83 -51.10 -22.94
CA PRO F 80 -22.42 -51.01 -22.57
C PRO F 80 -21.58 -50.11 -23.47
N ALA F 81 -21.80 -50.17 -24.78
CA ALA F 81 -21.03 -49.33 -25.69
C ALA F 81 -21.37 -47.85 -25.51
N LYS F 82 -22.64 -47.52 -25.27
CA LYS F 82 -22.96 -46.13 -25.00
C LYS F 82 -22.33 -45.67 -23.68
N ARG F 83 -22.37 -46.50 -22.64
CA ARG F 83 -21.70 -46.14 -21.40
C ARG F 83 -20.21 -45.90 -21.63
N LYS F 84 -19.58 -46.77 -22.44
CA LYS F 84 -18.20 -46.57 -22.90
C LYS F 84 -17.96 -45.15 -23.41
N ALA F 85 -18.73 -44.73 -24.40
CA ALA F 85 -18.51 -43.42 -25.02
C ALA F 85 -18.68 -42.30 -24.00
N THR F 86 -19.75 -42.37 -23.21
CA THR F 86 -19.95 -41.33 -22.21
C THR F 86 -18.74 -41.26 -21.29
N MET F 87 -18.26 -42.43 -20.83
CA MET F 87 -17.09 -42.46 -19.95
C MET F 87 -15.86 -41.88 -20.65
N ILE F 88 -15.68 -42.15 -21.95
CA ILE F 88 -14.48 -41.66 -22.62
C ILE F 88 -14.57 -40.15 -22.87
N ARG F 89 -15.75 -39.67 -23.28
CA ARG F 89 -16.02 -38.23 -23.36
C ARG F 89 -15.80 -37.55 -22.01
N PHE F 90 -16.19 -38.22 -20.91
CA PHE F 90 -15.92 -37.71 -19.57
C PHE F 90 -14.43 -37.46 -19.39
N ALA F 91 -13.60 -38.45 -19.75
CA ALA F 91 -12.16 -38.28 -19.65
C ALA F 91 -11.67 -37.18 -20.58
N GLY F 92 -12.17 -37.16 -21.83
CA GLY F 92 -11.85 -36.08 -22.73
C GLY F 92 -12.10 -34.71 -22.13
N LEU F 93 -13.07 -34.59 -21.24
CA LEU F 93 -13.38 -33.28 -20.67
C LEU F 93 -12.43 -32.90 -19.56
N LEU F 94 -11.91 -33.89 -18.82
CA LEU F 94 -10.81 -33.62 -17.92
C LEU F 94 -9.61 -33.09 -18.70
N GLU F 95 -9.19 -33.81 -19.75
CA GLU F 95 -8.04 -33.38 -20.55
C GLU F 95 -8.27 -31.99 -21.16
N GLN F 96 -9.51 -31.69 -21.60
CA GLN F 96 -9.82 -30.41 -22.22
C GLN F 96 -9.75 -29.26 -21.22
N ASN F 97 -10.18 -29.50 -19.98
CA ASN F 97 -10.12 -28.49 -18.93
C ASN F 97 -8.89 -28.67 -18.05
N ALA F 98 -7.86 -29.34 -18.58
CA ALA F 98 -6.72 -29.77 -17.81
C ALA F 98 -6.01 -28.62 -17.08
N GLU F 99 -5.91 -27.44 -17.70
CA GLU F 99 -5.16 -26.39 -17.02
C GLU F 99 -5.94 -25.79 -15.87
N GLU F 100 -7.26 -25.63 -15.98
CA GLU F 100 -8.01 -25.15 -14.83
C GLU F 100 -8.03 -26.19 -13.72
N LEU F 101 -8.42 -27.43 -14.03
CA LEU F 101 -8.43 -28.49 -13.03
C LEU F 101 -7.07 -28.62 -12.35
N ALA F 102 -5.99 -28.56 -13.12
CA ALA F 102 -4.68 -28.69 -12.49
C ALA F 102 -4.41 -27.50 -11.58
N LEU F 103 -4.73 -26.28 -12.04
CA LEU F 103 -4.52 -25.12 -11.19
C LEU F 103 -5.32 -25.23 -9.89
N LEU F 104 -6.56 -25.73 -9.99
CA LEU F 104 -7.38 -25.97 -8.81
C LEU F 104 -6.71 -26.93 -7.84
N GLU F 105 -6.24 -28.08 -8.34
CA GLU F 105 -5.53 -29.03 -7.47
C GLU F 105 -4.40 -28.36 -6.70
N THR F 106 -3.55 -27.62 -7.41
CA THR F 106 -2.39 -27.03 -6.77
C THR F 106 -2.81 -26.01 -5.71
N LEU F 107 -3.74 -25.11 -6.06
CA LEU F 107 -4.14 -24.09 -5.10
C LEU F 107 -4.83 -24.71 -3.88
N ASP F 108 -5.58 -25.79 -4.08
CA ASP F 108 -6.40 -26.31 -2.99
C ASP F 108 -5.60 -27.11 -1.96
N MET F 109 -4.67 -27.96 -2.40
CA MET F 109 -3.93 -28.78 -1.46
C MET F 109 -2.42 -28.67 -1.61
N GLY F 110 -1.94 -27.84 -2.54
CA GLY F 110 -0.57 -27.36 -2.48
C GLY F 110 0.48 -28.15 -3.22
N LYS F 111 0.08 -29.04 -4.16
CA LYS F 111 1.14 -29.76 -4.86
C LYS F 111 1.63 -28.97 -6.06
N PRO F 112 2.82 -29.27 -6.56
CA PRO F 112 3.39 -28.47 -7.64
C PRO F 112 2.53 -28.56 -8.89
N ILE F 113 2.33 -27.41 -9.56
CA ILE F 113 1.46 -27.35 -10.73
C ILE F 113 1.98 -28.24 -11.84
N SER F 114 3.31 -28.38 -11.97
CA SER F 114 3.83 -29.30 -12.98
C SER F 114 3.48 -30.74 -12.63
N ASP F 115 3.30 -31.05 -11.34
CA ASP F 115 2.83 -32.36 -10.91
C ASP F 115 1.37 -32.56 -11.32
N SER F 116 0.49 -31.64 -10.88
CA SER F 116 -0.92 -31.80 -11.18
C SER F 116 -1.18 -31.91 -12.67
N LEU F 117 -0.53 -31.03 -13.44
CA LEU F 117 -0.72 -31.02 -14.87
C LEU F 117 -0.17 -32.28 -15.53
N GLY F 118 0.83 -32.93 -14.93
CA GLY F 118 1.52 -34.00 -15.60
C GLY F 118 1.32 -35.38 -15.06
N VAL F 119 0.85 -35.48 -13.81
CA VAL F 119 0.59 -36.76 -13.16
C VAL F 119 -0.88 -36.91 -12.82
N ASP F 120 -1.44 -35.95 -12.05
CA ASP F 120 -2.80 -36.02 -11.52
C ASP F 120 -3.91 -35.99 -12.56
N ILE F 121 -4.07 -34.88 -13.27
CA ILE F 121 -5.15 -34.76 -14.24
C ILE F 121 -5.06 -35.83 -15.34
N PRO F 122 -3.92 -36.01 -16.01
CA PRO F 122 -3.83 -37.15 -16.94
C PRO F 122 -4.08 -38.49 -16.26
N GLY F 123 -3.69 -38.61 -14.98
CA GLY F 123 -3.96 -39.83 -14.23
C GLY F 123 -5.44 -40.09 -14.04
N GLY F 124 -6.19 -39.06 -13.59
CA GLY F 124 -7.63 -39.20 -13.45
C GLY F 124 -8.32 -39.49 -14.77
N ALA F 125 -7.96 -38.75 -15.82
CA ALA F 125 -8.53 -39.01 -17.13
C ALA F 125 -8.30 -40.45 -17.57
N ARG F 126 -7.09 -40.98 -17.32
CA ARG F 126 -6.82 -42.35 -17.75
C ARG F 126 -7.75 -43.32 -17.04
N ALA F 127 -8.04 -43.07 -15.75
CA ALA F 127 -8.87 -44.00 -15.00
C ALA F 127 -10.31 -43.96 -15.46
N LEU F 128 -10.82 -42.77 -15.85
CA LEU F 128 -12.17 -42.73 -16.40
C LEU F 128 -12.23 -43.40 -17.76
N SER F 129 -11.24 -43.19 -18.62
CA SER F 129 -11.34 -43.70 -19.99
C SER F 129 -10.96 -45.18 -20.05
N TRP F 130 -9.97 -45.61 -19.28
CA TRP F 130 -9.59 -47.01 -19.30
C TRP F 130 -10.73 -47.87 -18.76
N SER F 131 -11.39 -47.40 -17.70
CA SER F 131 -12.53 -48.14 -17.16
C SER F 131 -13.68 -48.10 -18.14
N GLY F 132 -13.90 -46.94 -18.76
CA GLY F 132 -14.86 -46.87 -19.83
C GLY F 132 -14.54 -47.86 -20.94
N GLU F 133 -13.27 -47.97 -21.32
CA GLU F 133 -12.90 -48.83 -22.44
C GLU F 133 -13.22 -50.30 -22.16
N ALA F 134 -13.18 -50.70 -20.90
CA ALA F 134 -13.26 -52.12 -20.56
C ALA F 134 -14.67 -52.62 -20.39
N ILE F 135 -15.67 -51.74 -20.39
CA ILE F 135 -17.05 -52.12 -20.08
C ILE F 135 -17.52 -53.29 -20.96
N ASP F 136 -17.43 -53.13 -22.27
CA ASP F 136 -17.88 -54.18 -23.18
C ASP F 136 -16.78 -55.15 -23.55
N LYS F 137 -15.64 -55.10 -22.87
CA LYS F 137 -14.63 -56.13 -22.98
C LYS F 137 -14.78 -57.16 -21.88
N LEU F 138 -15.59 -56.89 -20.87
CA LEU F 138 -15.84 -57.82 -19.78
C LEU F 138 -16.87 -58.88 -20.18
N TYR F 139 -16.71 -60.07 -19.61
CA TYR F 139 -17.67 -61.14 -19.86
C TYR F 139 -18.05 -61.81 -18.55
N ASP F 140 -19.32 -62.20 -18.44
CA ASP F 140 -19.79 -62.93 -17.28
C ASP F 140 -19.69 -64.41 -17.63
N GLU F 141 -20.35 -65.30 -16.89
CA GLU F 141 -20.06 -66.72 -16.99
C GLU F 141 -21.27 -67.58 -17.37
N VAL F 142 -20.99 -68.73 -17.97
CA VAL F 142 -21.94 -69.82 -18.16
C VAL F 142 -21.35 -71.07 -17.54
N ALA F 143 -22.04 -71.63 -16.55
CA ALA F 143 -21.54 -72.78 -15.84
C ALA F 143 -21.72 -74.06 -16.65
N ALA F 144 -20.87 -75.04 -16.34
CA ALA F 144 -20.98 -76.37 -16.92
C ALA F 144 -22.05 -77.16 -16.18
N THR F 145 -23.18 -77.38 -16.83
CA THR F 145 -24.37 -77.89 -16.18
C THR F 145 -24.88 -79.10 -16.93
N PRO F 146 -25.81 -79.85 -16.33
CA PRO F 146 -26.51 -80.89 -17.10
C PRO F 146 -27.23 -80.32 -18.31
N HIS F 147 -27.73 -81.22 -19.16
CA HIS F 147 -28.34 -80.79 -20.41
C HIS F 147 -29.61 -79.98 -20.17
N ASP F 148 -30.38 -80.34 -19.15
CA ASP F 148 -31.63 -79.65 -18.88
C ASP F 148 -31.46 -78.38 -18.06
N GLN F 149 -30.26 -77.81 -17.98
CA GLN F 149 -30.03 -76.65 -17.13
C GLN F 149 -29.21 -75.60 -17.86
N LEU F 150 -29.55 -74.34 -17.61
CA LEU F 150 -28.74 -73.20 -18.02
C LEU F 150 -28.35 -72.46 -16.75
N GLY F 151 -27.05 -72.43 -16.46
CA GLY F 151 -26.58 -71.72 -15.30
C GLY F 151 -25.79 -70.50 -15.70
N LEU F 152 -26.35 -69.33 -15.41
CA LEU F 152 -25.72 -68.05 -15.71
C LEU F 152 -25.15 -67.45 -14.43
N VAL F 153 -23.97 -66.87 -14.52
CA VAL F 153 -23.34 -66.15 -13.40
C VAL F 153 -23.03 -64.75 -13.92
N THR F 154 -23.88 -63.78 -13.59
CA THR F 154 -23.77 -62.43 -14.11
C THR F 154 -23.46 -61.41 -13.01
N ARG F 155 -23.10 -60.21 -13.45
CA ARG F 155 -22.85 -59.09 -12.56
C ARG F 155 -23.81 -57.95 -12.87
N GLU F 156 -24.16 -57.22 -11.82
CA GLU F 156 -25.12 -56.14 -11.87
C GLU F 156 -24.64 -55.07 -10.92
N PRO F 157 -25.01 -53.83 -11.16
CA PRO F 157 -24.58 -52.76 -10.26
C PRO F 157 -25.28 -52.86 -8.90
N VAL F 158 -24.53 -52.51 -7.84
CA VAL F 158 -25.07 -52.62 -6.49
C VAL F 158 -26.24 -51.67 -6.30
N GLY F 159 -26.10 -50.44 -6.77
CA GLY F 159 -27.14 -49.46 -6.69
C GLY F 159 -26.57 -48.08 -6.45
N VAL F 160 -26.51 -47.66 -5.19
CA VAL F 160 -26.01 -46.35 -4.81
C VAL F 160 -24.67 -46.55 -4.12
N VAL F 161 -23.63 -45.94 -4.68
CA VAL F 161 -22.26 -46.07 -4.18
C VAL F 161 -21.81 -44.76 -3.55
N ALA F 162 -21.50 -44.79 -2.26
CA ALA F 162 -20.91 -43.64 -1.57
C ALA F 162 -19.40 -43.72 -1.64
N ALA F 163 -18.76 -42.66 -2.15
CA ALA F 163 -17.31 -42.64 -2.27
C ALA F 163 -16.72 -41.46 -1.50
N ILE F 164 -15.89 -41.76 -0.52
CA ILE F 164 -15.27 -40.76 0.34
C ILE F 164 -13.76 -40.78 0.08
N VAL F 165 -13.22 -39.70 -0.47
CA VAL F 165 -11.87 -39.70 -1.04
C VAL F 165 -10.99 -38.74 -0.25
N PRO F 166 -9.68 -38.92 -0.30
CA PRO F 166 -8.81 -38.06 0.52
C PRO F 166 -8.25 -36.87 -0.25
N TRP F 167 -7.31 -36.14 0.35
CA TRP F 167 -6.80 -34.90 -0.22
C TRP F 167 -5.42 -35.02 -0.86
N ASN F 168 -4.72 -36.17 -0.75
CA ASN F 168 -3.37 -36.24 -1.29
C ASN F 168 -3.35 -36.30 -2.82
N PHE F 169 -4.38 -36.88 -3.45
CA PHE F 169 -4.52 -36.90 -4.90
C PHE F 169 -5.99 -36.69 -5.22
N PRO F 170 -6.50 -35.50 -4.94
CA PRO F 170 -7.97 -35.27 -4.98
C PRO F 170 -8.66 -35.75 -6.24
N LEU F 171 -8.16 -35.37 -7.42
CA LEU F 171 -8.86 -35.76 -8.65
C LEU F 171 -8.60 -37.21 -9.01
N MET F 172 -7.33 -37.63 -8.95
CA MET F 172 -7.00 -38.97 -9.43
C MET F 172 -7.59 -40.04 -8.52
N MET F 173 -7.50 -39.83 -7.20
CA MET F 173 -8.14 -40.76 -6.26
C MET F 173 -9.63 -40.87 -6.54
N ALA F 174 -10.31 -39.74 -6.75
CA ALA F 174 -11.72 -39.78 -7.12
C ALA F 174 -11.94 -40.61 -8.39
N CYS F 175 -11.19 -40.30 -9.46
CA CYS F 175 -11.39 -41.04 -10.71
C CYS F 175 -11.05 -42.52 -10.58
N TRP F 176 -10.16 -42.90 -9.66
CA TRP F 176 -9.93 -44.34 -9.44
C TRP F 176 -11.19 -45.03 -8.96
N LYS F 177 -12.07 -44.30 -8.30
CA LYS F 177 -13.37 -44.81 -7.86
C LYS F 177 -14.44 -44.57 -8.91
N LEU F 178 -14.46 -43.38 -9.49
CA LEU F 178 -15.56 -43.04 -10.37
C LEU F 178 -15.52 -43.87 -11.64
N GLY F 179 -14.34 -44.15 -12.14
CA GLY F 179 -14.19 -44.86 -13.38
C GLY F 179 -14.91 -46.19 -13.36
N PRO F 180 -14.49 -47.08 -12.46
CA PRO F 180 -15.17 -48.38 -12.38
C PRO F 180 -16.60 -48.29 -11.85
N ALA F 181 -16.83 -47.49 -10.82
CA ALA F 181 -18.16 -47.41 -10.22
C ALA F 181 -19.18 -46.86 -11.20
N LEU F 182 -18.84 -45.82 -11.94
CA LEU F 182 -19.77 -45.27 -12.91
C LEU F 182 -19.91 -46.20 -14.10
N SER F 183 -18.82 -46.88 -14.48
CA SER F 183 -18.85 -47.75 -15.64
C SER F 183 -19.76 -48.94 -15.40
N THR F 184 -19.73 -49.49 -14.19
CA THR F 184 -20.62 -50.60 -13.91
C THR F 184 -22.07 -50.16 -13.79
N GLY F 185 -22.36 -48.87 -13.83
CA GLY F 185 -23.73 -48.41 -13.91
C GLY F 185 -24.29 -47.81 -12.65
N ASN F 186 -23.55 -47.81 -11.56
CA ASN F 186 -24.04 -47.31 -10.29
C ASN F 186 -24.25 -45.80 -10.34
N SER F 187 -25.05 -45.33 -9.39
CA SER F 187 -25.06 -43.93 -9.02
C SER F 187 -24.05 -43.72 -7.90
N VAL F 188 -23.34 -42.59 -7.95
CA VAL F 188 -22.28 -42.31 -6.99
C VAL F 188 -22.56 -40.97 -6.31
N VAL F 189 -22.31 -40.95 -4.99
CA VAL F 189 -22.31 -39.76 -4.17
C VAL F 189 -20.88 -39.59 -3.68
N LEU F 190 -20.21 -38.53 -4.12
CA LEU F 190 -18.79 -38.35 -3.94
C LEU F 190 -18.54 -37.28 -2.87
N LYS F 191 -17.87 -37.67 -1.80
CA LYS F 191 -17.57 -36.78 -0.69
C LYS F 191 -16.08 -36.47 -0.72
N PRO F 192 -15.64 -35.44 -1.45
CA PRO F 192 -14.23 -35.05 -1.40
C PRO F 192 -13.79 -34.66 0.00
N SER F 193 -12.48 -34.48 0.16
CA SER F 193 -11.96 -34.05 1.45
C SER F 193 -12.34 -32.60 1.71
N GLU F 194 -12.51 -32.27 2.99
CA GLU F 194 -12.63 -30.87 3.35
C GLU F 194 -11.35 -30.13 3.01
N LYS F 195 -10.22 -30.83 3.07
CA LYS F 195 -8.93 -30.24 2.72
C LYS F 195 -8.77 -30.02 1.22
N SER F 196 -9.64 -30.59 0.38
CA SER F 196 -9.49 -30.47 -1.07
C SER F 196 -10.77 -30.74 -1.84
N PRO F 197 -11.82 -29.92 -1.68
CA PRO F 197 -13.08 -30.17 -2.40
C PRO F 197 -13.08 -29.74 -3.87
N LEU F 198 -12.22 -28.81 -4.28
CA LEU F 198 -12.50 -27.98 -5.45
C LEU F 198 -12.61 -28.80 -6.75
N THR F 199 -11.73 -29.79 -6.94
CA THR F 199 -11.74 -30.57 -8.17
C THR F 199 -12.99 -31.42 -8.29
N ALA F 200 -13.35 -32.14 -7.22
CA ALA F 200 -14.59 -32.92 -7.22
C ALA F 200 -15.79 -32.03 -7.55
N ILE F 201 -15.88 -30.88 -6.87
CA ILE F 201 -16.92 -29.89 -7.15
C ILE F 201 -16.96 -29.59 -8.65
N ARG F 202 -15.80 -29.31 -9.24
CA ARG F 202 -15.79 -28.78 -10.59
C ARG F 202 -16.15 -29.85 -11.63
N ILE F 203 -15.69 -31.08 -11.46
CA ILE F 203 -15.95 -32.05 -12.53
C ILE F 203 -17.41 -32.51 -12.53
N ALA F 204 -18.18 -32.20 -11.47
CA ALA F 204 -19.60 -32.54 -11.47
C ALA F 204 -20.32 -31.93 -12.65
N GLN F 205 -20.05 -30.64 -12.96
CA GLN F 205 -20.59 -30.09 -14.20
C GLN F 205 -20.09 -30.90 -15.39
N LEU F 206 -18.78 -31.18 -15.40
CA LEU F 206 -18.14 -31.86 -16.51
C LEU F 206 -18.75 -33.23 -16.79
N ALA F 207 -19.16 -33.97 -15.76
CA ALA F 207 -19.87 -35.22 -16.01
C ALA F 207 -21.21 -34.97 -16.70
N ILE F 208 -21.95 -33.94 -16.28
CA ILE F 208 -23.23 -33.65 -16.90
C ILE F 208 -23.06 -33.44 -18.39
N GLU F 209 -22.03 -32.65 -18.76
CA GLU F 209 -21.77 -32.27 -20.14
C GLU F 209 -21.29 -33.45 -20.96
N ALA F 210 -20.56 -34.38 -20.35
CA ALA F 210 -20.20 -35.59 -21.06
C ALA F 210 -21.39 -36.49 -21.33
N GLY F 211 -22.55 -36.19 -20.76
CA GLY F 211 -23.73 -37.00 -20.94
C GLY F 211 -24.04 -37.97 -19.83
N ILE F 212 -23.49 -37.78 -18.64
CA ILE F 212 -23.89 -38.53 -17.45
C ILE F 212 -25.22 -37.95 -16.98
N PRO F 213 -26.29 -38.74 -16.90
CA PRO F 213 -27.59 -38.21 -16.46
C PRO F 213 -27.53 -37.56 -15.06
N ALA F 214 -28.44 -36.61 -14.85
CA ALA F 214 -28.53 -35.99 -13.53
C ALA F 214 -28.83 -37.04 -12.47
N GLY F 215 -28.34 -36.80 -11.26
CA GLY F 215 -28.50 -37.73 -10.17
C GLY F 215 -27.51 -38.88 -10.13
N VAL F 216 -26.83 -39.18 -11.25
CA VAL F 216 -25.89 -40.30 -11.30
C VAL F 216 -24.54 -39.96 -10.68
N LEU F 217 -24.10 -38.72 -10.74
CA LEU F 217 -22.94 -38.30 -9.96
C LEU F 217 -23.30 -37.04 -9.19
N ASN F 218 -23.48 -37.17 -7.87
CA ASN F 218 -23.69 -36.05 -6.96
C ASN F 218 -22.46 -35.89 -6.08
N VAL F 219 -22.12 -34.63 -5.79
CA VAL F 219 -20.91 -34.31 -5.04
C VAL F 219 -21.26 -33.47 -3.81
N LEU F 220 -20.89 -33.96 -2.62
CA LEU F 220 -21.15 -33.27 -1.36
C LEU F 220 -19.82 -32.85 -0.72
N PRO F 221 -19.41 -31.60 -0.85
CA PRO F 221 -18.27 -31.10 -0.07
C PRO F 221 -18.62 -30.98 1.40
N GLY F 222 -17.60 -31.12 2.25
CA GLY F 222 -17.83 -30.97 3.67
C GLY F 222 -17.00 -31.92 4.51
N TYR F 223 -17.16 -31.78 5.83
CA TYR F 223 -16.36 -32.48 6.83
C TYR F 223 -16.67 -33.96 6.87
N GLY F 224 -15.66 -34.76 7.22
CA GLY F 224 -15.89 -36.18 7.43
C GLY F 224 -16.84 -36.48 8.56
N HIS F 225 -16.72 -35.76 9.68
CA HIS F 225 -17.55 -36.13 10.80
C HIS F 225 -18.99 -35.67 10.66
N THR F 226 -19.35 -35.01 9.55
CA THR F 226 -20.74 -34.64 9.30
C THR F 226 -21.27 -35.35 8.18
N VAL F 227 -21.14 -34.87 6.90
CA VAL F 227 -21.73 -35.51 5.74
C VAL F 227 -21.04 -36.82 5.41
N GLY F 228 -19.73 -36.92 5.65
CA GLY F 228 -19.06 -38.18 5.39
C GLY F 228 -19.64 -39.30 6.24
N LYS F 229 -19.63 -39.10 7.57
CA LYS F 229 -20.18 -40.09 8.50
C LYS F 229 -21.64 -40.40 8.19
N ALA F 230 -22.42 -39.38 7.84
CA ALA F 230 -23.81 -39.58 7.49
C ALA F 230 -23.95 -40.55 6.34
N LEU F 231 -23.16 -40.38 5.28
CA LEU F 231 -23.26 -41.27 4.13
C LEU F 231 -22.96 -42.72 4.53
N ALA F 232 -21.88 -42.93 5.28
CA ALA F 232 -21.55 -44.28 5.70
C ALA F 232 -22.59 -44.88 6.65
N LEU F 233 -23.42 -44.05 7.26
CA LEU F 233 -24.46 -44.51 8.16
C LEU F 233 -25.81 -44.66 7.48
N HIS F 234 -25.91 -44.25 6.21
CA HIS F 234 -27.21 -44.18 5.55
C HIS F 234 -27.77 -45.56 5.32
N MET F 235 -29.09 -45.67 5.38
CA MET F 235 -29.72 -46.96 5.23
C MET F 235 -29.96 -47.33 3.78
N ASP F 236 -29.72 -46.42 2.84
CA ASP F 236 -30.00 -46.67 1.43
C ASP F 236 -28.75 -46.64 0.57
N VAL F 237 -27.57 -46.57 1.18
CA VAL F 237 -26.32 -46.69 0.45
C VAL F 237 -25.92 -48.16 0.46
N ASP F 238 -25.80 -48.77 -0.73
CA ASP F 238 -25.50 -50.19 -0.84
C ASP F 238 -24.02 -50.52 -0.62
N THR F 239 -23.13 -49.63 -1.05
CA THR F 239 -21.70 -49.86 -0.96
C THR F 239 -21.02 -48.54 -0.59
N VAL F 240 -19.98 -48.59 0.24
CA VAL F 240 -19.07 -47.45 0.45
C VAL F 240 -17.66 -47.87 0.04
N VAL F 241 -17.01 -47.03 -0.75
CA VAL F 241 -15.60 -47.18 -1.04
C VAL F 241 -14.89 -45.98 -0.43
N PHE F 242 -13.74 -46.22 0.19
CA PHE F 242 -13.08 -45.18 0.94
C PHE F 242 -11.58 -45.30 0.77
N THR F 243 -10.93 -44.15 0.73
CA THR F 243 -9.47 -44.03 0.75
C THR F 243 -9.12 -43.00 1.80
N GLY F 244 -8.25 -43.38 2.73
CA GLY F 244 -7.83 -42.46 3.78
C GLY F 244 -7.19 -43.21 4.94
N SER F 245 -7.27 -42.58 6.12
CA SER F 245 -6.55 -43.10 7.27
C SER F 245 -7.12 -44.44 7.70
N THR F 246 -6.22 -45.26 8.27
CA THR F 246 -6.63 -46.49 8.90
C THR F 246 -7.63 -46.23 10.01
N LYS F 247 -7.38 -45.21 10.82
CA LYS F 247 -8.21 -44.93 11.98
C LYS F 247 -9.67 -44.72 11.58
N ILE F 248 -9.90 -43.91 10.54
CA ILE F 248 -11.26 -43.70 10.06
C ILE F 248 -11.75 -44.90 9.24
N ALA F 249 -10.87 -45.59 8.52
CA ALA F 249 -11.30 -46.72 7.72
C ALA F 249 -11.94 -47.80 8.58
N LYS F 250 -11.42 -48.01 9.79
CA LYS F 250 -12.07 -48.94 10.70
C LYS F 250 -13.45 -48.43 11.09
N GLN F 251 -13.58 -47.11 11.24
CA GLN F 251 -14.84 -46.52 11.64
C GLN F 251 -15.93 -46.82 10.63
N LEU F 252 -15.61 -46.71 9.33
CA LEU F 252 -16.57 -47.08 8.29
C LEU F 252 -17.08 -48.50 8.47
N MET F 253 -16.24 -49.39 8.97
CA MET F 253 -16.71 -50.76 9.17
C MET F 253 -17.77 -50.81 10.26
N ILE F 254 -17.52 -50.12 11.37
CA ILE F 254 -18.47 -50.06 12.48
C ILE F 254 -19.78 -49.41 12.05
N TYR F 255 -19.70 -48.27 11.36
CA TYR F 255 -20.90 -47.63 10.85
C TYR F 255 -21.74 -48.59 10.02
N ALA F 256 -21.09 -49.39 9.19
CA ALA F 256 -21.84 -50.29 8.32
C ALA F 256 -22.56 -51.36 9.12
N GLY F 257 -21.86 -51.91 10.12
CA GLY F 257 -22.51 -52.82 11.05
C GLY F 257 -23.61 -52.16 11.83
N GLU F 258 -23.45 -50.88 12.16
CA GLU F 258 -24.43 -50.11 12.91
C GLU F 258 -25.69 -49.81 12.12
N SER F 259 -25.70 -50.04 10.81
CA SER F 259 -26.83 -49.61 10.03
C SER F 259 -27.35 -50.72 9.14
N ASN F 260 -27.05 -50.67 7.85
CA ASN F 260 -27.67 -51.53 6.87
C ASN F 260 -26.74 -52.62 6.38
N MET F 261 -25.57 -52.77 7.01
CA MET F 261 -24.67 -53.89 6.72
C MET F 261 -24.12 -53.79 5.31
N LYS F 262 -23.99 -52.57 4.80
CA LYS F 262 -23.54 -52.35 3.43
C LYS F 262 -22.14 -52.92 3.19
N ARG F 263 -21.75 -52.92 1.92
CA ARG F 263 -20.39 -53.31 1.56
C ARG F 263 -19.43 -52.15 1.80
N VAL F 264 -18.30 -52.44 2.46
CA VAL F 264 -17.25 -51.47 2.79
C VAL F 264 -15.95 -51.90 2.15
N TRP F 265 -15.41 -51.05 1.28
CA TRP F 265 -14.13 -51.28 0.61
C TRP F 265 -13.15 -50.19 1.03
N LEU F 266 -11.96 -50.59 1.48
CA LEU F 266 -11.04 -49.69 2.18
C LEU F 266 -9.66 -49.62 1.53
N GLU F 267 -9.12 -48.41 1.44
CA GLU F 267 -7.71 -48.17 1.17
C GLU F 267 -7.17 -47.35 2.33
N ALA F 268 -6.33 -47.94 3.16
CA ALA F 268 -5.84 -47.27 4.35
C ALA F 268 -4.41 -46.80 4.14
N GLY F 269 -3.68 -46.65 5.23
CA GLY F 269 -2.32 -46.14 5.17
C GLY F 269 -1.30 -47.19 4.79
N GLY F 270 -0.04 -46.80 4.89
CA GLY F 270 1.06 -47.69 4.53
C GLY F 270 2.35 -47.24 5.16
N LYS F 271 3.21 -48.21 5.46
CA LYS F 271 4.58 -47.96 5.86
C LYS F 271 5.40 -48.94 5.04
N SER F 272 5.54 -48.61 3.75
CA SER F 272 5.96 -49.55 2.71
C SER F 272 7.49 -49.66 2.65
N PRO F 273 8.04 -50.87 2.67
CA PRO F 273 9.50 -51.03 2.67
C PRO F 273 10.12 -51.00 1.27
N ASN F 274 11.25 -50.31 1.17
CA ASN F 274 12.05 -50.25 -0.04
C ASN F 274 13.33 -51.04 0.27
N ILE F 275 13.48 -52.19 -0.36
CA ILE F 275 14.52 -53.15 0.01
C ILE F 275 15.60 -53.14 -1.07
N VAL F 276 16.82 -52.76 -0.69
CA VAL F 276 17.91 -52.60 -1.64
C VAL F 276 19.01 -53.60 -1.28
N PHE F 277 19.17 -54.62 -2.12
CA PHE F 277 20.24 -55.58 -2.00
C PHE F 277 21.51 -55.06 -2.67
N ALA F 278 22.65 -55.58 -2.21
CA ALA F 278 23.93 -55.15 -2.75
C ALA F 278 24.09 -55.52 -4.21
N ASP F 279 23.39 -56.54 -4.70
CA ASP F 279 23.57 -56.97 -6.07
C ASP F 279 22.54 -56.37 -7.01
N ALA F 280 21.90 -55.27 -6.60
CA ALA F 280 21.02 -54.50 -7.46
C ALA F 280 21.74 -54.08 -8.75
N PRO F 281 21.03 -54.05 -9.88
CA PRO F 281 21.71 -53.80 -11.16
C PRO F 281 22.29 -52.40 -11.28
N ASP F 282 21.50 -51.38 -10.95
CA ASP F 282 21.96 -49.99 -11.00
C ASP F 282 21.76 -49.36 -9.61
N LEU F 283 22.85 -49.11 -8.91
CA LEU F 283 22.73 -48.47 -7.62
C LEU F 283 22.29 -47.03 -7.75
N GLN F 284 22.67 -46.36 -8.83
CA GLN F 284 22.21 -44.99 -9.01
C GLN F 284 20.69 -44.97 -9.16
N ALA F 285 20.14 -45.95 -9.87
CA ALA F 285 18.71 -46.01 -10.08
C ALA F 285 17.98 -46.29 -8.78
N ALA F 286 18.52 -47.17 -7.94
CA ALA F 286 17.90 -47.41 -6.64
C ALA F 286 17.90 -46.14 -5.79
N ALA F 287 18.97 -45.35 -5.88
CA ALA F 287 19.10 -44.17 -5.04
C ALA F 287 18.20 -43.04 -5.53
N ASP F 288 18.18 -42.76 -6.83
CA ASP F 288 17.27 -41.74 -7.35
C ASP F 288 15.84 -42.04 -6.97
N SER F 289 15.46 -43.32 -7.01
CA SER F 289 14.09 -43.70 -6.75
C SER F 289 13.80 -43.67 -5.25
N ALA F 290 14.73 -44.16 -4.43
CA ALA F 290 14.55 -44.05 -2.99
C ALA F 290 14.35 -42.60 -2.56
N ALA F 291 14.98 -41.65 -3.26
CA ALA F 291 14.71 -40.26 -2.98
C ALA F 291 13.35 -39.86 -3.51
N SER F 292 13.07 -40.25 -4.75
CA SER F 292 11.75 -39.99 -5.32
C SER F 292 10.66 -40.65 -4.48
N ALA F 293 10.90 -41.89 -4.03
CA ALA F 293 9.91 -42.65 -3.27
C ALA F 293 9.50 -41.99 -1.97
N ILE F 294 10.26 -41.02 -1.47
CA ILE F 294 9.92 -40.36 -0.22
C ILE F 294 9.60 -38.88 -0.40
N ALA F 295 10.06 -38.24 -1.47
CA ALA F 295 9.91 -36.79 -1.59
C ALA F 295 8.90 -36.38 -2.64
N PHE F 296 8.53 -37.27 -3.56
CA PHE F 296 7.52 -36.93 -4.54
C PHE F 296 6.21 -36.62 -3.86
N ASN F 297 5.52 -35.58 -4.35
CA ASN F 297 4.27 -35.12 -3.76
C ASN F 297 4.37 -34.96 -2.24
N GLN F 298 5.48 -34.38 -1.78
CA GLN F 298 5.69 -33.99 -0.37
C GLN F 298 5.78 -35.19 0.57
N GLY F 299 5.99 -36.40 0.05
CA GLY F 299 5.85 -37.58 0.90
C GLY F 299 4.44 -37.84 1.39
N GLU F 300 3.45 -37.08 0.88
CA GLU F 300 2.03 -37.34 1.15
C GLU F 300 1.50 -38.35 0.13
N VAL F 301 2.07 -39.54 0.19
CA VAL F 301 1.70 -40.64 -0.69
C VAL F 301 1.58 -41.88 0.20
N ALA F 302 0.48 -42.62 0.06
CA ALA F 302 0.29 -43.79 0.91
C ALA F 302 1.22 -44.94 0.53
N THR F 303 1.69 -44.98 -0.72
CA THR F 303 2.72 -45.94 -1.13
C THR F 303 4.12 -45.34 -1.07
N ALA F 304 4.33 -44.31 -0.28
CA ALA F 304 5.66 -43.74 -0.15
C ALA F 304 6.60 -44.77 0.44
N GLY F 305 7.84 -44.78 -0.05
CA GLY F 305 8.86 -45.68 0.46
C GLY F 305 9.55 -45.13 1.70
N SER F 306 8.82 -45.15 2.83
CA SER F 306 9.25 -44.48 4.04
C SER F 306 10.18 -45.31 4.92
N ARG F 307 10.38 -46.58 4.61
CA ARG F 307 11.38 -47.43 5.27
C ARG F 307 12.31 -47.96 4.18
N LEU F 308 13.57 -47.54 4.23
CA LEU F 308 14.59 -47.94 3.25
C LEU F 308 15.42 -49.01 3.90
N LEU F 309 15.25 -50.24 3.45
CA LEU F 309 15.97 -51.37 4.00
C LEU F 309 17.14 -51.67 3.07
N VAL F 310 18.37 -51.50 3.60
CA VAL F 310 19.59 -51.57 2.81
C VAL F 310 20.46 -52.71 3.30
N GLU F 311 21.12 -53.42 2.38
CA GLU F 311 22.13 -54.40 2.78
C GLU F 311 23.36 -53.67 3.27
N ARG F 312 23.91 -54.09 4.42
CA ARG F 312 25.00 -53.34 5.03
C ARG F 312 26.17 -53.16 4.07
N SER F 313 26.52 -54.22 3.32
CA SER F 313 27.63 -54.19 2.38
C SER F 313 27.62 -52.99 1.42
N ILE F 314 26.52 -52.25 1.34
CA ILE F 314 26.47 -51.07 0.49
C ILE F 314 26.01 -49.84 1.23
N LYS F 315 25.71 -49.94 2.53
CA LYS F 315 25.15 -48.79 3.23
C LYS F 315 26.08 -47.60 3.17
N ASP F 316 27.37 -47.81 3.46
CA ASP F 316 28.33 -46.72 3.49
C ASP F 316 28.49 -46.08 2.11
N ARG F 317 28.40 -46.86 1.05
CA ARG F 317 28.41 -46.32 -0.30
C ARG F 317 27.04 -45.76 -0.67
N PHE F 318 25.99 -46.50 -0.34
CA PHE F 318 24.67 -46.19 -0.90
C PHE F 318 24.04 -44.99 -0.23
N LEU F 319 24.14 -44.88 1.10
CA LEU F 319 23.44 -43.80 1.78
C LEU F 319 23.81 -42.42 1.21
N PRO F 320 25.10 -42.07 1.02
CA PRO F 320 25.41 -40.77 0.40
C PRO F 320 24.74 -40.56 -0.94
N MET F 321 24.59 -41.62 -1.75
CA MET F 321 23.89 -41.48 -3.02
C MET F 321 22.43 -41.11 -2.83
N VAL F 322 21.81 -41.62 -1.75
CA VAL F 322 20.45 -41.25 -1.45
C VAL F 322 20.38 -39.79 -1.00
N ILE F 323 21.20 -39.41 -0.01
CA ILE F 323 21.23 -38.02 0.44
C ILE F 323 21.42 -37.09 -0.75
N GLU F 324 22.43 -37.35 -1.57
CA GLU F 324 22.70 -36.51 -2.72
C GLU F 324 21.49 -36.40 -3.63
N ALA F 325 20.86 -37.55 -3.95
CA ALA F 325 19.68 -37.51 -4.82
C ALA F 325 18.53 -36.75 -4.17
N LEU F 326 18.31 -36.97 -2.87
CA LEU F 326 17.28 -36.22 -2.17
C LEU F 326 17.53 -34.70 -2.23
N GLY F 327 18.79 -34.29 -2.31
CA GLY F 327 19.09 -32.88 -2.40
C GLY F 327 18.46 -32.19 -3.59
N THR F 328 18.20 -32.94 -4.68
CA THR F 328 17.60 -32.32 -5.86
C THR F 328 16.12 -32.07 -5.69
N TRP F 329 15.51 -32.62 -4.64
CA TRP F 329 14.07 -32.45 -4.36
C TRP F 329 13.95 -31.31 -3.37
N LYS F 330 13.63 -30.11 -3.88
CA LYS F 330 13.68 -28.87 -3.10
C LYS F 330 12.33 -28.17 -3.14
N PRO F 331 11.75 -27.85 -1.97
CA PRO F 331 10.45 -27.15 -1.96
C PRO F 331 10.58 -25.76 -2.56
N GLY F 332 9.46 -25.26 -3.06
CA GLY F 332 9.40 -23.92 -3.62
C GLY F 332 7.97 -23.56 -3.95
N ASN F 333 7.82 -22.47 -4.69
CA ASN F 333 6.48 -21.99 -4.99
C ASN F 333 5.76 -23.00 -5.87
N PRO F 334 4.62 -23.56 -5.43
CA PRO F 334 3.94 -24.58 -6.25
C PRO F 334 3.38 -24.04 -7.56
N LEU F 335 3.25 -22.72 -7.71
CA LEU F 335 2.81 -22.19 -8.99
C LEU F 335 3.97 -22.03 -10.01
N ASP F 336 5.20 -22.38 -9.61
CA ASP F 336 6.39 -22.40 -10.46
C ASP F 336 6.51 -23.75 -11.14
N PRO F 337 6.60 -23.79 -12.46
CA PRO F 337 6.79 -25.08 -13.14
C PRO F 337 8.08 -25.75 -12.79
N ALA F 338 9.05 -25.01 -12.26
CA ALA F 338 10.31 -25.60 -11.83
C ALA F 338 10.17 -26.38 -10.53
N THR F 339 9.20 -26.02 -9.68
CA THR F 339 9.07 -26.66 -8.36
C THR F 339 8.76 -28.14 -8.51
N ASN F 340 9.53 -28.98 -7.79
CA ASN F 340 9.31 -30.43 -7.78
C ASN F 340 8.77 -30.96 -6.45
N VAL F 341 8.83 -30.14 -5.38
CA VAL F 341 8.33 -30.46 -4.06
C VAL F 341 7.51 -29.28 -3.58
N GLY F 342 6.29 -29.54 -3.12
CA GLY F 342 5.31 -28.52 -2.88
C GLY F 342 5.06 -28.22 -1.41
N ALA F 343 4.03 -27.39 -1.18
CA ALA F 343 3.57 -27.12 0.16
C ALA F 343 2.82 -28.33 0.72
N LEU F 344 2.81 -28.42 2.04
CA LEU F 344 2.02 -29.46 2.68
C LEU F 344 0.62 -28.93 2.99
N VAL F 345 -0.33 -29.87 3.17
CA VAL F 345 -1.73 -29.57 2.87
C VAL F 345 -2.32 -28.48 3.76
N ASP F 346 -1.87 -28.36 5.01
CA ASP F 346 -2.31 -27.30 5.91
C ASP F 346 -1.39 -27.29 7.14
N THR F 347 -1.57 -26.28 8.00
CA THR F 347 -0.74 -26.20 9.21
C THR F 347 -0.83 -27.48 10.04
N GLN F 348 -2.03 -28.07 10.11
CA GLN F 348 -2.22 -29.31 10.85
C GLN F 348 -1.30 -30.42 10.35
N GLN F 349 -1.25 -30.61 9.03
CA GLN F 349 -0.44 -31.71 8.50
C GLN F 349 1.03 -31.51 8.82
N MET F 350 1.55 -30.30 8.61
CA MET F 350 2.97 -30.07 8.74
C MET F 350 3.40 -30.03 10.22
N ASN F 351 2.49 -29.71 11.16
CA ASN F 351 2.81 -29.89 12.59
C ASN F 351 2.79 -31.34 12.99
N THR F 352 2.10 -32.21 12.24
CA THR F 352 2.25 -33.66 12.43
C THR F 352 3.62 -34.14 11.95
N VAL F 353 4.01 -33.76 10.74
CA VAL F 353 5.34 -34.08 10.23
C VAL F 353 6.41 -33.55 11.18
N LEU F 354 6.24 -32.30 11.65
CA LEU F 354 7.21 -31.71 12.57
C LEU F 354 7.25 -32.46 13.91
N SER F 355 6.10 -32.96 14.38
CA SER F 355 6.07 -33.73 15.62
C SER F 355 6.79 -35.07 15.49
N TYR F 356 6.74 -35.69 14.30
CA TYR F 356 7.38 -36.98 14.05
C TYR F 356 8.89 -36.84 13.87
N ILE F 357 9.36 -35.80 13.14
CA ILE F 357 10.78 -35.49 13.11
C ILE F 357 11.32 -35.33 14.53
N ALA F 358 10.56 -34.65 15.40
CA ALA F 358 10.95 -34.55 16.81
C ALA F 358 11.03 -35.94 17.43
N ALA F 359 10.07 -36.81 17.11
CA ALA F 359 10.05 -38.18 17.63
C ALA F 359 11.29 -38.96 17.21
N GLY F 360 11.79 -38.70 15.99
CA GLY F 360 12.95 -39.41 15.49
C GLY F 360 14.20 -39.15 16.32
N HIS F 361 14.39 -37.90 16.76
CA HIS F 361 15.50 -37.61 17.66
C HIS F 361 15.32 -38.34 18.99
N THR F 362 14.09 -38.33 19.51
CA THR F 362 13.81 -38.98 20.78
C THR F 362 13.97 -40.50 20.67
N ASP F 363 13.41 -41.11 19.62
CA ASP F 363 13.61 -42.54 19.39
C ASP F 363 15.08 -42.93 19.43
N GLY F 364 15.99 -42.02 19.08
CA GLY F 364 17.40 -42.30 19.01
C GLY F 364 18.01 -42.33 17.61
N ALA F 365 17.25 -42.01 16.57
CA ALA F 365 17.80 -41.98 15.23
C ALA F 365 18.68 -40.75 15.04
N ARG F 366 19.54 -40.83 14.03
CA ARG F 366 20.50 -39.77 13.73
C ARG F 366 20.04 -39.05 12.47
N LEU F 367 19.76 -37.75 12.60
CA LEU F 367 19.26 -36.94 11.48
C LEU F 367 20.38 -36.66 10.48
N VAL F 368 20.21 -37.16 9.27
CA VAL F 368 21.27 -37.14 8.27
C VAL F 368 21.02 -36.10 7.17
N ALA F 369 19.79 -35.65 6.97
CA ALA F 369 19.47 -34.66 5.95
C ALA F 369 18.15 -33.99 6.28
N GLY F 370 18.01 -32.73 5.85
CA GLY F 370 16.81 -31.94 6.12
C GLY F 370 16.51 -31.79 7.60
N GLY F 371 15.22 -31.84 7.94
CA GLY F 371 14.79 -31.95 9.31
C GLY F 371 14.07 -30.73 9.86
N LYS F 372 13.92 -29.66 9.08
CA LYS F 372 13.34 -28.45 9.62
C LYS F 372 12.31 -27.89 8.64
N GLN F 373 11.39 -27.11 9.19
CA GLN F 373 10.44 -26.36 8.37
C GLN F 373 11.17 -25.21 7.70
N ILE F 374 10.81 -24.92 6.44
CA ILE F 374 11.39 -23.81 5.71
C ILE F 374 10.30 -22.98 5.04
N LEU F 375 10.76 -21.87 4.43
CA LEU F 375 9.92 -20.95 3.66
C LEU F 375 8.79 -20.37 4.51
N GLN F 376 9.01 -20.18 5.81
CA GLN F 376 8.01 -19.52 6.65
C GLN F 376 7.62 -18.17 6.07
N GLU F 377 8.60 -17.49 5.45
CA GLU F 377 8.46 -16.25 4.69
C GLU F 377 7.19 -16.20 3.84
N THR F 378 6.76 -17.34 3.29
CA THR F 378 5.70 -17.36 2.29
C THR F 378 4.29 -17.11 2.86
N GLY F 379 4.07 -17.36 4.15
CA GLY F 379 2.72 -17.56 4.63
C GLY F 379 2.18 -18.93 4.30
N GLY F 380 3.07 -19.93 4.18
CA GLY F 380 2.73 -21.26 3.76
C GLY F 380 3.58 -22.28 4.50
N THR F 381 3.34 -23.55 4.21
CA THR F 381 3.79 -24.64 5.08
C THR F 381 4.68 -25.59 4.28
N TYR F 382 6.00 -25.55 4.53
CA TYR F 382 6.99 -26.33 3.78
C TYR F 382 7.99 -27.00 4.73
N VAL F 383 8.31 -28.26 4.45
CA VAL F 383 9.30 -29.03 5.21
C VAL F 383 10.39 -29.50 4.26
N GLU F 384 11.65 -29.39 4.68
CA GLU F 384 12.71 -30.02 3.90
C GLU F 384 12.53 -31.53 3.92
N PRO F 385 12.70 -32.21 2.78
CA PRO F 385 12.81 -33.66 2.81
C PRO F 385 13.89 -34.09 3.77
N THR F 386 13.55 -35.04 4.63
CA THR F 386 14.27 -35.34 5.86
C THR F 386 14.63 -36.83 5.92
N ILE F 387 15.85 -37.14 6.38
CA ILE F 387 16.32 -38.51 6.52
C ILE F 387 16.80 -38.75 7.95
N PHE F 388 16.45 -39.91 8.49
CA PHE F 388 16.97 -40.42 9.74
C PHE F 388 17.71 -41.72 9.46
N ASP F 389 18.96 -41.77 9.84
CA ASP F 389 19.78 -42.96 9.72
C ASP F 389 19.76 -43.74 11.02
N GLY F 390 20.15 -45.02 10.93
CA GLY F 390 20.28 -45.86 12.11
C GLY F 390 18.97 -46.09 12.84
N VAL F 391 17.87 -46.22 12.10
CA VAL F 391 16.55 -46.45 12.66
C VAL F 391 16.35 -47.94 12.91
N ASN F 392 15.68 -48.26 14.01
CA ASN F 392 15.26 -49.59 14.37
C ASN F 392 13.79 -49.76 13.98
N ASN F 393 13.41 -50.96 13.52
CA ASN F 393 12.01 -51.14 13.13
C ASN F 393 11.07 -51.01 14.32
N ALA F 394 11.56 -51.15 15.56
CA ALA F 394 10.74 -50.90 16.74
C ALA F 394 10.42 -49.43 16.95
N MET F 395 11.19 -48.51 16.37
CA MET F 395 11.06 -47.08 16.65
C MET F 395 9.70 -46.55 16.19
N ARG F 396 9.32 -45.39 16.75
CA ARG F 396 8.05 -44.77 16.37
C ARG F 396 8.05 -44.37 14.90
N ILE F 397 9.10 -43.67 14.44
CA ILE F 397 9.15 -43.24 13.05
C ILE F 397 9.25 -44.41 12.08
N ALA F 398 9.65 -45.58 12.54
CA ALA F 398 9.61 -46.77 11.71
C ALA F 398 8.20 -47.37 11.64
N GLN F 399 7.49 -47.39 12.77
CA GLN F 399 6.24 -48.15 12.87
C GLN F 399 5.05 -47.37 12.33
N GLU F 400 5.03 -46.05 12.52
CA GLU F 400 3.85 -45.22 12.26
C GLU F 400 4.05 -44.40 11.00
N GLU F 401 2.99 -44.32 10.18
CA GLU F 401 3.04 -43.52 8.96
C GLU F 401 3.13 -42.04 9.28
N ILE F 402 4.08 -41.35 8.64
CA ILE F 402 4.33 -39.94 8.92
C ILE F 402 3.60 -39.05 7.93
N PHE F 403 3.43 -39.54 6.70
CA PHE F 403 2.79 -38.80 5.61
C PHE F 403 3.42 -37.44 5.34
N GLY F 404 4.75 -37.42 5.30
CA GLY F 404 5.50 -36.29 4.84
C GLY F 404 6.84 -36.78 4.37
N PRO F 405 7.70 -35.88 3.89
CA PRO F 405 8.97 -36.35 3.32
C PRO F 405 9.97 -36.74 4.41
N VAL F 406 9.78 -37.91 4.99
CA VAL F 406 10.65 -38.37 6.07
C VAL F 406 11.00 -39.82 5.86
N LEU F 407 12.25 -40.06 5.47
CA LEU F 407 12.77 -41.39 5.22
C LEU F 407 13.38 -41.98 6.49
N SER F 408 13.18 -43.28 6.69
CA SER F 408 13.83 -44.00 7.78
C SER F 408 14.73 -45.07 7.16
N VAL F 409 16.00 -45.10 7.57
CA VAL F 409 16.99 -45.97 6.97
C VAL F 409 17.33 -47.10 7.94
N LEU F 410 17.24 -48.33 7.45
CA LEU F 410 17.44 -49.56 8.22
C LEU F 410 18.38 -50.46 7.45
N THR F 411 19.02 -51.41 8.14
CA THR F 411 19.96 -52.32 7.49
C THR F 411 19.78 -53.78 7.93
N PHE F 412 20.17 -54.70 7.03
CA PHE F 412 19.97 -56.13 7.23
C PHE F 412 21.17 -56.90 6.68
N ASP F 413 21.34 -58.12 7.21
CA ASP F 413 22.47 -59.01 6.93
C ASP F 413 22.12 -60.13 5.96
N THR F 414 20.92 -60.70 6.05
CA THR F 414 20.44 -61.79 5.21
C THR F 414 19.23 -61.35 4.41
N ALA F 415 18.88 -62.10 3.38
CA ALA F 415 17.63 -61.82 2.69
C ALA F 415 16.45 -62.22 3.54
N GLU F 416 16.59 -63.24 4.38
CA GLU F 416 15.49 -63.58 5.26
C GLU F 416 15.25 -62.50 6.31
N GLU F 417 16.29 -61.75 6.70
CA GLU F 417 16.10 -60.66 7.64
C GLU F 417 15.36 -59.50 7.00
N ALA F 418 15.65 -59.20 5.73
CA ALA F 418 14.95 -58.10 5.07
C ALA F 418 13.47 -58.37 4.99
N ILE F 419 13.10 -59.64 4.77
CA ILE F 419 11.70 -60.01 4.67
C ILE F 419 11.01 -59.84 6.02
N GLN F 420 11.63 -60.36 7.07
CA GLN F 420 11.02 -60.28 8.40
C GLN F 420 10.80 -58.82 8.81
N ILE F 421 11.80 -57.97 8.58
CA ILE F 421 11.68 -56.54 8.90
C ILE F 421 10.59 -55.89 8.05
N ALA F 422 10.50 -56.26 6.76
CA ALA F 422 9.57 -55.61 5.85
C ALA F 422 8.12 -55.97 6.17
N ASN F 423 7.88 -57.21 6.60
CA ASN F 423 6.54 -57.66 6.96
C ASN F 423 6.19 -57.40 8.41
N ASP F 424 7.12 -56.83 9.19
CA ASP F 424 6.84 -56.43 10.57
C ASP F 424 6.19 -55.04 10.62
N THR F 425 4.94 -55.01 10.19
CA THR F 425 4.10 -53.82 10.26
C THR F 425 2.66 -54.28 10.18
N PRO F 426 1.72 -53.58 10.82
CA PRO F 426 0.30 -53.86 10.55
C PRO F 426 -0.10 -53.64 9.10
N TYR F 427 0.74 -53.00 8.31
CA TYR F 427 0.40 -52.56 6.97
C TYR F 427 0.83 -53.58 5.90
N GLY F 428 0.45 -53.26 4.66
CA GLY F 428 0.84 -54.02 3.50
C GLY F 428 0.39 -53.41 2.19
N LEU F 429 0.63 -52.11 2.00
CA LEU F 429 0.16 -51.50 0.76
C LEU F 429 1.11 -51.77 -0.39
N ALA F 430 2.42 -51.66 -0.13
CA ALA F 430 3.42 -51.77 -1.18
C ALA F 430 4.75 -52.18 -0.55
N ALA F 431 5.70 -52.44 -1.43
CA ALA F 431 7.10 -52.72 -1.13
C ALA F 431 7.83 -52.73 -2.46
N ALA F 432 9.16 -52.74 -2.38
CA ALA F 432 10.01 -52.83 -3.55
C ALA F 432 11.22 -53.71 -3.24
N VAL F 433 11.73 -54.38 -4.26
CA VAL F 433 12.91 -55.22 -4.15
C VAL F 433 13.85 -54.87 -5.29
N TRP F 434 15.07 -54.48 -4.95
CA TRP F 434 16.12 -54.19 -5.93
C TRP F 434 17.14 -55.32 -5.88
N THR F 435 17.23 -56.08 -6.96
CA THR F 435 18.23 -57.13 -7.07
C THR F 435 18.30 -57.56 -8.52
N ALA F 436 19.44 -58.08 -8.93
CA ALA F 436 19.57 -58.58 -10.29
C ALA F 436 19.47 -60.10 -10.36
N ASN F 437 19.31 -60.76 -9.22
CA ASN F 437 19.24 -62.22 -9.17
C ASN F 437 17.83 -62.69 -9.51
N LEU F 438 17.72 -63.64 -10.43
CA LEU F 438 16.40 -64.12 -10.78
C LEU F 438 15.71 -64.76 -9.58
N SER F 439 16.43 -65.61 -8.86
CA SER F 439 15.80 -66.34 -7.77
C SER F 439 15.47 -65.42 -6.61
N LYS F 440 16.38 -64.51 -6.25
CA LYS F 440 16.16 -63.62 -5.13
C LYS F 440 14.98 -62.69 -5.39
N ALA F 441 14.86 -62.18 -6.62
CA ALA F 441 13.82 -61.22 -6.93
C ALA F 441 12.43 -61.84 -6.82
N HIS F 442 12.24 -63.01 -7.42
CA HIS F 442 10.91 -63.60 -7.45
C HIS F 442 10.52 -64.16 -6.08
N LEU F 443 11.46 -64.82 -5.40
CA LEU F 443 11.14 -65.43 -4.11
C LEU F 443 10.96 -64.38 -3.03
N THR F 444 11.75 -63.32 -3.06
CA THR F 444 11.51 -62.22 -2.12
C THR F 444 10.17 -61.56 -2.37
N ALA F 445 9.83 -61.32 -3.65
CA ALA F 445 8.54 -60.71 -3.95
C ALA F 445 7.39 -61.54 -3.38
N ARG F 446 7.44 -62.86 -3.51
CA ARG F 446 6.37 -63.69 -2.97
C ARG F 446 6.21 -63.48 -1.47
N ALA F 447 7.34 -63.47 -0.74
CA ALA F 447 7.26 -63.46 0.71
C ALA F 447 6.74 -62.13 1.25
N LEU F 448 6.78 -61.07 0.46
CA LEU F 448 6.36 -59.77 0.96
C LEU F 448 4.83 -59.71 1.00
N ARG F 449 4.27 -59.52 2.19
CA ARG F 449 2.82 -59.39 2.32
C ARG F 449 2.43 -57.95 2.05
N ALA F 450 2.50 -57.62 0.75
CA ALA F 450 2.15 -56.29 0.27
C ALA F 450 1.32 -56.40 -1.00
N GLY F 451 0.34 -55.52 -1.16
CA GLY F 451 -0.52 -55.61 -2.32
C GLY F 451 0.19 -55.27 -3.61
N SER F 452 1.21 -54.42 -3.54
CA SER F 452 2.01 -54.06 -4.69
C SER F 452 3.47 -54.33 -4.37
N VAL F 453 4.16 -55.03 -5.28
CA VAL F 453 5.59 -55.26 -5.16
C VAL F 453 6.25 -54.78 -6.44
N TRP F 454 7.16 -53.83 -6.32
CA TRP F 454 7.86 -53.27 -7.45
C TRP F 454 9.30 -53.77 -7.42
N VAL F 455 9.81 -54.23 -8.56
CA VAL F 455 11.11 -54.89 -8.62
C VAL F 455 11.99 -54.11 -9.58
N ASN F 456 13.12 -53.61 -9.06
CA ASN F 456 14.06 -52.84 -9.85
C ASN F 456 13.42 -51.55 -10.37
N GLN F 457 12.59 -50.95 -9.51
CA GLN F 457 11.86 -49.72 -9.80
C GLN F 457 10.98 -49.46 -8.58
N TYR F 458 10.49 -48.23 -8.48
CA TYR F 458 9.49 -47.86 -7.49
C TYR F 458 8.32 -47.18 -8.20
N ASP F 459 7.20 -47.13 -7.48
CA ASP F 459 5.94 -46.56 -7.98
C ASP F 459 5.52 -47.20 -9.30
N GLY F 460 5.73 -48.50 -9.43
CA GLY F 460 5.41 -49.20 -10.65
C GLY F 460 3.91 -49.36 -10.93
N GLY F 461 3.64 -50.00 -12.08
CA GLY F 461 2.29 -50.34 -12.51
C GLY F 461 1.61 -49.21 -13.26
N ASP F 462 0.47 -49.55 -13.86
CA ASP F 462 -0.37 -48.60 -14.60
C ASP F 462 -1.84 -48.99 -14.37
N MET F 463 -2.72 -48.61 -15.30
CA MET F 463 -4.13 -48.89 -15.09
C MET F 463 -4.45 -50.37 -15.07
N THR F 464 -3.60 -51.21 -15.67
CA THR F 464 -3.84 -52.65 -15.73
C THR F 464 -3.43 -53.36 -14.45
N ALA F 465 -2.81 -52.67 -13.50
CA ALA F 465 -2.33 -53.29 -12.26
C ALA F 465 -3.24 -52.97 -11.09
N PRO F 466 -3.72 -53.99 -10.37
CA PRO F 466 -4.53 -53.75 -9.16
C PRO F 466 -3.72 -53.06 -8.08
N PHE F 467 -4.43 -52.32 -7.25
CA PHE F 467 -3.77 -51.49 -6.25
C PHE F 467 -4.57 -51.56 -4.97
N GLY F 468 -3.89 -51.90 -3.88
CA GLY F 468 -4.57 -52.04 -2.61
C GLY F 468 -3.64 -52.74 -1.65
N GLY F 469 -4.14 -52.94 -0.44
CA GLY F 469 -3.29 -53.47 0.61
C GLY F 469 -3.65 -54.82 1.17
N PHE F 470 -2.66 -55.47 1.79
CA PHE F 470 -2.88 -56.57 2.72
C PHE F 470 -3.15 -55.97 4.10
N LYS F 471 -3.65 -56.80 5.00
CA LYS F 471 -3.76 -56.50 6.45
C LYS F 471 -4.44 -55.15 6.63
N GLN F 472 -3.91 -54.27 7.49
CA GLN F 472 -4.61 -53.06 7.85
C GLN F 472 -4.43 -51.94 6.85
N SER F 473 -4.05 -52.22 5.62
CA SER F 473 -3.97 -51.20 4.59
C SER F 473 -5.19 -51.20 3.67
N GLY F 474 -6.15 -52.09 3.91
CA GLY F 474 -7.44 -52.10 3.26
C GLY F 474 -7.81 -53.46 2.73
N ASN F 475 -9.00 -53.51 2.10
CA ASN F 475 -9.45 -54.65 1.32
C ASN F 475 -9.90 -54.16 -0.05
N GLY F 476 -9.94 -55.08 -1.02
CA GLY F 476 -10.31 -54.75 -2.37
C GLY F 476 -9.22 -54.00 -3.12
N ARG F 477 -9.38 -53.82 -4.43
CA ARG F 477 -8.32 -53.23 -5.22
C ARG F 477 -8.87 -52.16 -6.15
N ASP F 478 -8.16 -51.04 -6.24
CA ASP F 478 -8.39 -49.99 -7.23
C ASP F 478 -7.57 -50.24 -8.50
N LYS F 479 -8.03 -49.66 -9.60
CA LYS F 479 -7.46 -49.85 -10.95
C LYS F 479 -7.70 -51.29 -11.45
N SER F 480 -7.38 -51.56 -12.71
CA SER F 480 -7.54 -52.85 -13.37
C SER F 480 -9.00 -53.30 -13.53
N LEU F 481 -9.21 -54.51 -14.06
CA LEU F 481 -10.56 -55.05 -14.15
C LEU F 481 -11.11 -55.43 -12.77
N HIS F 482 -10.22 -55.78 -11.84
CA HIS F 482 -10.64 -56.16 -10.49
C HIS F 482 -11.34 -55.03 -9.74
N ALA F 483 -11.11 -53.77 -10.13
CA ALA F 483 -11.78 -52.68 -9.45
C ALA F 483 -13.28 -52.81 -9.56
N PHE F 484 -13.76 -53.29 -10.71
CA PHE F 484 -15.19 -53.40 -10.95
C PHE F 484 -15.89 -54.25 -9.90
N ASP F 485 -15.23 -55.29 -9.39
CA ASP F 485 -15.90 -56.25 -8.52
C ASP F 485 -16.46 -55.60 -7.28
N LYS F 486 -15.88 -54.53 -6.79
CA LYS F 486 -16.45 -53.89 -5.62
C LYS F 486 -17.60 -52.95 -5.94
N TYR F 487 -18.04 -52.86 -7.20
CA TYR F 487 -19.20 -52.06 -7.51
C TYR F 487 -20.31 -52.88 -8.17
N THR F 488 -20.15 -54.20 -8.26
CA THR F 488 -21.17 -55.09 -8.79
C THR F 488 -21.43 -56.22 -7.82
N GLU F 489 -22.52 -56.94 -8.10
CA GLU F 489 -22.93 -58.08 -7.30
C GLU F 489 -23.29 -59.24 -8.19
N LEU F 490 -22.92 -60.43 -7.73
CA LEU F 490 -23.06 -61.65 -8.51
C LEU F 490 -24.47 -62.25 -8.38
N LYS F 491 -25.00 -62.76 -9.48
CA LYS F 491 -26.32 -63.36 -9.48
C LYS F 491 -26.23 -64.69 -10.19
N SER F 492 -26.80 -65.70 -9.58
CA SER F 492 -26.81 -67.04 -10.13
C SER F 492 -28.22 -67.29 -10.63
N THR F 493 -28.42 -67.24 -11.94
CA THR F 493 -29.70 -67.55 -12.55
C THR F 493 -29.64 -68.96 -13.11
N TRP F 494 -30.30 -69.89 -12.44
CA TRP F 494 -30.32 -71.28 -12.87
C TRP F 494 -31.69 -71.57 -13.49
N ILE F 495 -31.71 -71.92 -14.76
CA ILE F 495 -32.95 -72.11 -15.51
C ILE F 495 -33.11 -73.59 -15.80
N LYS F 496 -34.22 -74.17 -15.35
CA LYS F 496 -34.55 -75.54 -15.71
C LYS F 496 -35.24 -75.55 -17.08
N LEU F 497 -34.72 -76.37 -17.98
CA LEU F 497 -35.23 -76.48 -19.33
C LEU F 497 -35.99 -77.80 -19.48
N THR G 3 8.31 -30.20 -38.13
CA THR G 3 8.80 -30.00 -39.49
C THR G 3 9.35 -31.30 -40.11
N LEU G 4 9.04 -31.49 -41.38
CA LEU G 4 9.29 -32.75 -42.05
C LEU G 4 10.69 -32.79 -42.64
N THR G 5 11.19 -34.00 -42.79
CA THR G 5 12.51 -34.28 -43.33
C THR G 5 12.48 -34.30 -44.85
N ARG G 6 13.66 -34.42 -45.47
CA ARG G 6 13.71 -34.61 -46.92
C ARG G 6 13.00 -35.89 -47.33
N ALA G 7 13.32 -37.01 -46.66
CA ALA G 7 12.70 -38.27 -47.05
C ALA G 7 11.20 -38.23 -46.82
N ASP G 8 10.75 -37.57 -45.74
CA ASP G 8 9.32 -37.42 -45.48
C ASP G 8 8.60 -36.82 -46.68
N TRP G 9 9.23 -35.86 -47.37
CA TRP G 9 8.62 -35.29 -48.57
C TRP G 9 8.74 -36.24 -49.75
N GLU G 10 9.86 -36.96 -49.86
CA GLU G 10 10.06 -37.90 -50.98
C GLU G 10 9.03 -39.03 -50.95
N GLN G 11 8.57 -39.40 -49.76
CA GLN G 11 7.52 -40.39 -49.60
C GLN G 11 6.15 -39.80 -49.90
N ARG G 12 5.82 -38.67 -49.29
CA ARG G 12 4.54 -38.02 -49.59
C ARG G 12 4.40 -37.80 -51.09
N ALA G 13 5.49 -37.40 -51.75
CA ALA G 13 5.44 -37.22 -53.19
C ALA G 13 5.16 -38.53 -53.89
N GLN G 14 5.63 -39.64 -53.33
CA GLN G 14 5.32 -40.93 -53.92
C GLN G 14 3.83 -41.24 -53.81
N ASN G 15 3.24 -40.95 -52.66
CA ASN G 15 1.90 -41.41 -52.34
C ASN G 15 0.86 -40.41 -52.78
N LEU G 16 1.23 -39.45 -53.60
CA LEU G 16 0.24 -38.53 -54.14
C LEU G 16 -0.59 -39.21 -55.22
N LYS G 17 -1.89 -38.88 -55.25
CA LYS G 17 -2.83 -39.22 -56.28
C LYS G 17 -3.21 -37.87 -56.89
N ILE G 18 -2.79 -37.63 -58.13
CA ILE G 18 -2.77 -36.28 -58.73
C ILE G 18 -3.84 -36.20 -59.81
N GLU G 19 -4.83 -35.32 -59.59
CA GLU G 19 -5.84 -35.01 -60.59
C GLU G 19 -5.22 -34.32 -61.79
N GLY G 20 -5.62 -34.74 -62.99
CA GLY G 20 -5.16 -34.11 -64.21
C GLY G 20 -6.29 -33.63 -65.09
N ARG G 21 -7.51 -33.84 -64.63
CA ARG G 21 -8.70 -33.50 -65.39
C ARG G 21 -8.97 -32.02 -65.29
N ALA G 22 -9.77 -31.53 -66.23
CA ALA G 22 -10.29 -30.18 -66.18
C ALA G 22 -11.46 -30.08 -65.18
N PHE G 23 -11.96 -28.86 -64.99
CA PHE G 23 -13.09 -28.62 -64.09
C PHE G 23 -14.06 -27.65 -64.77
N ILE G 24 -15.30 -28.10 -65.00
CA ILE G 24 -16.35 -27.33 -65.66
C ILE G 24 -17.71 -27.67 -65.05
N GLN G 25 -18.38 -26.66 -64.47
CA GLN G 25 -19.68 -26.80 -63.80
C GLN G 25 -19.61 -27.87 -62.69
N GLY G 26 -18.76 -27.58 -61.71
CA GLY G 26 -18.69 -28.41 -60.52
C GLY G 26 -18.15 -29.81 -60.69
N GLU G 27 -17.67 -30.20 -61.86
CA GLU G 27 -17.23 -31.59 -62.05
C GLU G 27 -15.93 -31.65 -62.82
N TYR G 28 -15.05 -32.56 -62.42
CA TYR G 28 -13.85 -32.82 -63.22
C TYR G 28 -14.24 -33.53 -64.51
N THR G 29 -13.51 -33.24 -65.57
CA THR G 29 -13.90 -33.74 -66.87
C THR G 29 -12.71 -33.79 -67.79
N ALA G 30 -12.82 -34.61 -68.81
CA ALA G 30 -11.78 -34.61 -69.79
C ALA G 30 -12.02 -33.50 -70.80
N ALA G 31 -11.03 -33.28 -71.65
CA ALA G 31 -11.20 -32.41 -72.79
C ALA G 31 -12.06 -33.10 -73.82
N ALA G 32 -12.97 -32.33 -74.44
CA ALA G 32 -13.91 -32.92 -75.39
C ALA G 32 -13.20 -33.77 -76.42
N SER G 33 -11.97 -33.42 -76.78
CA SER G 33 -11.18 -34.26 -77.67
C SER G 33 -10.68 -35.52 -76.98
N GLY G 34 -10.70 -35.54 -75.65
CA GLY G 34 -10.12 -36.63 -74.89
C GLY G 34 -8.62 -36.63 -74.82
N GLU G 35 -7.95 -35.72 -75.53
CA GLU G 35 -6.51 -35.69 -75.57
C GLU G 35 -5.93 -35.30 -74.22
N THR G 36 -4.68 -35.68 -73.99
CA THR G 36 -3.97 -35.29 -72.78
C THR G 36 -2.56 -34.84 -73.14
N PHE G 37 -1.90 -34.17 -72.20
CA PHE G 37 -0.48 -33.91 -72.32
C PHE G 37 0.23 -34.35 -71.05
N ASP G 38 1.52 -34.59 -71.18
CA ASP G 38 2.29 -35.17 -70.08
C ASP G 38 2.83 -34.07 -69.16
N CYS G 39 2.55 -34.22 -67.87
CA CYS G 39 3.06 -33.32 -66.83
C CYS G 39 4.29 -33.96 -66.20
N ILE G 40 5.48 -33.49 -66.59
CA ILE G 40 6.74 -34.07 -66.15
C ILE G 40 7.45 -33.12 -65.18
N SER G 41 7.90 -33.65 -64.05
CA SER G 41 8.49 -32.84 -62.98
C SER G 41 9.91 -32.43 -63.33
N PRO G 42 10.28 -31.15 -63.17
CA PRO G 42 11.69 -30.76 -63.30
C PRO G 42 12.59 -31.32 -62.20
N VAL G 43 12.02 -31.90 -61.14
CA VAL G 43 12.82 -32.32 -59.99
C VAL G 43 13.74 -33.47 -60.37
N ASP G 44 13.14 -34.57 -60.81
CA ASP G 44 13.85 -35.77 -61.24
C ASP G 44 13.54 -36.17 -62.67
N GLY G 45 12.48 -35.63 -63.27
CA GLY G 45 12.07 -36.03 -64.60
C GLY G 45 10.89 -36.98 -64.65
N ARG G 46 10.30 -37.32 -63.51
CA ARG G 46 9.21 -38.28 -63.48
C ARG G 46 7.92 -37.69 -64.05
N LEU G 47 7.03 -38.59 -64.47
CA LEU G 47 5.70 -38.19 -64.90
C LEU G 47 4.76 -38.08 -63.71
N LEU G 48 4.11 -36.92 -63.57
CA LEU G 48 3.20 -36.69 -62.44
C LEU G 48 1.78 -37.12 -62.73
N ALA G 49 1.33 -36.93 -63.97
CA ALA G 49 -0.03 -37.22 -64.41
C ALA G 49 -0.13 -36.94 -65.90
N LYS G 50 -1.21 -37.44 -66.50
CA LYS G 50 -1.54 -37.10 -67.88
C LYS G 50 -2.69 -36.10 -67.80
N VAL G 51 -2.38 -34.81 -68.11
CA VAL G 51 -3.28 -33.69 -67.91
C VAL G 51 -4.20 -33.49 -69.12
N ALA G 52 -5.42 -33.05 -68.85
CA ALA G 52 -6.35 -32.67 -69.89
C ALA G 52 -5.74 -31.58 -70.77
N SER G 53 -5.79 -31.79 -72.09
CA SER G 53 -5.34 -30.82 -73.07
C SER G 53 -6.56 -30.25 -73.76
N CYS G 54 -6.99 -29.08 -73.32
CA CYS G 54 -8.22 -28.47 -73.80
C CYS G 54 -7.98 -27.64 -75.07
N ASP G 55 -9.06 -27.40 -75.80
CA ASP G 55 -8.99 -26.57 -77.00
C ASP G 55 -10.22 -25.67 -77.02
N ALA G 56 -10.55 -25.17 -78.21
CA ALA G 56 -11.60 -24.17 -78.34
C ALA G 56 -12.92 -24.71 -77.83
N ALA G 57 -13.22 -25.96 -78.16
CA ALA G 57 -14.47 -26.57 -77.76
C ALA G 57 -14.64 -26.54 -76.25
N ASP G 58 -13.60 -26.96 -75.53
CA ASP G 58 -13.66 -26.92 -74.08
C ASP G 58 -13.78 -25.49 -73.55
N ALA G 59 -13.18 -24.54 -74.24
CA ALA G 59 -13.37 -23.14 -73.87
C ALA G 59 -14.84 -22.75 -74.01
N GLN G 60 -15.49 -23.13 -75.12
CA GLN G 60 -16.89 -22.75 -75.29
C GLN G 60 -17.77 -23.35 -74.20
N ARG G 61 -17.51 -24.61 -73.82
CA ARG G 61 -18.31 -25.23 -72.76
C ARG G 61 -18.13 -24.47 -71.45
N ALA G 62 -16.89 -24.09 -71.13
CA ALA G 62 -16.60 -23.41 -69.87
C ALA G 62 -17.23 -22.03 -69.82
N VAL G 63 -17.27 -21.32 -70.96
CA VAL G 63 -17.85 -19.99 -70.97
C VAL G 63 -19.36 -20.07 -70.78
N GLU G 64 -20.02 -21.00 -71.50
CA GLU G 64 -21.44 -21.26 -71.25
C GLU G 64 -21.70 -21.55 -69.78
N SER G 65 -20.81 -22.32 -69.16
CA SER G 65 -20.97 -22.58 -67.73
C SER G 65 -20.83 -21.28 -66.93
N ALA G 66 -19.79 -20.50 -67.20
CA ALA G 66 -19.60 -19.26 -66.47
C ALA G 66 -20.76 -18.31 -66.71
N ARG G 67 -21.15 -18.14 -67.98
CA ARG G 67 -22.23 -17.21 -68.30
C ARG G 67 -23.51 -17.61 -67.59
N SER G 68 -23.78 -18.92 -67.53
CA SER G 68 -25.02 -19.39 -66.93
C SER G 68 -25.03 -19.22 -65.43
N ALA G 69 -23.89 -19.49 -64.77
CA ALA G 69 -23.80 -19.28 -63.34
C ALA G 69 -23.93 -17.81 -62.98
N PHE G 70 -23.29 -16.94 -63.76
CA PHE G 70 -23.41 -15.52 -63.52
C PHE G 70 -24.86 -15.06 -63.61
N ASP G 71 -25.53 -15.37 -64.74
CA ASP G 71 -26.90 -14.92 -64.95
C ASP G 71 -27.83 -15.41 -63.84
N SER G 72 -27.56 -16.57 -63.24
CA SER G 72 -28.43 -17.09 -62.19
C SER G 72 -28.31 -16.31 -60.88
N GLY G 73 -27.29 -15.48 -60.72
CA GLY G 73 -27.11 -14.73 -59.50
C GLY G 73 -26.70 -15.51 -58.27
N ALA G 74 -26.47 -16.84 -58.37
CA ALA G 74 -26.15 -17.62 -57.18
C ALA G 74 -24.88 -17.16 -56.49
N TRP G 75 -23.99 -16.49 -57.22
CA TRP G 75 -22.80 -15.89 -56.66
C TRP G 75 -22.77 -14.38 -56.85
N SER G 76 -23.09 -13.90 -58.06
CA SER G 76 -22.99 -12.49 -58.39
C SER G 76 -24.01 -11.62 -57.63
N ARG G 77 -25.11 -12.19 -57.16
CA ARG G 77 -26.09 -11.43 -56.40
C ARG G 77 -26.26 -11.99 -54.98
N LEU G 78 -25.38 -12.90 -54.58
CA LEU G 78 -25.33 -13.34 -53.20
C LEU G 78 -24.81 -12.20 -52.32
N ALA G 79 -25.39 -12.06 -51.13
CA ALA G 79 -25.09 -10.95 -50.25
C ALA G 79 -23.58 -10.77 -50.06
N PRO G 80 -23.08 -9.52 -50.04
CA PRO G 80 -21.63 -9.31 -49.92
C PRO G 80 -21.02 -9.88 -48.63
N ALA G 81 -21.76 -9.88 -47.52
CA ALA G 81 -21.16 -10.47 -46.33
C ALA G 81 -21.00 -11.98 -46.50
N LYS G 82 -21.88 -12.60 -47.30
CA LYS G 82 -21.81 -14.03 -47.58
C LYS G 82 -20.67 -14.36 -48.54
N ARG G 83 -20.49 -13.53 -49.58
CA ARG G 83 -19.28 -13.67 -50.40
C ARG G 83 -18.03 -13.56 -49.55
N LYS G 84 -18.02 -12.66 -48.57
CA LYS G 84 -16.85 -12.55 -47.70
C LYS G 84 -16.60 -13.86 -46.95
N ALA G 85 -17.64 -14.36 -46.26
CA ALA G 85 -17.52 -15.59 -45.49
C ALA G 85 -17.03 -16.72 -46.36
N THR G 86 -17.61 -16.85 -47.55
CA THR G 86 -17.22 -17.93 -48.46
C THR G 86 -15.74 -17.81 -48.83
N MET G 87 -15.31 -16.64 -49.32
CA MET G 87 -13.93 -16.49 -49.77
C MET G 87 -12.94 -16.79 -48.64
N ILE G 88 -13.29 -16.46 -47.39
CA ILE G 88 -12.35 -16.75 -46.33
C ILE G 88 -12.28 -18.24 -46.07
N ARG G 89 -13.42 -18.92 -46.12
CA ARG G 89 -13.41 -20.38 -46.04
C ARG G 89 -12.54 -20.98 -47.15
N PHE G 90 -12.62 -20.41 -48.36
CA PHE G 90 -11.82 -20.86 -49.50
C PHE G 90 -10.34 -20.70 -49.21
N ALA G 91 -9.92 -19.53 -48.75
CA ALA G 91 -8.53 -19.36 -48.33
C ALA G 91 -8.14 -20.40 -47.29
N GLY G 92 -9.02 -20.66 -46.31
CA GLY G 92 -8.70 -21.58 -45.22
C GLY G 92 -8.57 -23.02 -45.68
N LEU G 93 -9.30 -23.41 -46.73
CA LEU G 93 -9.11 -24.73 -47.27
C LEU G 93 -7.74 -24.86 -47.92
N LEU G 94 -7.27 -23.81 -48.60
CA LEU G 94 -5.89 -23.80 -49.05
C LEU G 94 -4.92 -24.04 -47.90
N GLU G 95 -5.12 -23.36 -46.75
CA GLU G 95 -4.27 -23.57 -45.58
C GLU G 95 -4.43 -24.98 -45.02
N GLN G 96 -5.67 -25.49 -44.99
CA GLN G 96 -5.89 -26.84 -44.48
C GLN G 96 -5.07 -27.86 -45.25
N ASN G 97 -5.11 -27.78 -46.58
CA ASN G 97 -4.36 -28.66 -47.48
C ASN G 97 -3.02 -28.08 -47.91
N ALA G 98 -2.42 -27.23 -47.08
CA ALA G 98 -1.18 -26.57 -47.44
C ALA G 98 -0.09 -27.57 -47.84
N GLU G 99 0.02 -28.69 -47.12
CA GLU G 99 1.16 -29.55 -47.42
C GLU G 99 0.96 -30.31 -48.73
N GLU G 100 -0.28 -30.71 -49.06
CA GLU G 100 -0.51 -31.29 -50.38
C GLU G 100 -0.27 -30.26 -51.49
N LEU G 101 -0.79 -29.03 -51.31
CA LEU G 101 -0.74 -28.04 -52.39
C LEU G 101 0.68 -27.57 -52.64
N ALA G 102 1.43 -27.32 -51.56
CA ALA G 102 2.82 -26.93 -51.72
C ALA G 102 3.60 -28.01 -52.44
N LEU G 103 3.36 -29.28 -52.07
CA LEU G 103 4.08 -30.40 -52.68
C LEU G 103 3.74 -30.55 -54.16
N LEU G 104 2.51 -30.24 -54.57
CA LEU G 104 2.20 -30.18 -55.99
C LEU G 104 2.96 -29.04 -56.68
N GLU G 105 3.04 -27.87 -56.02
CA GLU G 105 3.78 -26.74 -56.59
C GLU G 105 5.23 -27.10 -56.87
N THR G 106 5.95 -27.62 -55.87
CA THR G 106 7.35 -27.96 -56.09
C THR G 106 7.50 -29.05 -57.16
N LEU G 107 6.66 -30.08 -57.11
CA LEU G 107 6.84 -31.15 -58.08
C LEU G 107 6.54 -30.71 -59.49
N ASP G 108 5.78 -29.64 -59.68
CA ASP G 108 5.33 -29.32 -61.02
C ASP G 108 6.26 -28.35 -61.72
N MET G 109 6.79 -27.39 -60.98
CA MET G 109 7.58 -26.32 -61.53
C MET G 109 9.02 -26.32 -61.01
N GLY G 110 9.31 -27.05 -59.92
CA GLY G 110 10.66 -27.21 -59.46
C GLY G 110 11.14 -26.31 -58.34
N LYS G 111 10.28 -25.49 -57.76
CA LYS G 111 10.79 -24.58 -56.73
C LYS G 111 10.96 -25.30 -55.38
N PRO G 112 11.83 -24.80 -54.51
CA PRO G 112 12.04 -25.48 -53.23
C PRO G 112 10.76 -25.64 -52.44
N ILE G 113 10.63 -26.81 -51.81
CA ILE G 113 9.43 -27.13 -51.05
C ILE G 113 9.23 -26.14 -49.90
N SER G 114 10.32 -25.63 -49.32
CA SER G 114 10.16 -24.66 -48.24
C SER G 114 9.59 -23.34 -48.75
N ASP G 115 9.95 -22.92 -49.96
CA ASP G 115 9.33 -21.74 -50.56
C ASP G 115 7.83 -21.97 -50.76
N SER G 116 7.50 -23.10 -51.38
CA SER G 116 6.11 -23.47 -51.63
C SER G 116 5.29 -23.44 -50.35
N LEU G 117 5.74 -24.19 -49.35
CA LEU G 117 5.05 -24.23 -48.08
C LEU G 117 5.04 -22.87 -47.39
N GLY G 118 6.11 -22.08 -47.55
CA GLY G 118 6.27 -20.86 -46.77
C GLY G 118 5.99 -19.55 -47.49
N VAL G 119 5.88 -19.55 -48.82
CA VAL G 119 5.62 -18.30 -49.54
C VAL G 119 4.38 -18.41 -50.40
N ASP G 120 4.37 -19.36 -51.34
CA ASP G 120 3.27 -19.47 -52.30
C ASP G 120 1.95 -19.75 -51.60
N ILE G 121 1.85 -20.89 -50.92
CA ILE G 121 0.56 -21.30 -50.36
C ILE G 121 0.06 -20.23 -49.39
N PRO G 122 0.83 -19.78 -48.40
CA PRO G 122 0.33 -18.67 -47.58
C PRO G 122 -0.01 -17.43 -48.40
N GLY G 123 0.77 -17.14 -49.45
CA GLY G 123 0.54 -15.92 -50.21
C GLY G 123 -0.75 -15.95 -50.99
N GLY G 124 -1.09 -17.11 -51.55
CA GLY G 124 -2.33 -17.23 -52.29
C GLY G 124 -3.54 -17.25 -51.38
N ALA G 125 -3.40 -17.95 -50.27
CA ALA G 125 -4.47 -17.96 -49.29
C ALA G 125 -4.68 -16.56 -48.74
N ARG G 126 -3.59 -15.81 -48.62
CA ARG G 126 -3.67 -14.44 -48.16
C ARG G 126 -4.45 -13.57 -49.16
N ALA G 127 -4.10 -13.69 -50.46
CA ALA G 127 -4.86 -13.00 -51.52
C ALA G 127 -6.36 -13.29 -51.44
N LEU G 128 -6.73 -14.56 -51.27
CA LEU G 128 -8.14 -14.91 -51.18
C LEU G 128 -8.78 -14.33 -49.92
N SER G 129 -8.13 -14.51 -48.77
CA SER G 129 -8.78 -14.12 -47.53
C SER G 129 -8.86 -12.61 -47.42
N TRP G 130 -7.90 -11.90 -47.99
CA TRP G 130 -7.87 -10.44 -47.86
C TRP G 130 -8.95 -9.79 -48.73
N SER G 131 -9.03 -10.19 -49.99
CA SER G 131 -10.09 -9.69 -50.88
C SER G 131 -11.48 -10.01 -50.32
N GLY G 132 -11.64 -11.19 -49.73
CA GLY G 132 -12.90 -11.49 -49.08
C GLY G 132 -13.22 -10.52 -47.98
N GLU G 133 -12.29 -10.37 -47.01
CA GLU G 133 -12.45 -9.39 -45.96
C GLU G 133 -12.88 -8.02 -46.51
N ALA G 134 -12.44 -7.68 -47.72
CA ALA G 134 -12.56 -6.30 -48.22
C ALA G 134 -13.97 -5.96 -48.70
N ILE G 135 -14.63 -6.85 -49.47
CA ILE G 135 -15.95 -6.62 -50.05
C ILE G 135 -16.85 -5.79 -49.14
N ASP G 136 -17.02 -6.25 -47.91
CA ASP G 136 -17.80 -5.53 -46.91
C ASP G 136 -17.36 -4.08 -46.72
N LYS G 137 -16.10 -3.77 -46.99
CA LYS G 137 -15.54 -2.50 -46.54
C LYS G 137 -15.42 -1.49 -47.68
N LEU G 138 -15.72 -1.91 -48.91
CA LEU G 138 -15.77 -1.02 -50.07
C LEU G 138 -17.08 -0.24 -50.11
N TYR G 139 -16.99 0.99 -50.62
CA TYR G 139 -18.17 1.86 -50.77
C TYR G 139 -18.17 2.52 -52.14
N ASP G 140 -19.31 2.50 -52.81
CA ASP G 140 -19.51 3.22 -54.05
C ASP G 140 -19.79 4.69 -53.72
N GLU G 141 -20.18 5.52 -54.70
CA GLU G 141 -20.26 6.97 -54.48
C GLU G 141 -21.67 7.55 -54.74
N VAL G 142 -21.97 8.65 -54.04
CA VAL G 142 -23.12 9.49 -54.37
C VAL G 142 -22.61 10.86 -54.80
N ALA G 143 -23.10 11.35 -55.93
CA ALA G 143 -22.59 12.64 -56.40
C ALA G 143 -23.25 13.81 -55.68
N ALA G 144 -22.59 14.96 -55.77
CA ALA G 144 -23.20 16.24 -55.39
C ALA G 144 -24.04 16.72 -56.58
N THR G 145 -25.35 16.64 -56.41
CA THR G 145 -26.31 16.92 -57.45
C THR G 145 -27.31 17.98 -56.97
N PRO G 146 -28.04 18.62 -57.89
CA PRO G 146 -29.16 19.49 -57.48
C PRO G 146 -30.17 18.71 -56.68
N HIS G 147 -31.05 19.47 -56.00
CA HIS G 147 -32.00 18.87 -55.06
C HIS G 147 -32.91 17.84 -55.73
N ASP G 148 -33.27 18.06 -57.00
CA ASP G 148 -34.18 17.15 -57.67
C ASP G 148 -33.46 16.03 -58.41
N GLN G 149 -32.23 15.74 -58.02
CA GLN G 149 -31.43 14.72 -58.68
C GLN G 149 -30.71 13.88 -57.64
N LEU G 150 -30.71 12.56 -57.81
CA LEU G 150 -29.89 11.64 -57.02
C LEU G 150 -28.96 10.91 -57.98
N GLY G 151 -27.65 11.08 -57.78
CA GLY G 151 -26.70 10.49 -58.69
C GLY G 151 -25.86 9.42 -58.02
N LEU G 152 -26.10 8.16 -58.38
CA LEU G 152 -25.32 7.05 -57.89
C LEU G 152 -24.23 6.66 -58.88
N VAL G 153 -23.05 6.35 -58.35
CA VAL G 153 -21.91 5.84 -59.11
C VAL G 153 -21.54 4.54 -58.42
N THR G 154 -22.00 3.42 -58.98
CA THR G 154 -21.78 2.12 -58.40
C THR G 154 -20.95 1.26 -59.34
N ARG G 155 -20.36 0.22 -58.76
CA ARG G 155 -19.59 -0.76 -59.49
C ARG G 155 -20.37 -2.07 -59.51
N GLU G 156 -20.34 -2.75 -60.64
CA GLU G 156 -20.95 -4.05 -60.84
C GLU G 156 -19.96 -5.03 -61.45
N PRO G 157 -20.06 -6.32 -61.11
CA PRO G 157 -19.21 -7.33 -61.75
C PRO G 157 -19.33 -7.28 -63.27
N VAL G 158 -18.21 -7.49 -63.98
CA VAL G 158 -18.25 -7.39 -65.44
C VAL G 158 -19.05 -8.51 -66.06
N GLY G 159 -19.00 -9.69 -65.45
CA GLY G 159 -19.55 -10.90 -66.05
C GLY G 159 -18.59 -12.07 -66.03
N VAL G 160 -18.05 -12.41 -67.18
CA VAL G 160 -17.18 -13.56 -67.31
C VAL G 160 -15.73 -13.09 -67.50
N VAL G 161 -14.84 -13.59 -66.65
CA VAL G 161 -13.43 -13.22 -66.63
C VAL G 161 -12.60 -14.43 -67.04
N ALA G 162 -11.74 -14.26 -68.02
CA ALA G 162 -10.72 -15.26 -68.32
C ALA G 162 -9.44 -14.90 -67.58
N ALA G 163 -8.90 -15.84 -66.81
CA ALA G 163 -7.69 -15.62 -66.03
C ALA G 163 -6.61 -16.56 -66.56
N ILE G 164 -5.69 -16.03 -67.35
CA ILE G 164 -4.54 -16.78 -67.87
C ILE G 164 -3.32 -16.42 -67.03
N VAL G 165 -2.63 -17.42 -66.50
CA VAL G 165 -1.61 -17.17 -65.47
C VAL G 165 -0.38 -17.99 -65.80
N PRO G 166 0.76 -17.65 -65.19
CA PRO G 166 2.02 -18.31 -65.58
C PRO G 166 2.45 -19.38 -64.60
N TRP G 167 3.69 -19.84 -64.76
CA TRP G 167 4.20 -20.96 -63.98
C TRP G 167 5.20 -20.59 -62.90
N ASN G 168 5.55 -19.32 -62.72
CA ASN G 168 6.58 -19.03 -61.72
C ASN G 168 6.03 -19.07 -60.31
N PHE G 169 4.78 -18.66 -60.11
CA PHE G 169 4.10 -18.71 -58.81
C PHE G 169 2.68 -19.18 -59.07
N PRO G 170 2.52 -20.41 -59.54
CA PRO G 170 1.23 -20.82 -60.15
C PRO G 170 0.02 -20.63 -59.24
N LEU G 171 0.07 -21.14 -58.02
CA LEU G 171 -1.06 -20.97 -57.12
C LEU G 171 -1.18 -19.52 -56.66
N MET G 172 -0.05 -18.90 -56.27
CA MET G 172 -0.13 -17.54 -55.78
C MET G 172 -0.70 -16.61 -56.85
N MET G 173 -0.16 -16.70 -58.07
CA MET G 173 -0.57 -15.78 -59.12
C MET G 173 -2.04 -15.95 -59.48
N ALA G 174 -2.53 -17.19 -59.51
CA ALA G 174 -3.95 -17.40 -59.78
C ALA G 174 -4.81 -16.86 -58.64
N CYS G 175 -4.34 -16.98 -57.40
CA CYS G 175 -5.05 -16.38 -56.30
C CYS G 175 -5.05 -14.86 -56.39
N TRP G 176 -3.96 -14.26 -56.88
CA TRP G 176 -3.94 -12.82 -57.12
C TRP G 176 -5.04 -12.41 -58.08
N LYS G 177 -5.28 -13.21 -59.13
CA LYS G 177 -6.41 -12.96 -60.00
C LYS G 177 -7.72 -13.38 -59.36
N LEU G 178 -7.77 -14.58 -58.76
CA LEU G 178 -9.05 -15.13 -58.29
C LEU G 178 -9.62 -14.32 -57.14
N GLY G 179 -8.77 -13.86 -56.23
CA GLY G 179 -9.18 -13.15 -55.05
C GLY G 179 -10.17 -12.04 -55.36
N PRO G 180 -9.70 -11.02 -56.08
CA PRO G 180 -10.63 -9.94 -56.44
C PRO G 180 -11.69 -10.33 -57.47
N ALA G 181 -11.37 -11.17 -58.46
CA ALA G 181 -12.38 -11.47 -59.46
C ALA G 181 -13.57 -12.22 -58.85
N LEU G 182 -13.28 -13.27 -58.08
CA LEU G 182 -14.34 -14.02 -57.44
C LEU G 182 -15.07 -13.18 -56.41
N SER G 183 -14.34 -12.30 -55.71
CA SER G 183 -14.96 -11.49 -54.66
C SER G 183 -15.98 -10.51 -55.24
N THR G 184 -15.70 -9.92 -56.38
CA THR G 184 -16.64 -8.94 -56.91
C THR G 184 -17.82 -9.57 -57.58
N GLY G 185 -17.96 -10.89 -57.51
CA GLY G 185 -19.14 -11.58 -57.98
C GLY G 185 -19.06 -12.21 -59.36
N ASN G 186 -17.90 -12.15 -60.04
CA ASN G 186 -17.81 -12.63 -61.41
C ASN G 186 -17.61 -14.14 -61.44
N SER G 187 -17.86 -14.71 -62.61
CA SER G 187 -17.48 -16.09 -62.90
C SER G 187 -16.15 -16.07 -63.64
N VAL G 188 -15.25 -16.97 -63.25
CA VAL G 188 -13.89 -16.97 -63.75
C VAL G 188 -13.61 -18.31 -64.42
N VAL G 189 -13.03 -18.24 -65.61
CA VAL G 189 -12.50 -19.44 -66.30
C VAL G 189 -10.99 -19.27 -66.15
N LEU G 190 -10.33 -20.24 -65.53
CA LEU G 190 -8.89 -20.07 -65.26
C LEU G 190 -8.06 -21.01 -66.13
N LYS G 191 -7.20 -20.45 -66.94
CA LYS G 191 -6.29 -21.25 -67.78
C LYS G 191 -4.91 -21.17 -67.16
N PRO G 192 -4.42 -22.23 -66.49
CA PRO G 192 -3.15 -22.21 -65.85
C PRO G 192 -2.05 -22.58 -66.84
N SER G 193 -0.82 -22.38 -66.45
CA SER G 193 0.26 -22.67 -67.38
C SER G 193 0.28 -24.14 -67.75
N GLU G 194 0.68 -24.40 -69.00
CA GLU G 194 0.98 -25.75 -69.46
C GLU G 194 2.15 -26.37 -68.68
N LYS G 195 3.01 -25.54 -68.11
CA LYS G 195 4.12 -26.02 -67.30
C LYS G 195 3.74 -26.21 -65.84
N SER G 196 2.55 -25.76 -65.43
CA SER G 196 2.17 -25.81 -64.04
C SER G 196 0.66 -25.93 -63.86
N PRO G 197 0.05 -27.00 -64.39
CA PRO G 197 -1.41 -27.11 -64.26
C PRO G 197 -1.91 -27.68 -62.94
N LEU G 198 -1.05 -28.27 -62.11
CA LEU G 198 -1.53 -29.18 -61.06
C LEU G 198 -2.28 -28.44 -59.95
N THR G 199 -1.75 -27.31 -59.48
CA THR G 199 -2.38 -26.63 -58.36
C THR G 199 -3.75 -26.05 -58.72
N ALA G 200 -3.87 -25.43 -59.90
CA ALA G 200 -5.16 -24.86 -60.30
C ALA G 200 -6.23 -25.95 -60.46
N ILE G 201 -5.83 -27.13 -60.95
CA ILE G 201 -6.72 -28.28 -61.06
C ILE G 201 -7.24 -28.67 -59.68
N ARG G 202 -6.36 -28.69 -58.70
CA ARG G 202 -6.73 -29.17 -57.37
C ARG G 202 -7.71 -28.22 -56.69
N ILE G 203 -7.45 -26.90 -56.76
CA ILE G 203 -8.23 -25.97 -55.94
C ILE G 203 -9.64 -25.83 -56.46
N ALA G 204 -9.88 -26.23 -57.69
CA ALA G 204 -11.23 -26.19 -58.25
C ALA G 204 -12.25 -26.89 -57.35
N GLN G 205 -11.91 -28.10 -56.89
CA GLN G 205 -12.77 -28.77 -55.92
C GLN G 205 -12.84 -27.99 -54.60
N LEU G 206 -11.71 -27.50 -54.11
CA LEU G 206 -11.67 -26.75 -52.87
C LEU G 206 -12.62 -25.56 -52.87
N ALA G 207 -12.80 -24.92 -54.02
CA ALA G 207 -13.73 -23.80 -54.09
C ALA G 207 -15.17 -24.29 -53.95
N ILE G 208 -15.51 -25.34 -54.71
CA ILE G 208 -16.79 -26.02 -54.52
C ILE G 208 -17.00 -26.37 -53.06
N GLU G 209 -15.96 -26.94 -52.42
CA GLU G 209 -16.03 -27.28 -51.00
C GLU G 209 -16.36 -26.08 -50.12
N ALA G 210 -15.82 -24.91 -50.46
CA ALA G 210 -15.95 -23.77 -49.56
C ALA G 210 -17.26 -23.01 -49.75
N GLY G 211 -18.04 -23.34 -50.77
CA GLY G 211 -19.29 -22.67 -51.06
C GLY G 211 -19.38 -21.99 -52.41
N ILE G 212 -18.31 -21.98 -53.22
CA ILE G 212 -18.35 -21.40 -54.54
C ILE G 212 -19.32 -22.21 -55.39
N PRO G 213 -20.37 -21.62 -55.93
CA PRO G 213 -21.33 -22.39 -56.74
C PRO G 213 -20.71 -22.97 -58.00
N ALA G 214 -21.39 -23.99 -58.52
CA ALA G 214 -20.92 -24.65 -59.73
C ALA G 214 -20.93 -23.69 -60.90
N GLY G 215 -19.96 -23.83 -61.79
CA GLY G 215 -19.83 -22.93 -62.89
C GLY G 215 -19.11 -21.64 -62.57
N VAL G 216 -19.07 -21.22 -61.31
CA VAL G 216 -18.48 -19.93 -60.97
C VAL G 216 -16.96 -19.96 -61.14
N LEU G 217 -16.31 -21.07 -60.81
CA LEU G 217 -14.88 -21.22 -61.14
C LEU G 217 -14.67 -22.50 -61.93
N ASN G 218 -14.38 -22.35 -63.21
CA ASN G 218 -13.96 -23.44 -64.09
C ASN G 218 -12.49 -23.27 -64.44
N VAL G 219 -11.78 -24.41 -64.52
CA VAL G 219 -10.35 -24.45 -64.76
C VAL G 219 -10.11 -25.26 -66.03
N LEU G 220 -9.36 -24.68 -66.97
CA LEU G 220 -9.08 -25.30 -68.28
C LEU G 220 -7.58 -25.45 -68.43
N PRO G 221 -7.00 -26.58 -68.08
CA PRO G 221 -5.60 -26.83 -68.40
C PRO G 221 -5.46 -27.12 -69.88
N GLY G 222 -4.27 -26.87 -70.40
CA GLY G 222 -4.02 -26.99 -71.82
C GLY G 222 -3.03 -25.97 -72.29
N TYR G 223 -2.80 -25.98 -73.61
CA TYR G 223 -1.76 -25.16 -74.21
C TYR G 223 -2.26 -23.75 -74.47
N GLY G 224 -1.32 -22.79 -74.50
CA GLY G 224 -1.70 -21.40 -74.74
C GLY G 224 -2.30 -21.19 -76.12
N HIS G 225 -1.58 -21.60 -77.16
CA HIS G 225 -2.02 -21.34 -78.53
C HIS G 225 -3.32 -22.06 -78.87
N THR G 226 -3.88 -22.84 -77.94
CA THR G 226 -5.12 -23.55 -78.20
C THR G 226 -6.23 -23.04 -77.30
N VAL G 227 -6.26 -23.51 -76.05
CA VAL G 227 -7.35 -23.10 -75.18
C VAL G 227 -7.14 -21.67 -74.70
N GLY G 228 -5.89 -21.21 -74.63
CA GLY G 228 -5.63 -19.84 -74.20
C GLY G 228 -6.06 -18.83 -75.24
N LYS G 229 -5.55 -18.97 -76.46
CA LYS G 229 -5.99 -18.15 -77.58
C LYS G 229 -7.52 -18.13 -77.71
N ALA G 230 -8.17 -19.28 -77.52
CA ALA G 230 -9.61 -19.37 -77.74
C ALA G 230 -10.38 -18.58 -76.68
N LEU G 231 -9.90 -18.61 -75.44
CA LEU G 231 -10.48 -17.76 -74.40
C LEU G 231 -10.27 -16.30 -74.74
N ALA G 232 -9.03 -15.92 -75.07
CA ALA G 232 -8.76 -14.54 -75.45
C ALA G 232 -9.54 -14.13 -76.69
N LEU G 233 -9.95 -15.07 -77.52
CA LEU G 233 -10.74 -14.75 -78.69
C LEU G 233 -12.24 -14.92 -78.47
N HIS G 234 -12.69 -15.33 -77.29
CA HIS G 234 -14.10 -15.64 -77.12
C HIS G 234 -14.97 -14.38 -77.11
N MET G 235 -16.11 -14.46 -77.76
CA MET G 235 -17.03 -13.36 -77.91
C MET G 235 -17.92 -13.12 -76.70
N ASP G 236 -17.99 -14.05 -75.75
CA ASP G 236 -18.83 -13.85 -74.56
C ASP G 236 -17.96 -13.72 -73.31
N VAL G 237 -16.64 -13.59 -73.47
CA VAL G 237 -15.75 -13.24 -72.37
C VAL G 237 -15.69 -11.71 -72.26
N ASP G 238 -15.99 -11.17 -71.07
CA ASP G 238 -16.03 -9.71 -70.92
C ASP G 238 -14.64 -9.11 -70.68
N THR G 239 -13.84 -9.76 -69.86
CA THR G 239 -12.53 -9.28 -69.44
C THR G 239 -11.58 -10.47 -69.52
N VAL G 240 -10.34 -10.23 -69.91
CA VAL G 240 -9.28 -11.20 -69.76
C VAL G 240 -8.17 -10.58 -68.92
N VAL G 241 -7.71 -11.30 -67.90
CA VAL G 241 -6.56 -10.87 -67.11
C VAL G 241 -5.46 -11.87 -67.35
N PHE G 242 -4.22 -11.38 -67.25
CA PHE G 242 -3.09 -12.12 -67.76
C PHE G 242 -1.84 -11.70 -67.01
N THR G 243 -0.97 -12.67 -66.80
CA THR G 243 0.36 -12.47 -66.25
C THR G 243 1.27 -13.41 -67.03
N GLY G 244 2.26 -12.86 -67.74
CA GLY G 244 3.13 -13.69 -68.56
C GLY G 244 4.16 -12.92 -69.38
N SER G 245 4.47 -13.45 -70.57
CA SER G 245 5.46 -12.80 -71.43
C SER G 245 4.89 -11.51 -72.02
N THR G 246 5.77 -10.53 -72.15
CA THR G 246 5.41 -9.30 -72.84
C THR G 246 4.99 -9.58 -74.28
N LYS G 247 5.60 -10.57 -74.93
CA LYS G 247 5.15 -10.89 -76.28
C LYS G 247 3.72 -11.41 -76.29
N ILE G 248 3.34 -12.22 -75.30
CA ILE G 248 2.00 -12.79 -75.35
C ILE G 248 0.98 -11.76 -74.86
N ALA G 249 1.35 -10.96 -73.86
CA ALA G 249 0.48 -9.86 -73.44
C ALA G 249 0.11 -8.98 -74.63
N LYS G 250 1.13 -8.58 -75.41
CA LYS G 250 0.89 -7.82 -76.63
C LYS G 250 -0.13 -8.52 -77.52
N GLN G 251 0.04 -9.83 -77.73
CA GLN G 251 -0.83 -10.54 -78.67
C GLN G 251 -2.25 -10.66 -78.13
N LEU G 252 -2.42 -10.64 -76.81
CA LEU G 252 -3.76 -10.72 -76.23
C LEU G 252 -4.59 -9.46 -76.53
N MET G 253 -3.94 -8.30 -76.64
CA MET G 253 -4.65 -7.10 -77.07
C MET G 253 -5.13 -7.23 -78.50
N ILE G 254 -4.29 -7.78 -79.38
CA ILE G 254 -4.74 -8.06 -80.74
C ILE G 254 -5.94 -9.01 -80.70
N TYR G 255 -5.84 -10.07 -79.89
CA TYR G 255 -6.93 -11.02 -79.82
C TYR G 255 -8.20 -10.31 -79.40
N ALA G 256 -8.11 -9.42 -78.42
CA ALA G 256 -9.27 -8.65 -78.00
C ALA G 256 -9.80 -7.77 -79.12
N GLY G 257 -8.91 -7.19 -79.91
CA GLY G 257 -9.34 -6.33 -81.01
C GLY G 257 -9.93 -7.08 -82.16
N GLU G 258 -9.52 -8.32 -82.38
CA GLU G 258 -10.13 -9.16 -83.39
C GLU G 258 -11.49 -9.72 -82.97
N SER G 259 -11.81 -9.73 -81.68
CA SER G 259 -13.09 -10.32 -81.27
C SER G 259 -14.09 -9.29 -80.77
N ASN G 260 -14.37 -9.29 -79.47
CA ASN G 260 -15.45 -8.52 -78.88
C ASN G 260 -14.98 -7.28 -78.14
N MET G 261 -13.74 -6.85 -78.37
CA MET G 261 -13.16 -5.68 -77.71
C MET G 261 -13.28 -5.83 -76.20
N LYS G 262 -12.97 -7.04 -75.72
CA LYS G 262 -13.01 -7.28 -74.30
C LYS G 262 -11.96 -6.43 -73.58
N ARG G 263 -12.14 -6.26 -72.28
CA ARG G 263 -11.14 -5.58 -71.47
C ARG G 263 -9.89 -6.43 -71.33
N VAL G 264 -8.73 -5.78 -71.41
CA VAL G 264 -7.44 -6.46 -71.39
C VAL G 264 -6.58 -5.88 -70.27
N TRP G 265 -6.18 -6.74 -69.34
CA TRP G 265 -5.37 -6.33 -68.20
C TRP G 265 -4.14 -7.22 -68.14
N LEU G 266 -2.96 -6.64 -68.38
CA LEU G 266 -1.74 -7.42 -68.52
C LEU G 266 -0.77 -7.10 -67.40
N GLU G 267 -0.03 -8.12 -67.00
CA GLU G 267 1.14 -7.99 -66.14
C GLU G 267 2.24 -8.77 -66.85
N ALA G 268 3.14 -8.08 -67.53
CA ALA G 268 4.21 -8.71 -68.26
C ALA G 268 5.54 -8.59 -67.50
N GLY G 269 6.65 -8.80 -68.19
CA GLY G 269 7.93 -8.96 -67.54
C GLY G 269 8.53 -7.65 -67.07
N GLY G 270 9.76 -7.74 -66.57
CA GLY G 270 10.44 -6.58 -66.04
C GLY G 270 11.93 -6.75 -66.08
N LYS G 271 12.62 -5.63 -66.09
CA LYS G 271 14.09 -5.59 -66.03
C LYS G 271 14.40 -4.55 -64.95
N SER G 272 14.27 -4.95 -63.70
CA SER G 272 14.07 -4.03 -62.58
C SER G 272 15.40 -3.60 -61.98
N PRO G 273 15.64 -2.29 -61.84
CA PRO G 273 16.92 -1.82 -61.28
C PRO G 273 16.99 -1.78 -59.77
N ASN G 274 18.08 -2.30 -59.22
CA ASN G 274 18.40 -2.15 -57.81
C ASN G 274 19.54 -1.13 -57.73
N ILE G 275 19.25 0.04 -57.12
CA ILE G 275 20.19 1.15 -57.02
C ILE G 275 20.68 1.26 -55.59
N VAL G 276 21.97 1.03 -55.36
CA VAL G 276 22.56 1.16 -54.04
C VAL G 276 23.41 2.42 -54.04
N PHE G 277 23.13 3.31 -53.10
CA PHE G 277 23.89 4.54 -52.93
C PHE G 277 24.90 4.39 -51.79
N ALA G 278 26.01 5.12 -51.89
CA ALA G 278 27.03 5.05 -50.86
C ALA G 278 26.46 5.30 -49.46
N ASP G 279 25.48 6.20 -49.32
CA ASP G 279 24.93 6.48 -48.00
C ASP G 279 23.81 5.52 -47.58
N ALA G 280 23.84 4.28 -48.08
CA ALA G 280 22.84 3.30 -47.67
C ALA G 280 23.01 2.93 -46.20
N PRO G 281 21.91 2.81 -45.46
CA PRO G 281 22.03 2.68 -44.00
C PRO G 281 22.76 1.41 -43.55
N ASP G 282 22.42 0.27 -44.16
CA ASP G 282 23.03 -1.02 -43.84
C ASP G 282 23.53 -1.62 -45.15
N LEU G 283 24.83 -1.50 -45.39
CA LEU G 283 25.41 -2.05 -46.62
C LEU G 283 25.22 -3.56 -46.73
N GLN G 284 25.40 -4.30 -45.62
CA GLN G 284 25.24 -5.75 -45.67
C GLN G 284 23.80 -6.15 -45.97
N ALA G 285 22.83 -5.43 -45.39
CA ALA G 285 21.44 -5.65 -45.77
C ALA G 285 21.23 -5.45 -47.26
N ALA G 286 21.88 -4.43 -47.84
CA ALA G 286 21.74 -4.20 -49.28
C ALA G 286 22.24 -5.38 -50.10
N ALA G 287 23.43 -5.90 -49.75
CA ALA G 287 24.01 -7.02 -50.50
C ALA G 287 23.14 -8.26 -50.39
N ASP G 288 22.73 -8.61 -49.17
CA ASP G 288 21.90 -9.77 -48.95
C ASP G 288 20.62 -9.70 -49.77
N SER G 289 19.96 -8.55 -49.74
CA SER G 289 18.77 -8.40 -50.56
C SER G 289 19.12 -8.27 -52.04
N ALA G 290 20.26 -7.65 -52.35
CA ALA G 290 20.71 -7.65 -53.73
C ALA G 290 20.79 -9.07 -54.26
N ALA G 291 21.45 -9.93 -53.48
CA ALA G 291 21.60 -11.34 -53.85
C ALA G 291 20.25 -12.05 -53.89
N SER G 292 19.50 -11.99 -52.79
CA SER G 292 18.14 -12.51 -52.76
C SER G 292 17.34 -12.09 -54.00
N ALA G 293 17.48 -10.84 -54.44
CA ALA G 293 16.63 -10.30 -55.51
C ALA G 293 16.85 -11.02 -56.84
N ILE G 294 17.94 -11.75 -56.99
CA ILE G 294 18.26 -12.42 -58.25
C ILE G 294 18.23 -13.93 -58.04
N ALA G 295 18.59 -14.39 -56.83
CA ALA G 295 18.68 -15.82 -56.55
C ALA G 295 17.33 -16.46 -56.16
N PHE G 296 16.47 -15.74 -55.43
CA PHE G 296 15.24 -16.32 -54.91
C PHE G 296 14.32 -16.77 -56.05
N ASN G 297 13.72 -17.95 -55.87
CA ASN G 297 12.97 -18.65 -56.94
C ASN G 297 13.74 -18.67 -58.26
N GLN G 298 15.07 -18.76 -58.16
CA GLN G 298 16.00 -19.00 -59.27
C GLN G 298 15.93 -17.92 -60.35
N GLY G 299 15.71 -16.67 -59.91
CA GLY G 299 15.53 -15.55 -60.81
C GLY G 299 14.30 -15.64 -61.71
N GLU G 300 13.53 -16.71 -61.61
CA GLU G 300 12.27 -16.86 -62.33
C GLU G 300 11.22 -15.97 -61.69
N VAL G 301 11.57 -14.71 -61.49
CA VAL G 301 10.68 -13.73 -60.87
C VAL G 301 10.59 -12.54 -61.80
N ALA G 302 9.37 -12.01 -61.96
CA ALA G 302 9.19 -10.83 -62.81
C ALA G 302 9.82 -9.59 -62.18
N THR G 303 9.83 -9.51 -60.84
CA THR G 303 10.42 -8.37 -60.17
C THR G 303 11.83 -8.64 -59.69
N ALA G 304 12.48 -9.66 -60.24
CA ALA G 304 13.88 -9.94 -59.91
C ALA G 304 14.72 -8.68 -60.11
N GLY G 305 15.60 -8.42 -59.15
CA GLY G 305 16.56 -7.35 -59.31
C GLY G 305 17.66 -7.72 -60.29
N SER G 306 17.38 -7.67 -61.59
CA SER G 306 18.34 -8.13 -62.58
C SER G 306 19.51 -7.16 -62.80
N ARG G 307 19.31 -5.86 -62.56
CA ARG G 307 20.36 -4.86 -62.75
C ARG G 307 20.73 -4.27 -61.39
N LEU G 308 21.94 -4.54 -60.94
CA LEU G 308 22.46 -3.92 -59.73
C LEU G 308 23.18 -2.63 -60.11
N LEU G 309 22.69 -1.50 -59.59
CA LEU G 309 23.23 -0.18 -59.88
C LEU G 309 23.95 0.32 -58.63
N VAL G 310 25.28 0.41 -58.71
CA VAL G 310 26.13 0.75 -57.57
C VAL G 310 26.87 2.05 -57.85
N GLU G 311 26.91 2.92 -56.85
CA GLU G 311 27.75 4.10 -56.86
C GLU G 311 29.21 3.66 -56.81
N ARG G 312 30.06 4.24 -57.68
CA ARG G 312 31.46 3.80 -57.78
C ARG G 312 32.19 3.89 -56.45
N SER G 313 31.87 4.90 -55.63
CA SER G 313 32.61 5.10 -54.38
C SER G 313 32.64 3.85 -53.51
N ILE G 314 31.64 2.97 -53.66
CA ILE G 314 31.51 1.75 -52.88
C ILE G 314 31.50 0.49 -53.74
N LYS G 315 31.64 0.59 -55.06
CA LYS G 315 31.53 -0.61 -55.89
C LYS G 315 32.61 -1.62 -55.54
N ASP G 316 33.85 -1.15 -55.35
CA ASP G 316 34.93 -2.07 -55.01
C ASP G 316 34.76 -2.71 -53.64
N ARG G 317 33.97 -2.10 -52.76
CA ARG G 317 33.75 -2.67 -51.44
C ARG G 317 32.50 -3.53 -51.38
N PHE G 318 31.54 -3.27 -52.28
CA PHE G 318 30.19 -3.84 -52.23
C PHE G 318 30.08 -5.09 -53.08
N LEU G 319 30.67 -5.07 -54.28
CA LEU G 319 30.56 -6.22 -55.16
C LEU G 319 31.10 -7.51 -54.52
N PRO G 320 32.21 -7.52 -53.79
CA PRO G 320 32.54 -8.73 -53.04
C PRO G 320 31.50 -9.11 -51.99
N MET G 321 30.88 -8.14 -51.33
CA MET G 321 29.81 -8.47 -50.39
C MET G 321 28.62 -9.11 -51.10
N VAL G 322 28.27 -8.62 -52.29
CA VAL G 322 27.21 -9.24 -53.06
C VAL G 322 27.62 -10.64 -53.48
N ILE G 323 28.89 -10.81 -53.89
CA ILE G 323 29.38 -12.13 -54.29
C ILE G 323 29.30 -13.10 -53.13
N GLU G 324 29.63 -12.65 -51.93
CA GLU G 324 29.59 -13.52 -50.76
C GLU G 324 28.16 -13.93 -50.42
N ALA G 325 27.25 -12.97 -50.42
CA ALA G 325 25.87 -13.29 -50.11
C ALA G 325 25.30 -14.27 -51.13
N LEU G 326 25.67 -14.10 -52.41
CA LEU G 326 25.07 -14.93 -53.43
C LEU G 326 25.58 -16.37 -53.34
N GLY G 327 26.76 -16.58 -52.74
CA GLY G 327 27.23 -17.94 -52.53
C GLY G 327 26.43 -18.75 -51.54
N THR G 328 25.67 -18.09 -50.66
CA THR G 328 24.79 -18.80 -49.74
C THR G 328 23.56 -19.36 -50.45
N TRP G 329 23.29 -18.91 -51.68
CA TRP G 329 22.14 -19.37 -52.45
C TRP G 329 22.62 -20.51 -53.33
N LYS G 330 22.47 -21.75 -52.84
CA LYS G 330 23.01 -22.95 -53.50
C LYS G 330 21.89 -23.81 -54.06
N PRO G 331 21.92 -24.18 -55.34
CA PRO G 331 20.86 -25.05 -55.86
C PRO G 331 20.93 -26.41 -55.20
N GLY G 332 19.78 -27.05 -55.09
CA GLY G 332 19.71 -28.32 -54.41
C GLY G 332 18.38 -28.97 -54.68
N ASN G 333 18.26 -30.20 -54.20
CA ASN G 333 17.06 -30.99 -54.38
C ASN G 333 15.83 -30.23 -53.88
N PRO G 334 14.89 -29.91 -54.76
CA PRO G 334 13.71 -29.14 -54.32
C PRO G 334 12.90 -29.84 -53.24
N LEU G 335 13.03 -31.15 -53.11
CA LEU G 335 12.30 -31.84 -52.07
C LEU G 335 13.00 -31.77 -50.71
N ASP G 336 14.19 -31.19 -50.66
CA ASP G 336 14.91 -31.02 -49.40
C ASP G 336 14.52 -29.70 -48.76
N PRO G 337 14.10 -29.69 -47.49
CA PRO G 337 13.68 -28.42 -46.88
C PRO G 337 14.83 -27.46 -46.66
N ALA G 338 16.08 -27.94 -46.68
CA ALA G 338 17.20 -27.03 -46.56
C ALA G 338 17.46 -26.28 -47.86
N THR G 339 17.07 -26.86 -48.99
CA THR G 339 17.27 -26.23 -50.28
C THR G 339 16.57 -24.86 -50.32
N ASN G 340 17.27 -23.87 -50.87
CA ASN G 340 16.69 -22.55 -51.10
C ASN G 340 16.74 -22.09 -52.56
N VAL G 341 17.45 -22.80 -53.42
CA VAL G 341 17.43 -22.59 -54.87
C VAL G 341 17.00 -23.89 -55.53
N GLY G 342 16.03 -23.81 -56.43
CA GLY G 342 15.46 -24.99 -57.01
C GLY G 342 15.98 -25.30 -58.39
N ALA G 343 15.16 -25.99 -59.16
CA ALA G 343 15.48 -26.29 -60.53
C ALA G 343 14.80 -25.27 -61.44
N LEU G 344 15.41 -25.02 -62.58
CA LEU G 344 14.67 -24.29 -63.58
C LEU G 344 13.46 -25.12 -64.01
N VAL G 345 12.44 -24.44 -64.51
CA VAL G 345 11.17 -25.10 -64.77
C VAL G 345 11.30 -26.22 -65.83
N ASP G 346 12.14 -26.02 -66.85
CA ASP G 346 12.34 -27.07 -67.84
C ASP G 346 13.65 -26.82 -68.59
N THR G 347 13.96 -27.73 -69.53
CA THR G 347 15.20 -27.60 -70.30
C THR G 347 15.15 -26.35 -71.19
N GLN G 348 13.99 -26.07 -71.79
CA GLN G 348 13.80 -24.82 -72.53
C GLN G 348 14.29 -23.62 -71.71
N GLN G 349 13.74 -23.44 -70.50
CA GLN G 349 14.19 -22.35 -69.63
C GLN G 349 15.69 -22.44 -69.35
N MET G 350 16.20 -23.67 -69.18
CA MET G 350 17.60 -23.86 -68.82
C MET G 350 18.52 -23.47 -69.97
N ASN G 351 18.09 -23.75 -71.20
CA ASN G 351 18.90 -23.40 -72.35
C ASN G 351 18.88 -21.90 -72.62
N THR G 352 17.69 -21.27 -72.57
CA THR G 352 17.61 -19.81 -72.59
C THR G 352 18.62 -19.19 -71.63
N VAL G 353 18.53 -19.53 -70.34
CA VAL G 353 19.43 -18.95 -69.33
C VAL G 353 20.88 -19.15 -69.72
N LEU G 354 21.22 -20.36 -70.21
CA LEU G 354 22.60 -20.63 -70.62
C LEU G 354 22.98 -19.83 -71.86
N SER G 355 22.02 -19.56 -72.75
CA SER G 355 22.28 -18.72 -73.91
C SER G 355 22.64 -17.30 -73.49
N TYR G 356 21.94 -16.76 -72.48
CA TYR G 356 22.24 -15.42 -72.03
C TYR G 356 23.61 -15.34 -71.37
N ILE G 357 23.99 -16.38 -70.61
CA ILE G 357 25.30 -16.38 -69.97
C ILE G 357 26.37 -16.30 -71.05
N ALA G 358 26.18 -17.03 -72.15
CA ALA G 358 27.12 -16.90 -73.25
C ALA G 358 27.10 -15.48 -73.79
N ALA G 359 25.90 -14.89 -73.88
CA ALA G 359 25.74 -13.53 -74.41
C ALA G 359 26.45 -12.50 -73.55
N GLY G 360 26.48 -12.67 -72.22
CA GLY G 360 27.23 -11.75 -71.38
C GLY G 360 28.71 -11.73 -71.71
N HIS G 361 29.29 -12.89 -72.02
CA HIS G 361 30.69 -12.93 -72.45
C HIS G 361 30.87 -12.27 -73.81
N THR G 362 29.97 -12.57 -74.75
CA THR G 362 30.05 -11.94 -76.07
C THR G 362 29.87 -10.43 -75.97
N ASP G 363 28.97 -9.96 -75.11
CA ASP G 363 28.71 -8.52 -74.93
C ASP G 363 29.92 -7.77 -74.40
N GLY G 364 30.86 -8.46 -73.76
CA GLY G 364 32.02 -7.81 -73.19
C GLY G 364 32.02 -7.72 -71.68
N ALA G 365 30.95 -8.12 -71.00
CA ALA G 365 30.93 -8.11 -69.55
C ALA G 365 31.95 -9.11 -69.00
N ARG G 366 31.99 -9.25 -67.68
CA ARG G 366 33.00 -10.08 -67.03
C ARG G 366 32.31 -10.94 -65.98
N LEU G 367 32.56 -12.25 -66.05
CA LEU G 367 32.02 -13.18 -65.07
C LEU G 367 32.78 -13.09 -63.76
N VAL G 368 32.05 -12.87 -62.66
CA VAL G 368 32.65 -12.83 -61.33
C VAL G 368 32.05 -13.85 -60.38
N ALA G 369 31.00 -14.57 -60.77
CA ALA G 369 30.41 -15.63 -59.95
C ALA G 369 29.48 -16.52 -60.77
N GLY G 370 29.65 -17.84 -60.66
CA GLY G 370 28.71 -18.75 -61.29
C GLY G 370 28.97 -18.95 -62.76
N GLY G 371 27.90 -18.99 -63.56
CA GLY G 371 28.01 -19.12 -64.99
C GLY G 371 27.88 -20.52 -65.55
N LYS G 372 27.66 -21.54 -64.72
CA LYS G 372 27.62 -22.92 -65.19
C LYS G 372 26.33 -23.61 -64.76
N GLN G 373 25.98 -24.67 -65.49
CA GLN G 373 24.95 -25.60 -65.07
C GLN G 373 25.58 -26.67 -64.17
N ILE G 374 24.85 -27.07 -63.13
CA ILE G 374 25.32 -28.09 -62.19
C ILE G 374 24.23 -29.12 -61.95
N LEU G 375 24.61 -30.18 -61.23
CA LEU G 375 23.69 -31.23 -60.78
C LEU G 375 22.97 -31.90 -61.95
N GLN G 376 23.72 -32.21 -63.01
CA GLN G 376 23.09 -32.83 -64.16
C GLN G 376 23.10 -34.36 -64.10
N GLU G 377 23.84 -34.94 -63.14
CA GLU G 377 23.62 -36.32 -62.73
C GLU G 377 22.16 -36.54 -62.32
N THR G 378 21.51 -35.52 -61.73
CA THR G 378 20.14 -35.64 -61.23
C THR G 378 19.15 -36.03 -62.32
N GLY G 379 19.43 -35.66 -63.57
CA GLY G 379 18.38 -35.60 -64.57
C GLY G 379 17.49 -34.39 -64.45
N GLY G 380 17.71 -33.54 -63.44
CA GLY G 380 17.05 -32.26 -63.34
C GLY G 380 17.90 -31.14 -63.93
N THR G 381 17.31 -29.94 -63.95
CA THR G 381 17.85 -28.79 -64.68
C THR G 381 18.19 -27.69 -63.68
N TYR G 382 19.48 -27.53 -63.37
CA TYR G 382 19.92 -26.57 -62.36
C TYR G 382 21.02 -25.68 -62.94
N VAL G 383 20.99 -24.40 -62.59
CA VAL G 383 22.00 -23.44 -63.03
C VAL G 383 22.48 -22.62 -61.84
N GLU G 384 23.80 -22.40 -61.78
CA GLU G 384 24.43 -21.60 -60.73
C GLU G 384 23.94 -20.17 -60.78
N PRO G 385 23.60 -19.56 -59.65
CA PRO G 385 23.38 -18.11 -59.64
C PRO G 385 24.66 -17.38 -60.05
N THR G 386 24.50 -16.39 -60.94
CA THR G 386 25.59 -15.83 -61.73
C THR G 386 25.59 -14.31 -61.64
N ILE G 387 26.79 -13.71 -61.60
CA ILE G 387 26.98 -12.26 -61.55
C ILE G 387 27.92 -11.82 -62.68
N PHE G 388 27.50 -10.82 -63.46
CA PHE G 388 28.37 -10.17 -64.43
C PHE G 388 28.72 -8.75 -63.96
N ASP G 389 30.00 -8.40 -64.12
CA ASP G 389 30.53 -7.07 -63.82
C ASP G 389 30.80 -6.31 -65.11
N GLY G 390 31.07 -5.02 -64.97
CA GLY G 390 31.30 -4.16 -66.11
C GLY G 390 30.18 -4.18 -67.14
N VAL G 391 28.95 -4.17 -66.70
CA VAL G 391 27.82 -4.20 -67.62
C VAL G 391 27.47 -2.77 -68.02
N ASN G 392 27.17 -2.58 -69.29
CA ASN G 392 26.68 -1.34 -69.85
C ASN G 392 25.20 -1.51 -70.15
N ASN G 393 24.39 -0.52 -69.79
CA ASN G 393 22.94 -0.70 -69.91
C ASN G 393 22.49 -1.01 -71.35
N ALA G 394 23.34 -0.80 -72.36
CA ALA G 394 22.95 -1.14 -73.73
C ALA G 394 23.27 -2.58 -74.10
N MET G 395 23.96 -3.32 -73.23
CA MET G 395 24.31 -4.72 -73.48
C MET G 395 23.07 -5.62 -73.42
N ARG G 396 23.15 -6.77 -74.10
CA ARG G 396 21.98 -7.63 -74.19
C ARG G 396 21.53 -8.14 -72.83
N ILE G 397 22.46 -8.38 -71.90
CA ILE G 397 22.06 -8.90 -70.60
C ILE G 397 21.45 -7.82 -69.70
N ALA G 398 21.69 -6.54 -69.97
CA ALA G 398 21.10 -5.45 -69.20
C ALA G 398 19.79 -4.95 -69.80
N GLN G 399 19.44 -5.39 -71.00
CA GLN G 399 18.26 -4.95 -71.71
C GLN G 399 17.16 -5.99 -71.75
N GLU G 400 17.50 -7.20 -72.22
CA GLU G 400 16.57 -8.31 -72.41
C GLU G 400 16.36 -9.05 -71.09
N GLU G 401 15.11 -9.46 -70.82
CA GLU G 401 14.79 -10.17 -69.59
C GLU G 401 15.22 -11.62 -69.70
N ILE G 402 16.12 -12.03 -68.79
CA ILE G 402 16.73 -13.36 -68.82
C ILE G 402 15.82 -14.40 -68.15
N PHE G 403 15.22 -14.04 -67.01
CA PHE G 403 14.35 -14.94 -66.24
C PHE G 403 15.11 -16.13 -65.68
N GLY G 404 16.35 -15.89 -65.26
CA GLY G 404 17.13 -16.83 -64.51
C GLY G 404 17.92 -16.06 -63.48
N PRO G 405 18.67 -16.74 -62.66
CA PRO G 405 19.41 -16.06 -61.58
C PRO G 405 20.69 -15.39 -62.07
N VAL G 406 20.56 -14.52 -63.08
CA VAL G 406 21.71 -13.88 -63.72
C VAL G 406 21.62 -12.37 -63.53
N LEU G 407 22.63 -11.82 -62.88
CA LEU G 407 22.67 -10.45 -62.37
C LEU G 407 23.70 -9.60 -63.13
N SER G 408 23.28 -8.41 -63.57
CA SER G 408 24.14 -7.45 -64.24
C SER G 408 24.46 -6.32 -63.27
N VAL G 409 25.73 -5.90 -63.22
CA VAL G 409 26.17 -4.85 -62.30
C VAL G 409 26.65 -3.62 -63.09
N LEU G 410 26.05 -2.47 -62.77
CA LEU G 410 26.22 -1.18 -63.44
C LEU G 410 26.78 -0.17 -62.43
N THR G 411 27.51 0.84 -62.92
CA THR G 411 28.05 1.90 -62.09
C THR G 411 27.54 3.28 -62.49
N PHE G 412 27.63 4.23 -61.55
CA PHE G 412 27.17 5.61 -61.77
C PHE G 412 27.83 6.54 -60.77
N ASP G 413 27.95 7.82 -61.15
CA ASP G 413 28.47 8.90 -60.30
C ASP G 413 27.38 9.70 -59.61
N THR G 414 26.27 9.98 -60.30
CA THR G 414 25.28 10.93 -59.84
C THR G 414 23.92 10.25 -59.77
N ALA G 415 23.10 10.69 -58.80
CA ALA G 415 21.73 10.19 -58.74
C ALA G 415 21.02 10.39 -60.07
N GLU G 416 21.14 11.59 -60.64
CA GLU G 416 20.55 11.87 -61.95
C GLU G 416 20.96 10.80 -62.94
N GLU G 417 22.23 10.35 -62.85
CA GLU G 417 22.73 9.30 -63.76
C GLU G 417 22.10 7.94 -63.46
N ALA G 418 21.98 7.59 -62.16
CA ALA G 418 21.31 6.35 -61.78
C ALA G 418 19.92 6.28 -62.37
N ILE G 419 19.12 7.35 -62.17
CA ILE G 419 17.76 7.45 -62.69
C ILE G 419 17.71 7.24 -64.21
N GLN G 420 18.62 7.86 -64.95
CA GLN G 420 18.63 7.67 -66.40
C GLN G 420 18.77 6.20 -66.75
N ILE G 421 19.67 5.50 -66.05
CA ILE G 421 19.94 4.10 -66.36
C ILE G 421 18.78 3.21 -65.93
N ALA G 422 18.25 3.43 -64.71
CA ALA G 422 17.09 2.69 -64.23
C ALA G 422 15.86 2.82 -65.14
N ASN G 423 15.69 3.94 -65.83
CA ASN G 423 14.50 4.16 -66.63
C ASN G 423 14.73 3.85 -68.11
N ASP G 424 15.97 3.58 -68.49
CA ASP G 424 16.32 3.28 -69.89
C ASP G 424 16.07 1.79 -70.11
N THR G 425 14.81 1.47 -70.38
CA THR G 425 14.28 0.12 -70.50
C THR G 425 12.82 0.21 -70.96
N PRO G 426 12.33 -0.76 -71.72
CA PRO G 426 10.91 -0.74 -72.07
C PRO G 426 10.01 -1.13 -70.91
N TYR G 427 10.59 -1.49 -69.77
CA TYR G 427 9.83 -2.05 -68.69
C TYR G 427 9.60 -1.01 -67.59
N GLY G 428 8.78 -1.39 -66.62
CA GLY G 428 8.57 -0.57 -65.45
C GLY G 428 7.82 -1.28 -64.36
N LEU G 429 8.32 -2.44 -63.95
CA LEU G 429 7.61 -3.26 -62.98
C LEU G 429 8.03 -2.95 -61.55
N ALA G 430 9.33 -2.86 -61.30
CA ALA G 430 9.81 -2.53 -59.97
C ALA G 430 11.18 -1.89 -60.09
N ALA G 431 11.66 -1.43 -58.95
CA ALA G 431 12.95 -0.77 -58.79
C ALA G 431 13.17 -0.53 -57.31
N ALA G 432 14.43 -0.31 -56.95
CA ALA G 432 14.77 -0.15 -55.55
C ALA G 432 15.83 0.92 -55.40
N VAL G 433 15.71 1.70 -54.33
CA VAL G 433 16.66 2.73 -53.93
C VAL G 433 17.09 2.44 -52.51
N TRP G 434 18.40 2.38 -52.29
CA TRP G 434 19.00 2.20 -50.97
C TRP G 434 19.78 3.49 -50.61
N THR G 435 19.30 4.23 -49.61
CA THR G 435 19.98 5.43 -49.18
C THR G 435 19.41 5.86 -47.83
N ALA G 436 20.26 6.42 -46.98
CA ALA G 436 19.76 6.97 -45.73
C ALA G 436 19.25 8.41 -45.89
N ASN G 437 19.48 9.04 -47.03
CA ASN G 437 19.12 10.44 -47.20
C ASN G 437 17.64 10.57 -47.50
N LEU G 438 16.97 11.49 -46.78
CA LEU G 438 15.52 11.66 -46.88
C LEU G 438 15.13 12.26 -48.21
N SER G 439 15.86 13.29 -48.66
CA SER G 439 15.51 13.90 -49.93
C SER G 439 15.83 12.96 -51.08
N LYS G 440 17.05 12.43 -51.09
CA LYS G 440 17.42 11.49 -52.16
C LYS G 440 16.44 10.32 -52.23
N ALA G 441 16.02 9.78 -51.07
CA ALA G 441 15.08 8.67 -51.05
C ALA G 441 13.81 8.99 -51.82
N HIS G 442 13.06 9.99 -51.34
CA HIS G 442 11.77 10.36 -51.92
C HIS G 442 11.91 10.88 -53.35
N LEU G 443 12.88 11.76 -53.60
CA LEU G 443 13.01 12.33 -54.95
C LEU G 443 13.33 11.24 -55.95
N THR G 444 14.20 10.29 -55.61
CA THR G 444 14.56 9.25 -56.57
C THR G 444 13.39 8.32 -56.81
N ALA G 445 12.62 8.00 -55.77
CA ALA G 445 11.42 7.19 -55.94
C ALA G 445 10.43 7.86 -56.89
N ARG G 446 10.27 9.18 -56.78
CA ARG G 446 9.45 9.93 -57.73
C ARG G 446 9.89 9.72 -59.18
N ALA G 447 11.20 9.82 -59.45
CA ALA G 447 11.72 9.80 -60.81
C ALA G 447 11.79 8.40 -61.45
N LEU G 448 11.38 7.34 -60.74
CA LEU G 448 11.58 5.96 -61.20
C LEU G 448 10.30 5.48 -61.87
N ARG G 449 10.35 5.28 -63.18
CA ARG G 449 9.14 4.93 -63.91
C ARG G 449 8.94 3.41 -63.79
N ALA G 450 8.47 3.04 -62.59
CA ALA G 450 8.27 1.65 -62.21
C ALA G 450 7.06 1.56 -61.27
N GLY G 451 6.26 0.51 -61.47
CA GLY G 451 5.04 0.35 -60.69
C GLY G 451 5.26 0.11 -59.21
N SER G 452 6.39 -0.51 -58.83
CA SER G 452 6.75 -0.75 -57.43
C SER G 452 8.16 -0.23 -57.17
N VAL G 453 8.33 0.62 -56.16
CA VAL G 453 9.63 1.14 -55.76
C VAL G 453 9.87 0.77 -54.31
N TRP G 454 10.90 -0.02 -54.04
CA TRP G 454 11.21 -0.37 -52.66
C TRP G 454 12.38 0.46 -52.21
N VAL G 455 12.30 1.00 -51.00
CA VAL G 455 13.34 1.86 -50.45
C VAL G 455 13.92 1.18 -49.22
N ASN G 456 15.21 0.87 -49.28
CA ASN G 456 15.97 0.30 -48.17
C ASN G 456 15.50 -1.11 -47.82
N GLN G 457 15.09 -1.84 -48.85
CA GLN G 457 14.55 -3.19 -48.79
C GLN G 457 14.29 -3.59 -50.22
N TYR G 458 14.22 -4.90 -50.46
CA TYR G 458 13.74 -5.39 -51.74
C TYR G 458 12.51 -6.26 -51.52
N ASP G 459 11.81 -6.55 -52.62
CA ASP G 459 10.60 -7.39 -52.65
C ASP G 459 9.62 -7.05 -51.51
N GLY G 460 9.27 -5.77 -51.43
CA GLY G 460 8.44 -5.28 -50.35
C GLY G 460 6.95 -5.35 -50.65
N GLY G 461 6.17 -4.88 -49.69
CA GLY G 461 4.73 -4.82 -49.82
C GLY G 461 4.03 -6.04 -49.25
N ASP G 462 2.72 -5.90 -49.11
CA ASP G 462 1.86 -7.00 -48.72
C ASP G 462 0.58 -6.84 -49.53
N MET G 463 -0.54 -7.39 -49.06
CA MET G 463 -1.79 -7.29 -49.81
C MET G 463 -2.26 -5.85 -49.97
N THR G 464 -1.73 -4.89 -49.18
CA THR G 464 -2.14 -3.50 -49.28
C THR G 464 -1.48 -2.75 -50.43
N ALA G 465 -0.36 -3.26 -50.95
CA ALA G 465 0.38 -2.59 -52.02
C ALA G 465 -0.13 -3.04 -53.39
N PRO G 466 -0.62 -2.14 -54.24
CA PRO G 466 -0.89 -2.53 -55.62
C PRO G 466 0.42 -2.90 -56.30
N PHE G 467 0.29 -3.77 -57.30
CA PHE G 467 1.43 -4.41 -57.93
C PHE G 467 1.10 -4.47 -59.41
N GLY G 468 2.03 -4.02 -60.23
CA GLY G 468 1.81 -3.93 -61.65
C GLY G 468 2.84 -3.00 -62.22
N GLY G 469 2.75 -2.79 -63.53
CA GLY G 469 3.84 -2.12 -64.22
C GLY G 469 3.54 -0.84 -65.00
N PHE G 470 4.61 -0.10 -65.30
CA PHE G 470 4.68 0.99 -66.27
C PHE G 470 5.05 0.44 -67.65
N LYS G 471 4.68 1.16 -68.69
CA LYS G 471 5.11 0.91 -70.08
C LYS G 471 4.79 -0.55 -70.45
N GLN G 472 5.76 -1.30 -70.96
CA GLN G 472 5.51 -2.65 -71.46
C GLN G 472 5.48 -3.71 -70.36
N SER G 473 5.48 -3.29 -69.08
CA SER G 473 5.34 -4.17 -67.93
C SER G 473 3.90 -4.46 -67.58
N GLY G 474 2.94 -3.86 -68.30
CA GLY G 474 1.53 -4.15 -68.13
C GLY G 474 0.73 -2.89 -67.84
N ASN G 475 -0.59 -3.10 -67.72
CA ASN G 475 -1.54 -2.11 -67.27
C ASN G 475 -2.39 -2.75 -66.18
N GLY G 476 -2.83 -1.94 -65.23
CA GLY G 476 -3.58 -2.46 -64.11
C GLY G 476 -2.69 -2.94 -62.98
N ARG G 477 -3.30 -3.05 -61.80
CA ARG G 477 -2.61 -3.38 -60.55
C ARG G 477 -3.30 -4.57 -59.91
N ASP G 478 -2.53 -5.60 -59.58
CA ASP G 478 -3.02 -6.72 -58.78
C ASP G 478 -2.72 -6.43 -57.32
N LYS G 479 -3.50 -7.05 -56.42
CA LYS G 479 -3.45 -6.82 -54.97
C LYS G 479 -4.03 -5.46 -54.60
N SER G 480 -4.17 -5.20 -53.30
CA SER G 480 -4.85 -4.01 -52.76
C SER G 480 -6.30 -3.92 -53.23
N LEU G 481 -6.99 -2.83 -52.85
CA LEU G 481 -8.35 -2.58 -53.33
C LEU G 481 -8.40 -2.07 -54.75
N HIS G 482 -7.28 -1.69 -55.33
CA HIS G 482 -7.32 -1.33 -56.74
C HIS G 482 -7.47 -2.56 -57.63
N ALA G 483 -7.14 -3.75 -57.12
CA ALA G 483 -7.25 -4.92 -57.97
C ALA G 483 -8.69 -5.14 -58.42
N PHE G 484 -9.66 -4.82 -57.53
CA PHE G 484 -11.08 -5.00 -57.82
C PHE G 484 -11.50 -4.25 -59.07
N ASP G 485 -10.82 -3.14 -59.39
CA ASP G 485 -11.26 -2.29 -60.48
C ASP G 485 -11.21 -3.01 -61.83
N LYS G 486 -10.33 -4.00 -61.98
CA LYS G 486 -10.22 -4.78 -63.21
C LYS G 486 -11.39 -5.72 -63.43
N TYR G 487 -12.33 -5.80 -62.50
CA TYR G 487 -13.38 -6.80 -62.54
C TYR G 487 -14.78 -6.20 -62.43
N THR G 488 -14.90 -4.87 -62.42
CA THR G 488 -16.15 -4.15 -62.23
C THR G 488 -16.33 -3.13 -63.35
N GLU G 489 -17.56 -2.68 -63.57
CA GLU G 489 -17.79 -1.52 -64.43
C GLU G 489 -18.47 -0.43 -63.62
N LEU G 490 -18.16 0.81 -63.96
CA LEU G 490 -18.83 1.93 -63.35
C LEU G 490 -20.19 2.17 -64.00
N LYS G 491 -21.18 2.46 -63.18
CA LYS G 491 -22.50 2.85 -63.68
C LYS G 491 -22.94 4.15 -63.02
N SER G 492 -23.53 5.04 -63.81
CA SER G 492 -24.02 6.31 -63.30
C SER G 492 -25.54 6.32 -63.36
N THR G 493 -26.20 6.06 -62.22
CA THR G 493 -27.66 6.06 -62.14
C THR G 493 -28.13 7.46 -61.73
N TRP G 494 -28.68 8.22 -62.66
CA TRP G 494 -29.10 9.58 -62.36
C TRP G 494 -30.62 9.63 -62.37
N ILE G 495 -31.21 9.94 -61.21
CA ILE G 495 -32.66 9.84 -60.98
C ILE G 495 -33.25 11.23 -60.75
N LYS G 496 -34.30 11.58 -61.51
CA LYS G 496 -35.03 12.82 -61.23
C LYS G 496 -36.15 12.59 -60.22
N LEU G 497 -36.36 13.59 -59.38
CA LEU G 497 -37.33 13.53 -58.30
C LEU G 497 -38.37 14.63 -58.45
N THR H 3 -31.68 -27.29 -30.35
CA THR H 3 -32.13 -26.15 -29.56
C THR H 3 -32.60 -26.60 -28.16
N LEU H 4 -32.26 -25.77 -27.18
CA LEU H 4 -32.50 -26.06 -25.78
C LEU H 4 -33.89 -25.65 -25.32
N THR H 5 -34.42 -26.41 -24.36
CA THR H 5 -35.73 -26.19 -23.77
C THR H 5 -35.67 -25.08 -22.73
N ARG H 6 -36.85 -24.67 -22.24
CA ARG H 6 -36.90 -23.74 -21.11
C ARG H 6 -36.16 -24.34 -19.91
N ALA H 7 -36.52 -25.57 -19.53
CA ALA H 7 -35.89 -26.19 -18.36
C ALA H 7 -34.37 -26.23 -18.50
N ASP H 8 -33.89 -26.54 -19.71
CA ASP H 8 -32.45 -26.59 -19.94
C ASP H 8 -31.81 -25.26 -19.57
N TRP H 9 -32.44 -24.14 -19.94
CA TRP H 9 -31.85 -22.85 -19.59
C TRP H 9 -31.93 -22.60 -18.07
N GLU H 10 -33.03 -23.02 -17.42
CA GLU H 10 -33.17 -22.82 -15.97
C GLU H 10 -32.08 -23.57 -15.22
N GLN H 11 -31.67 -24.73 -15.74
CA GLN H 11 -30.58 -25.49 -15.14
C GLN H 11 -29.22 -24.81 -15.39
N ARG H 12 -28.96 -24.41 -16.63
CA ARG H 12 -27.72 -23.70 -16.90
C ARG H 12 -27.59 -22.51 -15.97
N ALA H 13 -28.66 -21.73 -15.85
CA ALA H 13 -28.64 -20.53 -15.02
C ALA H 13 -28.36 -20.90 -13.58
N GLN H 14 -28.86 -22.05 -13.14
CA GLN H 14 -28.50 -22.53 -11.82
C GLN H 14 -27.01 -22.78 -11.71
N ASN H 15 -26.44 -23.43 -12.72
CA ASN H 15 -25.06 -23.90 -12.63
C ASN H 15 -24.02 -22.85 -13.01
N LEU H 16 -24.44 -21.61 -13.23
CA LEU H 16 -23.49 -20.57 -13.54
C LEU H 16 -22.62 -20.27 -12.34
N LYS H 17 -21.34 -20.05 -12.60
CA LYS H 17 -20.41 -19.37 -11.70
C LYS H 17 -20.10 -18.03 -12.33
N ILE H 18 -20.43 -16.95 -11.63
CA ILE H 18 -20.49 -15.60 -12.21
C ILE H 18 -19.39 -14.74 -11.60
N GLU H 19 -18.46 -14.29 -12.45
CA GLU H 19 -17.43 -13.35 -12.05
C GLU H 19 -18.07 -12.01 -11.76
N GLY H 20 -17.73 -11.42 -10.61
CA GLY H 20 -18.22 -10.09 -10.31
C GLY H 20 -17.11 -9.04 -10.16
N ARG H 21 -15.85 -9.49 -10.25
CA ARG H 21 -14.74 -8.60 -10.00
C ARG H 21 -14.48 -7.73 -11.22
N ALA H 22 -13.80 -6.62 -10.97
CA ALA H 22 -13.31 -5.75 -12.02
C ALA H 22 -12.11 -6.41 -12.74
N PHE H 23 -11.64 -5.76 -13.80
CA PHE H 23 -10.52 -6.28 -14.57
C PHE H 23 -9.58 -5.13 -14.91
N ILE H 24 -8.31 -5.25 -14.49
CA ILE H 24 -7.28 -4.21 -14.61
C ILE H 24 -5.91 -4.86 -14.78
N GLN H 25 -5.19 -4.48 -15.83
CA GLN H 25 -3.88 -5.02 -16.19
C GLN H 25 -3.90 -6.58 -16.16
N GLY H 26 -4.69 -7.13 -17.08
CA GLY H 26 -4.76 -8.56 -17.24
C GLY H 26 -5.31 -9.38 -16.09
N GLU H 27 -5.83 -8.77 -15.00
CA GLU H 27 -6.25 -9.57 -13.85
C GLU H 27 -7.55 -9.04 -13.25
N TYR H 28 -8.36 -9.98 -12.75
CA TYR H 28 -9.56 -9.61 -12.00
C TYR H 28 -9.18 -9.11 -10.62
N THR H 29 -9.94 -8.15 -10.12
CA THR H 29 -9.54 -7.49 -8.90
C THR H 29 -10.76 -6.89 -8.23
N ALA H 30 -10.65 -6.73 -6.92
CA ALA H 30 -11.66 -6.00 -6.20
C ALA H 30 -11.48 -4.51 -6.46
N ALA H 31 -12.51 -3.74 -6.11
CA ALA H 31 -12.36 -2.31 -6.02
C ALA H 31 -11.48 -1.97 -4.82
N ALA H 32 -10.68 -0.91 -4.98
CA ALA H 32 -9.74 -0.53 -3.92
C ALA H 32 -10.43 -0.41 -2.57
N SER H 33 -11.66 0.10 -2.56
CA SER H 33 -12.43 0.16 -1.31
C SER H 33 -12.84 -1.22 -0.82
N GLY H 34 -12.85 -2.23 -1.70
CA GLY H 34 -13.42 -3.52 -1.38
C GLY H 34 -14.95 -3.57 -1.37
N GLU H 35 -15.62 -2.43 -1.56
CA GLU H 35 -17.06 -2.42 -1.58
C GLU H 35 -17.58 -3.23 -2.76
N THR H 36 -18.82 -3.71 -2.63
CA THR H 36 -19.52 -4.37 -3.72
C THR H 36 -20.94 -3.84 -3.78
N PHE H 37 -21.60 -4.15 -4.90
CA PHE H 37 -23.04 -3.94 -4.99
C PHE H 37 -23.71 -5.21 -5.48
N ASP H 38 -25.00 -5.33 -5.20
CA ASP H 38 -25.75 -6.54 -5.49
C ASP H 38 -26.31 -6.51 -6.91
N CYS H 39 -25.99 -7.55 -7.67
CA CYS H 39 -26.58 -7.82 -8.99
C CYS H 39 -27.82 -8.68 -8.81
N ILE H 40 -29.00 -8.13 -9.11
CA ILE H 40 -30.25 -8.87 -8.95
C ILE H 40 -30.96 -8.95 -10.30
N SER H 41 -31.32 -10.18 -10.68
CA SER H 41 -31.96 -10.44 -11.98
C SER H 41 -33.39 -9.93 -12.03
N PRO H 42 -33.78 -9.18 -13.06
CA PRO H 42 -35.20 -8.84 -13.26
C PRO H 42 -36.09 -10.06 -13.54
N VAL H 43 -35.52 -11.23 -13.83
CA VAL H 43 -36.23 -12.44 -14.23
C VAL H 43 -37.13 -12.90 -13.09
N ASP H 44 -36.50 -13.30 -11.98
CA ASP H 44 -37.21 -13.77 -10.80
C ASP H 44 -36.89 -12.97 -9.54
N GLY H 45 -35.90 -12.08 -9.59
CA GLY H 45 -35.45 -11.35 -8.42
C GLY H 45 -34.26 -11.95 -7.69
N ARG H 46 -33.63 -12.99 -8.23
CA ARG H 46 -32.52 -13.63 -7.57
C ARG H 46 -31.22 -12.80 -7.64
N LEU H 47 -30.34 -13.08 -6.70
CA LEU H 47 -29.04 -12.44 -6.62
C LEU H 47 -28.06 -13.20 -7.50
N LEU H 48 -27.49 -12.52 -8.51
CA LEU H 48 -26.58 -13.17 -9.45
C LEU H 48 -25.18 -13.29 -8.88
N ALA H 49 -24.67 -12.22 -8.26
CA ALA H 49 -23.34 -12.13 -7.70
C ALA H 49 -23.19 -10.75 -7.08
N LYS H 50 -22.15 -10.61 -6.24
CA LYS H 50 -21.80 -9.34 -5.62
C LYS H 50 -20.70 -8.70 -6.46
N VAL H 51 -21.04 -7.62 -7.15
CA VAL H 51 -20.18 -6.98 -8.15
C VAL H 51 -19.30 -5.92 -7.50
N ALA H 52 -18.06 -5.84 -7.97
CA ALA H 52 -17.18 -4.75 -7.57
C ALA H 52 -17.83 -3.40 -7.84
N SER H 53 -17.82 -2.55 -6.80
CA SER H 53 -18.29 -1.17 -6.88
C SER H 53 -17.08 -0.26 -6.95
N CYS H 54 -16.72 0.17 -8.15
CA CYS H 54 -15.50 0.95 -8.32
C CYS H 54 -15.75 2.44 -8.11
N ASP H 55 -14.69 3.16 -7.74
CA ASP H 55 -14.76 4.61 -7.55
C ASP H 55 -13.53 5.24 -8.18
N ALA H 56 -13.33 6.52 -7.87
CA ALA H 56 -12.26 7.31 -8.49
C ALA H 56 -10.91 6.62 -8.39
N ALA H 57 -10.63 6.01 -7.24
CA ALA H 57 -9.36 5.35 -7.05
C ALA H 57 -9.15 4.29 -8.10
N ASP H 58 -10.09 3.34 -8.17
CA ASP H 58 -10.09 2.32 -9.21
C ASP H 58 -9.97 2.94 -10.60
N ALA H 59 -10.69 4.03 -10.85
CA ALA H 59 -10.54 4.74 -12.11
C ALA H 59 -9.07 5.13 -12.34
N GLN H 60 -8.44 5.79 -11.36
CA GLN H 60 -7.05 6.19 -11.55
C GLN H 60 -6.15 4.98 -11.81
N ARG H 61 -6.41 3.85 -11.14
CA ARG H 61 -5.59 2.66 -11.37
C ARG H 61 -5.70 2.22 -12.83
N ALA H 62 -6.92 2.19 -13.36
CA ALA H 62 -7.17 1.68 -14.71
C ALA H 62 -6.55 2.59 -15.78
N VAL H 63 -6.67 3.91 -15.61
CA VAL H 63 -6.09 4.82 -16.60
C VAL H 63 -4.58 4.65 -16.66
N GLU H 64 -3.93 4.49 -15.49
CA GLU H 64 -2.49 4.23 -15.48
C GLU H 64 -2.18 2.94 -16.23
N SER H 65 -2.99 1.90 -16.00
CA SER H 65 -2.83 0.67 -16.78
C SER H 65 -2.98 0.95 -18.27
N ALA H 66 -4.01 1.71 -18.63
CA ALA H 66 -4.26 1.98 -20.04
C ALA H 66 -3.11 2.77 -20.63
N ARG H 67 -2.73 3.84 -19.94
CA ARG H 67 -1.68 4.72 -20.45
C ARG H 67 -0.38 3.95 -20.63
N SER H 68 -0.10 3.07 -19.67
CA SER H 68 1.15 2.31 -19.72
C SER H 68 1.15 1.34 -20.89
N ALA H 69 0.05 0.60 -21.09
CA ALA H 69 -0.01 -0.34 -22.21
C ALA H 69 0.06 0.40 -23.54
N PHE H 70 -0.68 1.51 -23.67
CA PHE H 70 -0.58 2.30 -24.89
C PHE H 70 0.87 2.69 -25.17
N ASP H 71 1.53 3.31 -24.18
CA ASP H 71 2.88 3.84 -24.41
C ASP H 71 3.84 2.73 -24.80
N SER H 72 3.63 1.50 -24.29
CA SER H 72 4.50 0.38 -24.63
C SER H 72 4.37 -0.05 -26.08
N GLY H 73 3.24 0.25 -26.73
CA GLY H 73 3.06 -0.12 -28.11
C GLY H 73 2.71 -1.57 -28.38
N ALA H 74 2.55 -2.40 -27.34
CA ALA H 74 2.29 -3.83 -27.55
C ALA H 74 1.05 -4.06 -28.38
N TRP H 75 0.12 -3.11 -28.36
CA TRP H 75 -1.10 -3.10 -29.18
C TRP H 75 -1.11 -1.98 -30.18
N SER H 76 -0.80 -0.74 -29.76
CA SER H 76 -0.98 0.41 -30.64
C SER H 76 0.05 0.43 -31.78
N ARG H 77 1.22 -0.18 -31.60
CA ARG H 77 2.19 -0.26 -32.68
C ARG H 77 2.35 -1.70 -33.19
N LEU H 78 1.47 -2.60 -32.77
CA LEU H 78 1.43 -3.94 -33.32
C LEU H 78 0.84 -3.90 -34.73
N ALA H 79 1.48 -4.63 -35.64
CA ALA H 79 1.19 -4.53 -37.08
C ALA H 79 -0.32 -4.65 -37.36
N PRO H 80 -0.85 -3.86 -38.30
CA PRO H 80 -2.30 -3.83 -38.54
C PRO H 80 -2.88 -5.19 -38.94
N ALA H 81 -2.13 -6.01 -39.67
CA ALA H 81 -2.69 -7.32 -40.01
C ALA H 81 -2.84 -8.19 -38.76
N LYS H 82 -1.96 -7.97 -37.77
CA LYS H 82 -2.00 -8.74 -36.54
C LYS H 82 -3.12 -8.28 -35.61
N ARG H 83 -3.37 -6.97 -35.57
CA ARG H 83 -4.57 -6.51 -34.87
C ARG H 83 -5.84 -7.08 -35.51
N LYS H 84 -5.88 -7.15 -36.83
CA LYS H 84 -7.01 -7.79 -37.49
C LYS H 84 -7.20 -9.23 -37.00
N ALA H 85 -6.13 -10.04 -37.07
CA ALA H 85 -6.21 -11.44 -36.65
C ALA H 85 -6.70 -11.53 -35.21
N THR H 86 -6.14 -10.71 -34.33
CA THR H 86 -6.50 -10.77 -32.92
C THR H 86 -7.99 -10.44 -32.73
N MET H 87 -8.46 -9.31 -33.28
CA MET H 87 -9.87 -8.94 -33.12
C MET H 87 -10.79 -10.03 -33.67
N ILE H 88 -10.40 -10.72 -34.73
CA ILE H 88 -11.32 -11.74 -35.24
C ILE H 88 -11.34 -12.93 -34.29
N ARG H 89 -10.19 -13.27 -33.70
CA ARG H 89 -10.18 -14.30 -32.68
C ARG H 89 -11.06 -13.90 -31.50
N PHE H 90 -10.95 -12.63 -31.08
CA PHE H 90 -11.79 -12.07 -30.03
C PHE H 90 -13.27 -12.21 -30.35
N ALA H 91 -13.66 -11.82 -31.56
CA ALA H 91 -15.03 -12.05 -32.03
C ALA H 91 -15.44 -13.51 -31.86
N GLY H 92 -14.57 -14.43 -32.30
CA GLY H 92 -14.90 -15.83 -32.27
C GLY H 92 -14.98 -16.42 -30.87
N LEU H 93 -14.28 -15.83 -29.92
CA LEU H 93 -14.41 -16.33 -28.55
C LEU H 93 -15.79 -15.99 -27.98
N LEU H 94 -16.30 -14.79 -28.28
CA LEU H 94 -17.71 -14.50 -28.04
C LEU H 94 -18.60 -15.61 -28.60
N GLU H 95 -18.41 -15.99 -29.86
CA GLU H 95 -19.24 -17.03 -30.46
C GLU H 95 -19.00 -18.39 -29.80
N GLN H 96 -17.75 -18.69 -29.44
CA GLN H 96 -17.47 -19.95 -28.77
C GLN H 96 -18.28 -20.07 -27.50
N ASN H 97 -18.32 -18.99 -26.72
CA ASN H 97 -19.00 -18.90 -25.44
C ASN H 97 -20.39 -18.25 -25.56
N ALA H 98 -21.03 -18.38 -26.72
CA ALA H 98 -22.26 -17.65 -26.93
C ALA H 98 -23.34 -18.05 -25.94
N GLU H 99 -23.42 -19.35 -25.60
CA GLU H 99 -24.53 -19.76 -24.74
C GLU H 99 -24.35 -19.25 -23.31
N GLU H 100 -23.12 -19.29 -22.78
CA GLU H 100 -22.87 -18.62 -21.49
C GLU H 100 -23.17 -17.12 -21.56
N LEU H 101 -22.65 -16.43 -22.58
CA LEU H 101 -22.70 -14.97 -22.58
C LEU H 101 -24.13 -14.48 -22.76
N ALA H 102 -24.89 -15.15 -23.63
CA ALA H 102 -26.28 -14.75 -23.82
C ALA H 102 -27.06 -14.94 -22.53
N LEU H 103 -26.82 -16.07 -21.84
CA LEU H 103 -27.50 -16.35 -20.58
C LEU H 103 -27.17 -15.32 -19.49
N LEU H 104 -25.92 -14.86 -19.42
CA LEU H 104 -25.62 -13.73 -18.55
C LEU H 104 -26.40 -12.49 -18.98
N GLU H 105 -26.47 -12.20 -20.28
CA GLU H 105 -27.25 -11.06 -20.75
C GLU H 105 -28.72 -11.15 -20.32
N THR H 106 -29.35 -12.31 -20.50
CA THR H 106 -30.76 -12.41 -20.12
C THR H 106 -30.91 -12.30 -18.60
N LEU H 107 -30.07 -13.00 -17.82
CA LEU H 107 -30.20 -12.91 -16.37
C LEU H 107 -29.95 -11.50 -15.85
N ASP H 108 -29.14 -10.72 -16.52
CA ASP H 108 -28.72 -9.49 -15.87
C ASP H 108 -29.71 -8.34 -16.09
N MET H 109 -30.33 -8.28 -17.27
CA MET H 109 -31.22 -7.17 -17.57
C MET H 109 -32.58 -7.60 -18.10
N GLY H 110 -32.81 -8.92 -18.27
CA GLY H 110 -34.14 -9.48 -18.38
C GLY H 110 -34.71 -9.65 -19.79
N LYS H 111 -33.90 -9.43 -20.85
CA LYS H 111 -34.39 -9.67 -22.21
C LYS H 111 -34.50 -11.17 -22.52
N PRO H 112 -35.35 -11.55 -23.45
CA PRO H 112 -35.54 -12.99 -23.73
C PRO H 112 -34.24 -13.65 -24.16
N ILE H 113 -34.06 -14.88 -23.68
CA ILE H 113 -32.84 -15.63 -23.97
C ILE H 113 -32.68 -15.81 -25.48
N SER H 114 -33.78 -15.99 -26.21
CA SER H 114 -33.67 -16.16 -27.65
C SER H 114 -33.12 -14.91 -28.34
N ASP H 115 -33.53 -13.71 -27.89
CA ASP H 115 -32.94 -12.48 -28.42
C ASP H 115 -31.46 -12.42 -28.10
N SER H 116 -31.10 -12.78 -26.86
CA SER H 116 -29.70 -12.73 -26.45
C SER H 116 -28.85 -13.64 -27.32
N LEU H 117 -29.23 -14.91 -27.40
CA LEU H 117 -28.54 -15.86 -28.24
C LEU H 117 -28.52 -15.43 -29.72
N GLY H 118 -29.60 -14.81 -30.21
CA GLY H 118 -29.74 -14.63 -31.64
C GLY H 118 -29.55 -13.23 -32.16
N VAL H 119 -29.41 -12.24 -31.29
CA VAL H 119 -29.21 -10.87 -31.77
C VAL H 119 -28.02 -10.21 -31.08
N ASP H 120 -28.03 -10.20 -29.73
CA ASP H 120 -26.96 -9.52 -28.99
C ASP H 120 -25.60 -10.15 -29.25
N ILE H 121 -25.43 -11.41 -28.84
CA ILE H 121 -24.15 -12.09 -29.01
C ILE H 121 -23.70 -12.02 -30.47
N PRO H 122 -24.47 -12.52 -31.44
CA PRO H 122 -24.04 -12.35 -32.84
C PRO H 122 -23.69 -10.92 -33.19
N GLY H 123 -24.47 -9.95 -32.70
CA GLY H 123 -24.25 -8.57 -33.10
C GLY H 123 -22.93 -8.04 -32.60
N GLY H 124 -22.54 -8.44 -31.39
CA GLY H 124 -21.29 -7.95 -30.84
C GLY H 124 -20.07 -8.59 -31.47
N ALA H 125 -20.13 -9.91 -31.68
CA ALA H 125 -19.02 -10.57 -32.34
C ALA H 125 -18.89 -10.06 -33.77
N ARG H 126 -20.02 -9.74 -34.40
CA ARG H 126 -19.98 -9.15 -35.74
C ARG H 126 -19.27 -7.79 -35.71
N ALA H 127 -19.64 -6.91 -34.76
CA ALA H 127 -18.96 -5.63 -34.59
C ALA H 127 -17.46 -5.78 -34.36
N LEU H 128 -17.07 -6.73 -33.51
CA LEU H 128 -15.65 -7.01 -33.32
C LEU H 128 -15.01 -7.55 -34.59
N SER H 129 -15.62 -8.57 -35.21
CA SER H 129 -15.01 -9.20 -36.37
C SER H 129 -14.91 -8.24 -37.54
N TRP H 130 -15.92 -7.38 -37.69
CA TRP H 130 -15.98 -6.50 -38.86
C TRP H 130 -14.93 -5.40 -38.78
N SER H 131 -14.85 -4.72 -37.63
CA SER H 131 -13.85 -3.69 -37.44
C SER H 131 -12.43 -4.27 -37.55
N GLY H 132 -12.23 -5.50 -37.08
CA GLY H 132 -10.95 -6.15 -37.30
C GLY H 132 -10.64 -6.31 -38.77
N GLU H 133 -11.57 -6.95 -39.52
CA GLU H 133 -11.38 -7.13 -40.96
C GLU H 133 -10.99 -5.83 -41.66
N ALA H 134 -11.42 -4.68 -41.13
CA ALA H 134 -11.37 -3.43 -41.88
C ALA H 134 -10.05 -2.67 -41.75
N ILE H 135 -9.32 -2.86 -40.63
CA ILE H 135 -8.04 -2.19 -40.42
C ILE H 135 -7.16 -2.28 -41.66
N ASP H 136 -6.96 -3.51 -42.15
CA ASP H 136 -6.17 -3.77 -43.34
C ASP H 136 -6.59 -2.95 -44.54
N LYS H 137 -7.87 -2.59 -44.63
CA LYS H 137 -8.44 -2.08 -45.87
C LYS H 137 -8.59 -0.58 -45.88
N LEU H 138 -8.27 0.10 -44.77
CA LEU H 138 -8.30 1.55 -44.65
C LEU H 138 -7.03 2.17 -45.23
N TYR H 139 -7.18 3.37 -45.79
CA TYR H 139 -6.03 4.08 -46.34
C TYR H 139 -6.11 5.55 -45.95
N ASP H 140 -4.97 6.10 -45.53
CA ASP H 140 -4.83 7.53 -45.26
C ASP H 140 -4.55 8.24 -46.58
N GLU H 141 -4.18 9.52 -46.56
CA GLU H 141 -4.10 10.31 -47.80
C GLU H 141 -2.73 10.94 -48.01
N VAL H 142 -2.39 11.13 -49.29
CA VAL H 142 -1.25 11.96 -49.71
C VAL H 142 -1.81 13.14 -50.49
N ALA H 143 -1.43 14.36 -50.10
CA ALA H 143 -2.01 15.55 -50.71
C ALA H 143 -1.38 15.84 -52.07
N ALA H 144 -2.10 16.63 -52.87
CA ALA H 144 -1.51 17.21 -54.08
C ALA H 144 -0.70 18.43 -53.65
N THR H 145 0.62 18.31 -53.79
CA THR H 145 1.55 19.29 -53.27
C THR H 145 2.55 19.63 -54.37
N PRO H 146 3.27 20.74 -54.25
CA PRO H 146 4.32 21.05 -55.20
C PRO H 146 5.40 19.97 -55.20
N HIS H 147 6.21 19.98 -56.27
CA HIS H 147 7.22 18.95 -56.47
C HIS H 147 8.13 18.79 -55.27
N ASP H 148 8.44 19.87 -54.55
CA ASP H 148 9.39 19.81 -53.46
C ASP H 148 8.71 19.62 -52.11
N GLN H 149 7.49 19.13 -52.11
CA GLN H 149 6.77 18.83 -50.88
C GLN H 149 6.16 17.45 -50.96
N LEU H 150 6.02 16.81 -49.81
CA LEU H 150 5.24 15.58 -49.65
C LEU H 150 4.36 15.74 -48.42
N GLY H 151 3.04 15.73 -48.63
CA GLY H 151 2.13 15.98 -47.54
C GLY H 151 1.29 14.77 -47.18
N LEU H 152 1.55 14.22 -46.00
CA LEU H 152 0.80 13.08 -45.52
C LEU H 152 -0.29 13.52 -44.55
N VAL H 153 -1.46 12.91 -44.68
CA VAL H 153 -2.56 13.10 -43.75
C VAL H 153 -2.89 11.72 -43.23
N THR H 154 -2.41 11.41 -42.02
CA THR H 154 -2.60 10.09 -41.45
C THR H 154 -3.42 10.19 -40.17
N ARG H 155 -3.92 9.04 -39.74
CA ARG H 155 -4.67 8.94 -38.51
C ARG H 155 -3.89 8.06 -37.55
N GLU H 156 -3.90 8.45 -36.29
CA GLU H 156 -3.22 7.79 -35.18
C GLU H 156 -4.23 7.53 -34.08
N PRO H 157 -4.09 6.42 -33.35
CA PRO H 157 -4.93 6.21 -32.16
C PRO H 157 -4.79 7.38 -31.22
N VAL H 158 -5.89 7.76 -30.56
CA VAL H 158 -5.86 8.94 -29.69
C VAL H 158 -5.03 8.69 -28.45
N GLY H 159 -5.14 7.50 -27.88
CA GLY H 159 -4.51 7.16 -26.62
C GLY H 159 -5.42 6.32 -25.75
N VAL H 160 -5.99 6.94 -24.73
CA VAL H 160 -6.84 6.23 -23.80
C VAL H 160 -8.29 6.64 -24.00
N VAL H 161 -9.16 5.65 -24.15
CA VAL H 161 -10.58 5.84 -24.43
C VAL H 161 -11.38 5.32 -23.25
N ALA H 162 -12.21 6.18 -22.68
CA ALA H 162 -13.22 5.75 -21.72
C ALA H 162 -14.52 5.43 -22.46
N ALA H 163 -15.05 4.24 -22.23
CA ALA H 163 -16.23 3.74 -22.91
C ALA H 163 -17.31 3.45 -21.87
N ILE H 164 -18.27 4.36 -21.74
CA ILE H 164 -19.40 4.20 -20.81
C ILE H 164 -20.63 3.81 -21.62
N VAL H 165 -21.26 2.69 -21.25
CA VAL H 165 -22.26 2.04 -22.10
C VAL H 165 -23.48 1.70 -21.26
N PRO H 166 -24.64 1.48 -21.91
CA PRO H 166 -25.89 1.26 -21.16
C PRO H 166 -26.25 -0.20 -20.95
N TRP H 167 -27.50 -0.45 -20.55
CA TRP H 167 -27.95 -1.80 -20.22
C TRP H 167 -28.97 -2.38 -21.20
N ASN H 168 -29.42 -1.64 -22.20
CA ASN H 168 -30.44 -2.21 -23.09
C ASN H 168 -29.85 -3.28 -24.01
N PHE H 169 -28.59 -3.10 -24.44
CA PHE H 169 -27.86 -4.07 -25.26
C PHE H 169 -26.43 -4.11 -24.77
N PRO H 170 -26.21 -4.64 -23.57
CA PRO H 170 -24.90 -4.42 -22.88
C PRO H 170 -23.69 -4.94 -23.64
N LEU H 171 -23.69 -6.21 -24.06
CA LEU H 171 -22.56 -6.73 -24.81
C LEU H 171 -22.47 -6.11 -26.20
N MET H 172 -23.60 -6.08 -26.94
CA MET H 172 -23.55 -5.53 -28.28
C MET H 172 -23.03 -4.10 -28.25
N MET H 173 -23.62 -3.26 -27.40
CA MET H 173 -23.26 -1.85 -27.40
C MET H 173 -21.82 -1.62 -26.97
N ALA H 174 -21.32 -2.43 -26.03
CA ALA H 174 -19.89 -2.36 -25.70
C ALA H 174 -19.04 -2.75 -26.91
N CYS H 175 -19.47 -3.77 -27.66
CA CYS H 175 -18.73 -4.16 -28.85
C CYS H 175 -18.78 -3.09 -29.92
N TRP H 176 -19.92 -2.38 -30.04
CA TRP H 176 -19.99 -1.26 -30.97
C TRP H 176 -18.91 -0.24 -30.65
N LYS H 177 -18.67 0.01 -29.36
CA LYS H 177 -17.58 0.88 -28.96
C LYS H 177 -16.24 0.16 -29.10
N LEU H 178 -16.15 -1.07 -28.58
CA LEU H 178 -14.87 -1.76 -28.46
C LEU H 178 -14.24 -2.04 -29.82
N GLY H 179 -15.07 -2.44 -30.79
CA GLY H 179 -14.62 -2.86 -32.10
C GLY H 179 -13.66 -1.86 -32.72
N PRO H 180 -14.17 -0.66 -33.03
CA PRO H 180 -13.30 0.34 -33.65
C PRO H 180 -12.24 0.90 -32.70
N ALA H 181 -12.54 1.07 -31.42
CA ALA H 181 -11.55 1.63 -30.52
C ALA H 181 -10.34 0.70 -30.38
N LEU H 182 -10.60 -0.58 -30.07
CA LEU H 182 -9.54 -1.56 -29.98
C LEU H 182 -8.81 -1.72 -31.29
N SER H 183 -9.55 -1.64 -32.40
CA SER H 183 -8.93 -1.87 -33.71
C SER H 183 -7.92 -0.79 -34.05
N THR H 184 -8.25 0.47 -33.76
CA THR H 184 -7.33 1.55 -34.14
C THR H 184 -6.07 1.56 -33.30
N GLY H 185 -5.98 0.73 -32.27
CA GLY H 185 -4.78 0.65 -31.46
C GLY H 185 -4.88 1.26 -30.08
N ASN H 186 -6.03 1.83 -29.71
CA ASN H 186 -6.17 2.52 -28.44
C ASN H 186 -6.28 1.54 -27.29
N SER H 187 -6.02 2.04 -26.07
CA SER H 187 -6.37 1.32 -24.85
C SER H 187 -7.72 1.82 -24.34
N VAL H 188 -8.56 0.91 -23.86
CA VAL H 188 -9.94 1.23 -23.54
C VAL H 188 -10.23 0.83 -22.11
N VAL H 189 -10.78 1.77 -21.36
CA VAL H 189 -11.35 1.49 -20.06
C VAL H 189 -12.85 1.51 -20.25
N LEU H 190 -13.51 0.42 -19.87
CA LEU H 190 -14.91 0.19 -20.21
C LEU H 190 -15.71 0.16 -18.92
N LYS H 191 -16.58 1.15 -18.75
CA LYS H 191 -17.44 1.17 -17.58
C LYS H 191 -18.85 0.75 -17.99
N PRO H 192 -19.30 -0.44 -17.63
CA PRO H 192 -20.61 -0.92 -18.08
C PRO H 192 -21.70 -0.35 -17.19
N SER H 193 -22.94 -0.65 -17.55
CA SER H 193 -24.02 -0.20 -16.69
C SER H 193 -24.01 -0.92 -15.35
N GLU H 194 -24.48 -0.20 -14.34
CA GLU H 194 -24.70 -0.80 -13.02
C GLU H 194 -25.83 -1.81 -13.07
N LYS H 195 -26.76 -1.65 -14.01
CA LYS H 195 -27.84 -2.59 -14.19
C LYS H 195 -27.41 -3.80 -15.00
N SER H 196 -26.21 -3.78 -15.59
CA SER H 196 -25.79 -4.84 -16.50
C SER H 196 -24.27 -5.00 -16.56
N PRO H 197 -23.62 -5.33 -15.45
CA PRO H 197 -22.16 -5.48 -15.48
C PRO H 197 -21.64 -6.85 -15.95
N LEU H 198 -22.48 -7.89 -15.97
CA LEU H 198 -21.95 -9.25 -16.01
C LEU H 198 -21.20 -9.55 -17.32
N THR H 199 -21.76 -9.19 -18.46
CA THR H 199 -21.13 -9.55 -19.73
C THR H 199 -19.77 -8.87 -19.90
N ALA H 200 -19.71 -7.53 -19.70
CA ALA H 200 -18.44 -6.82 -19.82
C ALA H 200 -17.36 -7.39 -18.89
N ILE H 201 -17.76 -7.85 -17.70
CA ILE H 201 -16.83 -8.50 -16.78
C ILE H 201 -16.28 -9.77 -17.39
N ARG H 202 -17.17 -10.60 -17.95
CA ARG H 202 -16.75 -11.88 -18.49
C ARG H 202 -15.82 -11.71 -19.68
N ILE H 203 -16.10 -10.75 -20.57
CA ILE H 203 -15.37 -10.73 -21.84
C ILE H 203 -13.94 -10.25 -21.62
N ALA H 204 -13.68 -9.63 -20.48
CA ALA H 204 -12.32 -9.15 -20.21
C ALA H 204 -11.30 -10.26 -20.26
N GLN H 205 -11.59 -11.43 -19.65
CA GLN H 205 -10.69 -12.56 -19.84
C GLN H 205 -10.64 -12.98 -21.31
N LEU H 206 -11.80 -13.03 -21.97
CA LEU H 206 -11.86 -13.42 -23.37
C LEU H 206 -10.92 -12.60 -24.25
N ALA H 207 -10.83 -11.29 -24.01
CA ALA H 207 -9.91 -10.48 -24.78
C ALA H 207 -8.47 -10.90 -24.50
N ILE H 208 -8.12 -11.03 -23.22
CA ILE H 208 -6.81 -11.56 -22.84
C ILE H 208 -6.57 -12.90 -23.53
N GLU H 209 -7.59 -13.76 -23.55
CA GLU H 209 -7.48 -15.07 -24.18
C GLU H 209 -7.17 -14.95 -25.68
N ALA H 210 -7.68 -13.91 -26.34
CA ALA H 210 -7.56 -13.82 -27.78
C ALA H 210 -6.28 -13.15 -28.25
N GLY H 211 -5.46 -12.64 -27.33
CA GLY H 211 -4.24 -11.96 -27.68
C GLY H 211 -4.22 -10.48 -27.36
N ILE H 212 -5.32 -9.92 -26.86
CA ILE H 212 -5.31 -8.53 -26.41
C ILE H 212 -4.34 -8.41 -25.25
N PRO H 213 -3.36 -7.52 -25.32
CA PRO H 213 -2.38 -7.42 -24.23
C PRO H 213 -2.99 -6.92 -22.92
N ALA H 214 -2.31 -7.30 -21.84
CA ALA H 214 -2.67 -6.81 -20.52
C ALA H 214 -2.69 -5.29 -20.54
N GLY H 215 -3.65 -4.71 -19.85
CA GLY H 215 -3.76 -3.26 -19.79
C GLY H 215 -4.51 -2.63 -20.94
N VAL H 216 -4.64 -3.33 -22.07
CA VAL H 216 -5.27 -2.70 -23.23
C VAL H 216 -6.79 -2.62 -23.05
N LEU H 217 -7.40 -3.61 -22.42
CA LEU H 217 -8.83 -3.53 -22.11
C LEU H 217 -9.05 -3.78 -20.62
N ASN H 218 -9.41 -2.71 -19.91
CA ASN H 218 -9.79 -2.77 -18.51
C ASN H 218 -11.27 -2.45 -18.36
N VAL H 219 -11.91 -3.13 -17.39
CA VAL H 219 -13.35 -3.05 -17.16
C VAL H 219 -13.60 -2.62 -15.70
N LEU H 220 -14.32 -1.52 -15.51
CA LEU H 220 -14.66 -1.06 -14.16
C LEU H 220 -16.16 -1.04 -13.95
N PRO H 221 -16.72 -2.08 -13.34
CA PRO H 221 -18.13 -2.01 -12.92
C PRO H 221 -18.28 -1.04 -11.76
N GLY H 222 -19.50 -0.57 -11.55
CA GLY H 222 -19.73 0.43 -10.52
C GLY H 222 -20.73 1.45 -11.00
N TYR H 223 -20.86 2.54 -10.24
CA TYR H 223 -21.96 3.48 -10.45
C TYR H 223 -21.53 4.64 -11.35
N GLY H 224 -22.50 5.22 -12.04
CA GLY H 224 -22.20 6.34 -12.94
C GLY H 224 -21.64 7.53 -12.19
N HIS H 225 -22.34 7.96 -11.12
CA HIS H 225 -21.90 9.12 -10.36
C HIS H 225 -20.58 8.88 -9.62
N THR H 226 -20.03 7.67 -9.63
CA THR H 226 -18.75 7.44 -8.97
C THR H 226 -17.64 7.14 -9.97
N VAL H 227 -17.51 5.88 -10.38
CA VAL H 227 -16.43 5.52 -11.28
C VAL H 227 -16.66 6.12 -12.68
N GLY H 228 -17.93 6.30 -13.06
CA GLY H 228 -18.20 6.81 -14.39
C GLY H 228 -17.83 8.28 -14.51
N LYS H 229 -18.38 9.09 -13.60
CA LYS H 229 -18.00 10.51 -13.50
C LYS H 229 -16.48 10.66 -13.37
N ALA H 230 -15.84 9.80 -12.57
CA ALA H 230 -14.39 9.93 -12.36
C ALA H 230 -13.63 9.83 -13.68
N LEU H 231 -13.97 8.80 -14.49
CA LEU H 231 -13.43 8.65 -15.84
C LEU H 231 -13.71 9.88 -16.69
N ALA H 232 -14.98 10.30 -16.75
CA ALA H 232 -15.29 11.47 -17.56
C ALA H 232 -14.57 12.71 -17.05
N LEU H 233 -14.15 12.70 -15.78
CA LEU H 233 -13.44 13.83 -15.20
C LEU H 233 -11.94 13.65 -15.20
N HIS H 234 -11.44 12.48 -15.63
CA HIS H 234 -10.02 12.20 -15.57
C HIS H 234 -9.23 13.06 -16.53
N MET H 235 -8.03 13.45 -16.09
CA MET H 235 -7.19 14.35 -16.85
C MET H 235 -6.26 13.63 -17.84
N ASP H 236 -6.20 12.32 -17.82
CA ASP H 236 -5.32 11.59 -18.73
C ASP H 236 -6.11 10.66 -19.65
N VAL H 237 -7.44 10.77 -19.64
CA VAL H 237 -8.29 10.14 -20.65
C VAL H 237 -8.45 11.09 -21.82
N ASP H 238 -8.15 10.60 -23.05
CA ASP H 238 -8.16 11.47 -24.22
C ASP H 238 -9.56 11.64 -24.83
N THR H 239 -10.32 10.57 -24.91
CA THR H 239 -11.64 10.54 -25.51
C THR H 239 -12.57 9.78 -24.57
N VAL H 240 -13.80 10.23 -24.47
CA VAL H 240 -14.84 9.44 -23.82
C VAL H 240 -15.96 9.20 -24.82
N VAL H 241 -16.43 7.96 -24.88
CA VAL H 241 -17.55 7.59 -25.74
C VAL H 241 -18.65 7.05 -24.86
N PHE H 242 -19.88 7.31 -25.28
CA PHE H 242 -21.01 7.21 -24.37
C PHE H 242 -22.25 6.83 -25.15
N THR H 243 -23.13 6.10 -24.47
CA THR H 243 -24.45 5.75 -24.96
C THR H 243 -25.33 5.64 -23.73
N GLY H 244 -26.30 6.55 -23.61
CA GLY H 244 -27.22 6.56 -22.49
C GLY H 244 -28.23 7.69 -22.55
N SER H 245 -28.60 8.19 -21.37
CA SER H 245 -29.59 9.27 -21.30
C SER H 245 -29.05 10.56 -21.89
N THR H 246 -29.92 11.29 -22.58
CA THR H 246 -29.56 12.62 -23.02
C THR H 246 -29.15 13.51 -21.86
N LYS H 247 -29.68 13.27 -20.65
CA LYS H 247 -29.21 14.06 -19.51
C LYS H 247 -27.74 13.79 -19.21
N ILE H 248 -27.38 12.52 -19.10
CA ILE H 248 -25.99 12.20 -18.77
C ILE H 248 -25.07 12.55 -19.93
N ALA H 249 -25.52 12.40 -21.17
CA ALA H 249 -24.72 12.86 -22.30
C ALA H 249 -24.36 14.33 -22.13
N LYS H 250 -25.36 15.17 -21.86
CA LYS H 250 -25.12 16.59 -21.61
C LYS H 250 -24.11 16.78 -20.48
N GLN H 251 -24.23 15.97 -19.42
CA GLN H 251 -23.34 16.13 -18.26
C GLN H 251 -21.89 15.81 -18.63
N LEU H 252 -21.68 14.77 -19.45
CA LEU H 252 -20.32 14.40 -19.84
C LEU H 252 -19.60 15.54 -20.57
N MET H 253 -20.32 16.31 -21.40
CA MET H 253 -19.68 17.45 -22.05
C MET H 253 -19.20 18.46 -21.02
N ILE H 254 -20.02 18.73 -20.00
CA ILE H 254 -19.58 19.58 -18.91
C ILE H 254 -18.31 19.00 -18.29
N TYR H 255 -18.36 17.72 -17.92
CA TYR H 255 -17.21 17.07 -17.32
C TYR H 255 -15.97 17.31 -18.15
N ALA H 256 -16.07 17.06 -19.46
CA ALA H 256 -14.94 17.30 -20.36
C ALA H 256 -14.44 18.73 -20.28
N GLY H 257 -15.34 19.71 -20.23
CA GLY H 257 -14.90 21.09 -20.15
C GLY H 257 -14.32 21.47 -18.79
N GLU H 258 -14.77 20.80 -17.74
CA GLU H 258 -14.21 21.01 -16.41
C GLU H 258 -12.83 20.38 -16.26
N SER H 259 -12.48 19.37 -17.06
CA SER H 259 -11.21 18.68 -16.87
C SER H 259 -10.22 19.04 -17.97
N ASN H 260 -9.93 18.08 -18.87
CA ASN H 260 -8.85 18.16 -19.85
C ASN H 260 -9.34 18.45 -21.26
N MET H 261 -10.58 18.92 -21.40
CA MET H 261 -11.20 19.18 -22.70
C MET H 261 -11.03 17.97 -23.63
N LYS H 262 -11.23 16.77 -23.04
CA LYS H 262 -11.21 15.56 -23.85
C LYS H 262 -12.30 15.59 -24.92
N ARG H 263 -12.21 14.64 -25.84
CA ARG H 263 -13.23 14.46 -26.88
C ARG H 263 -14.44 13.74 -26.31
N VAL H 264 -15.62 14.24 -26.66
CA VAL H 264 -16.90 13.69 -26.23
C VAL H 264 -17.66 13.17 -27.46
N TRP H 265 -18.01 11.89 -27.43
CA TRP H 265 -18.84 11.31 -28.48
C TRP H 265 -20.05 10.63 -27.82
N LEU H 266 -21.23 11.18 -28.09
CA LEU H 266 -22.45 10.76 -27.42
C LEU H 266 -23.43 10.12 -28.37
N GLU H 267 -24.06 9.06 -27.88
CA GLU H 267 -25.25 8.44 -28.47
C GLU H 267 -26.33 8.50 -27.39
N ALA H 268 -27.28 9.43 -27.51
CA ALA H 268 -28.37 9.57 -26.56
C ALA H 268 -29.68 8.99 -27.13
N GLY H 269 -30.80 9.31 -26.51
CA GLY H 269 -32.06 8.69 -26.85
C GLY H 269 -32.71 9.28 -28.10
N GLY H 270 -33.95 8.85 -28.32
CA GLY H 270 -34.70 9.29 -29.49
C GLY H 270 -36.20 9.16 -29.29
N LYS H 271 -36.93 9.85 -30.16
CA LYS H 271 -38.40 9.76 -30.26
C LYS H 271 -38.71 9.58 -31.75
N SER H 272 -38.46 8.35 -32.27
CA SER H 272 -38.28 8.17 -33.71
C SER H 272 -39.62 7.97 -34.42
N PRO H 273 -39.87 8.70 -35.50
CA PRO H 273 -41.17 8.59 -36.19
C PRO H 273 -41.23 7.44 -37.20
N ASN H 274 -42.28 6.63 -37.11
CA ASN H 274 -42.64 5.67 -38.15
C ASN H 274 -43.75 6.29 -38.99
N ILE H 275 -43.46 6.59 -40.27
CA ILE H 275 -44.42 7.25 -41.17
C ILE H 275 -44.91 6.23 -42.18
N VAL H 276 -46.20 5.90 -42.13
CA VAL H 276 -46.81 4.97 -43.08
C VAL H 276 -47.70 5.77 -43.99
N PHE H 277 -47.41 5.73 -45.28
CA PHE H 277 -48.21 6.38 -46.32
C PHE H 277 -49.22 5.41 -46.90
N ALA H 278 -50.32 5.95 -47.45
CA ALA H 278 -51.34 5.09 -48.04
C ALA H 278 -50.76 4.18 -49.13
N ASP H 279 -49.80 4.67 -49.92
CA ASP H 279 -49.26 3.86 -51.00
C ASP H 279 -48.11 2.95 -50.57
N ALA H 280 -48.08 2.50 -49.31
CA ALA H 280 -47.04 1.56 -48.88
C ALA H 280 -47.20 0.23 -49.63
N PRO H 281 -46.11 -0.35 -50.13
CA PRO H 281 -46.25 -1.56 -50.97
C PRO H 281 -46.87 -2.74 -50.25
N ASP H 282 -46.50 -3.00 -48.99
CA ASP H 282 -47.06 -4.11 -48.22
C ASP H 282 -47.57 -3.56 -46.90
N LEU H 283 -48.87 -3.26 -46.83
CA LEU H 283 -49.45 -2.76 -45.58
C LEU H 283 -49.18 -3.70 -44.40
N GLN H 284 -49.35 -5.02 -44.60
CA GLN H 284 -49.19 -5.95 -43.48
C GLN H 284 -47.74 -5.99 -43.00
N ALA H 285 -46.78 -5.81 -43.91
CA ALA H 285 -45.39 -5.68 -43.52
C ALA H 285 -45.18 -4.44 -42.65
N ALA H 286 -45.82 -3.34 -43.02
CA ALA H 286 -45.70 -2.11 -42.21
C ALA H 286 -46.25 -2.34 -40.80
N ALA H 287 -47.48 -2.86 -40.69
CA ALA H 287 -48.06 -3.14 -39.37
C ALA H 287 -47.14 -4.01 -38.53
N ASP H 288 -46.65 -5.11 -39.11
CA ASP H 288 -45.84 -6.05 -38.36
C ASP H 288 -44.56 -5.39 -37.89
N SER H 289 -43.93 -4.60 -38.76
CA SER H 289 -42.74 -3.87 -38.34
C SER H 289 -43.09 -2.74 -37.39
N ALA H 290 -44.20 -2.03 -37.66
CA ALA H 290 -44.67 -1.03 -36.73
C ALA H 290 -44.75 -1.60 -35.32
N ALA H 291 -45.34 -2.79 -35.20
CA ALA H 291 -45.42 -3.45 -33.90
C ALA H 291 -44.04 -3.84 -33.40
N SER H 292 -43.28 -4.58 -34.22
CA SER H 292 -41.90 -4.92 -33.90
C SER H 292 -41.10 -3.69 -33.42
N ALA H 293 -41.37 -2.51 -34.00
CA ALA H 293 -40.60 -1.31 -33.70
C ALA H 293 -40.80 -0.81 -32.27
N ILE H 294 -41.85 -1.24 -31.59
CA ILE H 294 -42.13 -0.75 -30.24
C ILE H 294 -42.05 -1.92 -29.26
N ALA H 295 -42.33 -3.14 -29.74
CA ALA H 295 -42.41 -4.30 -28.86
C ALA H 295 -41.05 -4.95 -28.60
N PHE H 296 -40.15 -4.92 -29.58
CA PHE H 296 -38.92 -5.70 -29.49
C PHE H 296 -38.02 -5.16 -28.40
N ASN H 297 -37.44 -6.08 -27.61
CA ASN H 297 -36.68 -5.73 -26.40
C ASN H 297 -37.47 -4.79 -25.47
N GLN H 298 -38.78 -5.02 -25.38
CA GLN H 298 -39.68 -4.36 -24.44
C GLN H 298 -39.72 -2.84 -24.64
N GLY H 299 -39.54 -2.37 -25.87
CA GLY H 299 -39.43 -0.95 -26.14
C GLY H 299 -38.22 -0.25 -25.54
N GLU H 300 -37.42 -0.95 -24.73
CA GLU H 300 -36.17 -0.45 -24.20
C GLU H 300 -35.14 -0.32 -25.33
N VAL H 301 -35.47 0.50 -26.33
CA VAL H 301 -34.63 0.66 -27.51
C VAL H 301 -34.60 2.14 -27.86
N ALA H 302 -33.40 2.67 -28.09
CA ALA H 302 -33.30 4.08 -28.46
C ALA H 302 -33.98 4.37 -29.80
N THR H 303 -33.82 3.47 -30.78
CA THR H 303 -34.41 3.65 -32.09
C THR H 303 -35.80 3.09 -32.21
N ALA H 304 -36.42 2.69 -31.08
CA ALA H 304 -37.81 2.24 -31.10
C ALA H 304 -38.68 3.20 -31.90
N GLY H 305 -39.62 2.63 -32.65
CA GLY H 305 -40.62 3.39 -33.36
C GLY H 305 -41.75 3.81 -32.44
N SER H 306 -41.53 4.87 -31.66
CA SER H 306 -42.44 5.24 -30.60
C SER H 306 -43.58 6.15 -31.08
N ARG H 307 -43.44 6.79 -32.24
CA ARG H 307 -44.54 7.57 -32.83
C ARG H 307 -44.89 6.96 -34.18
N LEU H 308 -46.06 6.36 -34.26
CA LEU H 308 -46.59 5.86 -35.53
C LEU H 308 -47.36 6.98 -36.21
N LEU H 309 -46.95 7.36 -37.42
CA LEU H 309 -47.55 8.44 -38.17
C LEU H 309 -48.25 7.86 -39.40
N VAL H 310 -49.58 7.92 -39.42
CA VAL H 310 -50.36 7.25 -40.45
C VAL H 310 -51.20 8.28 -41.21
N GLU H 311 -51.17 8.18 -42.55
CA GLU H 311 -52.13 8.91 -43.38
C GLU H 311 -53.55 8.53 -42.96
N ARG H 312 -54.44 9.55 -42.84
CA ARG H 312 -55.79 9.24 -42.36
C ARG H 312 -56.55 8.32 -43.30
N SER H 313 -56.28 8.42 -44.60
CA SER H 313 -56.99 7.61 -45.60
C SER H 313 -56.97 6.15 -45.24
N ILE H 314 -55.90 5.68 -44.60
CA ILE H 314 -55.74 4.28 -44.24
C ILE H 314 -55.69 4.06 -42.73
N LYS H 315 -55.96 5.09 -41.93
CA LYS H 315 -55.80 4.93 -40.49
C LYS H 315 -56.82 3.96 -39.91
N ASP H 316 -58.08 4.04 -40.37
CA ASP H 316 -59.12 3.12 -39.88
C ASP H 316 -58.84 1.68 -40.28
N ARG H 317 -58.15 1.48 -41.41
CA ARG H 317 -57.86 0.12 -41.85
C ARG H 317 -56.61 -0.43 -41.19
N PHE H 318 -55.63 0.44 -40.93
CA PHE H 318 -54.28 0.06 -40.54
C PHE H 318 -54.14 -0.12 -39.04
N LEU H 319 -54.79 0.75 -38.27
CA LEU H 319 -54.64 0.68 -36.82
C LEU H 319 -55.11 -0.66 -36.25
N PRO H 320 -56.18 -1.29 -36.72
CA PRO H 320 -56.44 -2.67 -36.27
C PRO H 320 -55.38 -3.67 -36.72
N MET H 321 -54.81 -3.48 -37.91
CA MET H 321 -53.72 -4.36 -38.33
C MET H 321 -52.52 -4.25 -37.38
N VAL H 322 -52.23 -3.02 -36.92
CA VAL H 322 -51.15 -2.86 -35.94
C VAL H 322 -51.55 -3.47 -34.61
N ILE H 323 -52.83 -3.31 -34.20
CA ILE H 323 -53.27 -3.85 -32.92
C ILE H 323 -53.16 -5.37 -32.94
N GLU H 324 -53.47 -5.99 -34.08
CA GLU H 324 -53.39 -7.45 -34.14
C GLU H 324 -51.95 -7.91 -34.12
N ALA H 325 -51.10 -7.25 -34.90
CA ALA H 325 -49.69 -7.62 -34.91
C ALA H 325 -49.12 -7.51 -33.50
N LEU H 326 -49.49 -6.46 -32.77
CA LEU H 326 -48.86 -6.24 -31.48
C LEU H 326 -49.29 -7.31 -30.47
N GLY H 327 -50.45 -7.93 -30.68
CA GLY H 327 -50.89 -9.00 -29.81
C GLY H 327 -50.02 -10.25 -29.85
N THR H 328 -49.29 -10.45 -30.95
CA THR H 328 -48.35 -11.58 -31.01
C THR H 328 -47.17 -11.38 -30.07
N TRP H 329 -46.94 -10.15 -29.61
CA TRP H 329 -45.81 -9.82 -28.76
C TRP H 329 -46.26 -9.89 -27.30
N LYS H 330 -46.05 -11.06 -26.67
CA LYS H 330 -46.57 -11.38 -25.34
C LYS H 330 -45.44 -11.51 -24.34
N PRO H 331 -45.45 -10.76 -23.24
CA PRO H 331 -44.40 -10.95 -22.24
C PRO H 331 -44.46 -12.37 -21.70
N GLY H 332 -43.29 -12.85 -21.30
CA GLY H 332 -43.19 -14.22 -20.84
C GLY H 332 -41.85 -14.38 -20.16
N ASN H 333 -41.71 -15.51 -19.48
CA ASN H 333 -40.50 -15.73 -18.71
C ASN H 333 -39.29 -15.67 -19.65
N PRO H 334 -38.32 -14.78 -19.42
CA PRO H 334 -37.22 -14.62 -20.39
C PRO H 334 -36.31 -15.83 -20.48
N LEU H 335 -36.39 -16.78 -19.56
CA LEU H 335 -35.65 -18.02 -19.76
C LEU H 335 -36.36 -18.99 -20.71
N ASP H 336 -37.54 -18.61 -21.24
CA ASP H 336 -38.21 -19.52 -22.15
C ASP H 336 -37.86 -19.16 -23.59
N PRO H 337 -37.42 -20.13 -24.39
CA PRO H 337 -37.05 -19.80 -25.77
C PRO H 337 -38.22 -19.28 -26.58
N ALA H 338 -39.45 -19.66 -26.22
CA ALA H 338 -40.60 -19.16 -26.98
C ALA H 338 -40.88 -17.70 -26.71
N THR H 339 -40.50 -17.21 -25.53
CA THR H 339 -40.73 -15.82 -25.17
C THR H 339 -40.10 -14.88 -26.20
N ASN H 340 -40.85 -13.84 -26.58
CA ASN H 340 -40.29 -12.77 -27.39
C ASN H 340 -40.39 -11.39 -26.75
N VAL H 341 -41.05 -11.26 -25.58
CA VAL H 341 -41.05 -10.02 -24.79
C VAL H 341 -40.60 -10.36 -23.38
N GLY H 342 -39.67 -9.57 -22.85
CA GLY H 342 -39.00 -9.91 -21.60
C GLY H 342 -39.49 -9.09 -20.42
N ALA H 343 -38.67 -9.05 -19.37
CA ALA H 343 -38.95 -8.21 -18.24
C ALA H 343 -38.42 -6.81 -18.51
N LEU H 344 -39.02 -5.83 -17.85
CA LEU H 344 -38.32 -4.56 -17.79
C LEU H 344 -37.11 -4.70 -16.88
N VAL H 345 -36.14 -3.80 -17.05
CA VAL H 345 -34.84 -4.01 -16.42
C VAL H 345 -34.94 -3.97 -14.88
N ASP H 346 -35.77 -3.09 -14.32
CA ASP H 346 -35.96 -3.04 -12.87
C ASP H 346 -37.29 -2.34 -12.56
N THR H 347 -37.64 -2.32 -11.26
CA THR H 347 -38.88 -1.66 -10.85
C THR H 347 -38.85 -0.18 -11.19
N GLN H 348 -37.69 0.48 -11.03
CA GLN H 348 -37.55 1.86 -11.46
C GLN H 348 -38.06 2.04 -12.89
N GLN H 349 -37.55 1.25 -13.82
CA GLN H 349 -38.01 1.33 -15.20
C GLN H 349 -39.51 1.06 -15.29
N MET H 350 -40.00 0.06 -14.54
CA MET H 350 -41.39 -0.34 -14.64
C MET H 350 -42.31 0.77 -14.14
N ASN H 351 -41.87 1.50 -13.12
CA ASN H 351 -42.68 2.59 -12.60
C ASN H 351 -42.68 3.78 -13.56
N THR H 352 -41.52 4.11 -14.15
CA THR H 352 -41.48 5.08 -15.23
C THR H 352 -42.51 4.75 -16.31
N VAL H 353 -42.49 3.52 -16.83
CA VAL H 353 -43.35 3.17 -17.95
C VAL H 353 -44.81 3.32 -17.55
N LEU H 354 -45.17 2.78 -16.37
CA LEU H 354 -46.54 2.90 -15.86
C LEU H 354 -46.96 4.36 -15.68
N SER H 355 -46.05 5.19 -15.13
CA SER H 355 -46.33 6.62 -14.98
C SER H 355 -46.66 7.28 -16.31
N TYR H 356 -45.90 6.97 -17.35
CA TYR H 356 -46.20 7.54 -18.66
C TYR H 356 -47.54 7.06 -19.18
N ILE H 357 -47.88 5.78 -18.95
CA ILE H 357 -49.18 5.27 -19.40
C ILE H 357 -50.28 6.12 -18.80
N ALA H 358 -50.16 6.40 -17.50
CA ALA H 358 -51.09 7.32 -16.86
C ALA H 358 -51.09 8.67 -17.58
N ALA H 359 -49.88 9.18 -17.92
CA ALA H 359 -49.76 10.45 -18.64
C ALA H 359 -50.56 10.46 -19.94
N GLY H 360 -50.58 9.34 -20.67
CA GLY H 360 -51.36 9.27 -21.89
C GLY H 360 -52.85 9.53 -21.64
N HIS H 361 -53.40 8.93 -20.58
CA HIS H 361 -54.79 9.20 -20.23
C HIS H 361 -54.98 10.67 -19.85
N THR H 362 -54.11 11.21 -18.99
CA THR H 362 -54.21 12.62 -18.62
C THR H 362 -54.08 13.53 -19.83
N ASP H 363 -53.15 13.21 -20.75
CA ASP H 363 -52.96 14.00 -21.97
C ASP H 363 -54.21 14.03 -22.84
N GLY H 364 -55.10 13.06 -22.71
CA GLY H 364 -56.29 12.99 -23.53
C GLY H 364 -56.25 11.97 -24.65
N ALA H 365 -55.18 11.17 -24.77
CA ALA H 365 -55.12 10.13 -25.79
C ALA H 365 -56.07 8.99 -25.46
N ARG H 366 -56.18 8.05 -26.39
CA ARG H 366 -57.12 6.93 -26.30
C ARG H 366 -56.33 5.64 -26.12
N LEU H 367 -56.58 4.94 -25.03
CA LEU H 367 -56.05 3.58 -24.87
C LEU H 367 -56.80 2.64 -25.81
N VAL H 368 -56.06 1.90 -26.63
CA VAL H 368 -56.67 0.92 -27.53
C VAL H 368 -56.06 -0.47 -27.39
N ALA H 369 -54.94 -0.61 -26.68
CA ALA H 369 -54.27 -1.90 -26.52
C ALA H 369 -53.34 -1.86 -25.31
N GLY H 370 -53.49 -2.82 -24.40
CA GLY H 370 -52.52 -2.94 -23.32
C GLY H 370 -52.78 -1.96 -22.20
N GLY H 371 -51.69 -1.44 -21.63
CA GLY H 371 -51.78 -0.44 -20.58
C GLY H 371 -51.61 -0.94 -19.15
N LYS H 372 -51.39 -2.24 -18.94
CA LYS H 372 -51.32 -2.77 -17.58
C LYS H 372 -50.01 -3.49 -17.34
N GLN H 373 -49.62 -3.60 -16.07
CA GLN H 373 -48.54 -4.49 -15.68
C GLN H 373 -49.12 -5.87 -15.42
N ILE H 374 -48.41 -6.91 -15.85
CA ILE H 374 -48.88 -8.28 -15.72
C ILE H 374 -47.75 -9.14 -15.14
N LEU H 375 -48.08 -10.41 -14.89
CA LEU H 375 -47.13 -11.42 -14.44
C LEU H 375 -46.42 -10.99 -13.15
N GLN H 376 -47.20 -10.46 -12.21
CA GLN H 376 -46.58 -9.97 -10.97
C GLN H 376 -46.40 -11.09 -9.96
N GLU H 377 -47.04 -12.23 -10.16
CA GLU H 377 -46.73 -13.46 -9.41
C GLU H 377 -45.27 -13.85 -9.55
N THR H 378 -44.65 -13.50 -10.68
CA THR H 378 -43.25 -13.83 -10.95
C THR H 378 -42.29 -13.29 -9.89
N GLY H 379 -42.61 -12.15 -9.28
CA GLY H 379 -41.55 -11.34 -8.72
C GLY H 379 -40.69 -10.65 -9.75
N GLY H 380 -41.08 -10.72 -11.03
CA GLY H 380 -40.43 -9.99 -12.09
C GLY H 380 -41.32 -8.84 -12.55
N THR H 381 -40.74 -7.97 -13.38
CA THR H 381 -41.37 -6.71 -13.75
C THR H 381 -41.72 -6.72 -15.24
N TYR H 382 -43.01 -6.94 -15.55
CA TYR H 382 -43.48 -7.09 -16.93
C TYR H 382 -44.59 -6.10 -17.22
N VAL H 383 -44.57 -5.53 -18.43
CA VAL H 383 -45.61 -4.62 -18.89
C VAL H 383 -46.04 -5.01 -20.30
N GLU H 384 -47.36 -5.14 -20.51
CA GLU H 384 -47.85 -5.54 -21.83
C GLU H 384 -47.72 -4.37 -22.80
N PRO H 385 -47.30 -4.62 -24.03
CA PRO H 385 -47.16 -3.54 -25.01
C PRO H 385 -48.48 -2.81 -25.19
N THR H 386 -48.39 -1.48 -25.30
CA THR H 386 -49.51 -0.56 -25.16
C THR H 386 -49.55 0.38 -26.36
N ILE H 387 -50.76 0.72 -26.80
CA ILE H 387 -50.97 1.63 -27.93
C ILE H 387 -51.89 2.78 -27.51
N PHE H 388 -51.50 4.01 -27.85
CA PHE H 388 -52.36 5.18 -27.69
C PHE H 388 -52.72 5.72 -29.06
N ASP H 389 -54.00 6.01 -29.25
CA ASP H 389 -54.55 6.52 -30.50
C ASP H 389 -54.96 7.98 -30.31
N GLY H 390 -55.10 8.70 -31.42
CA GLY H 390 -55.43 10.11 -31.32
C GLY H 390 -54.42 10.89 -30.51
N VAL H 391 -53.15 10.65 -30.75
CA VAL H 391 -52.08 11.37 -30.07
C VAL H 391 -51.76 12.65 -30.83
N ASN H 392 -51.46 13.72 -30.09
CA ASN H 392 -51.04 14.98 -30.66
C ASN H 392 -49.57 15.19 -30.35
N ASN H 393 -48.80 15.64 -31.34
CA ASN H 393 -47.35 15.66 -31.14
C ASN H 393 -46.92 16.53 -29.95
N ALA H 394 -47.77 17.44 -29.47
CA ALA H 394 -47.45 18.26 -28.29
C ALA H 394 -47.68 17.53 -26.96
N MET H 395 -48.36 16.38 -26.96
CA MET H 395 -48.65 15.65 -25.74
C MET H 395 -47.38 15.04 -25.16
N ARG H 396 -47.45 14.68 -23.89
CA ARG H 396 -46.24 14.24 -23.21
C ARG H 396 -45.73 12.91 -23.77
N ILE H 397 -46.64 12.00 -24.14
CA ILE H 397 -46.18 10.70 -24.62
C ILE H 397 -45.62 10.78 -26.04
N ALA H 398 -45.95 11.85 -26.80
CA ALA H 398 -45.40 12.06 -28.14
C ALA H 398 -44.07 12.81 -28.14
N GLN H 399 -43.71 13.43 -27.03
CA GLN H 399 -42.57 14.32 -26.93
C GLN H 399 -41.40 13.69 -26.18
N GLU H 400 -41.70 13.10 -25.01
CA GLU H 400 -40.73 12.57 -24.07
C GLU H 400 -40.47 11.09 -24.38
N GLU H 401 -39.21 10.67 -24.25
CA GLU H 401 -38.87 9.27 -24.49
C GLU H 401 -39.34 8.44 -23.31
N ILE H 402 -40.24 7.48 -23.58
CA ILE H 402 -40.80 6.63 -22.52
C ILE H 402 -39.88 5.47 -22.19
N PHE H 403 -39.24 4.89 -23.20
CA PHE H 403 -38.34 3.75 -23.04
C PHE H 403 -39.05 2.53 -22.46
N GLY H 404 -40.31 2.36 -22.84
CA GLY H 404 -41.03 1.12 -22.69
C GLY H 404 -41.83 0.84 -23.96
N PRO H 405 -42.55 -0.27 -23.98
CA PRO H 405 -43.30 -0.64 -25.21
C PRO H 405 -44.62 0.12 -25.35
N VAL H 406 -44.52 1.46 -25.40
CA VAL H 406 -45.71 2.33 -25.41
C VAL H 406 -45.68 3.19 -26.66
N LEU H 407 -46.67 2.98 -27.53
CA LEU H 407 -46.72 3.52 -28.88
C LEU H 407 -47.77 4.64 -29.02
N SER H 408 -47.37 5.74 -29.65
CA SER H 408 -48.27 6.86 -29.94
C SER H 408 -48.59 6.86 -31.43
N VAL H 409 -49.87 7.09 -31.77
CA VAL H 409 -50.32 7.08 -33.16
C VAL H 409 -50.84 8.47 -33.56
N LEU H 410 -50.32 9.00 -34.65
CA LEU H 410 -50.54 10.36 -35.11
C LEU H 410 -51.16 10.28 -36.51
N THR H 411 -51.77 11.37 -36.97
CA THR H 411 -52.36 11.39 -38.31
C THR H 411 -51.92 12.63 -39.08
N PHE H 412 -52.09 12.56 -40.41
CA PHE H 412 -51.67 13.63 -41.32
C PHE H 412 -52.32 13.41 -42.68
N ASP H 413 -52.41 14.50 -43.47
CA ASP H 413 -52.78 14.40 -44.88
C ASP H 413 -51.60 14.46 -45.83
N THR H 414 -50.74 15.43 -45.67
CA THR H 414 -49.73 15.73 -46.65
C THR H 414 -48.39 15.18 -46.20
N ALA H 415 -47.50 14.94 -47.17
CA ALA H 415 -46.14 14.57 -46.80
C ALA H 415 -45.47 15.71 -46.04
N GLU H 416 -45.58 16.93 -46.58
CA GLU H 416 -45.12 18.13 -45.88
C GLU H 416 -45.57 18.11 -44.43
N GLU H 417 -46.83 17.69 -44.19
CA GLU H 417 -47.31 17.62 -42.81
C GLU H 417 -46.63 16.49 -42.01
N ALA H 418 -46.42 15.32 -42.63
CA ALA H 418 -45.78 14.24 -41.88
C ALA H 418 -44.36 14.62 -41.48
N ILE H 419 -43.64 15.27 -42.41
CA ILE H 419 -42.28 15.74 -42.16
C ILE H 419 -42.23 16.71 -40.97
N GLN H 420 -43.08 17.74 -40.99
CA GLN H 420 -43.14 18.68 -39.88
C GLN H 420 -43.23 17.94 -38.55
N ILE H 421 -44.19 17.01 -38.44
CA ILE H 421 -44.47 16.34 -37.18
C ILE H 421 -43.31 15.42 -36.80
N ALA H 422 -42.71 14.75 -37.79
CA ALA H 422 -41.60 13.84 -37.51
C ALA H 422 -40.36 14.60 -37.03
N ASN H 423 -40.12 15.79 -37.56
CA ASN H 423 -38.96 16.60 -37.18
C ASN H 423 -39.21 17.46 -35.94
N ASP H 424 -40.45 17.53 -35.45
CA ASP H 424 -40.84 18.35 -34.30
C ASP H 424 -40.48 17.61 -33.01
N THR H 425 -39.17 17.49 -32.80
CA THR H 425 -38.61 16.76 -31.66
C THR H 425 -37.19 17.26 -31.43
N PRO H 426 -36.74 17.32 -30.18
CA PRO H 426 -35.33 17.60 -29.94
C PRO H 426 -34.42 16.47 -30.41
N TYR H 427 -34.99 15.32 -30.79
CA TYR H 427 -34.20 14.14 -31.12
C TYR H 427 -33.96 14.02 -32.63
N GLY H 428 -33.19 12.99 -33.00
CA GLY H 428 -32.90 12.73 -34.39
C GLY H 428 -32.08 11.48 -34.65
N LEU H 429 -32.48 10.38 -34.02
CA LEU H 429 -31.73 9.12 -34.10
C LEU H 429 -32.16 8.25 -35.27
N ALA H 430 -33.46 8.14 -35.51
CA ALA H 430 -33.97 7.30 -36.58
C ALA H 430 -35.35 7.80 -36.98
N ALA H 431 -35.88 7.18 -38.03
CA ALA H 431 -37.15 7.49 -38.66
C ALA H 431 -37.36 6.52 -39.81
N ALA H 432 -38.62 6.40 -40.22
CA ALA H 432 -38.97 5.39 -41.21
C ALA H 432 -40.04 5.94 -42.12
N VAL H 433 -39.90 5.64 -43.41
CA VAL H 433 -40.86 5.99 -44.45
C VAL H 433 -41.30 4.72 -45.15
N TRP H 434 -42.62 4.48 -45.18
CA TRP H 434 -43.25 3.42 -45.97
C TRP H 434 -44.06 4.04 -47.10
N THR H 435 -43.60 3.89 -48.34
CA THR H 435 -44.28 4.34 -49.55
C THR H 435 -43.71 3.55 -50.71
N ALA H 436 -44.56 3.29 -51.70
CA ALA H 436 -44.11 2.72 -52.95
C ALA H 436 -43.62 3.78 -53.94
N ASN H 437 -43.90 5.05 -53.68
CA ASN H 437 -43.54 6.09 -54.63
C ASN H 437 -42.06 6.43 -54.53
N LEU H 438 -41.41 6.58 -55.69
CA LEU H 438 -39.97 6.79 -55.73
C LEU H 438 -39.60 8.19 -55.27
N SER H 439 -40.27 9.21 -55.84
CA SER H 439 -40.00 10.58 -55.44
C SER H 439 -40.33 10.77 -53.97
N LYS H 440 -41.53 10.40 -53.57
CA LYS H 440 -41.90 10.55 -52.17
C LYS H 440 -40.88 9.88 -51.24
N ALA H 441 -40.45 8.66 -51.59
CA ALA H 441 -39.51 7.95 -50.70
C ALA H 441 -38.24 8.75 -50.50
N HIS H 442 -37.58 9.10 -51.60
CA HIS H 442 -36.31 9.83 -51.50
C HIS H 442 -36.49 11.23 -50.91
N LEU H 443 -37.49 11.97 -51.40
CA LEU H 443 -37.64 13.34 -50.97
C LEU H 443 -37.91 13.43 -49.48
N THR H 444 -38.84 12.62 -48.96
CA THR H 444 -39.09 12.79 -47.53
C THR H 444 -37.98 12.17 -46.69
N ALA H 445 -37.21 11.23 -47.24
CA ALA H 445 -36.01 10.79 -46.53
C ALA H 445 -35.01 11.93 -46.39
N ARG H 446 -34.79 12.69 -47.47
CA ARG H 446 -33.94 13.89 -47.39
C ARG H 446 -34.41 14.84 -46.29
N ALA H 447 -35.73 15.07 -46.16
CA ALA H 447 -36.26 16.05 -45.21
C ALA H 447 -36.29 15.58 -43.75
N LEU H 448 -35.90 14.34 -43.45
CA LEU H 448 -36.06 13.80 -42.09
C LEU H 448 -34.76 13.95 -41.35
N ARG H 449 -34.75 14.83 -40.34
CA ARG H 449 -33.51 15.12 -39.62
C ARG H 449 -33.28 13.99 -38.61
N ALA H 450 -32.90 12.84 -39.15
CA ALA H 450 -32.61 11.65 -38.37
C ALA H 450 -31.34 11.00 -38.88
N GLY H 451 -30.57 10.43 -37.96
CA GLY H 451 -29.32 9.81 -38.34
C GLY H 451 -29.50 8.55 -39.17
N SER H 452 -30.58 7.79 -38.91
CA SER H 452 -30.92 6.60 -39.69
C SER H 452 -32.34 6.75 -40.23
N VAL H 453 -32.51 6.61 -41.55
CA VAL H 453 -33.84 6.60 -42.18
C VAL H 453 -34.04 5.25 -42.89
N TRP H 454 -34.92 4.43 -42.37
CA TRP H 454 -35.24 3.18 -43.05
C TRP H 454 -36.45 3.37 -43.93
N VAL H 455 -36.39 2.82 -45.13
CA VAL H 455 -37.44 2.95 -46.13
C VAL H 455 -38.03 1.56 -46.41
N ASN H 456 -39.34 1.42 -46.14
CA ASN H 456 -40.10 0.20 -46.41
C ASN H 456 -39.61 -0.98 -45.57
N GLN H 457 -39.03 -0.65 -44.42
CA GLN H 457 -38.53 -1.62 -43.45
C GLN H 457 -38.38 -0.83 -42.17
N TYR H 458 -38.14 -1.55 -41.08
CA TYR H 458 -37.73 -0.90 -39.85
C TYR H 458 -36.50 -1.60 -39.31
N ASP H 459 -35.81 -0.91 -38.41
CA ASP H 459 -34.60 -1.41 -37.75
C ASP H 459 -33.61 -1.98 -38.77
N GLY H 460 -33.33 -1.19 -39.80
CA GLY H 460 -32.51 -1.63 -40.90
C GLY H 460 -31.03 -1.42 -40.66
N GLY H 461 -30.25 -1.78 -41.67
CA GLY H 461 -28.82 -1.62 -41.63
C GLY H 461 -28.09 -2.80 -41.02
N ASP H 462 -26.80 -2.86 -41.32
CA ASP H 462 -25.88 -3.82 -40.72
C ASP H 462 -24.60 -3.03 -40.39
N MET H 463 -23.48 -3.75 -40.26
CA MET H 463 -22.23 -3.09 -39.90
C MET H 463 -21.79 -2.02 -40.89
N THR H 464 -22.34 -2.02 -42.13
CA THR H 464 -21.97 -1.00 -43.13
C THR H 464 -22.60 0.35 -42.87
N ALA H 465 -23.70 0.40 -42.10
CA ALA H 465 -24.45 1.64 -41.91
C ALA H 465 -23.97 2.36 -40.66
N PRO H 466 -23.47 3.60 -40.76
CA PRO H 466 -23.27 4.40 -39.56
C PRO H 466 -24.59 4.55 -38.82
N PHE H 467 -24.48 4.72 -37.52
CA PHE H 467 -25.61 4.74 -36.61
C PHE H 467 -25.31 5.83 -35.60
N GLY H 468 -26.27 6.72 -35.38
CA GLY H 468 -26.04 7.85 -34.50
C GLY H 468 -27.04 8.93 -34.83
N GLY H 469 -27.04 9.96 -33.99
CA GLY H 469 -28.13 10.92 -33.98
C GLY H 469 -27.85 12.29 -34.59
N PHE H 470 -28.95 13.00 -34.87
CA PHE H 470 -29.02 14.44 -35.09
C PHE H 470 -29.36 15.11 -33.77
N LYS H 471 -29.06 16.42 -33.69
CA LYS H 471 -29.47 17.29 -32.56
C LYS H 471 -29.16 16.62 -31.23
N GLN H 472 -30.10 16.61 -30.26
CA GLN H 472 -29.85 16.08 -28.93
C GLN H 472 -29.75 14.55 -28.89
N SER H 473 -29.77 13.90 -30.06
CA SER H 473 -29.66 12.44 -30.12
C SER H 473 -28.22 11.96 -30.13
N GLY H 474 -27.27 12.86 -30.32
CA GLY H 474 -25.85 12.55 -30.21
C GLY H 474 -25.01 13.24 -31.26
N ASN H 475 -23.69 13.03 -31.17
CA ASN H 475 -22.76 13.37 -32.23
C ASN H 475 -21.90 12.15 -32.49
N GLY H 476 -21.37 12.04 -33.71
CA GLY H 476 -20.60 10.89 -34.10
C GLY H 476 -21.47 9.71 -34.52
N ARG H 477 -20.82 8.67 -35.03
CA ARG H 477 -21.54 7.51 -35.53
C ARG H 477 -20.81 6.26 -35.09
N ASP H 478 -21.56 5.27 -34.65
CA ASP H 478 -20.99 3.95 -34.41
C ASP H 478 -21.32 3.02 -35.57
N LYS H 479 -20.55 1.93 -35.70
CA LYS H 479 -20.59 1.04 -36.86
C LYS H 479 -20.06 1.74 -38.12
N SER H 480 -19.91 0.96 -39.21
CA SER H 480 -19.25 1.35 -40.47
C SER H 480 -17.81 1.78 -40.24
N LEU H 481 -17.15 2.27 -41.30
CA LEU H 481 -15.79 2.82 -41.19
C LEU H 481 -15.77 4.20 -40.58
N HIS H 482 -16.91 4.85 -40.42
CA HIS H 482 -16.92 6.16 -39.79
C HIS H 482 -16.72 6.06 -38.28
N ALA H 483 -17.09 4.92 -37.67
CA ALA H 483 -16.93 4.84 -36.23
C ALA H 483 -15.46 4.96 -35.83
N PHE H 484 -14.52 4.55 -36.70
CA PHE H 484 -13.09 4.64 -36.41
C PHE H 484 -12.66 6.09 -36.16
N ASP H 485 -13.36 7.05 -36.77
CA ASP H 485 -12.96 8.44 -36.68
C ASP H 485 -13.01 8.97 -35.24
N LYS H 486 -13.91 8.43 -34.41
CA LYS H 486 -14.04 8.85 -33.02
C LYS H 486 -12.87 8.39 -32.16
N TYR H 487 -11.90 7.65 -32.72
CA TYR H 487 -10.83 7.07 -31.92
C TYR H 487 -9.45 7.39 -32.46
N THR H 488 -9.34 8.33 -33.41
CA THR H 488 -8.11 8.66 -34.11
C THR H 488 -7.93 10.17 -34.16
N GLU H 489 -6.73 10.60 -34.54
CA GLU H 489 -6.46 12.02 -34.76
C GLU H 489 -5.81 12.19 -36.12
N LEU H 490 -6.16 13.27 -36.80
CA LEU H 490 -5.51 13.58 -38.06
C LEU H 490 -4.17 14.26 -37.81
N LYS H 491 -3.18 13.86 -38.55
CA LYS H 491 -1.89 14.54 -38.51
C LYS H 491 -1.50 14.96 -39.93
N SER H 492 -0.92 16.14 -40.05
CA SER H 492 -0.49 16.64 -41.35
C SER H 492 1.03 16.72 -41.35
N THR H 493 1.68 15.73 -41.97
CA THR H 493 3.15 15.66 -42.03
C THR H 493 3.61 16.26 -43.36
N TRP H 494 4.14 17.47 -43.32
CA TRP H 494 4.54 18.17 -44.54
C TRP H 494 6.06 18.24 -44.58
N ILE H 495 6.64 17.63 -45.61
CA ILE H 495 8.08 17.43 -45.72
C ILE H 495 8.61 18.21 -46.91
N LYS H 496 9.64 19.03 -46.68
CA LYS H 496 10.32 19.67 -47.79
C LYS H 496 11.49 18.82 -48.29
N LEU H 497 11.69 18.86 -49.59
CA LEU H 497 12.66 18.02 -50.27
C LEU H 497 13.70 18.89 -50.96
PA NAI I . 22.08 27.69 16.49
O1A NAI I . 21.59 29.07 15.88
O2A NAI I . 23.07 26.98 15.57
O5B NAI I . 20.87 26.67 16.94
C5B NAI I . 19.63 27.13 17.45
C4B NAI I . 18.38 26.19 17.09
O4B NAI I . 17.92 26.46 15.59
C3B NAI I . 18.57 24.92 17.11
O3B NAI I . 17.27 24.18 17.44
C2B NAI I . 19.11 24.56 15.66
O2B NAI I . 18.45 23.49 15.04
C1B NAI I . 18.91 25.88 15.00
N9A NAI I . 18.93 26.03 13.45
C8A NAI I . 20.08 25.92 12.79
N7A NAI I . 19.88 26.14 11.51
C5A NAI I . 18.58 26.44 11.32
C6A NAI I . 17.86 26.77 10.17
N6A NAI I . 18.60 26.79 8.90
N1A NAI I . 16.52 27.04 10.28
C2A NAI I . 15.91 26.99 11.50
N3A NAI I . 16.60 26.68 12.62
C4A NAI I . 17.94 26.40 12.56
O3 NAI I . 22.81 28.08 17.95
PN NAI I . 23.69 26.95 18.73
O1N NAI I . 24.00 25.82 17.81
O2N NAI I . 22.87 26.55 19.84
O5D NAI I . 25.05 27.68 19.16
C5D NAI I . 25.94 28.23 18.08
C4D NAI I . 26.28 29.55 18.23
O4D NAI I . 25.13 30.52 18.73
C3D NAI I . 27.44 29.76 19.24
O3D NAI I . 27.57 28.57 20.11
C2D NAI I . 27.14 30.96 19.81
O2D NAI I . 27.87 31.25 21.06
C1D NAI I . 25.50 31.29 19.77
N1N NAI I . 24.40 31.07 20.76
C2N NAI I . 23.68 32.10 21.28
C3N NAI I . 22.56 31.83 22.15
C7N NAI I . 21.65 32.96 22.86
O7N NAI I . 21.04 32.67 23.83
N7N NAI I . 21.57 34.38 22.31
C4N NAI I . 22.20 30.52 22.41
C5N NAI I . 22.94 29.48 21.80
C6N NAI I . 24.02 29.82 20.96
C IAC J . 19.20 33.19 32.98
C1 IAC J . 20.28 32.66 32.31
C2 IAC J . 21.21 31.89 33.07
C3 IAC J . 21.01 31.69 34.44
C4 IAC J . 19.91 32.24 35.12
C5 IAC J . 19.00 32.99 34.39
C7 IAC J . 20.20 33.02 30.93
C8 IAC J . 19.05 33.79 30.81
C17 IAC J . 21.17 32.65 29.80
C18 IAC J . 21.11 33.17 28.34
N IAC J . 18.45 33.90 32.05
O2 IAC J . 20.78 32.38 27.41
O3 IAC J . 21.45 34.34 28.02
PA NAI K . 23.21 -45.72 49.66
O1A NAI K . 22.61 -44.43 49.01
O2A NAI K . 24.21 -46.42 48.75
O5B NAI K . 22.07 -46.80 50.15
C5B NAI K . 20.82 -46.32 50.63
C4B NAI K . 19.57 -47.23 50.22
O4B NAI K . 19.13 -46.90 48.73
C3B NAI K . 19.78 -48.50 50.22
O3B NAI K . 18.49 -49.24 50.50
C2B NAI K . 20.26 -48.85 48.79
O2B NAI K . 19.52 -49.91 48.24
C1B NAI K . 20.09 -47.52 48.12
N9A NAI K . 20.11 -47.38 46.58
C8A NAI K . 21.25 -47.59 45.95
N7A NAI K . 21.11 -47.37 44.67
C5A NAI K . 19.83 -47.00 44.45
C6A NAI K . 19.14 -46.67 43.26
N6A NAI K . 19.90 -46.72 42.02
N1A NAI K . 17.83 -46.33 43.34
C2A NAI K . 17.22 -46.31 44.53
N3A NAI K . 17.85 -46.63 45.67
C4A NAI K . 19.17 -46.99 45.67
O3 NAI K . 23.95 -45.32 51.11
PN NAI K . 24.81 -46.50 51.85
O1N NAI K . 24.99 -47.65 50.91
O2N NAI K . 24.03 -46.90 53.00
O5D NAI K . 26.23 -45.88 52.26
C5D NAI K . 27.13 -45.33 51.19
C4D NAI K . 27.47 -43.99 51.31
O4D NAI K . 26.34 -43.00 51.78
C3D NAI K . 28.68 -43.73 52.25
O3D NAI K . 28.95 -44.90 53.14
C2D NAI K . 28.38 -42.52 52.82
O2D NAI K . 29.10 -42.22 54.08
C1D NAI K . 26.74 -42.19 52.77
N1N NAI K . 25.66 -42.40 53.78
C2N NAI K . 24.95 -41.36 54.31
C3N NAI K . 23.86 -41.66 55.21
C7N NAI K . 22.97 -40.55 55.93
O7N NAI K . 22.37 -40.86 56.89
N7N NAI K . 22.84 -39.13 55.38
C4N NAI K . 23.54 -42.96 55.51
C5N NAI K . 24.28 -44.01 54.92
C6N NAI K . 25.33 -43.66 54.03
C IAC L . 20.50 -39.88 65.90
C1 IAC L . 21.28 -40.82 65.25
C2 IAC L . 21.83 -41.85 66.06
C3 IAC L . 21.59 -41.89 67.44
C4 IAC L . 20.79 -40.93 68.08
C5 IAC L . 20.24 -39.92 67.30
C7 IAC L . 21.34 -40.50 63.86
C8 IAC L . 20.58 -39.37 63.70
C17 IAC L . 22.05 -41.21 62.70
C18 IAC L . 22.08 -40.55 61.33
N IAC L . 20.06 -38.98 64.92
O2 IAC L . 21.51 -41.05 60.32
O3 IAC L . 22.71 -39.48 61.12
PA NAI M . 5.34 49.61 -3.00
O1A NAI M . 5.69 48.48 -1.96
O2A NAI M . 5.84 49.23 -4.41
O5B NAI M . 5.93 51.07 -2.56
C5B NAI M . 6.03 51.53 -1.22
C4B NAI M . 7.32 52.43 -0.94
O4B NAI M . 8.62 51.50 -0.93
C3B NAI M . 7.56 53.34 -1.83
O3B NAI M . 8.21 54.56 -1.22
C2B NAI M . 8.55 52.70 -2.87
O2B NAI M . 9.72 53.44 -3.09
C1B NAI M . 8.75 51.37 -2.22
N9A NAI M . 9.83 50.36 -2.68
C8A NAI M . 9.68 49.65 -3.80
N7A NAI M . 10.71 48.81 -3.91
C5A NAI M . 11.53 48.95 -2.81
C6A NAI M . 12.75 48.34 -2.36
N6A NAI M . 13.41 47.31 -3.14
N1A NAI M . 13.31 48.73 -1.20
C2A NAI M . 12.72 49.69 -0.47
N3A NAI M . 11.58 50.31 -0.83
C4A NAI M . 10.96 49.95 -2.01
O3 NAI M . 3.69 49.87 -3.05
PN NAI M . 3.19 51.06 -4.07
O1N NAI M . 3.61 50.69 -5.46
O2N NAI M . 3.81 52.30 -3.67
O5D NAI M . 1.61 51.23 -3.98
C5D NAI M . 0.75 50.48 -4.94
C4D NAI M . 0.90 49.15 -4.74
O4D NAI M . 1.15 48.78 -3.23
C3D NAI M . -0.34 48.30 -5.16
O3D NAI M . -1.27 49.09 -6.04
C2D NAI M . -0.87 47.78 -4.01
O2D NAI M . -2.35 47.88 -3.88
C1D NAI M . 0.04 48.24 -2.69
N1N NAI M . -0.35 49.14 -1.56
C2N NAI M . -1.00 48.72 -0.43
C3N NAI M . -1.24 49.68 0.62
C7N NAI M . -2.03 49.31 1.95
O7N NAI M . -1.48 49.38 2.99
N7N NAI M . -3.48 48.92 1.83
C4N NAI M . -0.82 50.98 0.53
C5N NAI M . -0.11 51.37 -0.64
C6N NAI M . 0.10 50.38 -1.63
C IAC N . -8.22 55.85 7.39
C1 IAC N . -7.76 55.93 6.10
C2 IAC N . -8.18 57.06 5.34
C3 IAC N . -9.01 58.02 5.92
C4 IAC N . -9.47 57.92 7.24
C5 IAC N . -9.07 56.82 7.98
C7 IAC N . -6.95 54.81 5.80
C8 IAC N . -6.94 54.06 6.97
C17 IAC N . -6.19 54.44 4.50
C18 IAC N . -5.28 53.19 4.36
N IAC N . -7.70 54.67 7.93
O2 IAC N . -5.35 52.43 3.37
O3 IAC N . -4.37 52.86 5.17
PA NAI O . 6.54 -23.78 29.99
O1A NAI O . 7.04 -24.90 30.97
O2A NAI O . 6.86 -24.10 28.53
O5B NAI O . 7.16 -22.33 30.45
C5B NAI O . 7.23 -21.96 31.82
C4B NAI O . 8.47 -21.02 32.16
O4B NAI O . 9.82 -21.87 32.21
C3B NAI O . 8.70 -20.09 31.30
O3B NAI O . 9.26 -18.86 32.00
C2B NAI O . 9.74 -20.66 30.28
O2B NAI O . 10.88 -19.86 30.11
C1B NAI O . 9.97 -22.00 30.92
N9A NAI O . 11.04 -23.02 30.47
C8A NAI O . 10.88 -23.74 29.36
N7A NAI O . 11.89 -24.60 29.25
C5A NAI O . 12.72 -24.47 30.34
C6A NAI O . 13.92 -25.11 30.76
N6A NAI O . 14.54 -26.15 29.96
N1A NAI O . 14.51 -24.74 31.92
C2A NAI O . 13.94 -23.76 32.66
N3A NAI O . 12.81 -23.11 32.30
C4A NAI O . 12.17 -23.45 31.14
O3 NAI O . 4.90 -23.52 30.09
PN NAI O . 4.34 -22.30 29.15
O1N NAI O . 4.61 -22.65 27.72
O2N NAI O . 5.01 -21.07 29.49
O5D NAI O . 2.76 -22.12 29.42
C5D NAI O . 1.79 -22.83 28.53
C4D NAI O . 2.05 -24.16 28.60
O4D NAI O . 2.29 -24.67 30.07
C3D NAI O . 0.89 -25.04 28.06
O3D NAI O . 0.00 -24.27 27.14
C2D NAI O . 0.30 -25.61 29.16
O2D NAI O . -1.18 -25.46 29.22
C1D NAI O . 1.17 -25.23 30.54
N1N NAI O . 0.76 -24.39 31.72
C2N NAI O . -0.09 -24.82 32.71
C3N NAI O . -0.32 -23.92 33.81
C7N NAI O . -1.30 -24.25 35.02
O7N NAI O . -0.83 -24.32 36.09
N7N NAI O . -2.78 -24.44 34.77
C4N NAI O . 0.27 -22.68 33.91
C5N NAI O . 1.16 -22.31 32.87
C6N NAI O . 1.37 -23.23 31.82
C IAC P . -7.15 -17.33 40.58
C1 IAC P . -6.78 -17.40 39.25
C2 IAC P . -7.24 -16.38 38.38
C3 IAC P . -8.03 -15.35 38.88
C4 IAC P . -8.40 -15.30 40.22
C5 IAC P . -7.96 -16.29 41.09
C7 IAC P . -5.98 -18.53 39.04
C8 IAC P . -5.89 -19.15 40.28
C17 IAC P . -5.34 -19.01 37.71
C18 IAC P . -4.18 -20.03 37.74
N IAC P . -6.59 -18.44 41.22
O2 IAC P . -4.04 -20.93 36.87
O3 IAC P . -3.28 -20.00 38.62
PA NAI Q . -10.18 34.40 -26.40
O1A NAI Q . -10.66 32.90 -26.24
O2A NAI Q . -10.36 35.18 -25.09
O5B NAI Q . -10.91 35.14 -27.67
C5B NAI Q . -11.45 34.38 -28.73
C4B NAI Q . -12.94 34.78 -29.17
O4B NAI Q . -14.04 34.16 -28.20
C3B NAI Q . -13.22 36.03 -29.16
O3B NAI Q . -14.32 36.30 -30.17
C2B NAI Q . -13.75 36.32 -27.72
O2B NAI Q . -14.97 37.00 -27.69
C1B NAI Q . -13.85 34.93 -27.18
N9A NAI Q . -14.69 34.65 -25.90
C8A NAI Q . -14.21 34.99 -24.70
N7A NAI Q . -15.03 34.61 -23.73
C5A NAI Q . -16.08 33.97 -24.31
C6A NAI Q . -17.23 33.39 -23.76
N6A NAI Q . -17.45 33.40 -22.31
N1A NAI Q . -18.12 32.82 -24.62
C2A NAI Q . -17.89 32.83 -25.96
N3A NAI Q . -16.81 33.39 -26.51
C4A NAI Q . -15.87 33.97 -25.70
O3 NAI Q . -8.57 34.40 -26.82
PN NAI Q . -7.91 35.85 -27.20
O1N NAI Q . -8.62 36.93 -26.47
O2N NAI Q . -8.06 36.01 -28.64
O5D NAI Q . -6.34 35.77 -26.75
C5D NAI Q . -5.94 35.53 -25.33
C4D NAI Q . -5.32 34.32 -25.06
O4D NAI Q . -5.76 33.10 -25.96
C3D NAI Q . -3.76 34.34 -25.14
O3D NAI Q . -3.25 35.56 -25.85
C2D NAI Q . -3.44 33.11 -25.64
O2D NAI Q . -2.11 33.03 -26.31
C1D NAI Q . -4.72 32.41 -26.46
N1N NAI Q . -5.06 32.36 -27.92
C2N NAI Q . -4.83 31.31 -28.78
C3N NAI Q . -5.34 31.47 -30.12
C7N NAI Q . -5.19 30.44 -31.34
O7N NAI Q . -4.98 30.83 -32.43
N7N NAI Q . -5.39 28.97 -31.14
C4N NAI Q . -6.07 32.58 -30.49
C5N NAI Q . -6.31 33.59 -29.56
C6N NAI Q . -5.79 33.39 -28.27
C IAC R . -0.84 29.45 -40.21
C1 IAC R . -1.02 30.54 -39.39
C2 IAC R . -0.54 31.79 -39.88
C3 IAC R . 0.07 31.89 -41.13
C4 IAC R . 0.24 30.77 -41.96
C5 IAC R . -0.22 29.55 -41.50
C7 IAC R . -1.66 30.11 -38.20
C8 IAC R . -1.87 28.76 -38.32
C17 IAC R . -2.10 30.90 -36.95
C18 IAC R . -2.56 30.05 -35.78
N IAC R . -1.37 28.35 -39.54
O2 IAC R . -3.73 30.16 -35.34
O3 IAC R . -1.80 29.22 -35.21
PA NAI S . -9.00 -39.07 6.70
O1A NAI S . -9.44 -40.57 6.86
O2A NAI S . -9.23 -38.31 8.00
O5B NAI S . -9.70 -38.33 5.41
C5B NAI S . -10.30 -39.11 4.39
C4B NAI S . -11.77 -38.63 3.96
O4B NAI S . -12.91 -39.22 4.91
C3B NAI S . -12.02 -37.38 3.99
O3B NAI S . -13.13 -37.06 3.01
C2B NAI S . -12.51 -37.09 5.45
O2B NAI S . -13.69 -36.36 5.47
C1B NAI S . -12.68 -38.48 5.95
N9A NAI S . -13.53 -38.78 7.22
C8A NAI S . -13.05 -38.46 8.42
N7A NAI S . -13.87 -38.85 9.39
C5A NAI S . -14.92 -39.47 8.79
C6A NAI S . -16.07 -40.06 9.34
N6A NAI S . -16.24 -40.05 10.79
N1A NAI S . -16.95 -40.61 8.49
C2A NAI S . -16.74 -40.60 7.15
N3A NAI S . -15.66 -40.03 6.59
C4A NAI S . -14.71 -39.46 7.40
O3 NAI S . -7.38 -39.03 6.33
PN NAI S . -6.72 -37.58 5.97
O1N NAI S . -7.45 -36.51 6.73
O2N NAI S . -6.88 -37.38 4.54
O5D NAI S . -5.17 -37.65 6.46
C5D NAI S . -4.82 -37.97 7.88
C4D NAI S . -4.17 -39.17 8.09
O4D NAI S . -4.58 -40.37 7.14
C3D NAI S . -2.62 -39.08 7.97
O3D NAI S . -2.21 -37.84 7.24
C2D NAI S . -2.26 -40.30 7.46
O2D NAI S . -0.92 -40.38 6.82
C1D NAI S . -3.52 -41.03 6.62
N1N NAI S . -3.86 -41.05 5.17
C2N NAI S . -3.64 -42.09 4.30
C3N NAI S . -4.15 -41.91 2.95
C7N NAI S . -4.02 -42.95 1.72
O7N NAI S . -3.88 -42.54 0.64
N7N NAI S . -4.12 -44.43 1.89
C4N NAI S . -4.85 -40.78 2.60
C5N NAI S . -5.08 -39.77 3.54
C6N NAI S . -4.56 -39.99 4.83
C IAC T . 0.37 -44.01 -7.21
C1 IAC T . 0.16 -42.92 -6.40
C2 IAC T . 0.57 -41.64 -6.90
C3 IAC T . 1.16 -41.53 -8.17
C4 IAC T . 1.36 -42.65 -8.97
C5 IAC T . 0.98 -43.90 -8.51
C7 IAC T . -0.45 -43.36 -5.19
C8 IAC T . -0.59 -44.72 -5.30
C17 IAC T . -0.90 -42.55 -3.97
C18 IAC T . -1.45 -43.32 -2.78
N IAC T . -0.09 -45.13 -6.50
O2 IAC T . -2.65 -43.17 -2.42
O3 IAC T . -0.71 -44.08 -2.12
PA NAI U . 3.79 -17.03 -71.40
O1A NAI U . 3.19 -15.64 -71.81
O2A NAI U . 4.33 -17.83 -72.60
O5B NAI U . 2.74 -17.91 -70.51
C5B NAI U . 1.74 -17.24 -69.77
C4B NAI U . 0.33 -17.96 -69.89
O4B NAI U . -0.40 -17.67 -71.28
C3B NAI U . 0.41 -19.24 -69.85
O3B NAI U . -0.87 -19.77 -69.24
C2B NAI U . 0.55 -19.73 -71.33
O2B NAI U . -0.31 -20.82 -71.62
C1B NAI U . 0.34 -18.42 -72.05
N9A NAI U . 0.06 -18.31 -73.58
C8A NAI U . 1.00 -18.57 -74.48
N7A NAI U . 0.52 -18.34 -75.70
C5A NAI U . -0.75 -17.90 -75.59
C6A NAI U . -1.73 -17.51 -76.53
N6A NAI U . -1.42 -17.56 -77.95
N1A NAI U . -2.94 -17.14 -76.09
C2A NAI U . -3.22 -17.11 -74.78
N3A NAI U . -2.33 -17.46 -73.86
C4A NAI U . -1.07 -17.87 -74.23
O3 NAI U . 4.96 -16.76 -70.24
PN NAI U . 5.94 -18.02 -69.81
O1N NAI U . 5.96 -19.04 -70.90
O2N NAI U . 5.44 -18.51 -68.55
O5D NAI U . 7.40 -17.36 -69.71
C5D NAI U . 7.99 -16.85 -70.98
C4D NAI U . 8.56 -15.61 -70.89
O4D NAI U . 7.70 -14.50 -70.12
C3D NAI U . 9.97 -15.61 -70.24
O3D NAI U . 10.26 -16.80 -69.38
C2D NAI U . 9.99 -14.36 -69.65
O2D NAI U . 11.12 -14.12 -68.71
C1D NAI U . 8.45 -13.85 -69.22
N1N NAI U . 7.68 -13.98 -67.94
C2N NAI U . 7.44 -12.90 -67.14
C3N NAI U . 6.62 -13.06 -65.96
C7N NAI U . 6.34 -11.86 -64.94
O7N NAI U . 5.25 -11.61 -64.57
N7N NAI U . 7.51 -11.05 -64.44
C4N NAI U . 6.07 -14.30 -65.63
C5N NAI U . 6.32 -15.37 -66.52
C6N NAI U . 7.12 -15.16 -67.68
C IAC V . 6.25 -11.30 -54.15
C1 IAC V . 6.86 -12.08 -55.10
C2 IAC V . 7.71 -13.13 -54.64
C3 IAC V . 7.89 -13.34 -53.26
C4 IAC V . 7.25 -12.53 -52.32
C5 IAC V . 6.42 -11.50 -52.75
C7 IAC V . 6.50 -11.64 -56.40
C8 IAC V . 5.65 -10.56 -56.18
C17 IAC V . 6.92 -12.19 -57.79
C18 IAC V . 6.26 -11.69 -59.11
N IAC V . 5.48 -10.34 -54.84
O2 IAC V . 5.04 -11.41 -59.13
O3 IAC V . 6.88 -11.56 -60.22
PA NAI W . -27.78 6.62 -18.14
O1A NAI W . -27.19 7.88 -18.87
O2A NAI W . -28.34 6.95 -16.76
O5B NAI W . -26.71 5.40 -18.08
C5B NAI W . -25.73 5.22 -19.09
C4B NAI W . -24.30 4.79 -18.53
O4B NAI W . -23.55 6.04 -17.86
C3B NAI W . -24.30 3.91 -17.61
O3B NAI W . -22.98 3.16 -17.66
C2B NAI W . -24.45 4.71 -16.25
O2B NAI W . -23.60 4.29 -15.20
C1B NAI W . -24.26 6.11 -16.77
N9A NAI W . -24.03 7.36 -15.86
C8A NAI W . -25.00 7.88 -15.13
N7A NAI W . -24.56 8.97 -14.51
C5A NAI W . -23.27 9.19 -14.89
C6A NAI W . -22.31 10.18 -14.58
N6A NAI W . -22.66 11.25 -13.64
N1A NAI W . -21.07 10.12 -15.13
C2A NAI W . -20.77 9.11 -15.96
N3A NAI W . -21.64 8.15 -16.28
C4A NAI W . -22.92 8.16 -15.77
O3 NAI W . -29.01 5.95 -19.04
PN NAI W . -29.63 4.56 -18.42
O1N NAI W . -30.21 4.85 -17.09
O2N NAI W . -28.57 3.57 -18.33
O5D NAI W . -30.74 3.98 -19.44
C5D NAI W . -32.17 4.36 -19.25
C4D NAI W . -32.37 5.69 -19.47
O4D NAI W . -31.47 6.32 -20.61
C3D NAI W . -33.83 6.03 -19.89
O3D NAI W . -34.77 4.87 -19.67
C2D NAI W . -33.74 6.55 -21.16
O2D NAI W . -34.84 6.13 -22.08
C1D NAI W . -32.17 6.51 -21.74
N1N NAI W . -31.50 5.63 -22.76
C2N NAI W . -31.38 5.92 -24.09
C3N NAI W . -30.63 5.00 -24.92
C7N NAI W . -30.45 5.16 -26.49
O7N NAI W . -29.37 5.08 -26.94
N7N NAI W . -31.65 5.34 -27.36
C4N NAI W . -30.00 3.88 -24.43
C5N NAI W . -30.12 3.65 -23.04
C6N NAI W . -30.86 4.57 -22.28
C IAC X . -30.22 -2.75 -33.78
C1 IAC X . -30.85 -2.55 -32.57
C2 IAC X . -31.66 -3.60 -32.07
C3 IAC X . -31.81 -4.78 -32.80
C4 IAC X . -31.16 -4.97 -34.03
C5 IAC X . -30.36 -3.95 -34.53
C7 IAC X . -30.51 -1.26 -32.07
C8 IAC X . -29.68 -0.72 -33.03
C17 IAC X . -30.96 -0.57 -30.76
C18 IAC X . -30.27 0.74 -30.28
N IAC X . -29.49 -1.61 -34.06
O2 IAC X . -30.87 1.72 -29.73
O3 IAC X . -29.03 0.90 -30.40
#